data_8I1V
#
_entry.id   8I1V
#
_cell.length_a   1.00
_cell.length_b   1.00
_cell.length_c   1.00
_cell.angle_alpha   90.00
_cell.angle_beta   90.00
_cell.angle_gamma   90.00
#
_symmetry.space_group_name_H-M   'P 1'
#
loop_
_entity.id
_entity.type
_entity.pdbx_description
1 polymer 'Major capsid protein'
2 polymer 'Scaffolding protein'
#
loop_
_entity_poly.entity_id
_entity_poly.type
_entity_poly.pdbx_seq_one_letter_code
_entity_poly.pdbx_strand_id
1 'polypeptide(L)'
;MALNEGQIVTLAVDEIIETISAITPMAQKAKKYTPPAASMQRSSNTIWMPVEQESPTQEGWDLTDKATGLLELNVAVNMG
EPDNDFFQLRADDLRDETAYRRRIQSAARKLANNVELKVANMAAEMGSLVITSPDAIGTNTADAWNFVADAEEIMFSREL
NRDMGTSYFFNPQDYKKAGYDLTKRDIFGRIPEEAYRDGTIQRQVAGFDDVLRSPKLPVLTKSTATGITVSGAQSFKPVA
WQLDNDGNKVNVDNRFATVTLSATTGMKRGDKISFAGVKFLGQMAKNVLAQDATFSVVRVVDGTHVEITPKPVALDDVSL
SPEQRAYANVNTSLADAMAVNILNVKDARTNVFWADDAIRIVSQPIPANHELFAGMKTTSFSIPDVGLNGIFATQGDIST
LSGLCRIALWYGVNATRPEAIGVGLPGQTA
;
G,A,B,F,C,D,E
2 'polypeptide(L)'
;MEPTTEIQATEDLTLSGDHAAASADSLVVDNANDNAGQEEGFEIVLKDDETAPKQDPAKNAEFARRRIERKRQRELEQQM
EAVKRGELPESLRVNPDLPPQPDINAYLSEEGLAKYDYDNSRALAAFNAANTEWLMKAQDARSNAVAEQGRKTQEFTQQS
AQYVEAARKHYDAAEKLNIPDYQEKEDAFMQLVPPAVGADIMRLFPEKSAALMYHLGANPEKARQLLAMDGQSALIELTR
LSERLTLKPRGKQISSAPPADQPITGDVSAANKDAIRKQMDAAASKGDVETYRKLKAKLKGIR
;
H,I,J,K,L,M,N
#
# COMPACT_ATOMS: atom_id res chain seq x y z
N ALA A 2 20.77 -62.17 -37.19
CA ALA A 2 21.65 -61.63 -38.21
C ALA A 2 21.27 -60.20 -38.55
N LEU A 3 20.01 -59.84 -38.28
CA LEU A 3 19.53 -58.50 -38.55
C LEU A 3 20.12 -57.51 -37.56
N ASN A 4 20.49 -56.34 -38.06
CA ASN A 4 20.86 -55.23 -37.18
C ASN A 4 19.68 -54.26 -37.06
N GLU A 5 19.83 -53.29 -36.17
CA GLU A 5 18.70 -52.43 -35.82
C GLU A 5 18.18 -51.66 -37.02
N GLY A 6 19.08 -51.15 -37.86
CA GLY A 6 18.63 -50.42 -39.04
C GLY A 6 17.84 -51.29 -40.00
N GLN A 7 18.33 -52.51 -40.25
CA GLN A 7 17.60 -53.44 -41.10
C GLN A 7 16.26 -53.80 -40.49
N ILE A 8 16.22 -53.98 -39.16
CA ILE A 8 14.95 -54.24 -38.48
C ILE A 8 13.95 -53.12 -38.78
N VAL A 9 14.37 -51.87 -38.59
CA VAL A 9 13.46 -50.75 -38.78
C VAL A 9 12.99 -50.67 -40.23
N THR A 10 13.94 -50.78 -41.17
CA THR A 10 13.59 -50.61 -42.58
C THR A 10 12.66 -51.72 -43.06
N LEU A 11 12.99 -52.97 -42.74
CA LEU A 11 12.15 -54.09 -43.16
C LEU A 11 10.77 -54.00 -42.55
N ALA A 12 10.68 -53.65 -41.25
CA ALA A 12 9.38 -53.58 -40.61
C ALA A 12 8.52 -52.48 -41.23
N VAL A 13 9.11 -51.30 -41.46
CA VAL A 13 8.34 -50.21 -42.05
C VAL A 13 7.88 -50.58 -43.46
N ASP A 14 8.76 -51.19 -44.25
CA ASP A 14 8.39 -51.59 -45.60
C ASP A 14 7.24 -52.59 -45.58
N GLU A 15 7.33 -53.61 -44.72
CA GLU A 15 6.25 -54.59 -44.65
C GLU A 15 4.94 -53.97 -44.22
N ILE A 16 4.97 -53.09 -43.21
CA ILE A 16 3.74 -52.47 -42.76
C ILE A 16 3.11 -51.67 -43.89
N ILE A 17 3.92 -50.86 -44.59
CA ILE A 17 3.37 -50.01 -45.64
C ILE A 17 2.78 -50.85 -46.76
N GLU A 18 3.53 -51.84 -47.26
CA GLU A 18 3.03 -52.63 -48.38
C GLU A 18 1.80 -53.44 -47.99
N THR A 19 1.83 -54.09 -46.82
CA THR A 19 0.70 -54.92 -46.41
C THR A 19 -0.55 -54.10 -46.19
N ILE A 20 -0.45 -52.97 -45.48
CA ILE A 20 -1.62 -52.18 -45.20
C ILE A 20 -2.16 -51.53 -46.48
N SER A 21 -1.27 -51.13 -47.39
CA SER A 21 -1.75 -50.59 -48.66
C SER A 21 -2.48 -51.66 -49.47
N ALA A 22 -1.99 -52.89 -49.45
CA ALA A 22 -2.59 -53.93 -50.27
C ALA A 22 -3.89 -54.47 -49.68
N ILE A 23 -4.00 -54.52 -48.35
CA ILE A 23 -5.12 -55.23 -47.74
C ILE A 23 -6.42 -54.44 -47.89
N THR A 24 -6.47 -53.25 -47.33
CA THR A 24 -7.74 -52.54 -47.16
C THR A 24 -8.23 -51.96 -48.48
N PRO A 25 -9.40 -52.40 -49.00
CA PRO A 25 -10.00 -51.69 -50.13
C PRO A 25 -10.96 -50.61 -49.67
N MET A 26 -11.56 -50.82 -48.50
CA MET A 26 -12.58 -49.90 -47.99
C MET A 26 -11.99 -48.54 -47.67
N ALA A 27 -10.80 -48.51 -47.08
CA ALA A 27 -10.17 -47.23 -46.76
C ALA A 27 -9.69 -46.51 -48.01
N GLN A 28 -9.35 -47.25 -49.06
CA GLN A 28 -8.97 -46.60 -50.31
C GLN A 28 -10.14 -45.81 -50.90
N LYS A 29 -11.35 -46.38 -50.85
CA LYS A 29 -12.53 -45.69 -51.37
C LYS A 29 -12.82 -44.39 -50.63
N ALA A 30 -12.47 -44.31 -49.35
CA ALA A 30 -12.65 -43.08 -48.60
C ALA A 30 -11.62 -42.04 -49.05
N LYS A 31 -12.06 -40.78 -49.07
CA LYS A 31 -11.22 -39.68 -49.52
C LYS A 31 -10.33 -39.24 -48.38
N LYS A 32 -9.02 -39.47 -48.53
CA LYS A 32 -8.07 -39.09 -47.50
C LYS A 32 -7.98 -37.57 -47.37
N TYR A 33 -7.95 -37.11 -46.13
CA TYR A 33 -7.84 -35.68 -45.82
C TYR A 33 -6.69 -35.48 -44.85
N THR A 34 -5.74 -34.64 -45.24
CA THR A 34 -4.58 -34.34 -44.41
C THR A 34 -4.74 -32.96 -43.79
N PRO A 35 -4.83 -32.84 -42.47
CA PRO A 35 -5.02 -31.53 -41.84
C PRO A 35 -3.87 -30.61 -42.18
N PRO A 36 -4.15 -29.33 -42.46
CA PRO A 36 -3.05 -28.37 -42.62
C PRO A 36 -2.20 -28.25 -41.37
N ALA A 37 -2.82 -28.41 -40.20
CA ALA A 37 -2.10 -28.27 -38.95
C ALA A 37 -1.37 -29.55 -38.60
N ALA A 38 -0.11 -29.41 -38.18
CA ALA A 38 0.65 -30.51 -37.59
C ALA A 38 0.89 -30.17 -36.12
N SER A 39 0.39 -31.03 -35.24
CA SER A 39 0.38 -30.74 -33.81
C SER A 39 1.37 -31.66 -33.09
N MET A 40 1.98 -31.11 -32.04
CA MET A 40 2.89 -31.85 -31.18
C MET A 40 2.22 -32.35 -29.92
N GLN A 41 0.89 -32.31 -29.86
CA GLN A 41 0.15 -32.68 -28.68
C GLN A 41 -0.47 -34.07 -28.82
N ARG A 42 -0.57 -34.75 -27.68
CA ARG A 42 -1.15 -36.08 -27.59
C ARG A 42 -2.66 -36.09 -27.82
N SER A 43 -3.35 -34.99 -27.51
CA SER A 43 -4.78 -34.88 -27.71
C SER A 43 -5.04 -34.07 -28.96
N SER A 44 -5.49 -34.74 -30.02
CA SER A 44 -5.65 -34.08 -31.31
C SER A 44 -6.76 -33.05 -31.27
N ASN A 45 -6.46 -31.85 -31.75
CA ASN A 45 -7.45 -30.80 -31.84
C ASN A 45 -8.56 -31.24 -32.81
N THR A 46 -9.79 -30.87 -32.52
CA THR A 46 -10.89 -31.15 -33.42
C THR A 46 -10.68 -30.44 -34.75
N ILE A 47 -10.46 -31.21 -35.81
CA ILE A 47 -10.29 -30.65 -37.14
C ILE A 47 -11.65 -30.32 -37.71
N TRP A 48 -11.89 -29.04 -37.97
CA TRP A 48 -13.12 -28.59 -38.61
C TRP A 48 -12.85 -28.52 -40.11
N MET A 49 -13.19 -29.60 -40.82
CA MET A 49 -12.89 -29.50 -42.24
C MET A 49 -14.12 -29.09 -43.02
N PRO A 50 -13.96 -28.29 -44.07
CA PRO A 50 -15.13 -27.79 -44.81
C PRO A 50 -15.84 -28.86 -45.59
N VAL A 51 -17.13 -28.65 -45.80
CA VAL A 51 -17.97 -29.46 -46.68
C VAL A 51 -18.49 -28.55 -47.78
N GLU A 52 -18.14 -28.89 -49.02
CA GLU A 52 -18.40 -28.02 -50.17
C GLU A 52 -19.55 -28.58 -50.99
N GLN A 53 -20.58 -27.76 -51.21
CA GLN A 53 -21.60 -28.04 -52.21
C GLN A 53 -21.39 -27.10 -53.39
N GLU A 54 -21.43 -27.66 -54.60
CA GLU A 54 -21.07 -26.89 -55.79
C GLU A 54 -22.03 -25.74 -56.01
N SER A 55 -21.46 -24.57 -56.31
CA SER A 55 -22.17 -23.38 -56.74
C SER A 55 -22.60 -23.53 -58.20
N PRO A 56 -23.78 -23.02 -58.56
CA PRO A 56 -24.21 -23.14 -59.96
C PRO A 56 -23.49 -22.16 -60.86
N THR A 57 -23.00 -22.68 -61.98
CA THR A 57 -22.12 -21.91 -62.84
C THR A 57 -22.86 -20.74 -63.48
N GLN A 58 -22.16 -19.63 -63.66
CA GLN A 58 -22.72 -18.42 -64.23
C GLN A 58 -22.03 -18.13 -65.56
N GLU A 59 -22.81 -17.76 -66.56
CA GLU A 59 -22.29 -17.53 -67.91
C GLU A 59 -22.47 -16.07 -68.27
N GLY A 60 -21.47 -15.50 -68.94
CA GLY A 60 -21.48 -14.12 -69.36
C GLY A 60 -20.16 -13.45 -69.09
N TRP A 61 -19.94 -12.35 -69.82
CA TRP A 61 -18.71 -11.60 -69.68
C TRP A 61 -18.65 -10.82 -68.37
N ASP A 62 -19.75 -10.16 -68.00
CA ASP A 62 -19.79 -9.35 -66.79
C ASP A 62 -20.36 -10.20 -65.65
N LEU A 63 -19.54 -10.44 -64.63
CA LEU A 63 -19.94 -11.23 -63.48
C LEU A 63 -19.90 -10.40 -62.19
N THR A 64 -20.05 -9.08 -62.30
CA THR A 64 -20.03 -8.24 -61.11
C THR A 64 -21.16 -8.58 -60.16
N ASP A 65 -22.27 -9.09 -60.68
CA ASP A 65 -23.46 -9.37 -59.91
C ASP A 65 -23.61 -10.84 -59.54
N LYS A 66 -22.54 -11.62 -59.61
CA LYS A 66 -22.65 -13.04 -59.30
C LYS A 66 -23.05 -13.26 -57.84
N ALA A 67 -22.39 -12.54 -56.91
CA ALA A 67 -22.69 -12.59 -55.49
C ALA A 67 -23.00 -14.01 -55.01
N THR A 68 -24.14 -14.17 -54.33
CA THR A 68 -24.66 -15.47 -53.91
C THR A 68 -23.62 -16.27 -53.13
N GLY A 69 -22.97 -15.60 -52.17
CA GLY A 69 -22.07 -16.30 -51.28
C GLY A 69 -22.80 -17.34 -50.47
N LEU A 70 -22.60 -18.61 -50.79
CA LEU A 70 -23.36 -19.67 -50.14
C LEU A 70 -22.90 -19.84 -48.69
N LEU A 71 -23.72 -20.53 -47.92
CA LEU A 71 -23.38 -20.84 -46.54
C LEU A 71 -22.22 -21.82 -46.49
N GLU A 72 -21.21 -21.50 -45.69
CA GLU A 72 -20.02 -22.34 -45.55
C GLU A 72 -20.17 -23.16 -44.28
N LEU A 73 -20.30 -24.47 -44.44
CA LEU A 73 -20.51 -25.38 -43.32
C LEU A 73 -19.32 -26.32 -43.17
N ASN A 74 -18.93 -26.55 -41.92
CA ASN A 74 -17.79 -27.40 -41.59
C ASN A 74 -18.25 -28.57 -40.75
N VAL A 75 -17.58 -29.70 -40.92
CA VAL A 75 -17.83 -30.88 -40.12
C VAL A 75 -16.59 -31.17 -39.27
N ALA A 76 -16.82 -31.73 -38.09
CA ALA A 76 -15.78 -31.92 -37.09
C ALA A 76 -15.34 -33.36 -37.07
N VAL A 77 -14.03 -33.58 -37.17
CA VAL A 77 -13.45 -34.91 -37.02
C VAL A 77 -12.46 -34.88 -35.86
N ASN A 78 -12.58 -35.86 -34.99
CA ASN A 78 -11.71 -36.01 -33.84
C ASN A 78 -10.87 -37.27 -34.03
N MET A 79 -9.62 -37.22 -33.64
CA MET A 79 -8.74 -38.38 -33.73
C MET A 79 -8.68 -39.06 -32.38
N GLY A 80 -9.07 -40.34 -32.34
CA GLY A 80 -9.04 -41.09 -31.11
C GLY A 80 -7.63 -41.50 -30.75
N GLU A 81 -7.54 -42.33 -29.72
CA GLU A 81 -6.25 -42.89 -29.35
C GLU A 81 -5.79 -43.86 -30.43
N PRO A 82 -4.48 -43.90 -30.71
CA PRO A 82 -3.98 -44.70 -31.83
C PRO A 82 -4.32 -46.18 -31.67
N ASP A 83 -4.60 -46.81 -32.80
CA ASP A 83 -4.80 -48.25 -32.86
C ASP A 83 -3.45 -48.92 -33.04
N ASN A 84 -3.04 -49.69 -32.04
CA ASN A 84 -1.68 -50.21 -31.99
C ASN A 84 -1.69 -51.73 -31.81
N ASP A 85 -0.58 -52.35 -32.20
CA ASP A 85 -0.37 -53.78 -32.07
C ASP A 85 0.91 -54.01 -31.28
N PHE A 86 0.76 -54.38 -30.01
CA PHE A 86 1.87 -54.56 -29.10
C PHE A 86 2.18 -56.04 -28.97
N PHE A 87 3.39 -56.43 -29.33
CA PHE A 87 3.75 -57.85 -29.35
C PHE A 87 5.24 -58.01 -29.13
N GLN A 88 5.64 -59.25 -28.87
CA GLN A 88 7.03 -59.58 -28.59
C GLN A 88 7.73 -60.08 -29.85
N LEU A 89 8.94 -59.58 -30.08
CA LEU A 89 9.77 -60.04 -31.20
C LEU A 89 10.69 -61.13 -30.68
N ARG A 90 10.23 -62.38 -30.76
CA ARG A 90 11.01 -63.49 -30.23
C ARG A 90 12.23 -63.75 -31.10
N ALA A 91 13.12 -64.60 -30.59
CA ALA A 91 14.35 -64.90 -31.30
C ALA A 91 14.08 -65.62 -32.62
N ASP A 92 12.99 -66.39 -32.69
CA ASP A 92 12.64 -67.06 -33.93
C ASP A 92 12.30 -66.05 -35.03
N ASP A 93 11.61 -64.97 -34.67
CA ASP A 93 11.20 -64.00 -35.68
C ASP A 93 12.38 -63.20 -36.22
N LEU A 94 13.49 -63.17 -35.50
CA LEU A 94 14.67 -62.41 -35.91
C LEU A 94 15.76 -63.29 -36.49
N ARG A 95 15.48 -64.57 -36.76
CA ARG A 95 16.52 -65.46 -37.26
C ARG A 95 17.02 -65.02 -38.63
N ASP A 96 16.11 -64.60 -39.50
CA ASP A 96 16.49 -64.15 -40.83
C ASP A 96 15.48 -63.12 -41.32
N GLU A 97 15.62 -62.72 -42.58
CA GLU A 97 14.74 -61.71 -43.15
C GLU A 97 13.30 -62.21 -43.25
N THR A 98 13.13 -63.45 -43.71
CA THR A 98 11.78 -63.94 -44.00
C THR A 98 10.90 -64.00 -42.76
N ALA A 99 11.45 -64.48 -41.65
CA ALA A 99 10.66 -64.58 -40.43
C ALA A 99 10.24 -63.20 -39.93
N TYR A 100 11.14 -62.22 -40.00
CA TYR A 100 10.78 -60.87 -39.60
C TYR A 100 9.71 -60.28 -40.51
N ARG A 101 9.85 -60.49 -41.83
CA ARG A 101 8.82 -60.03 -42.76
C ARG A 101 7.48 -60.66 -42.42
N ARG A 102 7.48 -61.96 -42.10
CA ARG A 102 6.23 -62.65 -41.80
C ARG A 102 5.57 -62.11 -40.53
N ARG A 103 6.35 -61.89 -39.48
CA ARG A 103 5.78 -61.38 -38.23
C ARG A 103 5.24 -59.96 -38.41
N ILE A 104 6.00 -59.09 -39.07
CA ILE A 104 5.51 -57.75 -39.31
C ILE A 104 4.30 -57.77 -40.21
N GLN A 105 4.25 -58.69 -41.17
CA GLN A 105 3.09 -58.83 -42.03
C GLN A 105 1.85 -59.23 -41.23
N SER A 106 2.02 -60.14 -40.26
CA SER A 106 0.89 -60.52 -39.42
C SER A 106 0.39 -59.32 -38.60
N ALA A 107 1.31 -58.55 -38.04
CA ALA A 107 0.89 -57.36 -37.29
C ALA A 107 0.17 -56.37 -38.19
N ALA A 108 0.68 -56.15 -39.40
CA ALA A 108 0.04 -55.22 -40.33
C ALA A 108 -1.32 -55.74 -40.77
N ARG A 109 -1.46 -57.05 -40.92
CA ARG A 109 -2.76 -57.63 -41.23
C ARG A 109 -3.76 -57.33 -40.13
N LYS A 110 -3.33 -57.49 -38.88
CA LYS A 110 -4.21 -57.16 -37.76
C LYS A 110 -4.65 -55.70 -37.80
N LEU A 111 -3.69 -54.79 -37.97
CA LEU A 111 -4.03 -53.37 -37.98
C LEU A 111 -4.93 -53.01 -39.15
N ALA A 112 -4.64 -53.55 -40.34
CA ALA A 112 -5.46 -53.25 -41.51
C ALA A 112 -6.87 -53.79 -41.37
N ASN A 113 -7.00 -55.00 -40.80
CA ASN A 113 -8.33 -55.55 -40.56
C ASN A 113 -9.11 -54.67 -39.61
N ASN A 114 -8.45 -54.15 -38.57
CA ASN A 114 -9.19 -53.31 -37.63
C ASN A 114 -9.56 -51.96 -38.27
N VAL A 115 -8.72 -51.44 -39.15
CA VAL A 115 -9.06 -50.22 -39.88
C VAL A 115 -10.30 -50.46 -40.74
N GLU A 116 -10.31 -51.57 -41.47
CA GLU A 116 -11.47 -51.91 -42.29
C GLU A 116 -12.72 -52.08 -41.44
N LEU A 117 -12.56 -52.69 -40.26
CA LEU A 117 -13.71 -52.85 -39.36
C LEU A 117 -14.25 -51.50 -38.92
N LYS A 118 -13.36 -50.56 -38.60
CA LYS A 118 -13.82 -49.23 -38.18
C LYS A 118 -14.57 -48.54 -39.31
N VAL A 119 -14.05 -48.64 -40.54
CA VAL A 119 -14.71 -48.00 -41.68
C VAL A 119 -16.08 -48.64 -41.92
N ALA A 120 -16.15 -49.97 -41.86
CA ALA A 120 -17.41 -50.66 -42.10
C ALA A 120 -18.45 -50.32 -41.03
N ASN A 121 -18.02 -50.27 -39.77
CA ASN A 121 -18.95 -49.88 -38.71
C ASN A 121 -19.42 -48.45 -38.89
N MET A 122 -18.52 -47.54 -39.29
CA MET A 122 -18.91 -46.18 -39.60
C MET A 122 -20.00 -46.15 -40.65
N ALA A 123 -19.78 -46.83 -41.78
CA ALA A 123 -20.73 -46.79 -42.88
C ALA A 123 -22.07 -47.42 -42.47
N ALA A 124 -22.02 -48.52 -41.72
CA ALA A 124 -23.26 -49.21 -41.37
C ALA A 124 -24.08 -48.43 -40.36
N GLU A 125 -23.43 -47.89 -39.33
CA GLU A 125 -24.15 -47.21 -38.25
C GLU A 125 -24.38 -45.73 -38.52
N MET A 126 -23.85 -45.19 -39.63
CA MET A 126 -24.05 -43.78 -39.95
C MET A 126 -24.68 -43.58 -41.31
N GLY A 127 -24.92 -44.64 -42.06
CA GLY A 127 -25.56 -44.52 -43.36
C GLY A 127 -27.01 -44.07 -43.25
N SER A 128 -27.40 -43.10 -44.06
CA SER A 128 -28.76 -42.56 -44.01
C SER A 128 -29.69 -43.23 -45.00
N LEU A 129 -29.24 -43.41 -46.25
CA LEU A 129 -30.11 -43.97 -47.28
C LEU A 129 -30.34 -45.45 -46.99
N VAL A 130 -31.51 -45.77 -46.47
CA VAL A 130 -31.87 -47.13 -46.09
C VAL A 130 -32.93 -47.63 -47.05
N ILE A 131 -32.70 -48.80 -47.65
CA ILE A 131 -33.62 -49.43 -48.58
C ILE A 131 -33.90 -50.84 -48.09
N THR A 132 -35.18 -51.17 -47.92
CA THR A 132 -35.59 -52.44 -47.31
C THR A 132 -36.78 -53.02 -48.06
N SER A 133 -36.88 -54.35 -48.04
CA SER A 133 -38.04 -55.07 -48.51
C SER A 133 -37.96 -56.49 -47.97
N PRO A 134 -39.09 -57.20 -47.86
CA PRO A 134 -39.04 -58.57 -47.34
C PRO A 134 -38.17 -59.52 -48.14
N ASP A 135 -37.96 -59.26 -49.43
CA ASP A 135 -37.21 -60.18 -50.27
C ASP A 135 -35.74 -60.23 -49.83
N ALA A 136 -35.03 -61.21 -50.36
CA ALA A 136 -33.61 -61.38 -50.13
C ALA A 136 -32.86 -61.24 -51.44
N ILE A 137 -31.59 -60.83 -51.35
CA ILE A 137 -30.81 -60.56 -52.56
C ILE A 137 -30.60 -61.84 -53.35
N GLY A 138 -30.82 -61.77 -54.66
CA GLY A 138 -30.65 -62.93 -55.50
C GLY A 138 -30.59 -62.53 -56.97
N THR A 139 -30.17 -63.49 -57.79
CA THR A 139 -30.01 -63.21 -59.21
C THR A 139 -31.36 -63.07 -59.92
N ASN A 140 -32.31 -63.95 -59.61
CA ASN A 140 -33.60 -63.92 -60.27
C ASN A 140 -34.36 -62.65 -59.91
N THR A 141 -35.10 -62.11 -60.89
CA THR A 141 -35.80 -60.85 -60.69
C THR A 141 -37.19 -61.05 -60.09
N ALA A 142 -37.68 -62.30 -60.10
CA ALA A 142 -39.05 -62.56 -59.69
C ALA A 142 -39.26 -62.22 -58.21
N ASP A 143 -38.41 -62.77 -57.34
CA ASP A 143 -38.59 -62.64 -55.90
C ASP A 143 -37.31 -62.27 -55.17
N ALA A 144 -36.47 -61.42 -55.77
CA ALA A 144 -35.21 -61.05 -55.16
C ALA A 144 -34.87 -59.59 -55.45
N TRP A 145 -33.87 -59.10 -54.73
CA TRP A 145 -33.33 -57.76 -54.88
C TRP A 145 -32.50 -57.61 -56.15
N ASN A 146 -32.33 -56.34 -56.53
CA ASN A 146 -31.24 -55.89 -57.40
C ASN A 146 -30.64 -54.72 -56.63
N PHE A 147 -29.73 -55.03 -55.70
CA PHE A 147 -29.22 -54.00 -54.79
C PHE A 147 -28.50 -52.89 -55.54
N VAL A 148 -27.70 -53.25 -56.54
CA VAL A 148 -26.98 -52.24 -57.30
C VAL A 148 -27.96 -51.32 -58.02
N ALA A 149 -29.00 -51.89 -58.62
CA ALA A 149 -29.98 -51.09 -59.34
C ALA A 149 -30.74 -50.16 -58.40
N ASP A 150 -31.17 -50.68 -57.24
CA ASP A 150 -31.92 -49.85 -56.30
C ASP A 150 -31.05 -48.73 -55.73
N ALA A 151 -29.81 -49.05 -55.38
CA ALA A 151 -28.91 -48.02 -54.87
C ALA A 151 -28.62 -46.97 -55.93
N GLU A 152 -28.39 -47.39 -57.18
CA GLU A 152 -28.17 -46.44 -58.26
C GLU A 152 -29.38 -45.55 -58.46
N GLU A 153 -30.58 -46.12 -58.38
CA GLU A 153 -31.79 -45.35 -58.58
C GLU A 153 -32.00 -44.34 -57.45
N ILE A 154 -31.77 -44.75 -56.21
CA ILE A 154 -31.98 -43.82 -55.09
C ILE A 154 -30.89 -42.75 -55.08
N MET A 155 -29.69 -43.06 -55.58
CA MET A 155 -28.66 -42.03 -55.70
C MET A 155 -28.99 -41.05 -56.80
N PHE A 156 -29.47 -41.54 -57.95
CA PHE A 156 -29.79 -40.66 -59.07
C PHE A 156 -31.00 -39.78 -58.74
N SER A 157 -31.98 -40.32 -58.03
CA SER A 157 -33.15 -39.53 -57.66
C SER A 157 -32.76 -38.38 -56.74
N ARG A 158 -31.89 -38.64 -55.77
CA ARG A 158 -31.47 -37.60 -54.83
C ARG A 158 -30.40 -36.69 -55.42
N GLU A 159 -29.82 -37.07 -56.56
CA GLU A 159 -28.82 -36.25 -57.26
C GLU A 159 -27.62 -35.93 -56.37
N LEU A 160 -27.25 -36.86 -55.49
CA LEU A 160 -26.10 -36.64 -54.63
C LEU A 160 -24.78 -36.79 -55.38
N ASN A 161 -24.68 -37.80 -56.23
CA ASN A 161 -23.48 -38.06 -57.02
C ASN A 161 -23.72 -37.59 -58.45
N ARG A 162 -23.50 -36.30 -58.68
CA ARG A 162 -23.77 -35.72 -59.99
C ARG A 162 -22.79 -36.24 -61.04
N ASP A 163 -21.51 -36.29 -60.70
CA ASP A 163 -20.48 -36.69 -61.66
C ASP A 163 -19.71 -37.92 -61.24
N MET A 164 -19.22 -37.98 -60.00
CA MET A 164 -18.36 -39.07 -59.59
C MET A 164 -19.17 -40.34 -59.35
N GLY A 165 -18.46 -41.47 -59.27
CA GLY A 165 -19.10 -42.75 -59.16
C GLY A 165 -19.42 -43.16 -57.74
N THR A 166 -20.22 -44.22 -57.62
CA THR A 166 -20.67 -44.74 -56.34
C THR A 166 -19.95 -46.05 -56.03
N SER A 167 -19.50 -46.20 -54.79
CA SER A 167 -18.84 -47.41 -54.34
C SER A 167 -19.84 -48.30 -53.63
N TYR A 168 -20.01 -49.52 -54.13
CA TYR A 168 -20.95 -50.49 -53.56
C TYR A 168 -20.16 -51.59 -52.86
N PHE A 169 -20.57 -51.93 -51.64
CA PHE A 169 -19.89 -52.94 -50.85
C PHE A 169 -20.88 -54.02 -50.45
N PHE A 170 -20.48 -55.28 -50.65
CA PHE A 170 -21.33 -56.43 -50.40
C PHE A 170 -20.67 -57.33 -49.36
N ASN A 171 -21.48 -57.83 -48.44
CA ASN A 171 -20.98 -58.89 -47.58
C ASN A 171 -20.90 -60.18 -48.39
N PRO A 172 -20.04 -61.14 -47.98
CA PRO A 172 -19.78 -62.30 -48.85
C PRO A 172 -21.02 -63.08 -49.24
N GLN A 173 -21.98 -63.25 -48.32
CA GLN A 173 -23.17 -64.02 -48.64
C GLN A 173 -24.00 -63.33 -49.72
N ASP A 174 -24.29 -62.03 -49.53
CA ASP A 174 -25.05 -61.30 -50.53
C ASP A 174 -24.24 -61.11 -51.81
N TYR A 175 -22.91 -61.04 -51.69
CA TYR A 175 -22.07 -60.96 -52.87
C TYR A 175 -22.20 -62.21 -53.73
N LYS A 176 -22.22 -63.38 -53.10
CA LYS A 176 -22.43 -64.63 -53.84
C LYS A 176 -23.85 -64.70 -54.38
N LYS A 177 -24.84 -64.26 -53.60
CA LYS A 177 -26.23 -64.34 -54.04
C LYS A 177 -26.49 -63.43 -55.24
N ALA A 178 -25.87 -62.26 -55.26
CA ALA A 178 -26.11 -61.29 -56.33
C ALA A 178 -25.61 -61.75 -57.69
N GLY A 179 -24.80 -62.80 -57.75
CA GLY A 179 -24.31 -63.31 -59.00
C GLY A 179 -22.90 -62.90 -59.37
N TYR A 180 -22.19 -62.21 -58.48
CA TYR A 180 -20.82 -61.80 -58.75
C TYR A 180 -19.87 -62.96 -58.50
N ASP A 181 -19.11 -63.33 -59.52
CA ASP A 181 -18.18 -64.45 -59.43
C ASP A 181 -16.83 -63.99 -58.92
N LEU A 182 -16.18 -64.86 -58.14
CA LEU A 182 -14.87 -64.59 -57.58
C LEU A 182 -13.73 -65.15 -58.43
N THR A 183 -14.04 -65.72 -59.60
CA THR A 183 -13.00 -66.28 -60.44
C THR A 183 -12.06 -65.19 -60.94
N LYS A 184 -10.77 -65.48 -60.90
CA LYS A 184 -9.73 -64.53 -61.29
C LYS A 184 -9.82 -63.25 -60.47
N ARG A 185 -10.24 -63.39 -59.21
CA ARG A 185 -10.44 -62.24 -58.33
C ARG A 185 -9.83 -62.54 -56.98
N ASP A 186 -9.43 -61.47 -56.28
CA ASP A 186 -8.84 -61.61 -54.96
C ASP A 186 -9.95 -61.79 -53.92
N ILE A 187 -9.59 -61.69 -52.64
CA ILE A 187 -10.55 -61.93 -51.57
C ILE A 187 -11.64 -60.88 -51.60
N PHE A 188 -11.27 -59.63 -51.81
CA PHE A 188 -12.21 -58.51 -51.73
C PHE A 188 -12.97 -58.25 -53.00
N GLY A 189 -12.71 -59.01 -54.07
CA GLY A 189 -13.40 -58.80 -55.32
C GLY A 189 -12.71 -57.86 -56.29
N ARG A 190 -11.56 -57.30 -55.93
CA ARG A 190 -10.82 -56.48 -56.87
C ARG A 190 -10.13 -57.36 -57.91
N ILE A 191 -10.11 -56.89 -59.15
CA ILE A 191 -9.39 -57.58 -60.22
C ILE A 191 -7.91 -57.29 -60.11
N PRO A 192 -7.04 -58.30 -60.11
CA PRO A 192 -5.60 -58.06 -60.04
C PRO A 192 -5.10 -57.38 -61.31
N GLU A 193 -4.65 -56.15 -61.17
CA GLU A 193 -4.16 -55.38 -62.32
C GLU A 193 -2.70 -54.98 -62.13
N ARG A 203 -11.49 -44.11 -64.83
CA ARG A 203 -10.19 -43.64 -64.40
C ARG A 203 -10.29 -42.88 -63.09
N GLN A 204 -9.21 -42.19 -62.71
CA GLN A 204 -9.20 -41.43 -61.47
C GLN A 204 -9.99 -40.13 -61.61
N VAL A 205 -10.08 -39.57 -62.81
CA VAL A 205 -10.75 -38.28 -63.00
C VAL A 205 -12.26 -38.42 -62.81
N ALA A 206 -12.84 -39.48 -63.38
CA ALA A 206 -14.29 -39.64 -63.33
C ALA A 206 -14.63 -41.12 -63.40
N GLY A 207 -15.87 -41.43 -63.04
CA GLY A 207 -16.35 -42.80 -63.15
C GLY A 207 -15.80 -43.67 -62.04
N PHE A 208 -15.12 -44.75 -62.43
CA PHE A 208 -14.52 -45.71 -61.50
C PHE A 208 -15.56 -46.27 -60.54
N ASP A 209 -16.74 -46.59 -61.07
CA ASP A 209 -17.78 -47.23 -60.28
C ASP A 209 -17.44 -48.71 -60.10
N ASP A 210 -17.29 -49.15 -58.85
CA ASP A 210 -16.86 -50.50 -58.56
C ASP A 210 -17.77 -51.13 -57.51
N VAL A 211 -17.94 -52.45 -57.62
CA VAL A 211 -18.67 -53.24 -56.64
C VAL A 211 -17.69 -54.21 -56.02
N LEU A 212 -17.49 -54.11 -54.72
CA LEU A 212 -16.51 -54.92 -54.01
C LEU A 212 -17.20 -55.71 -52.90
N ARG A 213 -16.53 -56.77 -52.46
CA ARG A 213 -17.00 -57.60 -51.35
C ARG A 213 -16.12 -57.36 -50.15
N SER A 214 -16.74 -57.00 -49.02
CA SER A 214 -16.01 -56.71 -47.79
C SER A 214 -16.56 -57.59 -46.69
N PRO A 215 -15.77 -58.52 -46.13
CA PRO A 215 -16.28 -59.40 -45.08
C PRO A 215 -16.38 -58.75 -43.71
N LYS A 216 -16.10 -57.45 -43.60
CA LYS A 216 -16.13 -56.76 -42.31
C LYS A 216 -17.46 -56.07 -42.04
N LEU A 217 -18.45 -56.23 -42.90
CA LEU A 217 -19.74 -55.59 -42.68
C LEU A 217 -20.42 -56.19 -41.47
N PRO A 218 -20.91 -55.38 -40.54
CA PRO A 218 -21.53 -55.91 -39.33
C PRO A 218 -22.98 -56.31 -39.56
N VAL A 219 -23.56 -56.90 -38.52
CA VAL A 219 -24.97 -57.28 -38.52
C VAL A 219 -25.75 -56.22 -37.75
N LEU A 220 -26.81 -55.71 -38.35
CA LEU A 220 -27.63 -54.66 -37.75
C LEU A 220 -28.74 -55.32 -36.93
N THR A 221 -28.66 -55.20 -35.61
CA THR A 221 -29.68 -55.75 -34.74
C THR A 221 -31.00 -54.99 -34.92
N LYS A 222 -32.10 -55.72 -34.90
CA LYS A 222 -33.41 -55.10 -35.05
C LYS A 222 -33.72 -54.19 -33.86
N SER A 223 -34.59 -53.22 -34.10
CA SER A 223 -34.98 -52.27 -33.07
C SER A 223 -36.23 -52.78 -32.37
N THR A 224 -36.13 -52.98 -31.07
CA THR A 224 -37.27 -53.44 -30.27
C THR A 224 -38.06 -52.26 -29.71
N ALA A 225 -38.49 -51.37 -30.60
CA ALA A 225 -39.24 -50.18 -30.24
C ALA A 225 -40.44 -50.03 -31.16
N THR A 226 -41.60 -49.81 -30.57
CA THR A 226 -42.84 -49.62 -31.33
C THR A 226 -43.62 -48.45 -30.77
N GLY A 227 -44.34 -47.77 -31.65
CA GLY A 227 -45.27 -46.72 -31.24
C GLY A 227 -44.64 -45.43 -30.82
N ILE A 228 -43.35 -45.21 -31.08
CA ILE A 228 -42.72 -43.96 -30.71
C ILE A 228 -43.21 -42.85 -31.62
N THR A 229 -43.63 -41.74 -31.02
CA THR A 229 -44.15 -40.61 -31.76
C THR A 229 -43.30 -39.37 -31.46
N VAL A 230 -43.22 -38.47 -32.46
CA VAL A 230 -42.52 -37.21 -32.28
C VAL A 230 -43.27 -36.36 -31.26
N SER A 231 -42.53 -35.73 -30.36
CA SER A 231 -43.09 -34.82 -29.37
C SER A 231 -42.75 -33.40 -29.77
N GLY A 232 -43.77 -32.54 -29.82
CA GLY A 232 -43.57 -31.16 -30.23
C GLY A 232 -43.45 -31.03 -31.73
N ALA A 233 -43.09 -29.82 -32.16
CA ALA A 233 -42.90 -29.49 -33.57
C ALA A 233 -41.46 -29.00 -33.73
N GLN A 234 -40.61 -29.85 -34.28
CA GLN A 234 -39.19 -29.54 -34.44
C GLN A 234 -38.91 -29.02 -35.84
N SER A 235 -38.17 -27.93 -35.92
CA SER A 235 -37.66 -27.39 -37.17
C SER A 235 -36.17 -27.14 -37.03
N PHE A 236 -35.41 -27.50 -38.05
CA PHE A 236 -33.96 -27.40 -38.02
C PHE A 236 -33.47 -26.58 -39.19
N LYS A 237 -32.55 -25.64 -38.92
CA LYS A 237 -31.97 -24.80 -39.93
C LYS A 237 -30.46 -24.94 -39.90
N PRO A 238 -29.80 -25.11 -41.05
CA PRO A 238 -28.33 -25.20 -41.04
C PRO A 238 -27.72 -23.86 -40.68
N VAL A 239 -26.93 -23.85 -39.62
CA VAL A 239 -26.29 -22.64 -39.12
C VAL A 239 -24.79 -22.88 -39.09
N ALA A 240 -24.03 -21.87 -39.53
CA ALA A 240 -22.59 -22.03 -39.69
C ALA A 240 -21.81 -21.76 -38.41
N TRP A 241 -22.31 -20.89 -37.54
CA TRP A 241 -21.58 -20.49 -36.34
C TRP A 241 -22.49 -20.52 -35.12
N GLN A 242 -21.89 -20.71 -33.96
CA GLN A 242 -22.59 -20.53 -32.70
C GLN A 242 -21.58 -20.08 -31.66
N LEU A 243 -22.08 -19.49 -30.57
CA LEU A 243 -21.25 -19.03 -29.49
C LEU A 243 -21.06 -20.15 -28.47
N ASP A 244 -19.81 -20.49 -28.19
CA ASP A 244 -19.50 -21.46 -27.15
C ASP A 244 -19.55 -20.76 -25.79
N ASN A 245 -19.21 -21.48 -24.72
CA ASN A 245 -19.34 -20.90 -23.39
C ASN A 245 -18.35 -19.77 -23.15
N ASP A 246 -17.21 -19.79 -23.83
CA ASP A 246 -16.23 -18.72 -23.67
C ASP A 246 -16.67 -17.43 -24.34
N GLY A 247 -17.73 -17.46 -25.15
CA GLY A 247 -18.14 -16.31 -25.90
C GLY A 247 -17.54 -16.21 -27.29
N ASN A 248 -16.65 -17.13 -27.65
CA ASN A 248 -16.07 -17.15 -28.98
C ASN A 248 -17.03 -17.82 -29.96
N LYS A 249 -16.70 -17.76 -31.24
CA LYS A 249 -17.49 -18.37 -32.29
C LYS A 249 -16.91 -19.72 -32.67
N VAL A 250 -17.75 -20.75 -32.65
CA VAL A 250 -17.34 -22.11 -33.00
C VAL A 250 -18.28 -22.63 -34.08
N ASN A 251 -17.73 -23.39 -35.02
CA ASN A 251 -18.54 -23.97 -36.08
C ASN A 251 -19.53 -24.97 -35.50
N VAL A 252 -20.65 -25.14 -36.20
CA VAL A 252 -21.71 -26.05 -35.80
C VAL A 252 -21.67 -27.26 -36.73
N ASP A 253 -21.60 -28.45 -36.15
CA ASP A 253 -21.68 -29.68 -36.92
C ASP A 253 -23.12 -29.87 -37.37
N ASN A 254 -23.44 -29.39 -38.57
CA ASN A 254 -24.80 -29.43 -39.08
C ASN A 254 -25.20 -30.81 -39.58
N ARG A 255 -24.36 -31.82 -39.38
CA ARG A 255 -24.76 -33.18 -39.70
C ARG A 255 -25.84 -33.70 -38.77
N PHE A 256 -25.68 -33.53 -37.46
CA PHE A 256 -26.55 -34.15 -36.47
C PHE A 256 -27.59 -33.15 -35.98
N ALA A 257 -28.84 -33.60 -35.93
CA ALA A 257 -29.93 -32.81 -35.36
C ALA A 257 -30.65 -33.64 -34.31
N THR A 258 -30.84 -33.06 -33.13
CA THR A 258 -31.47 -33.75 -32.02
C THR A 258 -32.97 -33.47 -32.04
N VAL A 259 -33.77 -34.54 -31.97
CA VAL A 259 -35.22 -34.41 -31.99
C VAL A 259 -35.76 -34.92 -30.66
N THR A 260 -36.99 -34.51 -30.36
CA THR A 260 -37.69 -34.93 -29.16
C THR A 260 -38.74 -35.96 -29.54
N LEU A 261 -38.73 -37.09 -28.86
CA LEU A 261 -39.65 -38.19 -29.13
C LEU A 261 -40.44 -38.51 -27.88
N SER A 262 -41.48 -39.32 -28.06
CA SER A 262 -42.27 -39.76 -26.91
C SER A 262 -41.43 -40.59 -25.94
N ALA A 263 -40.66 -41.53 -26.48
CA ALA A 263 -39.76 -42.35 -25.67
C ALA A 263 -38.69 -42.92 -26.56
N THR A 264 -37.52 -43.20 -25.97
CA THR A 264 -36.40 -43.77 -26.70
C THR A 264 -36.10 -45.20 -26.27
N THR A 265 -37.03 -45.87 -25.60
CA THR A 265 -36.80 -47.24 -25.16
C THR A 265 -36.65 -48.17 -26.35
N GLY A 266 -35.68 -49.07 -26.26
CA GLY A 266 -35.39 -50.00 -27.33
C GLY A 266 -34.60 -49.43 -28.47
N MET A 267 -34.11 -48.20 -28.36
CA MET A 267 -33.35 -47.54 -29.41
C MET A 267 -31.86 -47.57 -29.08
N LYS A 268 -31.06 -47.75 -30.12
CA LYS A 268 -29.61 -47.80 -29.96
C LYS A 268 -28.98 -47.00 -31.10
N ARG A 269 -27.64 -47.08 -31.18
CA ARG A 269 -26.91 -46.30 -32.18
C ARG A 269 -27.23 -46.75 -33.61
N GLY A 270 -27.32 -48.05 -33.84
CA GLY A 270 -27.40 -48.53 -35.20
C GLY A 270 -28.75 -48.48 -35.88
N ASP A 271 -29.79 -48.01 -35.21
CA ASP A 271 -31.13 -48.10 -35.77
C ASP A 271 -31.35 -47.09 -36.90
N LYS A 272 -32.40 -47.33 -37.68
CA LYS A 272 -32.79 -46.47 -38.78
C LYS A 272 -34.26 -46.12 -38.61
N ILE A 273 -34.62 -44.87 -38.87
CA ILE A 273 -36.00 -44.39 -38.72
C ILE A 273 -36.39 -43.64 -39.98
N SER A 274 -37.69 -43.50 -40.19
CA SER A 274 -38.20 -42.82 -41.37
C SER A 274 -39.58 -42.25 -41.03
N PHE A 275 -39.63 -40.94 -40.78
CA PHE A 275 -40.87 -40.29 -40.42
C PHE A 275 -41.90 -40.42 -41.54
N ALA A 276 -43.16 -40.60 -41.16
CA ALA A 276 -44.19 -40.97 -42.12
C ALA A 276 -44.44 -39.88 -43.15
N GLY A 277 -44.65 -38.65 -42.70
CA GLY A 277 -45.00 -37.57 -43.59
C GLY A 277 -43.85 -36.87 -44.28
N VAL A 278 -42.62 -37.28 -44.03
CA VAL A 278 -41.44 -36.60 -44.56
C VAL A 278 -40.95 -37.35 -45.79
N LYS A 279 -40.72 -36.63 -46.88
CA LYS A 279 -40.27 -37.21 -48.14
C LYS A 279 -38.96 -36.59 -48.57
N PHE A 280 -38.17 -37.35 -49.31
CA PHE A 280 -36.88 -36.86 -49.77
C PHE A 280 -37.06 -35.83 -50.89
N LEU A 281 -36.02 -35.03 -51.09
CA LEU A 281 -35.99 -34.02 -52.15
C LEU A 281 -34.71 -34.15 -52.95
N GLY A 282 -34.81 -33.93 -54.25
CA GLY A 282 -33.63 -33.82 -55.08
C GLY A 282 -32.78 -32.67 -54.60
N GLN A 283 -31.49 -32.91 -54.38
CA GLN A 283 -30.64 -31.87 -53.81
C GLN A 283 -30.51 -30.67 -54.75
N MET A 284 -30.39 -30.93 -56.05
CA MET A 284 -30.18 -29.84 -57.00
C MET A 284 -31.48 -29.25 -57.54
N ALA A 285 -32.60 -29.94 -57.38
CA ALA A 285 -33.87 -29.48 -57.93
C ALA A 285 -34.94 -29.23 -56.88
N LYS A 286 -34.80 -29.76 -55.67
CA LYS A 286 -35.80 -29.61 -54.61
C LYS A 286 -37.18 -30.07 -55.07
N ASN A 287 -37.23 -31.21 -55.77
CA ASN A 287 -38.48 -31.83 -56.17
C ASN A 287 -38.80 -32.97 -55.21
N VAL A 288 -40.04 -33.01 -54.75
CA VAL A 288 -40.45 -34.04 -53.80
C VAL A 288 -40.38 -35.40 -54.46
N LEU A 289 -39.78 -36.36 -53.78
CA LEU A 289 -39.62 -37.73 -54.28
C LEU A 289 -40.59 -38.66 -53.57
N ALA A 290 -40.96 -39.73 -54.26
CA ALA A 290 -41.91 -40.68 -53.70
C ALA A 290 -41.30 -41.49 -52.56
N GLN A 291 -39.97 -41.68 -52.57
CA GLN A 291 -39.33 -42.46 -51.51
C GLN A 291 -39.45 -41.76 -50.18
N ASP A 292 -39.80 -42.53 -49.15
CA ASP A 292 -39.92 -41.99 -47.81
C ASP A 292 -38.54 -41.60 -47.28
N ALA A 293 -38.47 -40.47 -46.59
CA ALA A 293 -37.19 -39.98 -46.10
C ALA A 293 -36.68 -40.86 -44.98
N THR A 294 -35.42 -41.28 -45.09
CA THR A 294 -34.81 -42.22 -44.16
C THR A 294 -33.76 -41.50 -43.32
N PHE A 295 -33.85 -41.67 -42.01
CA PHE A 295 -32.93 -41.04 -41.07
C PHE A 295 -32.32 -42.10 -40.18
N SER A 296 -31.03 -41.94 -39.90
CA SER A 296 -30.30 -42.90 -39.08
C SER A 296 -29.88 -42.23 -37.78
N VAL A 297 -30.12 -42.91 -36.68
CA VAL A 297 -29.76 -42.43 -35.35
C VAL A 297 -28.26 -42.60 -35.13
N VAL A 298 -27.65 -41.67 -34.40
CA VAL A 298 -26.26 -41.81 -33.96
C VAL A 298 -26.17 -42.15 -32.49
N ARG A 299 -26.95 -41.46 -31.66
CA ARG A 299 -26.91 -41.69 -30.22
C ARG A 299 -28.27 -41.37 -29.63
N VAL A 300 -28.51 -41.93 -28.44
CA VAL A 300 -29.71 -41.63 -27.67
C VAL A 300 -29.28 -40.75 -26.50
N VAL A 301 -29.61 -39.46 -26.60
CA VAL A 301 -29.12 -38.50 -25.60
C VAL A 301 -29.73 -38.80 -24.24
N ASP A 302 -31.04 -38.94 -24.19
CA ASP A 302 -31.78 -39.14 -22.95
C ASP A 302 -32.85 -40.20 -23.19
N GLY A 303 -33.80 -40.28 -22.26
CA GLY A 303 -34.97 -41.09 -22.49
C GLY A 303 -36.03 -40.43 -23.35
N THR A 304 -35.77 -39.19 -23.77
CA THR A 304 -36.74 -38.43 -24.56
C THR A 304 -36.16 -37.84 -25.84
N HIS A 305 -34.87 -37.50 -25.89
CA HIS A 305 -34.25 -36.89 -27.06
C HIS A 305 -33.38 -37.90 -27.77
N VAL A 306 -33.15 -37.68 -29.06
CA VAL A 306 -32.33 -38.58 -29.87
C VAL A 306 -31.80 -37.81 -31.07
N GLU A 307 -30.62 -38.19 -31.54
CA GLU A 307 -29.94 -37.52 -32.64
C GLU A 307 -29.94 -38.40 -33.88
N ILE A 308 -30.00 -37.78 -35.06
CA ILE A 308 -30.16 -38.49 -36.33
C ILE A 308 -29.15 -37.96 -37.34
N THR A 309 -28.69 -38.86 -38.24
CA THR A 309 -27.58 -38.52 -39.13
C THR A 309 -27.91 -37.41 -40.13
N PRO A 310 -29.04 -37.40 -40.85
CA PRO A 310 -29.29 -36.28 -41.75
C PRO A 310 -30.12 -35.21 -41.08
N LYS A 311 -29.69 -33.96 -41.15
CA LYS A 311 -30.46 -32.89 -40.54
C LYS A 311 -31.69 -32.63 -41.40
N PRO A 312 -32.91 -32.80 -40.87
CA PRO A 312 -34.11 -32.57 -41.68
C PRO A 312 -34.39 -31.08 -41.78
N VAL A 313 -34.13 -30.51 -42.95
CA VAL A 313 -34.38 -29.10 -43.21
C VAL A 313 -35.53 -29.01 -44.20
N ALA A 314 -36.67 -28.51 -43.74
CA ALA A 314 -37.88 -28.50 -44.55
C ALA A 314 -37.82 -27.40 -45.59
N LEU A 315 -38.25 -27.73 -46.82
CA LEU A 315 -38.32 -26.72 -47.87
C LEU A 315 -39.36 -25.66 -47.53
N ASP A 316 -40.50 -26.06 -46.98
CA ASP A 316 -41.57 -25.13 -46.66
C ASP A 316 -41.35 -24.50 -45.28
N ASP A 317 -40.24 -23.79 -45.16
CA ASP A 317 -39.89 -23.04 -43.96
C ASP A 317 -39.79 -21.57 -44.31
N VAL A 318 -40.66 -20.75 -43.70
CA VAL A 318 -40.61 -19.32 -43.94
C VAL A 318 -39.36 -18.70 -43.32
N SER A 319 -38.99 -19.15 -42.12
CA SER A 319 -37.84 -18.59 -41.43
C SER A 319 -36.54 -18.94 -42.15
N LEU A 320 -36.56 -19.95 -43.00
CA LEU A 320 -35.35 -20.37 -43.70
C LEU A 320 -34.92 -19.32 -44.71
N SER A 321 -33.65 -18.96 -44.66
CA SER A 321 -33.07 -18.03 -45.61
C SER A 321 -32.79 -18.74 -46.93
N PRO A 322 -32.77 -18.00 -48.05
CA PRO A 322 -32.45 -18.65 -49.33
C PRO A 322 -31.12 -19.38 -49.33
N GLU A 323 -30.09 -18.79 -48.72
CA GLU A 323 -28.81 -19.48 -48.57
C GLU A 323 -28.97 -20.71 -47.69
N GLN A 324 -29.83 -20.63 -46.67
CA GLN A 324 -30.15 -21.81 -45.88
C GLN A 324 -31.10 -22.74 -46.63
N ARG A 325 -31.97 -22.20 -47.47
CA ARG A 325 -32.90 -23.03 -48.23
C ARG A 325 -32.20 -23.86 -49.29
N ALA A 326 -31.01 -23.44 -49.71
CA ALA A 326 -30.21 -24.28 -50.59
C ALA A 326 -29.89 -25.61 -49.93
N TYR A 327 -29.80 -25.63 -48.60
CA TYR A 327 -29.52 -26.84 -47.83
C TYR A 327 -30.84 -27.45 -47.40
N ALA A 328 -31.50 -28.15 -48.32
CA ALA A 328 -32.82 -28.70 -48.03
C ALA A 328 -32.91 -30.13 -48.52
N ASN A 329 -33.44 -31.02 -47.67
CA ASN A 329 -33.61 -32.42 -48.03
C ASN A 329 -34.93 -32.98 -47.51
N VAL A 330 -35.87 -32.13 -47.13
CA VAL A 330 -37.12 -32.56 -46.52
C VAL A 330 -38.26 -31.69 -47.05
N ASN A 331 -39.40 -32.32 -47.34
CA ASN A 331 -40.54 -31.58 -47.86
C ASN A 331 -41.23 -30.78 -46.77
N THR A 332 -41.37 -31.35 -45.57
CA THR A 332 -42.05 -30.66 -44.49
C THR A 332 -41.47 -31.12 -43.16
N SER A 333 -41.35 -30.19 -42.22
CA SER A 333 -40.70 -30.46 -40.95
C SER A 333 -41.52 -31.45 -40.13
N LEU A 334 -40.95 -31.89 -39.01
CA LEU A 334 -41.63 -32.83 -38.14
C LEU A 334 -42.89 -32.19 -37.55
N ALA A 335 -43.99 -32.92 -37.62
CA ALA A 335 -45.26 -32.40 -37.13
C ALA A 335 -45.43 -32.73 -35.65
N ASP A 336 -46.64 -32.54 -35.13
CA ASP A 336 -46.86 -32.65 -33.69
C ASP A 336 -46.80 -34.10 -33.22
N ALA A 337 -47.40 -35.02 -33.96
CA ALA A 337 -47.51 -36.40 -33.50
C ALA A 337 -47.20 -37.38 -34.64
N MET A 338 -46.10 -37.14 -35.33
CA MET A 338 -45.66 -38.06 -36.37
C MET A 338 -45.08 -39.33 -35.77
N ALA A 339 -45.17 -40.41 -36.53
CA ALA A 339 -44.65 -41.69 -36.08
C ALA A 339 -43.25 -41.92 -36.66
N VAL A 340 -42.40 -42.56 -35.85
CA VAL A 340 -41.01 -42.75 -36.27
C VAL A 340 -40.92 -43.77 -37.40
N ASN A 341 -41.73 -44.82 -37.36
CA ASN A 341 -41.79 -45.84 -38.40
C ASN A 341 -40.40 -46.44 -38.65
N ILE A 342 -39.93 -47.17 -37.62
CA ILE A 342 -38.61 -47.79 -37.67
C ILE A 342 -38.52 -48.73 -38.86
N LEU A 343 -37.39 -48.68 -39.56
CA LEU A 343 -37.17 -49.46 -40.77
C LEU A 343 -36.60 -50.85 -40.49
N ASN A 344 -35.43 -50.91 -39.85
CA ASN A 344 -34.76 -52.19 -39.62
C ASN A 344 -35.54 -52.97 -38.57
N VAL A 345 -36.34 -53.92 -39.04
CA VAL A 345 -37.19 -54.72 -38.16
C VAL A 345 -36.68 -56.14 -37.97
N LYS A 346 -35.72 -56.57 -38.76
CA LYS A 346 -35.15 -57.91 -38.64
C LYS A 346 -33.63 -57.82 -38.68
N ASP A 347 -32.99 -58.74 -37.96
CA ASP A 347 -31.53 -58.81 -37.98
C ASP A 347 -31.06 -59.28 -39.34
N ALA A 348 -30.11 -58.55 -39.92
CA ALA A 348 -29.61 -58.90 -41.24
C ALA A 348 -28.26 -58.23 -41.45
N ARG A 349 -27.36 -58.92 -42.14
CA ARG A 349 -26.06 -58.35 -42.46
C ARG A 349 -26.23 -57.24 -43.47
N THR A 350 -25.58 -56.11 -43.21
CA THR A 350 -25.79 -54.90 -43.99
C THR A 350 -24.88 -54.85 -45.22
N ASN A 351 -25.38 -54.18 -46.25
CA ASN A 351 -24.60 -53.79 -47.41
C ASN A 351 -24.58 -52.27 -47.48
N VAL A 352 -23.41 -51.70 -47.68
CA VAL A 352 -23.23 -50.25 -47.61
C VAL A 352 -22.74 -49.75 -48.95
N PHE A 353 -23.24 -48.59 -49.36
CA PHE A 353 -22.76 -47.88 -50.54
C PHE A 353 -22.68 -46.40 -50.23
N TRP A 354 -21.73 -45.71 -50.84
CA TRP A 354 -21.57 -44.29 -50.58
C TRP A 354 -20.99 -43.60 -51.79
N ALA A 355 -21.13 -42.27 -51.81
CA ALA A 355 -20.70 -41.44 -52.93
C ALA A 355 -19.19 -41.22 -52.89
N ASP A 356 -18.70 -40.25 -53.64
CA ASP A 356 -17.25 -40.03 -53.73
C ASP A 356 -16.67 -39.58 -52.40
N ASP A 357 -17.28 -38.55 -51.79
CA ASP A 357 -16.72 -37.91 -50.61
C ASP A 357 -17.61 -38.10 -49.39
N ALA A 358 -18.24 -39.26 -49.30
CA ALA A 358 -19.14 -39.54 -48.20
C ALA A 358 -18.45 -40.11 -46.97
N ILE A 359 -17.17 -40.46 -47.07
CA ILE A 359 -16.38 -40.88 -45.92
C ILE A 359 -14.95 -40.37 -46.13
N ARG A 360 -14.38 -39.76 -45.09
CA ARG A 360 -13.04 -39.19 -45.17
C ARG A 360 -12.16 -39.82 -44.09
N ILE A 361 -10.93 -40.14 -44.47
CA ILE A 361 -9.92 -40.64 -43.54
C ILE A 361 -8.98 -39.50 -43.22
N VAL A 362 -8.88 -39.15 -41.94
CA VAL A 362 -8.07 -38.03 -41.49
C VAL A 362 -6.91 -38.59 -40.68
N SER A 363 -5.70 -38.18 -41.01
CA SER A 363 -4.52 -38.67 -40.29
C SER A 363 -3.43 -37.61 -40.32
N GLN A 364 -2.69 -37.55 -39.22
CA GLN A 364 -1.54 -36.66 -39.06
C GLN A 364 -0.47 -37.42 -38.28
N PRO A 365 0.80 -37.06 -38.48
CA PRO A 365 1.88 -37.82 -37.85
C PRO A 365 1.77 -37.84 -36.34
N ILE A 366 2.13 -38.96 -35.75
CA ILE A 366 2.09 -39.09 -34.28
C ILE A 366 3.16 -38.20 -33.67
N PRO A 367 2.83 -37.34 -32.72
CA PRO A 367 3.85 -36.49 -32.10
C PRO A 367 4.71 -37.27 -31.13
N ALA A 368 5.95 -37.55 -31.52
CA ALA A 368 6.88 -38.24 -30.65
C ALA A 368 8.29 -37.75 -30.97
N ASN A 369 9.11 -37.65 -29.93
CA ASN A 369 10.49 -37.22 -30.06
C ASN A 369 11.41 -38.43 -30.06
N HIS A 370 12.27 -38.53 -31.06
CA HIS A 370 13.10 -39.71 -31.26
C HIS A 370 14.51 -39.45 -30.77
N GLU A 371 15.15 -40.52 -30.30
CA GLU A 371 16.54 -40.60 -29.87
C GLU A 371 16.80 -39.89 -28.55
N LEU A 372 15.80 -39.29 -27.91
CA LEU A 372 16.05 -38.67 -26.61
C LEU A 372 16.18 -39.72 -25.51
N PHE A 373 15.34 -40.74 -25.53
CA PHE A 373 15.38 -41.81 -24.54
C PHE A 373 15.98 -43.04 -25.21
N ALA A 374 17.18 -43.43 -24.75
CA ALA A 374 17.90 -44.53 -25.36
C ALA A 374 17.25 -45.88 -25.11
N GLY A 375 16.26 -45.95 -24.22
CA GLY A 375 15.62 -47.23 -23.94
C GLY A 375 14.89 -47.79 -25.15
N MET A 376 14.19 -46.93 -25.88
CA MET A 376 13.36 -47.36 -27.00
C MET A 376 13.79 -46.67 -28.28
N LYS A 377 13.50 -47.33 -29.40
CA LYS A 377 13.83 -46.82 -30.73
C LYS A 377 12.53 -46.65 -31.50
N THR A 378 12.13 -45.40 -31.73
CA THR A 378 10.88 -45.09 -32.40
C THR A 378 11.18 -44.42 -33.74
N THR A 379 10.57 -44.94 -34.80
CA THR A 379 10.67 -44.35 -36.13
C THR A 379 9.27 -44.14 -36.70
N SER A 380 9.05 -42.98 -37.29
CA SER A 380 7.76 -42.61 -37.83
C SER A 380 7.65 -43.03 -39.28
N PHE A 381 6.53 -43.64 -39.65
CA PHE A 381 6.27 -44.07 -41.01
C PHE A 381 4.91 -43.57 -41.45
N SER A 382 4.73 -43.45 -42.75
CA SER A 382 3.48 -43.00 -43.34
C SER A 382 3.07 -43.94 -44.46
N ILE A 383 1.76 -44.13 -44.60
CA ILE A 383 1.21 -44.97 -45.67
C ILE A 383 0.47 -44.07 -46.64
N PRO A 384 1.13 -43.58 -47.69
CA PRO A 384 0.47 -42.62 -48.59
C PRO A 384 -0.74 -43.18 -49.31
N ASP A 385 -0.72 -44.47 -49.69
CA ASP A 385 -1.82 -45.03 -50.45
C ASP A 385 -3.11 -45.02 -49.65
N VAL A 386 -3.05 -45.43 -48.39
CA VAL A 386 -4.23 -45.43 -47.54
C VAL A 386 -4.41 -44.10 -46.80
N GLY A 387 -3.32 -43.43 -46.45
CA GLY A 387 -3.42 -42.18 -45.74
C GLY A 387 -3.43 -42.33 -44.23
N LEU A 388 -2.67 -43.28 -43.70
CA LEU A 388 -2.55 -43.49 -42.27
C LEU A 388 -1.12 -43.20 -41.83
N ASN A 389 -0.96 -42.33 -40.85
CA ASN A 389 0.33 -42.03 -40.27
C ASN A 389 0.52 -42.85 -39.00
N GLY A 390 1.70 -43.40 -38.82
CA GLY A 390 1.92 -44.29 -37.69
C GLY A 390 3.33 -44.16 -37.15
N ILE A 391 3.61 -44.96 -36.13
CA ILE A 391 4.91 -45.02 -35.51
C ILE A 391 5.29 -46.48 -35.33
N PHE A 392 6.57 -46.77 -35.40
CA PHE A 392 7.10 -48.11 -35.17
C PHE A 392 8.16 -48.03 -34.09
N ALA A 393 7.97 -48.79 -33.01
CA ALA A 393 8.84 -48.70 -31.85
C ALA A 393 9.28 -50.08 -31.40
N THR A 394 10.53 -50.18 -30.98
CA THR A 394 11.08 -51.41 -30.43
C THR A 394 11.82 -51.12 -29.13
N GLN A 395 11.81 -52.09 -28.24
CA GLN A 395 12.49 -51.97 -26.96
C GLN A 395 12.85 -53.36 -26.46
N GLY A 396 14.01 -53.46 -25.81
CA GLY A 396 14.46 -54.73 -25.28
C GLY A 396 13.86 -54.99 -23.92
N ASP A 397 13.31 -56.19 -23.75
CA ASP A 397 12.67 -56.59 -22.49
C ASP A 397 13.51 -57.70 -21.86
N ILE A 398 13.95 -57.49 -20.63
CA ILE A 398 14.72 -58.51 -19.94
C ILE A 398 13.85 -59.67 -19.48
N SER A 399 12.54 -59.47 -19.36
CA SER A 399 11.67 -60.55 -18.92
C SER A 399 11.66 -61.69 -19.91
N THR A 400 11.58 -61.39 -21.20
CA THR A 400 11.53 -62.39 -22.25
C THR A 400 12.86 -62.58 -22.97
N LEU A 401 13.90 -61.87 -22.56
CA LEU A 401 15.23 -61.96 -23.19
C LEU A 401 15.14 -61.69 -24.68
N SER A 402 14.29 -60.76 -25.08
CA SER A 402 14.12 -60.39 -26.47
C SER A 402 13.57 -58.97 -26.52
N GLY A 403 13.14 -58.57 -27.70
CA GLY A 403 12.65 -57.23 -27.90
C GLY A 403 11.13 -57.16 -27.95
N LEU A 404 10.60 -56.02 -27.54
CA LEU A 404 9.18 -55.72 -27.64
C LEU A 404 8.99 -54.73 -28.78
N CYS A 405 8.04 -55.03 -29.66
CA CYS A 405 7.75 -54.18 -30.81
C CYS A 405 6.32 -53.65 -30.70
N ARG A 406 6.13 -52.41 -31.16
CA ARG A 406 4.81 -51.78 -31.13
C ARG A 406 4.62 -50.98 -32.41
N ILE A 407 3.52 -51.21 -33.10
CA ILE A 407 3.14 -50.48 -34.31
C ILE A 407 1.84 -49.76 -34.02
N ALA A 408 1.88 -48.44 -33.94
CA ALA A 408 0.71 -47.64 -33.59
C ALA A 408 0.29 -46.80 -34.79
N LEU A 409 -0.95 -46.96 -35.22
CA LEU A 409 -1.52 -46.18 -36.31
C LEU A 409 -2.48 -45.15 -35.75
N TRP A 410 -2.33 -43.90 -36.15
CA TRP A 410 -3.15 -42.81 -35.67
C TRP A 410 -3.94 -42.26 -36.85
N TYR A 411 -5.26 -42.38 -36.78
CA TYR A 411 -6.12 -41.96 -37.87
C TYR A 411 -7.52 -41.74 -37.33
N GLY A 412 -8.30 -40.95 -38.06
CA GLY A 412 -9.66 -40.68 -37.68
C GLY A 412 -10.61 -40.78 -38.85
N VAL A 413 -11.59 -41.66 -38.75
CA VAL A 413 -12.57 -41.84 -39.81
C VAL A 413 -13.75 -40.92 -39.53
N ASN A 414 -14.12 -40.14 -40.54
CA ASN A 414 -15.23 -39.21 -40.44
C ASN A 414 -16.24 -39.52 -41.53
N ALA A 415 -17.50 -39.63 -41.15
CA ALA A 415 -18.59 -39.88 -42.09
C ALA A 415 -19.18 -38.56 -42.58
N THR A 416 -18.34 -37.77 -43.23
CA THR A 416 -18.80 -36.50 -43.79
C THR A 416 -19.84 -36.75 -44.86
N ARG A 417 -20.85 -35.88 -44.92
CA ARG A 417 -22.00 -36.07 -45.79
C ARG A 417 -22.65 -37.41 -45.52
N PRO A 418 -23.24 -37.62 -44.33
CA PRO A 418 -23.90 -38.92 -44.07
C PRO A 418 -25.11 -39.16 -44.94
N GLU A 419 -25.68 -38.13 -45.56
CA GLU A 419 -26.78 -38.32 -46.47
C GLU A 419 -26.37 -39.06 -47.74
N ALA A 420 -25.07 -39.06 -48.06
CA ALA A 420 -24.56 -39.77 -49.22
C ALA A 420 -24.09 -41.18 -48.91
N ILE A 421 -24.19 -41.62 -47.65
CA ILE A 421 -23.87 -42.99 -47.29
C ILE A 421 -25.17 -43.78 -47.24
N GLY A 422 -25.24 -44.85 -48.02
CA GLY A 422 -26.43 -45.67 -48.10
C GLY A 422 -26.17 -47.06 -47.56
N VAL A 423 -27.08 -47.55 -46.72
CA VAL A 423 -27.00 -48.89 -46.16
C VAL A 423 -28.25 -49.65 -46.57
N GLY A 424 -28.07 -50.81 -47.18
CA GLY A 424 -29.19 -51.61 -47.62
C GLY A 424 -29.20 -52.98 -47.00
N LEU A 425 -30.19 -53.22 -46.13
CA LEU A 425 -30.28 -54.49 -45.42
C LEU A 425 -31.54 -55.24 -45.85
N PRO A 426 -31.41 -56.42 -46.45
CA PRO A 426 -32.57 -57.15 -46.92
C PRO A 426 -33.21 -58.00 -45.82
N GLY A 427 -34.36 -58.57 -46.14
CA GLY A 427 -35.03 -59.50 -45.27
C GLY A 427 -35.95 -58.91 -44.23
N GLN A 428 -36.27 -57.61 -44.34
CA GLN A 428 -37.15 -56.95 -43.36
C GLN A 428 -38.60 -57.33 -43.67
N THR A 429 -38.93 -58.59 -43.37
CA THR A 429 -40.25 -59.12 -43.69
C THR A 429 -41.32 -58.47 -42.82
N ALA A 430 -41.09 -58.40 -41.52
CA ALA A 430 -42.09 -57.86 -40.60
C ALA A 430 -41.45 -56.99 -39.53
N ALA B 2 1.88 12.65 -50.56
CA ALA B 2 3.28 12.79 -50.22
C ALA B 2 3.80 11.54 -49.52
N LEU B 3 3.04 10.45 -49.61
CA LEU B 3 3.38 9.19 -48.99
C LEU B 3 3.53 8.12 -50.06
N ASN B 4 4.66 7.42 -50.05
CA ASN B 4 4.81 6.29 -50.95
C ASN B 4 4.40 5.00 -50.25
N GLU B 5 4.28 3.93 -51.03
CA GLU B 5 3.63 2.71 -50.54
C GLU B 5 4.38 2.10 -49.36
N GLY B 6 5.71 2.05 -49.44
CA GLY B 6 6.48 1.50 -48.34
C GLY B 6 6.29 2.27 -47.06
N GLN B 7 6.29 3.61 -47.16
CA GLN B 7 6.05 4.42 -45.97
C GLN B 7 4.63 4.23 -45.46
N ILE B 8 3.67 4.04 -46.37
CA ILE B 8 2.30 3.75 -45.94
C ILE B 8 2.28 2.50 -45.07
N VAL B 9 2.89 1.42 -45.56
CA VAL B 9 2.86 0.16 -44.81
C VAL B 9 3.59 0.32 -43.48
N THR B 10 4.77 0.93 -43.50
CA THR B 10 5.57 1.04 -42.29
C THR B 10 4.87 1.88 -41.23
N LEU B 11 4.37 3.06 -41.61
CA LEU B 11 3.69 3.91 -40.65
C LEU B 11 2.44 3.24 -40.12
N ALA B 12 1.68 2.56 -40.98
CA ALA B 12 0.46 1.91 -40.52
C ALA B 12 0.76 0.82 -39.51
N VAL B 13 1.74 -0.04 -39.81
CA VAL B 13 2.09 -1.12 -38.89
C VAL B 13 2.59 -0.54 -37.57
N ASP B 14 3.47 0.46 -37.64
CA ASP B 14 4.01 1.05 -36.41
C ASP B 14 2.90 1.66 -35.56
N GLU B 15 1.99 2.42 -36.17
CA GLU B 15 0.93 3.06 -35.40
C GLU B 15 0.00 2.03 -34.80
N ILE B 16 -0.35 0.98 -35.56
CA ILE B 16 -1.20 -0.07 -35.02
C ILE B 16 -0.55 -0.70 -33.80
N ILE B 17 0.74 -1.03 -33.90
CA ILE B 17 1.42 -1.69 -32.80
C ILE B 17 1.46 -0.79 -31.58
N GLU B 18 1.83 0.48 -31.76
CA GLU B 18 1.91 1.39 -30.61
C GLU B 18 0.54 1.58 -29.96
N THR B 19 -0.49 1.85 -30.73
CA THR B 19 -1.81 2.11 -30.18
C THR B 19 -2.41 0.92 -29.53
N ILE B 20 -2.30 -0.26 -30.09
CA ILE B 20 -2.81 -1.45 -29.43
C ILE B 20 -2.06 -1.74 -28.15
N SER B 21 -0.75 -1.54 -28.10
CA SER B 21 0.00 -1.90 -26.94
C SER B 21 -0.12 -0.92 -25.86
N ALA B 22 -0.59 0.29 -26.12
CA ALA B 22 -0.86 1.24 -25.07
C ALA B 22 -2.17 1.19 -24.37
N ILE B 23 -3.25 1.16 -25.12
CA ILE B 23 -4.56 1.22 -24.54
C ILE B 23 -5.13 -0.10 -24.16
N THR B 24 -4.30 -1.11 -24.02
CA THR B 24 -4.76 -2.43 -23.64
C THR B 24 -3.97 -2.91 -22.44
N PRO B 25 -4.33 -2.50 -21.23
CA PRO B 25 -3.64 -2.98 -20.06
C PRO B 25 -4.01 -4.34 -19.59
N MET B 26 -5.24 -4.78 -19.78
CA MET B 26 -5.72 -6.06 -19.26
C MET B 26 -5.25 -7.22 -20.12
N ALA B 27 -5.25 -7.05 -21.45
CA ALA B 27 -4.80 -8.13 -22.31
C ALA B 27 -3.31 -8.42 -22.14
N GLN B 28 -2.55 -7.44 -21.66
CA GLN B 28 -1.13 -7.65 -21.42
C GLN B 28 -0.86 -8.46 -20.15
N LYS B 29 -1.76 -8.42 -19.18
CA LYS B 29 -1.59 -9.18 -17.94
C LYS B 29 -1.91 -10.65 -18.11
N ALA B 30 -2.72 -11.01 -19.10
CA ALA B 30 -3.08 -12.40 -19.30
C ALA B 30 -2.02 -13.15 -20.11
N LYS B 31 -1.85 -14.43 -19.80
CA LYS B 31 -0.80 -15.22 -20.41
C LYS B 31 -1.02 -15.34 -21.92
N LYS B 32 0.07 -15.28 -22.67
CA LYS B 32 0.01 -15.39 -24.12
C LYS B 32 0.33 -16.82 -24.54
N TYR B 33 -0.52 -17.39 -25.37
CA TYR B 33 -0.35 -18.76 -25.85
C TYR B 33 -0.28 -18.76 -27.36
N THR B 34 0.65 -19.55 -27.90
CA THR B 34 0.76 -19.74 -29.33
C THR B 34 0.64 -21.23 -29.64
N PRO B 35 -0.34 -21.66 -30.42
CA PRO B 35 -0.50 -23.09 -30.67
C PRO B 35 0.32 -23.52 -31.87
N PRO B 36 0.93 -24.71 -31.81
CA PRO B 36 1.74 -25.19 -32.94
C PRO B 36 0.92 -25.54 -34.17
N ALA B 37 -0.42 -25.52 -34.08
CA ALA B 37 -1.24 -26.02 -35.17
C ALA B 37 -1.05 -25.19 -36.44
N ALA B 38 -1.21 -23.86 -36.33
CA ALA B 38 -1.10 -22.96 -37.47
C ALA B 38 -2.06 -23.36 -38.60
N SER B 39 -3.35 -23.34 -38.28
CA SER B 39 -4.39 -23.64 -39.25
C SER B 39 -4.60 -22.46 -40.19
N MET B 40 -5.31 -22.71 -41.29
CA MET B 40 -5.47 -21.74 -42.36
C MET B 40 -6.95 -21.57 -42.69
N GLN B 41 -7.57 -20.54 -42.11
CA GLN B 41 -8.91 -20.09 -42.49
C GLN B 41 -9.96 -21.19 -42.38
N ARG B 42 -9.85 -22.01 -41.34
CA ARG B 42 -10.87 -23.01 -41.00
C ARG B 42 -11.46 -22.70 -39.62
N SER B 43 -11.59 -21.42 -39.30
CA SER B 43 -11.85 -20.98 -37.92
C SER B 43 -10.80 -21.58 -36.99
N SER B 44 -9.57 -21.68 -37.49
CA SER B 44 -8.53 -22.49 -36.87
C SER B 44 -9.11 -23.86 -36.54
N ASN B 45 -9.00 -24.27 -35.29
CA ASN B 45 -9.63 -25.49 -34.81
C ASN B 45 -10.14 -25.23 -33.41
N THR B 46 -10.79 -26.25 -32.85
CA THR B 46 -11.06 -26.22 -31.42
C THR B 46 -9.79 -26.64 -30.69
N ILE B 47 -8.87 -25.70 -30.50
CA ILE B 47 -7.56 -26.01 -29.95
C ILE B 47 -7.72 -26.53 -28.53
N TRP B 48 -7.36 -27.80 -28.32
CA TRP B 48 -7.45 -28.42 -27.01
C TRP B 48 -6.13 -28.21 -26.29
N MET B 49 -6.16 -27.43 -25.22
CA MET B 49 -5.11 -26.87 -24.39
C MET B 49 -4.94 -27.70 -23.13
N PRO B 50 -3.74 -28.16 -22.79
CA PRO B 50 -3.59 -28.98 -21.59
C PRO B 50 -3.75 -28.15 -20.32
N VAL B 51 -4.13 -28.83 -19.24
CA VAL B 51 -4.27 -28.21 -17.94
C VAL B 51 -3.37 -28.96 -16.97
N GLU B 52 -2.95 -28.27 -15.91
CA GLU B 52 -1.96 -28.82 -14.98
C GLU B 52 -2.46 -30.12 -14.38
N GLN B 53 -1.55 -31.10 -14.27
CA GLN B 53 -1.90 -32.42 -13.76
C GLN B 53 -1.90 -32.42 -12.24
N GLU B 54 -2.84 -33.18 -11.66
CA GLU B 54 -2.88 -33.44 -10.24
C GLU B 54 -2.92 -34.94 -10.02
N SER B 55 -2.03 -35.43 -9.15
CA SER B 55 -1.84 -36.86 -8.97
C SER B 55 -1.81 -37.19 -7.50
N PRO B 56 -2.10 -38.44 -7.14
CA PRO B 56 -2.01 -38.86 -5.73
C PRO B 56 -0.57 -38.90 -5.25
N THR B 57 -0.40 -39.42 -4.03
CA THR B 57 0.88 -39.31 -3.33
C THR B 57 2.01 -40.03 -4.06
N GLN B 58 1.81 -41.31 -4.40
CA GLN B 58 2.82 -42.15 -5.03
C GLN B 58 4.08 -42.22 -4.17
N GLU B 59 3.93 -42.85 -3.01
CA GLU B 59 5.03 -43.09 -2.09
C GLU B 59 5.48 -44.54 -2.16
N GLY B 60 6.78 -44.73 -2.01
CA GLY B 60 7.39 -46.05 -1.96
C GLY B 60 8.50 -46.21 -2.98
N TRP B 61 9.40 -47.15 -2.68
CA TRP B 61 10.48 -47.45 -3.59
C TRP B 61 9.99 -48.09 -4.87
N ASP B 62 9.05 -49.02 -4.78
CA ASP B 62 8.58 -49.81 -5.93
C ASP B 62 7.30 -49.20 -6.46
N LEU B 63 7.33 -48.74 -7.71
CA LEU B 63 6.17 -48.17 -8.39
C LEU B 63 6.05 -48.90 -9.73
N THR B 64 5.21 -49.94 -9.76
CA THR B 64 5.13 -50.78 -10.95
C THR B 64 4.29 -50.14 -12.04
N ASP B 65 3.01 -49.90 -11.76
CA ASP B 65 2.08 -49.36 -12.74
C ASP B 65 1.37 -48.13 -12.20
N LYS B 66 2.13 -47.21 -11.60
CA LYS B 66 1.55 -45.99 -11.06
C LYS B 66 1.50 -44.84 -12.05
N ALA B 67 2.07 -45.02 -13.25
CA ALA B 67 2.09 -43.96 -14.25
C ALA B 67 0.99 -44.10 -15.30
N THR B 68 0.09 -45.08 -15.15
CA THR B 68 -0.88 -45.34 -16.21
C THR B 68 -2.22 -44.67 -15.93
N GLY B 69 -2.52 -44.36 -14.67
CA GLY B 69 -3.84 -43.90 -14.32
C GLY B 69 -4.07 -42.41 -14.43
N LEU B 70 -3.15 -41.70 -15.08
CA LEU B 70 -3.23 -40.25 -15.19
C LEU B 70 -4.44 -39.84 -16.02
N LEU B 71 -5.00 -38.68 -15.71
CA LEU B 71 -6.20 -38.21 -16.40
C LEU B 71 -5.88 -37.37 -17.63
N GLU B 72 -5.00 -36.38 -17.50
CA GLU B 72 -4.63 -35.49 -18.61
C GLU B 72 -5.84 -34.73 -19.14
N LEU B 73 -6.44 -33.91 -18.29
CA LEU B 73 -7.57 -33.11 -18.72
C LEU B 73 -7.12 -31.99 -19.66
N ASN B 74 -8.08 -31.48 -20.44
CA ASN B 74 -7.81 -30.44 -21.41
C ASN B 74 -8.93 -29.42 -21.41
N VAL B 75 -8.63 -28.23 -21.94
CA VAL B 75 -9.61 -27.18 -22.16
C VAL B 75 -9.48 -26.71 -23.61
N ALA B 76 -10.57 -26.16 -24.13
CA ALA B 76 -10.67 -25.83 -25.55
C ALA B 76 -10.85 -24.34 -25.76
N VAL B 77 -10.27 -23.82 -26.84
CA VAL B 77 -10.44 -22.43 -27.25
C VAL B 77 -10.78 -22.41 -28.72
N ASN B 78 -11.76 -21.59 -29.09
CA ASN B 78 -12.17 -21.43 -30.48
C ASN B 78 -11.75 -20.03 -30.93
N MET B 79 -10.84 -19.97 -31.90
CA MET B 79 -10.37 -18.67 -32.37
C MET B 79 -11.46 -17.90 -33.10
N GLY B 80 -12.33 -18.61 -33.82
CA GLY B 80 -13.38 -17.93 -34.55
C GLY B 80 -12.83 -17.15 -35.73
N GLU B 81 -13.50 -16.06 -36.07
CA GLU B 81 -13.13 -15.27 -37.22
C GLU B 81 -12.44 -13.98 -36.79
N PRO B 82 -11.52 -13.46 -37.61
CA PRO B 82 -10.72 -12.32 -37.18
C PRO B 82 -11.56 -11.05 -37.05
N ASP B 83 -11.10 -10.16 -36.18
CA ASP B 83 -11.71 -8.85 -36.01
C ASP B 83 -11.10 -7.89 -37.00
N ASN B 84 -11.93 -7.27 -37.83
CA ASN B 84 -11.47 -6.45 -38.94
C ASN B 84 -11.81 -4.99 -38.68
N ASP B 85 -11.16 -4.12 -39.46
CA ASP B 85 -11.54 -2.72 -39.60
C ASP B 85 -11.30 -2.33 -41.04
N PHE B 86 -12.35 -2.43 -41.86
CA PHE B 86 -12.27 -2.30 -43.31
C PHE B 86 -12.83 -0.94 -43.70
N PHE B 87 -11.96 -0.05 -44.15
CA PHE B 87 -12.35 1.33 -44.44
C PHE B 87 -11.63 1.77 -45.72
N GLN B 88 -11.82 3.04 -46.06
CA GLN B 88 -11.19 3.65 -47.23
C GLN B 88 -10.17 4.69 -46.81
N LEU B 89 -9.06 4.75 -47.53
CA LEU B 89 -8.05 5.78 -47.34
C LEU B 89 -8.20 6.81 -48.45
N ARG B 90 -8.45 8.06 -48.07
CA ARG B 90 -8.65 9.12 -49.03
C ARG B 90 -7.42 10.02 -49.08
N ALA B 91 -7.42 10.95 -50.05
CA ALA B 91 -6.27 11.82 -50.22
C ALA B 91 -6.07 12.73 -49.02
N ASP B 92 -7.13 12.99 -48.27
CA ASP B 92 -7.02 13.80 -47.05
C ASP B 92 -6.10 13.10 -46.05
N ASP B 93 -6.28 11.79 -45.89
CA ASP B 93 -5.50 11.06 -44.89
C ASP B 93 -4.05 10.89 -45.31
N LEU B 94 -3.80 10.75 -46.62
CA LEU B 94 -2.48 10.38 -47.11
C LEU B 94 -1.63 11.59 -47.50
N ARG B 95 -2.08 12.82 -47.25
CA ARG B 95 -1.29 13.96 -47.66
C ARG B 95 -0.04 14.12 -46.81
N ASP B 96 -0.10 13.71 -45.55
CA ASP B 96 0.96 13.95 -44.59
C ASP B 96 1.08 12.76 -43.67
N GLU B 97 2.26 12.60 -43.06
CA GLU B 97 2.47 11.48 -42.14
C GLU B 97 1.54 11.57 -40.94
N THR B 98 1.37 12.78 -40.39
CA THR B 98 0.55 12.93 -39.20
C THR B 98 -0.90 12.55 -39.43
N ALA B 99 -1.49 12.97 -40.55
CA ALA B 99 -2.89 12.62 -40.82
C ALA B 99 -3.07 11.12 -41.00
N TYR B 100 -2.15 10.48 -41.74
CA TYR B 100 -2.23 9.04 -41.91
C TYR B 100 -2.08 8.30 -40.59
N ARG B 101 -1.14 8.75 -39.75
CA ARG B 101 -0.97 8.13 -38.44
C ARG B 101 -2.22 8.33 -37.60
N ARG B 102 -2.88 9.49 -37.72
CA ARG B 102 -4.10 9.73 -36.98
C ARG B 102 -5.21 8.76 -37.42
N ARG B 103 -5.36 8.55 -38.73
CA ARG B 103 -6.38 7.63 -39.20
C ARG B 103 -6.09 6.19 -38.75
N ILE B 104 -4.84 5.76 -38.89
CA ILE B 104 -4.47 4.41 -38.49
C ILE B 104 -4.63 4.24 -36.99
N GLN B 105 -4.34 5.28 -36.21
CA GLN B 105 -4.57 5.22 -34.78
C GLN B 105 -6.05 5.13 -34.45
N SER B 106 -6.89 5.83 -35.20
CA SER B 106 -8.32 5.72 -34.98
C SER B 106 -8.82 4.30 -35.23
N ALA B 107 -8.26 3.63 -36.25
CA ALA B 107 -8.64 2.24 -36.50
C ALA B 107 -8.11 1.30 -35.40
N ALA B 108 -6.82 1.44 -35.06
CA ALA B 108 -6.21 0.55 -34.08
C ALA B 108 -6.81 0.73 -32.70
N ARG B 109 -7.26 1.94 -32.37
CA ARG B 109 -7.89 2.16 -31.07
C ARG B 109 -9.20 1.39 -30.97
N LYS B 110 -9.98 1.36 -32.06
CA LYS B 110 -11.20 0.57 -32.07
C LYS B 110 -10.90 -0.92 -31.91
N LEU B 111 -9.88 -1.41 -32.62
CA LEU B 111 -9.52 -2.81 -32.48
C LEU B 111 -9.07 -3.14 -31.06
N ALA B 112 -8.25 -2.26 -30.45
CA ALA B 112 -7.78 -2.50 -29.10
C ALA B 112 -8.92 -2.44 -28.09
N ASN B 113 -9.88 -1.53 -28.30
CA ASN B 113 -11.04 -1.50 -27.42
C ASN B 113 -11.84 -2.78 -27.53
N ASN B 114 -11.97 -3.34 -28.74
CA ASN B 114 -12.65 -4.62 -28.87
C ASN B 114 -11.92 -5.71 -28.07
N VAL B 115 -10.59 -5.75 -28.16
CA VAL B 115 -9.83 -6.72 -27.36
C VAL B 115 -10.11 -6.52 -25.88
N GLU B 116 -10.10 -5.26 -25.43
CA GLU B 116 -10.26 -4.96 -24.01
C GLU B 116 -11.63 -5.35 -23.49
N LEU B 117 -12.69 -5.01 -24.23
CA LEU B 117 -14.02 -5.45 -23.82
C LEU B 117 -14.14 -6.96 -23.84
N LYS B 118 -13.53 -7.63 -24.82
CA LYS B 118 -13.58 -9.10 -24.80
C LYS B 118 -13.01 -9.64 -23.51
N VAL B 119 -11.80 -9.21 -23.15
CA VAL B 119 -11.15 -9.74 -21.95
C VAL B 119 -11.95 -9.38 -20.70
N ALA B 120 -12.38 -8.11 -20.60
CA ALA B 120 -13.05 -7.66 -19.40
C ALA B 120 -14.39 -8.38 -19.21
N ASN B 121 -15.18 -8.48 -20.28
CA ASN B 121 -16.45 -9.17 -20.18
C ASN B 121 -16.27 -10.63 -19.82
N MET B 122 -15.28 -11.31 -20.41
CA MET B 122 -15.09 -12.72 -20.05
C MET B 122 -14.69 -12.85 -18.60
N ALA B 123 -13.76 -12.01 -18.13
CA ALA B 123 -13.32 -12.11 -16.74
C ALA B 123 -14.46 -11.83 -15.77
N ALA B 124 -15.32 -10.88 -16.10
CA ALA B 124 -16.42 -10.54 -15.20
C ALA B 124 -17.56 -11.56 -15.25
N GLU B 125 -17.81 -12.18 -16.40
CA GLU B 125 -18.95 -13.07 -16.52
C GLU B 125 -18.64 -14.53 -16.22
N MET B 126 -17.38 -14.97 -16.31
CA MET B 126 -17.05 -16.34 -15.95
C MET B 126 -15.87 -16.37 -14.99
N GLY B 127 -15.82 -15.42 -14.08
CA GLY B 127 -14.94 -15.48 -12.93
C GLY B 127 -15.67 -16.14 -11.78
N SER B 128 -14.99 -17.09 -11.14
CA SER B 128 -15.61 -17.92 -10.10
C SER B 128 -15.34 -17.42 -8.69
N LEU B 129 -14.15 -16.91 -8.42
CA LEU B 129 -13.78 -16.54 -7.04
C LEU B 129 -14.46 -15.21 -6.70
N VAL B 130 -15.76 -15.29 -6.47
CA VAL B 130 -16.55 -14.11 -6.17
C VAL B 130 -16.30 -13.67 -4.74
N ILE B 131 -15.98 -12.40 -4.55
CA ILE B 131 -15.78 -11.80 -3.24
C ILE B 131 -16.74 -10.62 -3.10
N THR B 132 -17.66 -10.71 -2.15
CA THR B 132 -18.70 -9.71 -1.98
C THR B 132 -18.68 -9.17 -0.56
N SER B 133 -18.89 -7.86 -0.42
CA SER B 133 -18.99 -7.24 0.88
C SER B 133 -20.12 -6.22 0.88
N PRO B 134 -20.90 -6.15 1.96
CA PRO B 134 -21.97 -5.14 2.03
C PRO B 134 -21.46 -3.71 2.01
N ASP B 135 -20.20 -3.48 2.31
CA ASP B 135 -19.63 -2.14 2.38
C ASP B 135 -18.91 -1.81 1.08
N ALA B 136 -18.87 -0.51 0.77
CA ALA B 136 -18.18 -0.06 -0.41
C ALA B 136 -16.67 -0.08 -0.20
N ILE B 137 -15.94 -0.11 -1.32
CA ILE B 137 -14.48 -0.14 -1.25
C ILE B 137 -13.96 1.19 -0.74
N GLY B 138 -13.03 1.13 0.20
CA GLY B 138 -12.44 2.34 0.73
C GLY B 138 -11.20 2.06 1.53
N THR B 139 -10.75 3.07 2.26
CA THR B 139 -9.54 2.97 3.05
C THR B 139 -9.80 2.74 4.53
N ASN B 140 -10.91 3.24 5.06
CA ASN B 140 -11.23 3.09 6.47
C ASN B 140 -11.44 1.62 6.80
N THR B 141 -10.84 1.15 7.90
CA THR B 141 -10.97 -0.25 8.27
C THR B 141 -12.36 -0.57 8.80
N ALA B 142 -13.04 0.43 9.36
CA ALA B 142 -14.30 0.16 10.05
C ALA B 142 -15.45 -0.05 9.06
N ASP B 143 -15.75 0.96 8.26
CA ASP B 143 -16.95 0.95 7.43
C ASP B 143 -16.68 0.65 5.96
N ALA B 144 -15.43 0.45 5.55
CA ALA B 144 -15.10 0.19 4.17
C ALA B 144 -14.59 -1.25 4.02
N TRP B 145 -14.21 -1.59 2.79
CA TRP B 145 -13.86 -2.95 2.42
C TRP B 145 -12.51 -2.95 1.72
N ASN B 146 -11.64 -3.87 2.11
CA ASN B 146 -10.32 -4.01 1.50
C ASN B 146 -10.41 -5.09 0.44
N PHE B 147 -10.64 -4.67 -0.80
CA PHE B 147 -10.81 -5.64 -1.88
C PHE B 147 -9.53 -6.39 -2.16
N VAL B 148 -8.39 -5.68 -2.19
CA VAL B 148 -7.13 -6.31 -2.55
C VAL B 148 -6.74 -7.37 -1.52
N ALA B 149 -6.88 -7.05 -0.24
CA ALA B 149 -6.52 -8.00 0.80
C ALA B 149 -7.40 -9.24 0.74
N ASP B 150 -8.72 -9.06 0.57
CA ASP B 150 -9.63 -10.20 0.48
C ASP B 150 -9.31 -11.06 -0.74
N ALA B 151 -9.04 -10.43 -1.88
CA ALA B 151 -8.73 -11.19 -3.09
C ALA B 151 -7.42 -11.96 -2.93
N GLU B 152 -6.41 -11.32 -2.37
CA GLU B 152 -5.14 -12.00 -2.17
C GLU B 152 -5.30 -13.17 -1.20
N GLU B 153 -6.09 -12.99 -0.15
CA GLU B 153 -6.30 -14.07 0.79
C GLU B 153 -7.07 -15.22 0.17
N ILE B 154 -8.08 -14.93 -0.65
CA ILE B 154 -8.86 -16.01 -1.25
C ILE B 154 -8.02 -16.76 -2.29
N MET B 155 -7.13 -16.06 -2.99
CA MET B 155 -6.20 -16.77 -3.87
C MET B 155 -5.21 -17.61 -3.07
N PHE B 156 -4.70 -17.09 -1.96
CA PHE B 156 -3.68 -17.82 -1.22
C PHE B 156 -4.27 -19.06 -0.54
N SER B 157 -5.43 -18.91 0.11
CA SER B 157 -6.04 -20.04 0.78
C SER B 157 -6.40 -21.14 -0.21
N ARG B 158 -6.90 -20.75 -1.39
CA ARG B 158 -7.26 -21.72 -2.41
C ARG B 158 -6.05 -22.39 -3.03
N GLU B 159 -4.86 -21.80 -2.87
CA GLU B 159 -3.63 -22.32 -3.46
C GLU B 159 -3.75 -22.44 -4.97
N LEU B 160 -4.44 -21.48 -5.57
CA LEU B 160 -4.61 -21.42 -7.01
C LEU B 160 -3.57 -20.54 -7.70
N ASN B 161 -2.70 -19.89 -6.94
CA ASN B 161 -1.72 -18.98 -7.52
C ASN B 161 -0.46 -19.75 -7.84
N ARG B 162 -0.41 -20.32 -9.04
CA ARG B 162 0.87 -20.78 -9.57
C ARG B 162 1.81 -19.57 -9.56
N ASP B 163 2.87 -19.67 -8.75
CA ASP B 163 3.47 -18.49 -8.15
C ASP B 163 4.13 -17.62 -9.22
N MET B 164 3.40 -16.60 -9.67
CA MET B 164 4.02 -15.50 -10.38
C MET B 164 3.46 -14.17 -9.85
N GLY B 165 2.33 -14.18 -9.18
CA GLY B 165 1.63 -12.98 -8.75
C GLY B 165 0.29 -12.82 -9.44
N THR B 166 -0.64 -12.22 -8.71
CA THR B 166 -2.00 -12.01 -9.19
C THR B 166 -2.18 -10.59 -9.67
N SER B 167 -3.03 -10.42 -10.68
CA SER B 167 -3.30 -9.12 -11.27
C SER B 167 -4.64 -8.61 -10.78
N TYR B 168 -4.64 -7.41 -10.21
CA TYR B 168 -5.83 -6.79 -9.67
C TYR B 168 -6.27 -5.64 -10.57
N PHE B 169 -7.54 -5.64 -10.95
CA PHE B 169 -8.09 -4.61 -11.83
C PHE B 169 -9.26 -3.93 -11.15
N PHE B 170 -9.15 -2.62 -10.99
CA PHE B 170 -10.18 -1.79 -10.40
C PHE B 170 -10.87 -0.99 -11.48
N ASN B 171 -12.18 -0.81 -11.35
CA ASN B 171 -12.80 0.23 -12.14
C ASN B 171 -12.35 1.58 -11.58
N PRO B 172 -12.29 2.62 -12.42
CA PRO B 172 -11.69 3.88 -11.96
C PRO B 172 -12.34 4.47 -10.72
N GLN B 173 -13.65 4.29 -10.54
CA GLN B 173 -14.31 4.78 -9.33
C GLN B 173 -13.75 4.11 -8.09
N ASP B 174 -13.70 2.77 -8.08
CA ASP B 174 -13.19 2.06 -6.91
C ASP B 174 -11.69 2.27 -6.76
N TYR B 175 -10.98 2.46 -7.87
CA TYR B 175 -9.56 2.77 -7.79
C TYR B 175 -9.33 4.09 -7.07
N LYS B 176 -10.15 5.10 -7.37
CA LYS B 176 -10.06 6.36 -6.65
C LYS B 176 -10.49 6.21 -5.20
N LYS B 177 -11.52 5.39 -4.94
CA LYS B 177 -11.97 5.18 -3.57
C LYS B 177 -10.86 4.57 -2.72
N ALA B 178 -10.17 3.58 -3.25
CA ALA B 178 -9.01 3.04 -2.55
C ALA B 178 -7.86 4.04 -2.61
N GLY B 179 -6.97 3.94 -1.63
CA GLY B 179 -5.91 4.92 -1.50
C GLY B 179 -4.74 4.69 -2.42
N TYR B 180 -4.91 4.99 -3.71
CA TYR B 180 -3.85 4.81 -4.70
C TYR B 180 -3.46 6.16 -5.28
N ASP B 181 -2.14 6.40 -5.31
CA ASP B 181 -1.62 7.72 -5.65
C ASP B 181 -1.97 8.09 -7.08
N LEU B 182 -1.54 7.28 -8.05
CA LEU B 182 -1.81 7.40 -9.47
C LEU B 182 -1.06 8.56 -10.11
N THR B 183 -0.38 9.39 -9.32
CA THR B 183 0.40 10.49 -9.90
C THR B 183 1.76 10.03 -10.39
N LYS B 184 2.46 9.20 -9.62
CA LYS B 184 3.75 8.68 -10.02
C LYS B 184 3.64 7.52 -10.98
N ARG B 185 2.45 6.94 -11.14
CA ARG B 185 2.22 5.82 -12.03
C ARG B 185 1.82 6.36 -13.42
N ASP B 186 1.56 5.43 -14.34
CA ASP B 186 1.14 5.81 -15.68
C ASP B 186 -0.36 6.04 -15.68
N ILE B 187 -0.96 6.08 -16.88
CA ILE B 187 -2.39 6.37 -17.01
C ILE B 187 -3.21 5.31 -16.30
N PHE B 188 -2.86 4.04 -16.50
CA PHE B 188 -3.64 2.93 -15.95
C PHE B 188 -3.23 2.56 -14.54
N GLY B 189 -2.18 3.16 -14.00
CA GLY B 189 -1.70 2.83 -12.67
C GLY B 189 -0.50 1.91 -12.63
N ARG B 190 0.09 1.59 -13.76
CA ARG B 190 1.28 0.74 -13.77
C ARG B 190 2.54 1.56 -13.51
N ILE B 191 3.62 0.84 -13.24
CA ILE B 191 4.93 1.46 -13.03
C ILE B 191 5.71 1.31 -14.34
N PRO B 192 6.08 2.41 -15.00
CA PRO B 192 6.78 2.38 -16.29
C PRO B 192 8.12 1.67 -16.23
N GLY B 207 -2.08 -7.65 -1.71
CA GLY B 207 -1.22 -6.48 -1.82
C GLY B 207 0.01 -6.74 -2.67
N PHE B 208 0.10 -6.03 -3.78
CA PHE B 208 1.22 -6.19 -4.71
C PHE B 208 1.27 -4.93 -5.58
N ASP B 209 2.18 -4.92 -6.55
CA ASP B 209 2.31 -3.80 -7.47
C ASP B 209 1.58 -4.03 -8.78
N ASP B 210 0.76 -5.07 -8.87
CA ASP B 210 -0.01 -5.35 -10.07
C ASP B 210 -1.39 -4.69 -10.06
N VAL B 211 -1.68 -3.87 -9.05
CA VAL B 211 -2.98 -3.19 -8.99
C VAL B 211 -3.01 -2.07 -10.01
N LEU B 212 -4.04 -2.06 -10.84
CA LEU B 212 -4.19 -1.02 -11.86
C LEU B 212 -5.66 -0.92 -12.24
N ARG B 213 -6.02 0.18 -12.90
CA ARG B 213 -7.40 0.50 -13.20
C ARG B 213 -7.69 0.33 -14.68
N SER B 214 -8.90 -0.12 -15.00
CA SER B 214 -9.31 -0.34 -16.38
C SER B 214 -10.70 0.22 -16.59
N PRO B 215 -10.88 1.17 -17.51
CA PRO B 215 -12.22 1.72 -17.76
C PRO B 215 -13.20 0.69 -18.29
N LYS B 216 -12.73 -0.29 -19.05
CA LYS B 216 -13.61 -1.24 -19.73
C LYS B 216 -14.19 -2.29 -18.81
N LEU B 217 -14.08 -2.19 -17.50
CA LEU B 217 -14.70 -3.16 -16.62
C LEU B 217 -16.21 -3.01 -16.64
N PRO B 218 -16.97 -4.06 -16.92
CA PRO B 218 -18.41 -3.91 -17.08
C PRO B 218 -19.10 -3.80 -15.73
N VAL B 219 -20.42 -3.75 -15.77
CA VAL B 219 -21.27 -3.77 -14.59
C VAL B 219 -22.08 -5.05 -14.59
N LEU B 220 -22.05 -5.78 -13.49
CA LEU B 220 -22.78 -7.04 -13.37
C LEU B 220 -24.14 -6.76 -12.74
N THR B 221 -25.19 -6.86 -13.56
CA THR B 221 -26.51 -6.47 -13.09
C THR B 221 -27.04 -7.48 -12.08
N LYS B 222 -28.13 -7.11 -11.42
CA LYS B 222 -28.72 -7.92 -10.38
C LYS B 222 -29.20 -9.26 -10.93
N SER B 223 -29.55 -10.15 -10.01
CA SER B 223 -30.18 -11.43 -10.35
C SER B 223 -31.49 -11.52 -9.60
N THR B 224 -32.58 -11.72 -10.33
CA THR B 224 -33.91 -11.77 -9.73
C THR B 224 -34.28 -13.15 -9.23
N ALA B 225 -33.41 -14.14 -9.39
CA ALA B 225 -33.71 -15.48 -8.90
C ALA B 225 -33.82 -15.47 -7.39
N THR B 226 -34.86 -16.12 -6.87
CA THR B 226 -35.08 -16.20 -5.44
C THR B 226 -35.75 -17.52 -5.10
N GLY B 227 -35.30 -18.13 -4.01
CA GLY B 227 -35.92 -19.36 -3.53
C GLY B 227 -35.83 -20.52 -4.49
N ILE B 228 -34.70 -20.67 -5.17
CA ILE B 228 -34.47 -21.79 -6.08
C ILE B 228 -33.48 -22.74 -5.44
N THR B 229 -33.70 -24.03 -5.62
CA THR B 229 -32.90 -25.07 -4.99
C THR B 229 -32.48 -26.10 -6.02
N VAL B 230 -31.53 -26.94 -5.63
CA VAL B 230 -31.08 -28.02 -6.49
C VAL B 230 -32.21 -29.02 -6.65
N SER B 231 -32.39 -29.53 -7.88
CA SER B 231 -33.51 -30.44 -8.13
C SER B 231 -33.23 -31.82 -7.57
N GLY B 232 -32.02 -32.33 -7.74
CA GLY B 232 -31.70 -33.67 -7.28
C GLY B 232 -30.31 -33.75 -6.69
N ALA B 233 -29.78 -34.96 -6.53
CA ALA B 233 -28.44 -35.16 -5.98
C ALA B 233 -27.50 -35.44 -7.14
N GLN B 234 -26.81 -34.38 -7.59
CA GLN B 234 -25.84 -34.51 -8.68
C GLN B 234 -24.43 -34.56 -8.12
N SER B 235 -23.62 -35.45 -8.69
CA SER B 235 -22.19 -35.50 -8.41
C SER B 235 -21.44 -35.41 -9.73
N PHE B 236 -20.46 -34.51 -9.78
CA PHE B 236 -19.69 -34.26 -10.98
C PHE B 236 -18.27 -34.78 -10.78
N LYS B 237 -17.76 -35.49 -11.78
CA LYS B 237 -16.43 -36.05 -11.73
C LYS B 237 -15.67 -35.69 -13.00
N PRO B 238 -14.36 -35.50 -12.90
CA PRO B 238 -13.58 -35.15 -14.09
C PRO B 238 -13.53 -36.31 -15.07
N VAL B 239 -13.75 -36.00 -16.34
CA VAL B 239 -13.72 -37.00 -17.41
C VAL B 239 -12.64 -36.58 -18.39
N ALA B 240 -11.75 -37.50 -18.72
CA ALA B 240 -10.65 -37.19 -19.64
C ALA B 240 -11.13 -37.07 -21.07
N TRP B 241 -12.04 -37.94 -21.50
CA TRP B 241 -12.49 -37.97 -22.88
C TRP B 241 -13.87 -38.61 -22.96
N GLN B 242 -14.51 -38.45 -24.11
CA GLN B 242 -15.81 -39.06 -24.35
C GLN B 242 -15.92 -39.40 -25.82
N LEU B 243 -16.81 -40.34 -26.13
CA LEU B 243 -17.08 -40.71 -27.51
C LEU B 243 -18.05 -39.73 -28.13
N ASP B 244 -17.66 -39.18 -29.29
CA ASP B 244 -18.54 -38.28 -30.01
C ASP B 244 -19.44 -39.09 -30.93
N ASN B 245 -20.25 -38.40 -31.73
CA ASN B 245 -21.22 -39.06 -32.58
C ASN B 245 -20.57 -39.90 -33.67
N ASP B 246 -19.31 -39.65 -33.98
CA ASP B 246 -18.57 -40.44 -34.96
C ASP B 246 -17.94 -41.69 -34.37
N GLY B 247 -17.97 -41.86 -33.05
CA GLY B 247 -17.33 -42.99 -32.42
C GLY B 247 -15.87 -42.79 -32.09
N ASN B 248 -15.28 -41.65 -32.49
CA ASN B 248 -13.91 -41.34 -32.11
C ASN B 248 -13.88 -40.86 -30.66
N LYS B 249 -12.69 -40.49 -30.19
CA LYS B 249 -12.52 -40.00 -28.83
C LYS B 249 -12.24 -38.50 -28.87
N VAL B 250 -13.11 -37.73 -28.25
CA VAL B 250 -12.98 -36.28 -28.18
C VAL B 250 -12.83 -35.90 -26.71
N ASN B 251 -11.97 -34.93 -26.44
CA ASN B 251 -11.76 -34.49 -25.07
C ASN B 251 -13.00 -33.79 -24.54
N VAL B 252 -13.09 -33.73 -23.22
CA VAL B 252 -14.21 -33.11 -22.53
C VAL B 252 -13.71 -31.87 -21.81
N ASP B 253 -14.37 -30.74 -22.05
CA ASP B 253 -14.06 -29.51 -21.32
C ASP B 253 -14.57 -29.65 -19.89
N ASN B 254 -13.66 -29.87 -18.96
CA ASN B 254 -14.03 -30.16 -17.59
C ASN B 254 -14.23 -28.90 -16.75
N ARG B 255 -14.07 -27.71 -17.35
CA ARG B 255 -14.42 -26.50 -16.62
C ARG B 255 -15.89 -26.49 -16.27
N PHE B 256 -16.75 -26.85 -17.23
CA PHE B 256 -18.16 -26.54 -17.16
C PHE B 256 -18.94 -27.77 -16.70
N ALA B 257 -19.88 -27.55 -15.77
CA ALA B 257 -20.72 -28.61 -15.26
C ALA B 257 -22.18 -28.22 -15.38
N THR B 258 -23.00 -29.12 -15.90
CA THR B 258 -24.43 -28.88 -16.06
C THR B 258 -25.16 -29.39 -14.82
N VAL B 259 -25.75 -28.47 -14.06
CA VAL B 259 -26.44 -28.79 -12.83
C VAL B 259 -27.92 -28.50 -12.99
N THR B 260 -28.75 -29.41 -12.49
CA THR B 260 -30.19 -29.30 -12.61
C THR B 260 -30.75 -28.59 -11.37
N LEU B 261 -31.47 -27.50 -11.59
CA LEU B 261 -32.05 -26.71 -10.51
C LEU B 261 -33.57 -26.83 -10.55
N SER B 262 -34.21 -26.32 -9.49
CA SER B 262 -35.67 -26.34 -9.44
C SER B 262 -36.27 -25.47 -10.52
N ALA B 263 -35.74 -24.26 -10.70
CA ALA B 263 -36.25 -23.33 -11.70
C ALA B 263 -35.17 -22.30 -12.00
N THR B 264 -34.82 -22.17 -13.27
CA THR B 264 -33.76 -21.25 -13.69
C THR B 264 -34.39 -19.93 -14.16
N THR B 265 -35.11 -19.30 -13.25
CA THR B 265 -35.83 -18.06 -13.53
C THR B 265 -35.00 -16.89 -13.02
N GLY B 266 -34.78 -15.91 -13.88
CA GLY B 266 -33.97 -14.76 -13.54
C GLY B 266 -32.47 -14.99 -13.63
N MET B 267 -32.05 -16.15 -14.09
CA MET B 267 -30.63 -16.47 -14.20
C MET B 267 -30.10 -16.06 -15.56
N LYS B 268 -28.93 -15.43 -15.57
CA LYS B 268 -28.31 -14.96 -16.80
C LYS B 268 -26.90 -15.51 -16.94
N ARG B 269 -26.13 -14.98 -17.89
CA ARG B 269 -24.78 -15.49 -18.12
C ARG B 269 -23.77 -15.00 -17.10
N GLY B 270 -24.11 -14.05 -16.25
CA GLY B 270 -23.11 -13.49 -15.36
C GLY B 270 -23.35 -13.76 -13.90
N ASP B 271 -24.46 -14.41 -13.56
CA ASP B 271 -24.83 -14.56 -12.16
C ASP B 271 -23.83 -15.45 -11.43
N LYS B 272 -23.57 -15.09 -10.18
CA LYS B 272 -22.69 -15.85 -9.30
C LYS B 272 -23.53 -16.56 -8.27
N ILE B 273 -23.32 -17.86 -8.12
CA ILE B 273 -24.09 -18.68 -7.19
C ILE B 273 -23.12 -19.43 -6.29
N SER B 274 -23.61 -19.80 -5.11
CA SER B 274 -22.80 -20.54 -4.15
C SER B 274 -23.73 -21.40 -3.33
N PHE B 275 -23.77 -22.70 -3.61
CA PHE B 275 -24.67 -23.60 -2.91
C PHE B 275 -24.36 -23.63 -1.42
N ALA B 276 -25.41 -23.57 -0.61
CA ALA B 276 -25.24 -23.55 0.83
C ALA B 276 -24.78 -24.91 1.34
N GLY B 277 -23.95 -24.89 2.38
CA GLY B 277 -23.38 -26.11 2.91
C GLY B 277 -22.18 -26.63 2.15
N VAL B 278 -21.72 -25.90 1.15
CA VAL B 278 -20.61 -26.31 0.29
C VAL B 278 -19.49 -25.30 0.47
N LYS B 279 -18.32 -25.79 0.84
CA LYS B 279 -17.16 -24.95 1.10
C LYS B 279 -16.02 -25.31 0.16
N PHE B 280 -15.11 -24.37 -0.03
CA PHE B 280 -13.98 -24.61 -0.91
C PHE B 280 -13.02 -25.61 -0.28
N LEU B 281 -12.06 -26.06 -1.10
CA LEU B 281 -10.92 -26.82 -0.63
C LEU B 281 -9.66 -26.15 -1.15
N GLY B 282 -8.57 -26.30 -0.40
CA GLY B 282 -7.28 -25.96 -0.95
C GLY B 282 -7.02 -26.83 -2.15
N GLN B 283 -6.75 -26.21 -3.30
CA GLN B 283 -6.60 -26.97 -4.54
C GLN B 283 -5.49 -28.00 -4.42
N MET B 284 -4.46 -27.69 -3.64
CA MET B 284 -3.26 -28.51 -3.57
C MET B 284 -3.17 -29.28 -2.26
N ALA B 285 -3.62 -28.68 -1.15
CA ALA B 285 -3.60 -29.34 0.14
C ALA B 285 -4.86 -30.14 0.43
N LYS B 286 -5.98 -29.81 -0.20
CA LYS B 286 -7.27 -30.50 -0.02
C LYS B 286 -7.77 -30.40 1.42
N ASN B 287 -7.74 -29.20 1.99
CA ASN B 287 -8.32 -28.94 3.30
C ASN B 287 -9.48 -27.97 3.16
N VAL B 288 -10.54 -28.20 3.94
CA VAL B 288 -11.75 -27.39 3.82
C VAL B 288 -11.46 -25.97 4.28
N LEU B 289 -11.87 -24.99 3.48
CA LEU B 289 -11.76 -23.59 3.84
C LEU B 289 -13.06 -23.11 4.46
N ALA B 290 -13.00 -21.92 5.07
CA ALA B 290 -14.19 -21.33 5.64
C ALA B 290 -15.11 -20.74 4.57
N GLN B 291 -14.54 -20.27 3.47
CA GLN B 291 -15.33 -19.58 2.45
C GLN B 291 -16.19 -20.56 1.66
N ASP B 292 -17.45 -20.20 1.46
CA ASP B 292 -18.37 -21.03 0.68
C ASP B 292 -17.93 -21.05 -0.78
N ALA B 293 -18.13 -22.20 -1.41
CA ALA B 293 -17.71 -22.35 -2.80
C ALA B 293 -18.64 -21.57 -3.70
N THR B 294 -18.08 -20.59 -4.41
CA THR B 294 -18.84 -19.71 -5.28
C THR B 294 -18.62 -20.13 -6.73
N PHE B 295 -19.72 -20.28 -7.47
CA PHE B 295 -19.69 -20.65 -8.87
C PHE B 295 -20.36 -19.57 -9.69
N SER B 296 -20.06 -19.55 -10.98
CA SER B 296 -20.65 -18.61 -11.92
C SER B 296 -21.35 -19.36 -13.03
N VAL B 297 -22.62 -19.03 -13.26
CA VAL B 297 -23.41 -19.67 -14.30
C VAL B 297 -23.03 -19.07 -15.65
N VAL B 298 -22.79 -19.92 -16.65
CA VAL B 298 -22.36 -19.47 -17.94
C VAL B 298 -23.42 -19.65 -19.02
N ARG B 299 -24.42 -20.50 -18.79
CA ARG B 299 -25.54 -20.61 -19.73
C ARG B 299 -26.75 -21.15 -18.99
N VAL B 300 -27.91 -20.71 -19.43
CA VAL B 300 -29.19 -21.23 -18.95
C VAL B 300 -29.72 -22.16 -20.04
N VAL B 301 -29.44 -23.46 -19.90
CA VAL B 301 -29.76 -24.41 -20.95
C VAL B 301 -31.27 -24.55 -21.12
N ASP B 302 -31.98 -24.78 -20.01
CA ASP B 302 -33.41 -25.06 -20.03
C ASP B 302 -34.06 -24.27 -18.91
N GLY B 303 -35.31 -24.62 -18.61
CA GLY B 303 -35.96 -24.04 -17.45
C GLY B 303 -35.49 -24.61 -16.12
N THR B 304 -34.74 -25.71 -16.16
CA THR B 304 -34.24 -26.34 -14.94
C THR B 304 -32.76 -26.67 -14.96
N HIS B 305 -32.03 -26.33 -16.03
CA HIS B 305 -30.63 -26.67 -16.15
C HIS B 305 -29.81 -25.40 -16.39
N VAL B 306 -28.65 -25.32 -15.71
CA VAL B 306 -27.68 -24.26 -15.96
C VAL B 306 -26.29 -24.90 -16.02
N GLU B 307 -25.34 -24.13 -16.53
CA GLU B 307 -23.94 -24.52 -16.56
C GLU B 307 -23.15 -23.55 -15.67
N ILE B 308 -22.45 -24.10 -14.69
CA ILE B 308 -21.66 -23.33 -13.74
C ILE B 308 -20.19 -23.54 -14.04
N THR B 309 -19.43 -22.45 -14.09
CA THR B 309 -18.12 -22.48 -14.74
C THR B 309 -17.02 -23.22 -13.99
N PRO B 310 -17.01 -23.33 -12.64
CA PRO B 310 -16.15 -24.34 -12.03
C PRO B 310 -16.91 -25.62 -11.75
N LYS B 311 -16.41 -26.76 -12.22
CA LYS B 311 -17.12 -28.00 -11.99
C LYS B 311 -16.92 -28.44 -10.54
N PRO B 312 -17.99 -28.61 -9.77
CA PRO B 312 -17.85 -29.00 -8.36
C PRO B 312 -17.52 -30.49 -8.24
N VAL B 313 -16.30 -30.80 -7.84
CA VAL B 313 -15.86 -32.16 -7.58
C VAL B 313 -15.73 -32.33 -6.08
N ALA B 314 -16.40 -33.33 -5.53
CA ALA B 314 -16.51 -33.51 -4.09
C ALA B 314 -15.41 -34.41 -3.57
N LEU B 315 -14.77 -33.98 -2.47
CA LEU B 315 -13.82 -34.84 -1.79
C LEU B 315 -14.49 -36.07 -1.22
N ASP B 316 -15.67 -35.90 -0.62
CA ASP B 316 -16.39 -37.00 0.02
C ASP B 316 -17.37 -37.65 -0.97
N ASP B 317 -16.83 -38.00 -2.13
CA ASP B 317 -17.60 -38.66 -3.18
C ASP B 317 -16.93 -40.00 -3.48
N VAL B 318 -17.54 -41.08 -3.03
CA VAL B 318 -16.94 -42.40 -3.16
C VAL B 318 -17.06 -42.93 -4.58
N SER B 319 -17.93 -42.34 -5.41
CA SER B 319 -18.11 -42.84 -6.76
C SER B 319 -16.84 -42.66 -7.59
N LEU B 320 -16.14 -41.55 -7.39
CA LEU B 320 -14.99 -41.18 -8.20
C LEU B 320 -13.69 -41.77 -7.66
N SER B 321 -12.79 -42.09 -8.59
CA SER B 321 -11.53 -42.75 -8.33
C SER B 321 -10.51 -41.79 -7.71
N PRO B 322 -9.45 -42.32 -7.09
CA PRO B 322 -8.43 -41.43 -6.51
C PRO B 322 -7.81 -40.48 -7.52
N GLU B 323 -7.60 -40.93 -8.76
CA GLU B 323 -7.08 -40.03 -9.78
C GLU B 323 -8.07 -38.92 -10.08
N GLN B 324 -9.37 -39.21 -9.99
CA GLN B 324 -10.35 -38.14 -10.10
C GLN B 324 -10.47 -37.34 -8.82
N ARG B 325 -10.23 -37.96 -7.67
CA ARG B 325 -10.27 -37.22 -6.41
C ARG B 325 -9.14 -36.22 -6.31
N ALA B 326 -8.05 -36.42 -7.04
CA ALA B 326 -6.97 -35.45 -7.02
C ALA B 326 -7.40 -34.08 -7.54
N TYR B 327 -8.51 -34.02 -8.28
CA TYR B 327 -9.02 -32.78 -8.84
C TYR B 327 -10.13 -32.15 -8.02
N ALA B 328 -10.36 -32.64 -6.80
CA ALA B 328 -11.48 -32.14 -6.00
C ALA B 328 -11.21 -30.70 -5.56
N ASN B 329 -12.25 -29.87 -5.65
CA ASN B 329 -12.18 -28.49 -5.19
C ASN B 329 -13.35 -28.11 -4.30
N VAL B 330 -14.16 -29.06 -3.87
CA VAL B 330 -15.41 -28.81 -3.16
C VAL B 330 -15.50 -29.71 -1.94
N ASN B 331 -15.97 -29.14 -0.83
CA ASN B 331 -16.09 -29.88 0.42
C ASN B 331 -16.99 -31.10 0.28
N THR B 332 -18.18 -30.90 -0.29
CA THR B 332 -19.13 -31.99 -0.45
C THR B 332 -19.97 -31.76 -1.69
N SER B 333 -20.52 -32.86 -2.22
CA SER B 333 -21.33 -32.79 -3.42
C SER B 333 -22.68 -32.14 -3.10
N LEU B 334 -23.40 -31.77 -4.17
CA LEU B 334 -24.68 -31.11 -4.04
C LEU B 334 -25.73 -32.09 -3.56
N ALA B 335 -26.48 -31.70 -2.52
CA ALA B 335 -27.51 -32.57 -1.96
C ALA B 335 -28.79 -32.46 -2.78
N ASP B 336 -29.86 -33.03 -2.21
CA ASP B 336 -31.13 -33.13 -2.94
C ASP B 336 -31.79 -31.76 -3.10
N ALA B 337 -31.81 -30.97 -2.02
CA ALA B 337 -32.52 -29.69 -2.03
C ALA B 337 -31.71 -28.56 -1.42
N MET B 338 -30.44 -28.42 -1.78
CA MET B 338 -29.62 -27.34 -1.25
C MET B 338 -29.98 -26.01 -1.88
N ALA B 339 -29.70 -24.93 -1.16
CA ALA B 339 -30.09 -23.59 -1.62
C ALA B 339 -29.00 -22.98 -2.49
N VAL B 340 -29.43 -22.32 -3.56
CA VAL B 340 -28.48 -21.78 -4.54
C VAL B 340 -27.73 -20.57 -3.98
N ASN B 341 -28.42 -19.71 -3.24
CA ASN B 341 -27.80 -18.57 -2.57
C ASN B 341 -27.12 -17.62 -3.56
N ILE B 342 -27.94 -16.95 -4.37
CA ILE B 342 -27.44 -15.95 -5.29
C ILE B 342 -26.64 -14.89 -4.55
N LEU B 343 -25.51 -14.48 -5.14
CA LEU B 343 -24.61 -13.52 -4.49
C LEU B 343 -24.71 -12.10 -5.02
N ASN B 344 -24.86 -11.90 -6.33
CA ASN B 344 -24.96 -10.54 -6.88
C ASN B 344 -26.39 -10.08 -6.63
N VAL B 345 -26.59 -9.41 -5.50
CA VAL B 345 -27.92 -8.95 -5.10
C VAL B 345 -28.15 -7.48 -5.39
N LYS B 346 -27.12 -6.73 -5.78
CA LYS B 346 -27.29 -5.34 -6.15
C LYS B 346 -26.38 -5.03 -7.33
N ASP B 347 -26.82 -4.09 -8.17
CA ASP B 347 -26.00 -3.67 -9.29
C ASP B 347 -24.70 -3.05 -8.79
N ALA B 348 -23.59 -3.46 -9.38
CA ALA B 348 -22.29 -2.92 -8.98
C ALA B 348 -21.28 -3.15 -10.09
N ARG B 349 -20.43 -2.16 -10.32
CA ARG B 349 -19.36 -2.33 -11.29
C ARG B 349 -18.31 -3.29 -10.74
N THR B 350 -17.89 -4.24 -11.58
CA THR B 350 -17.07 -5.33 -11.11
C THR B 350 -15.60 -4.96 -11.07
N ASN B 351 -14.89 -5.55 -10.11
CA ASN B 351 -13.43 -5.55 -10.07
C ASN B 351 -12.98 -6.99 -10.28
N VAL B 352 -12.10 -7.20 -11.25
CA VAL B 352 -11.67 -8.55 -11.58
C VAL B 352 -10.22 -8.72 -11.15
N PHE B 353 -9.90 -9.94 -10.75
CA PHE B 353 -8.54 -10.33 -10.39
C PHE B 353 -8.33 -11.78 -10.77
N TRP B 354 -7.12 -12.12 -11.17
CA TRP B 354 -6.87 -13.49 -11.59
C TRP B 354 -5.39 -13.82 -11.40
N ALA B 355 -5.10 -15.12 -11.41
CA ALA B 355 -3.76 -15.63 -11.17
C ALA B 355 -2.94 -15.52 -12.46
N ASP B 356 -1.80 -16.19 -12.50
CA ASP B 356 -0.94 -16.09 -13.67
C ASP B 356 -1.60 -16.66 -14.92
N ASP B 357 -2.12 -17.88 -14.83
CA ASP B 357 -2.58 -18.63 -15.99
C ASP B 357 -4.09 -18.72 -16.09
N ALA B 358 -4.81 -17.70 -15.61
CA ALA B 358 -6.26 -17.76 -15.56
C ALA B 358 -6.94 -17.25 -16.82
N ILE B 359 -6.25 -16.48 -17.66
CA ILE B 359 -6.78 -16.08 -18.96
C ILE B 359 -5.64 -16.16 -19.96
N ARG B 360 -5.91 -16.77 -21.11
CA ARG B 360 -4.90 -16.96 -22.14
C ARG B 360 -5.43 -16.38 -23.45
N ILE B 361 -4.62 -15.59 -24.12
CA ILE B 361 -4.93 -15.09 -25.46
C ILE B 361 -4.15 -15.94 -26.44
N VAL B 362 -4.85 -16.75 -27.23
CA VAL B 362 -4.22 -17.61 -28.23
C VAL B 362 -4.30 -16.90 -29.56
N SER B 363 -3.20 -16.88 -30.29
CA SER B 363 -3.19 -16.25 -31.60
C SER B 363 -2.18 -16.95 -32.50
N GLN B 364 -2.51 -16.99 -33.78
CA GLN B 364 -1.65 -17.53 -34.82
C GLN B 364 -1.46 -16.48 -35.89
N PRO B 365 -0.33 -16.49 -36.59
CA PRO B 365 -0.18 -15.60 -37.73
C PRO B 365 -1.29 -15.85 -38.74
N ILE B 366 -1.88 -14.77 -39.25
CA ILE B 366 -3.00 -14.94 -40.19
C ILE B 366 -2.46 -15.54 -41.48
N PRO B 367 -3.05 -16.64 -41.98
CA PRO B 367 -2.51 -17.28 -43.18
C PRO B 367 -2.60 -16.38 -44.40
N ALA B 368 -1.45 -16.00 -44.94
CA ALA B 368 -1.40 -15.07 -46.05
C ALA B 368 -0.42 -15.59 -47.10
N ASN B 369 -0.77 -15.39 -48.36
CA ASN B 369 0.11 -15.67 -49.49
C ASN B 369 0.53 -14.32 -50.03
N HIS B 370 1.59 -13.76 -49.45
CA HIS B 370 2.04 -12.43 -49.82
C HIS B 370 2.61 -12.42 -51.22
N GLU B 371 2.26 -11.37 -51.98
CA GLU B 371 2.78 -11.15 -53.33
C GLU B 371 2.34 -12.22 -54.31
N LEU B 372 1.52 -13.17 -53.87
CA LEU B 372 1.05 -14.21 -54.77
C LEU B 372 0.03 -13.67 -55.76
N PHE B 373 -0.92 -12.88 -55.25
CA PHE B 373 -1.91 -12.21 -56.10
C PHE B 373 -1.52 -10.74 -56.19
N ALA B 374 -1.24 -10.29 -57.41
CA ALA B 374 -0.96 -8.87 -57.62
C ALA B 374 -2.26 -8.08 -57.56
N GLY B 375 -2.19 -6.91 -56.94
CA GLY B 375 -3.37 -6.07 -56.80
C GLY B 375 -3.57 -5.53 -55.40
N MET B 376 -3.30 -6.33 -54.38
CA MET B 376 -3.35 -5.88 -53.00
C MET B 376 -2.00 -6.14 -52.35
N LYS B 377 -1.54 -5.19 -51.54
CA LYS B 377 -0.32 -5.39 -50.78
C LYS B 377 -0.68 -5.78 -49.34
N THR B 378 -0.32 -7.00 -48.96
CA THR B 378 -0.60 -7.50 -47.62
C THR B 378 0.71 -7.64 -46.86
N THR B 379 0.74 -7.09 -45.65
CA THR B 379 1.87 -7.25 -44.77
C THR B 379 1.37 -7.77 -43.43
N SER B 380 2.19 -8.59 -42.80
CA SER B 380 1.84 -9.24 -41.53
C SER B 380 2.56 -8.55 -40.40
N PHE B 381 1.82 -8.16 -39.38
CA PHE B 381 2.38 -7.51 -38.20
C PHE B 381 1.98 -8.29 -36.96
N SER B 382 2.89 -8.33 -35.99
CA SER B 382 2.65 -9.00 -34.73
C SER B 382 2.95 -8.04 -33.60
N ILE B 383 1.97 -7.85 -32.71
CA ILE B 383 2.17 -7.09 -31.48
C ILE B 383 2.87 -8.01 -30.48
N PRO B 384 4.03 -7.64 -29.97
CA PRO B 384 4.72 -8.51 -29.02
C PRO B 384 4.16 -8.38 -27.60
N ASP B 385 3.78 -7.17 -27.21
CA ASP B 385 3.29 -6.95 -25.86
C ASP B 385 1.99 -7.71 -25.60
N VAL B 386 1.08 -7.69 -26.57
CA VAL B 386 -0.17 -8.44 -26.50
C VAL B 386 -0.09 -9.55 -27.54
N GLY B 387 -0.40 -10.77 -27.14
CA GLY B 387 -0.24 -11.88 -28.06
C GLY B 387 -1.25 -11.85 -29.20
N LEU B 388 -1.18 -10.84 -30.05
CA LEU B 388 -2.06 -10.71 -31.20
C LEU B 388 -1.24 -10.66 -32.48
N ASN B 389 -1.72 -11.38 -33.49
CA ASN B 389 -1.15 -11.34 -34.82
C ASN B 389 -2.18 -10.74 -35.78
N GLY B 390 -1.69 -10.00 -36.76
CA GLY B 390 -2.60 -9.31 -37.66
C GLY B 390 -2.05 -9.26 -39.07
N ILE B 391 -2.87 -8.71 -39.95
CA ILE B 391 -2.51 -8.50 -41.35
C ILE B 391 -2.98 -7.12 -41.76
N PHE B 392 -2.19 -6.44 -42.59
CA PHE B 392 -2.52 -5.10 -43.07
C PHE B 392 -2.58 -5.15 -44.59
N ALA B 393 -3.75 -4.88 -45.15
CA ALA B 393 -3.98 -5.02 -46.57
C ALA B 393 -4.46 -3.70 -47.17
N THR B 394 -3.93 -3.35 -48.33
CA THR B 394 -4.30 -2.14 -49.04
C THR B 394 -4.53 -2.45 -50.51
N GLN B 395 -5.69 -2.03 -51.03
CA GLN B 395 -6.04 -2.29 -52.41
C GLN B 395 -6.54 -0.99 -53.04
N GLY B 396 -6.38 -0.89 -54.36
CA GLY B 396 -6.86 0.27 -55.07
C GLY B 396 -8.26 0.07 -55.61
N ASP B 397 -9.18 0.97 -55.28
CA ASP B 397 -10.57 0.89 -55.70
C ASP B 397 -10.83 2.02 -56.70
N ILE B 398 -10.98 1.65 -57.97
CA ILE B 398 -11.24 2.64 -59.00
C ILE B 398 -12.64 3.23 -58.90
N SER B 399 -13.58 2.49 -58.30
CA SER B 399 -14.94 2.99 -58.20
C SER B 399 -14.99 4.26 -57.34
N THR B 400 -14.26 4.27 -56.23
CA THR B 400 -14.22 5.42 -55.34
C THR B 400 -12.98 6.28 -55.52
N LEU B 401 -12.10 5.94 -56.47
CA LEU B 401 -10.89 6.70 -56.74
C LEU B 401 -10.06 6.88 -55.47
N SER B 402 -9.98 5.83 -54.67
CA SER B 402 -9.25 5.88 -53.41
C SER B 402 -8.69 4.49 -53.15
N GLY B 403 -8.21 4.27 -51.92
CA GLY B 403 -7.60 3.00 -51.60
C GLY B 403 -8.21 2.32 -50.40
N LEU B 404 -8.73 1.12 -50.60
CA LEU B 404 -9.29 0.35 -49.50
C LEU B 404 -8.17 -0.08 -48.56
N CYS B 405 -8.48 -0.12 -47.27
CA CYS B 405 -7.51 -0.51 -46.24
C CYS B 405 -8.19 -1.42 -45.24
N ARG B 406 -7.53 -2.52 -44.89
CA ARG B 406 -8.09 -3.51 -43.98
C ARG B 406 -7.06 -3.89 -42.93
N ILE B 407 -7.45 -3.81 -41.67
CA ILE B 407 -6.62 -4.26 -40.54
C ILE B 407 -7.37 -5.36 -39.83
N ALA B 408 -6.79 -6.56 -39.81
CA ALA B 408 -7.44 -7.74 -39.27
C ALA B 408 -6.61 -8.28 -38.11
N LEU B 409 -7.24 -8.47 -36.96
CA LEU B 409 -6.60 -9.08 -35.80
C LEU B 409 -7.25 -10.43 -35.55
N TRP B 410 -6.44 -11.47 -35.45
CA TRP B 410 -6.94 -12.83 -35.23
C TRP B 410 -6.44 -13.31 -33.88
N TYR B 411 -7.37 -13.52 -32.97
CA TYR B 411 -7.05 -13.93 -31.61
C TYR B 411 -8.24 -14.65 -31.02
N GLY B 412 -7.97 -15.46 -30.01
CA GLY B 412 -9.03 -16.05 -29.22
C GLY B 412 -8.69 -15.91 -27.76
N VAL B 413 -9.51 -15.21 -27.00
CA VAL B 413 -9.26 -14.98 -25.60
C VAL B 413 -9.97 -16.08 -24.83
N ASN B 414 -9.22 -16.84 -24.04
CA ASN B 414 -9.73 -18.02 -23.37
C ASN B 414 -9.61 -17.87 -21.86
N ALA B 415 -10.69 -18.22 -21.16
CA ALA B 415 -10.70 -18.17 -19.71
C ALA B 415 -10.37 -19.53 -19.11
N THR B 416 -9.18 -20.02 -19.43
CA THR B 416 -8.74 -21.29 -18.87
C THR B 416 -8.55 -21.16 -17.37
N ARG B 417 -8.90 -22.22 -16.65
CA ARG B 417 -8.93 -22.20 -15.19
C ARG B 417 -9.85 -21.09 -14.71
N PRO B 418 -11.17 -21.22 -14.89
CA PRO B 418 -12.08 -20.19 -14.39
C PRO B 418 -12.10 -20.08 -12.88
N GLU B 419 -11.64 -21.10 -12.17
CA GLU B 419 -11.60 -21.01 -10.71
C GLU B 419 -10.60 -19.98 -10.22
N ALA B 420 -9.64 -19.61 -11.05
CA ALA B 420 -8.62 -18.64 -10.67
C ALA B 420 -9.00 -17.20 -11.02
N ILE B 421 -10.12 -16.98 -11.69
CA ILE B 421 -10.59 -15.63 -12.02
C ILE B 421 -11.61 -15.23 -10.96
N GLY B 422 -11.43 -14.03 -10.41
CA GLY B 422 -12.28 -13.56 -9.33
C GLY B 422 -13.00 -12.28 -9.71
N VAL B 423 -14.14 -12.06 -9.07
CA VAL B 423 -14.94 -10.87 -9.26
C VAL B 423 -15.21 -10.25 -7.90
N GLY B 424 -14.90 -8.96 -7.76
CA GLY B 424 -15.14 -8.24 -6.53
C GLY B 424 -16.38 -7.38 -6.64
N LEU B 425 -17.40 -7.74 -5.86
CA LEU B 425 -18.68 -7.06 -5.93
C LEU B 425 -18.94 -6.29 -4.64
N PRO B 426 -18.74 -4.98 -4.62
CA PRO B 426 -19.03 -4.21 -3.41
C PRO B 426 -20.50 -3.84 -3.33
N GLY B 427 -20.91 -3.43 -2.13
CA GLY B 427 -22.24 -2.88 -1.92
C GLY B 427 -23.37 -3.89 -1.93
N GLN B 428 -23.08 -5.18 -1.93
CA GLN B 428 -24.13 -6.20 -1.98
C GLN B 428 -24.81 -6.28 -0.62
N THR B 429 -25.52 -5.20 -0.28
CA THR B 429 -26.18 -5.13 1.02
C THR B 429 -27.30 -6.16 1.14
N ALA B 430 -28.20 -6.20 0.15
CA ALA B 430 -29.33 -7.12 0.16
C ALA B 430 -30.01 -7.14 -1.20
N ALA C 2 12.53 -31.35 -28.37
CA ALA C 2 13.72 -30.78 -29.01
C ALA C 2 14.79 -30.46 -27.97
N LEU C 3 14.72 -31.12 -26.83
CA LEU C 3 15.67 -30.93 -25.75
C LEU C 3 16.56 -32.15 -25.63
N ASN C 4 17.87 -31.96 -25.72
CA ASN C 4 18.78 -33.09 -25.60
C ASN C 4 18.81 -33.59 -24.16
N GLU C 5 19.41 -34.77 -23.98
CA GLU C 5 19.34 -35.46 -22.69
C GLU C 5 19.95 -34.64 -21.57
N GLY C 6 21.14 -34.09 -21.79
CA GLY C 6 21.78 -33.30 -20.78
C GLY C 6 20.97 -32.07 -20.45
N GLN C 7 20.39 -31.44 -21.47
CA GLN C 7 19.55 -30.28 -21.25
C GLN C 7 18.31 -30.65 -20.46
N ILE C 8 17.73 -31.80 -20.75
CA ILE C 8 16.58 -32.30 -19.97
C ILE C 8 16.96 -32.40 -18.50
N VAL C 9 18.09 -33.07 -18.22
CA VAL C 9 18.48 -33.29 -16.83
C VAL C 9 18.75 -31.97 -16.13
N THR C 10 19.52 -31.07 -16.76
CA THR C 10 19.88 -29.83 -16.10
C THR C 10 18.67 -28.95 -15.85
N LEU C 11 17.81 -28.79 -16.86
CA LEU C 11 16.63 -27.96 -16.67
C LEU C 11 15.72 -28.53 -15.59
N ALA C 12 15.52 -29.85 -15.60
CA ALA C 12 14.64 -30.46 -14.62
C ALA C 12 15.17 -30.28 -13.21
N VAL C 13 16.46 -30.55 -13.01
CA VAL C 13 17.02 -30.44 -11.66
C VAL C 13 17.00 -29.00 -11.18
N ASP C 14 17.36 -28.05 -12.05
CA ASP C 14 17.32 -26.64 -11.66
C ASP C 14 15.91 -26.21 -11.28
N GLU C 15 14.92 -26.60 -12.10
CA GLU C 15 13.54 -26.23 -11.79
C GLU C 15 13.09 -26.82 -10.47
N ILE C 16 13.37 -28.10 -10.24
CA ILE C 16 12.96 -28.75 -9.00
C ILE C 16 13.58 -28.02 -7.81
N ILE C 17 14.88 -27.79 -7.86
CA ILE C 17 15.55 -27.18 -6.72
C ILE C 17 14.98 -25.80 -6.44
N GLU C 18 14.89 -24.94 -7.46
CA GLU C 18 14.51 -23.57 -7.18
C GLU C 18 13.06 -23.49 -6.73
N THR C 19 12.15 -24.22 -7.37
CA THR C 19 10.75 -24.11 -6.95
C THR C 19 10.48 -24.76 -5.59
N ILE C 20 11.12 -25.89 -5.28
CA ILE C 20 10.89 -26.47 -3.96
C ILE C 20 11.50 -25.59 -2.89
N SER C 21 12.70 -25.04 -3.11
CA SER C 21 13.26 -24.13 -2.13
C SER C 21 12.46 -22.84 -2.02
N ALA C 22 11.68 -22.50 -3.05
CA ALA C 22 10.89 -21.27 -2.99
C ALA C 22 9.59 -21.46 -2.24
N ILE C 23 8.88 -22.57 -2.46
CA ILE C 23 7.52 -22.67 -1.96
C ILE C 23 7.41 -23.60 -0.74
N THR C 24 8.48 -23.67 0.05
CA THR C 24 8.49 -24.44 1.29
C THR C 24 8.85 -23.53 2.44
N PRO C 25 7.88 -22.80 2.99
CA PRO C 25 8.19 -21.91 4.12
C PRO C 25 8.39 -22.66 5.43
N MET C 26 7.56 -23.65 5.74
CA MET C 26 7.68 -24.35 7.02
C MET C 26 8.90 -25.25 7.03
N ALA C 27 9.13 -26.01 5.96
CA ALA C 27 10.24 -26.95 5.94
C ALA C 27 11.59 -26.25 6.06
N GLN C 28 11.67 -24.97 5.71
CA GLN C 28 12.91 -24.23 5.86
C GLN C 28 13.12 -23.69 7.27
N LYS C 29 12.07 -23.66 8.10
CA LYS C 29 12.20 -23.29 9.50
C LYS C 29 12.50 -24.48 10.40
N ALA C 30 12.42 -25.69 9.88
CA ALA C 30 12.76 -26.89 10.62
C ALA C 30 14.24 -27.18 10.48
N LYS C 31 14.87 -27.59 11.58
CA LYS C 31 16.30 -27.84 11.56
C LYS C 31 16.64 -29.00 10.61
N LYS C 32 17.74 -28.84 9.89
CA LYS C 32 18.21 -29.86 8.97
C LYS C 32 19.17 -30.79 9.69
N TYR C 33 18.89 -32.09 9.64
CA TYR C 33 19.74 -33.10 10.26
C TYR C 33 20.24 -34.04 9.18
N THR C 34 21.55 -34.24 9.14
CA THR C 34 22.18 -35.21 8.25
C THR C 34 22.67 -36.38 9.07
N PRO C 35 22.16 -37.59 8.84
CA PRO C 35 22.60 -38.74 9.63
C PRO C 35 24.11 -38.93 9.51
N PRO C 36 24.79 -39.18 10.62
CA PRO C 36 26.24 -39.43 10.54
C PRO C 36 26.59 -40.64 9.70
N ALA C 37 25.77 -41.68 9.72
CA ALA C 37 26.01 -42.90 8.98
C ALA C 37 25.24 -42.83 7.67
N ALA C 38 25.94 -42.47 6.60
CA ALA C 38 25.36 -42.38 5.27
C ALA C 38 25.92 -43.56 4.46
N SER C 39 25.08 -44.57 4.24
CA SER C 39 25.49 -45.77 3.52
C SER C 39 24.48 -46.06 2.41
N MET C 40 24.96 -46.79 1.39
CA MET C 40 24.15 -47.16 0.24
C MET C 40 23.28 -48.36 0.61
N GLN C 41 22.18 -48.08 1.32
CA GLN C 41 21.23 -49.11 1.71
C GLN C 41 19.82 -48.55 1.62
N ARG C 42 18.90 -49.38 1.15
CA ARG C 42 17.53 -48.96 0.95
C ARG C 42 16.65 -49.13 2.18
N SER C 43 17.04 -50.01 3.11
CA SER C 43 16.28 -50.18 4.32
C SER C 43 16.36 -48.93 5.19
N SER C 44 15.23 -48.51 5.74
CA SER C 44 15.17 -47.31 6.55
C SER C 44 15.62 -47.62 7.97
N ASN C 45 16.75 -47.05 8.37
CA ASN C 45 17.25 -47.20 9.72
C ASN C 45 16.53 -46.23 10.65
N THR C 46 16.50 -46.58 11.93
CA THR C 46 15.89 -45.73 12.94
C THR C 46 16.98 -44.88 13.59
N ILE C 47 17.11 -43.64 13.14
CA ILE C 47 18.17 -42.77 13.59
C ILE C 47 17.84 -42.24 14.98
N TRP C 48 18.76 -42.41 15.92
CA TRP C 48 18.58 -41.93 17.29
C TRP C 48 19.43 -40.68 17.48
N MET C 49 18.80 -39.51 17.43
CA MET C 49 19.52 -38.27 17.71
C MET C 49 19.39 -37.91 19.18
N PRO C 50 20.49 -37.55 19.85
CA PRO C 50 20.39 -37.18 21.26
C PRO C 50 19.58 -35.90 21.43
N VAL C 51 18.91 -35.79 22.57
CA VAL C 51 18.30 -34.55 22.98
C VAL C 51 19.20 -33.88 24.00
N GLU C 52 18.93 -32.61 24.27
CA GLU C 52 19.78 -31.85 25.18
C GLU C 52 19.79 -32.49 26.55
N GLN C 53 20.98 -32.62 27.13
CA GLN C 53 21.13 -33.26 28.42
C GLN C 53 20.85 -32.27 29.54
N GLU C 54 20.03 -32.67 30.49
CA GLU C 54 19.71 -31.88 31.67
C GLU C 54 20.23 -32.61 32.89
N SER C 55 20.93 -31.89 33.76
CA SER C 55 21.62 -32.48 34.89
C SER C 55 21.24 -31.74 36.16
N PRO C 56 21.28 -32.43 37.31
CA PRO C 56 20.97 -31.75 38.57
C PRO C 56 22.04 -30.72 38.91
N THR C 57 21.65 -29.73 39.71
CA THR C 57 22.60 -28.72 40.12
C THR C 57 23.73 -29.35 40.90
N GLN C 58 24.95 -29.13 40.43
CA GLN C 58 26.16 -29.64 41.07
C GLN C 58 26.88 -28.48 41.71
N GLU C 59 26.88 -28.44 43.04
CA GLU C 59 27.44 -27.33 43.78
C GLU C 59 28.43 -27.86 44.79
N GLY C 60 29.52 -27.13 44.97
CA GLY C 60 30.55 -27.48 45.92
C GLY C 60 31.89 -27.65 45.24
N TRP C 61 32.94 -27.61 46.06
CA TRP C 61 34.30 -27.77 45.57
C TRP C 61 34.60 -29.18 45.12
N ASP C 62 34.15 -30.18 45.88
CA ASP C 62 34.44 -31.59 45.61
C ASP C 62 33.22 -32.24 45.00
N LEU C 63 33.39 -32.79 43.80
CA LEU C 63 32.34 -33.50 43.08
C LEU C 63 32.86 -34.88 42.74
N THR C 64 32.74 -35.81 43.68
CA THR C 64 33.22 -37.16 43.44
C THR C 64 32.08 -38.05 43.00
N ASP C 65 32.27 -38.71 41.85
CA ASP C 65 31.27 -39.60 41.26
C ASP C 65 29.93 -38.88 41.04
N LYS C 66 30.03 -37.65 40.53
CA LYS C 66 28.84 -36.89 40.17
C LYS C 66 28.67 -36.68 38.67
N ALA C 67 29.73 -36.83 37.87
CA ALA C 67 29.55 -36.83 36.42
C ALA C 67 28.83 -38.08 35.96
N THR C 68 29.08 -39.21 36.62
CA THR C 68 28.43 -40.47 36.28
C THR C 68 26.98 -40.47 36.74
N GLY C 69 26.17 -41.28 36.09
CA GLY C 69 24.77 -41.41 36.42
C GLY C 69 23.84 -40.48 35.70
N LEU C 70 24.37 -39.51 34.95
CA LEU C 70 23.53 -38.60 34.19
C LEU C 70 22.84 -39.34 33.04
N LEU C 71 21.63 -38.91 32.72
CA LEU C 71 20.81 -39.56 31.70
C LEU C 71 21.08 -38.93 30.34
N GLU C 72 21.29 -39.77 29.34
CA GLU C 72 21.35 -39.35 27.95
C GLU C 72 20.20 -40.00 27.20
N LEU C 73 19.28 -39.18 26.72
CA LEU C 73 18.06 -39.67 26.09
C LEU C 73 18.08 -39.37 24.61
N ASN C 74 17.46 -40.25 23.83
CA ASN C 74 17.47 -40.15 22.38
C ASN C 74 16.05 -40.20 21.85
N VAL C 75 15.84 -39.58 20.69
CA VAL C 75 14.57 -39.63 19.98
C VAL C 75 14.82 -40.24 18.61
N ALA C 76 13.85 -41.01 18.14
CA ALA C 76 14.00 -41.84 16.95
C ALA C 76 13.22 -41.25 15.79
N VAL C 77 13.81 -41.28 14.60
CA VAL C 77 13.13 -40.88 13.37
C VAL C 77 13.25 -42.02 12.37
N ASN C 78 12.15 -42.33 11.70
CA ASN C 78 12.14 -43.32 10.63
C ASN C 78 11.92 -42.58 9.32
N MET C 79 12.93 -42.58 8.46
CA MET C 79 12.79 -41.90 7.17
C MET C 79 11.76 -42.57 6.30
N GLY C 80 11.68 -43.90 6.34
CA GLY C 80 10.72 -44.61 5.52
C GLY C 80 11.09 -44.63 4.06
N GLU C 81 10.09 -44.57 3.19
CA GLU C 81 10.26 -44.70 1.75
C GLU C 81 10.19 -43.34 1.07
N PRO C 82 10.85 -43.18 -0.07
CA PRO C 82 10.88 -41.87 -0.71
C PRO C 82 9.52 -41.43 -1.19
N ASP C 83 9.33 -40.12 -1.26
CA ASP C 83 8.14 -39.54 -1.86
C ASP C 83 8.42 -39.32 -3.34
N ASN C 84 7.70 -40.05 -4.19
CA ASN C 84 7.96 -40.08 -5.62
C ASN C 84 6.88 -39.30 -6.35
N ASP C 85 7.22 -38.78 -7.53
CA ASP C 85 6.24 -38.27 -8.47
C ASP C 85 6.52 -38.92 -9.82
N PHE C 86 5.89 -40.05 -10.07
CA PHE C 86 6.15 -40.89 -11.23
C PHE C 86 5.15 -40.54 -12.32
N PHE C 87 5.64 -39.99 -13.42
CA PHE C 87 4.77 -39.54 -14.50
C PHE C 87 5.44 -39.75 -15.84
N GLN C 88 4.71 -39.41 -16.90
CA GLN C 88 5.19 -39.56 -18.26
C GLN C 88 5.49 -38.20 -18.88
N LEU C 89 6.59 -38.13 -19.61
CA LEU C 89 7.00 -36.94 -20.33
C LEU C 89 6.57 -37.07 -21.78
N ARG C 90 5.75 -36.15 -22.25
CA ARG C 90 5.20 -36.20 -23.60
C ARG C 90 5.95 -35.24 -24.50
N ALA C 91 5.64 -35.32 -25.80
CA ALA C 91 6.36 -34.52 -26.80
C ALA C 91 6.12 -33.03 -26.58
N ASP C 92 4.90 -32.64 -26.23
CA ASP C 92 4.60 -31.23 -26.04
C ASP C 92 5.38 -30.67 -24.85
N ASP C 93 5.64 -31.49 -23.84
CA ASP C 93 6.44 -31.05 -22.71
C ASP C 93 7.88 -30.75 -23.13
N LEU C 94 8.45 -31.58 -24.00
CA LEU C 94 9.85 -31.49 -24.37
C LEU C 94 10.09 -30.64 -25.62
N ARG C 95 9.05 -29.99 -26.15
CA ARG C 95 9.22 -29.27 -27.41
C ARG C 95 10.14 -28.07 -27.24
N ASP C 96 10.16 -27.47 -26.05
CA ASP C 96 11.05 -26.34 -25.79
C ASP C 96 11.32 -26.28 -24.29
N GLU C 97 12.15 -25.32 -23.89
CA GLU C 97 12.57 -25.24 -22.50
C GLU C 97 11.42 -24.82 -21.59
N THR C 98 10.59 -23.87 -22.03
CA THR C 98 9.57 -23.32 -21.16
C THR C 98 8.51 -24.36 -20.80
N ALA C 99 8.08 -25.16 -21.77
CA ALA C 99 7.08 -26.18 -21.49
C ALA C 99 7.64 -27.26 -20.56
N TYR C 100 8.90 -27.66 -20.79
CA TYR C 100 9.53 -28.62 -19.89
C TYR C 100 9.64 -28.07 -18.47
N ARG C 101 10.01 -26.80 -18.34
CA ARG C 101 10.08 -26.19 -17.02
C ARG C 101 8.70 -26.15 -16.38
N ARG C 102 7.66 -25.88 -17.16
CA ARG C 102 6.31 -25.89 -16.61
C ARG C 102 5.93 -27.27 -16.08
N ARG C 103 6.22 -28.32 -16.85
CA ARG C 103 5.90 -29.67 -16.38
C ARG C 103 6.68 -30.05 -15.13
N ILE C 104 7.98 -29.77 -15.12
CA ILE C 104 8.80 -30.12 -13.97
C ILE C 104 8.40 -29.29 -12.76
N GLN C 105 8.01 -28.04 -12.97
CA GLN C 105 7.51 -27.20 -11.90
C GLN C 105 6.22 -27.76 -11.33
N SER C 106 5.34 -28.27 -12.19
CA SER C 106 4.12 -28.88 -11.69
C SER C 106 4.42 -30.11 -10.85
N ALA C 107 5.41 -30.90 -11.25
CA ALA C 107 5.79 -32.08 -10.45
C ALA C 107 6.40 -31.69 -9.10
N ALA C 108 7.38 -30.80 -9.12
CA ALA C 108 8.01 -30.39 -7.88
C ALA C 108 7.07 -29.60 -6.97
N ARG C 109 6.03 -28.98 -7.53
CA ARG C 109 5.03 -28.34 -6.71
C ARG C 109 4.25 -29.37 -5.89
N LYS C 110 3.95 -30.53 -6.49
CA LYS C 110 3.34 -31.61 -5.73
C LYS C 110 4.28 -32.13 -4.65
N LEU C 111 5.56 -32.27 -4.98
CA LEU C 111 6.50 -32.73 -3.96
C LEU C 111 6.59 -31.75 -2.79
N ALA C 112 6.62 -30.45 -3.08
CA ALA C 112 6.62 -29.45 -2.02
C ALA C 112 5.32 -29.47 -1.23
N ASN C 113 4.20 -29.72 -1.90
CA ASN C 113 2.95 -29.99 -1.20
C ASN C 113 3.13 -31.08 -0.17
N ASN C 114 3.70 -32.21 -0.56
CA ASN C 114 3.82 -33.31 0.38
C ASN C 114 4.71 -32.93 1.56
N VAL C 115 5.84 -32.27 1.30
CA VAL C 115 6.73 -31.88 2.39
C VAL C 115 6.03 -30.94 3.37
N GLU C 116 5.39 -29.89 2.85
CA GLU C 116 4.74 -28.92 3.72
C GLU C 116 3.55 -29.51 4.45
N LEU C 117 2.76 -30.35 3.78
CA LEU C 117 1.62 -30.98 4.43
C LEU C 117 2.09 -31.88 5.57
N LYS C 118 3.16 -32.65 5.34
CA LYS C 118 3.69 -33.50 6.40
C LYS C 118 4.17 -32.67 7.58
N VAL C 119 4.91 -31.59 7.33
CA VAL C 119 5.39 -30.76 8.44
C VAL C 119 4.24 -30.13 9.19
N ALA C 120 3.26 -29.56 8.48
CA ALA C 120 2.15 -28.88 9.14
C ALA C 120 1.31 -29.85 9.95
N ASN C 121 0.99 -31.02 9.38
CA ASN C 121 0.21 -32.00 10.11
C ASN C 121 0.96 -32.51 11.33
N MET C 122 2.27 -32.75 11.21
CA MET C 122 3.03 -33.21 12.36
C MET C 122 3.06 -32.15 13.44
N ALA C 123 3.23 -30.88 13.07
CA ALA C 123 3.25 -29.82 14.07
C ALA C 123 1.89 -29.67 14.75
N ALA C 124 0.81 -29.83 14.00
CA ALA C 124 -0.52 -29.64 14.56
C ALA C 124 -0.93 -30.83 15.44
N GLU C 125 -0.58 -32.05 15.04
CA GLU C 125 -1.00 -33.23 15.78
C GLU C 125 0.01 -33.69 16.82
N MET C 126 1.20 -33.10 16.86
CA MET C 126 2.20 -33.43 17.86
C MET C 126 2.53 -32.26 18.77
N GLY C 127 2.07 -31.05 18.45
CA GLY C 127 2.34 -29.91 19.28
C GLY C 127 1.55 -29.99 20.57
N SER C 128 2.23 -29.77 21.69
CA SER C 128 1.61 -29.89 23.00
C SER C 128 1.45 -28.57 23.73
N LEU C 129 2.19 -27.52 23.34
CA LEU C 129 2.02 -26.20 23.94
C LEU C 129 0.76 -25.56 23.38
N VAL C 130 -0.37 -26.01 23.91
CA VAL C 130 -1.67 -25.59 23.38
C VAL C 130 -2.11 -24.33 24.11
N ILE C 131 -2.46 -23.30 23.35
CA ILE C 131 -3.03 -22.07 23.89
C ILE C 131 -4.35 -21.81 23.19
N THR C 132 -5.42 -21.63 23.97
CA THR C 132 -6.75 -21.44 23.43
C THR C 132 -7.35 -20.17 24.03
N SER C 133 -8.32 -19.60 23.32
CA SER C 133 -9.04 -18.43 23.80
C SER C 133 -10.43 -18.40 23.17
N PRO C 134 -11.45 -18.03 23.94
CA PRO C 134 -12.80 -17.96 23.37
C PRO C 134 -12.93 -16.93 22.26
N ASP C 135 -12.06 -15.93 22.24
CA ASP C 135 -12.12 -14.88 21.24
C ASP C 135 -11.42 -15.32 19.95
N ALA C 136 -11.59 -14.51 18.91
CA ALA C 136 -10.94 -14.76 17.64
C ALA C 136 -9.74 -13.84 17.47
N ILE C 137 -8.78 -14.30 16.66
CA ILE C 137 -7.55 -13.56 16.46
C ILE C 137 -7.86 -12.24 15.77
N GLY C 138 -7.29 -11.15 16.28
CA GLY C 138 -7.50 -9.84 15.69
C GLY C 138 -6.62 -8.81 16.35
N THR C 139 -6.72 -7.57 15.85
CA THR C 139 -5.96 -6.45 16.37
C THR C 139 -6.71 -5.66 17.44
N ASN C 140 -7.95 -6.02 17.71
CA ASN C 140 -8.74 -5.32 18.72
C ASN C 140 -8.27 -5.75 20.11
N THR C 141 -7.73 -4.82 20.88
CA THR C 141 -7.18 -5.16 22.19
C THR C 141 -8.28 -5.65 23.13
N ALA C 142 -9.49 -5.08 23.01
CA ALA C 142 -10.53 -5.38 23.98
C ALA C 142 -11.08 -6.79 23.81
N ASP C 143 -11.36 -7.20 22.56
CA ASP C 143 -12.17 -8.38 22.32
C ASP C 143 -11.46 -9.44 21.49
N ALA C 144 -10.25 -9.18 21.01
CA ALA C 144 -9.55 -10.13 20.17
C ALA C 144 -8.39 -10.76 20.94
N TRP C 145 -7.82 -11.80 20.34
CA TRP C 145 -6.79 -12.62 20.96
C TRP C 145 -5.46 -12.35 20.27
N ASN C 146 -4.43 -12.07 21.07
CA ASN C 146 -3.08 -11.85 20.56
C ASN C 146 -2.35 -13.18 20.57
N PHE C 147 -2.41 -13.91 19.46
CA PHE C 147 -1.82 -15.24 19.42
C PHE C 147 -0.30 -15.17 19.58
N VAL C 148 0.35 -14.23 18.90
CA VAL C 148 1.79 -14.14 18.96
C VAL C 148 2.27 -13.81 20.37
N ALA C 149 1.61 -12.86 21.03
CA ALA C 149 2.03 -12.49 22.38
C ALA C 149 1.86 -13.64 23.36
N ASP C 150 0.73 -14.35 23.28
CA ASP C 150 0.52 -15.49 24.17
C ASP C 150 1.51 -16.61 23.89
N ALA C 151 1.81 -16.87 22.61
CA ALA C 151 2.77 -17.90 22.28
C ALA C 151 4.17 -17.55 22.80
N GLU C 152 4.58 -16.30 22.61
CA GLU C 152 5.88 -15.88 23.11
C GLU C 152 5.92 -15.97 24.63
N GLU C 153 4.85 -15.56 25.31
CA GLU C 153 4.82 -15.62 26.76
C GLU C 153 4.90 -17.06 27.26
N ILE C 154 4.17 -17.97 26.63
CA ILE C 154 4.15 -19.35 27.11
C ILE C 154 5.47 -20.04 26.81
N MET C 155 6.14 -19.67 25.71
CA MET C 155 7.45 -20.26 25.45
C MET C 155 8.53 -19.68 26.37
N PHE C 156 8.43 -18.39 26.70
CA PHE C 156 9.41 -17.79 27.59
C PHE C 156 9.23 -18.25 29.02
N SER C 157 7.99 -18.31 29.50
CA SER C 157 7.74 -18.77 30.86
C SER C 157 8.23 -20.20 31.04
N ARG C 158 7.97 -21.05 30.05
CA ARG C 158 8.33 -22.45 30.06
C ARG C 158 9.82 -22.69 29.82
N GLU C 159 10.53 -21.72 29.25
CA GLU C 159 11.97 -21.78 29.05
C GLU C 159 12.40 -22.93 28.13
N LEU C 160 11.57 -23.28 27.15
CA LEU C 160 11.97 -24.27 26.15
C LEU C 160 12.60 -23.67 24.92
N ASN C 161 12.71 -22.35 24.84
CA ASN C 161 13.37 -21.73 23.69
C ASN C 161 14.80 -21.45 24.06
N ARG C 162 15.72 -22.15 23.41
CA ARG C 162 17.07 -21.62 23.34
C ARG C 162 16.96 -20.23 22.74
N ASP C 163 17.60 -19.25 23.37
CA ASP C 163 17.12 -17.88 23.27
C ASP C 163 16.95 -17.37 21.84
N MET C 164 17.38 -18.13 20.84
CA MET C 164 16.97 -17.84 19.47
C MET C 164 15.46 -17.98 19.34
N GLY C 165 14.83 -16.99 18.70
CA GLY C 165 13.39 -16.87 18.73
C GLY C 165 12.64 -18.03 18.09
N THR C 166 11.35 -18.09 18.42
CA THR C 166 10.47 -19.11 17.91
C THR C 166 10.01 -18.76 16.49
N SER C 167 9.17 -19.62 15.93
CA SER C 167 8.63 -19.42 14.59
C SER C 167 7.11 -19.59 14.66
N TYR C 168 6.38 -18.54 14.28
CA TYR C 168 4.93 -18.54 14.35
C TYR C 168 4.35 -18.69 12.96
N PHE C 169 3.40 -19.59 12.78
CA PHE C 169 2.77 -19.83 11.50
C PHE C 169 1.26 -19.64 11.62
N PHE C 170 0.73 -18.74 10.82
CA PHE C 170 -0.69 -18.41 10.80
C PHE C 170 -1.36 -19.10 9.63
N ASN C 171 -2.66 -19.30 9.74
CA ASN C 171 -3.42 -19.63 8.55
C ASN C 171 -3.95 -18.34 7.93
N PRO C 172 -4.19 -18.32 6.62
CA PRO C 172 -4.46 -17.05 5.94
C PRO C 172 -5.61 -16.26 6.53
N GLN C 173 -6.67 -16.92 7.02
CA GLN C 173 -7.74 -16.21 7.70
C GLN C 173 -7.23 -15.45 8.90
N ASP C 174 -6.50 -16.12 9.80
CA ASP C 174 -6.05 -15.48 11.01
C ASP C 174 -4.89 -14.52 10.73
N TYR C 175 -4.12 -14.78 9.69
CA TYR C 175 -3.10 -13.81 9.29
C TYR C 175 -3.74 -12.52 8.81
N LYS C 176 -4.81 -12.60 8.03
CA LYS C 176 -5.54 -11.40 7.63
C LYS C 176 -6.16 -10.70 8.83
N LYS C 177 -6.75 -11.47 9.75
CA LYS C 177 -7.37 -10.87 10.92
C LYS C 177 -6.35 -10.24 11.86
N ALA C 178 -5.12 -10.72 11.86
CA ALA C 178 -4.09 -10.21 12.77
C ALA C 178 -3.49 -8.89 12.31
N GLY C 179 -3.96 -8.34 11.20
CA GLY C 179 -3.52 -7.04 10.74
C GLY C 179 -2.06 -6.95 10.34
N TYR C 180 -1.59 -7.92 9.55
CA TYR C 180 -0.23 -7.88 9.01
C TYR C 180 -0.29 -7.31 7.60
N ASP C 181 0.56 -6.30 7.35
CA ASP C 181 0.41 -5.48 6.15
C ASP C 181 0.59 -6.30 4.88
N LEU C 182 1.64 -7.09 4.81
CA LEU C 182 2.00 -8.02 3.73
C LEU C 182 2.49 -7.28 2.49
N THR C 183 2.38 -5.95 2.43
CA THR C 183 2.86 -5.24 1.25
C THR C 183 4.38 -5.23 1.17
N LYS C 184 5.05 -5.08 2.31
CA LYS C 184 6.51 -5.11 2.36
C LYS C 184 7.04 -6.50 2.68
N ARG C 185 6.26 -7.53 2.36
CA ARG C 185 6.60 -8.90 2.70
C ARG C 185 6.48 -9.79 1.48
N ASP C 186 7.13 -10.95 1.56
CA ASP C 186 6.99 -11.98 0.54
C ASP C 186 5.57 -12.53 0.58
N ILE C 187 5.27 -13.47 -0.32
CA ILE C 187 3.94 -14.06 -0.40
C ILE C 187 3.60 -14.77 0.91
N PHE C 188 4.62 -15.25 1.61
CA PHE C 188 4.43 -15.89 2.91
C PHE C 188 4.68 -14.95 4.08
N GLY C 189 5.22 -13.75 3.82
CA GLY C 189 5.56 -12.84 4.90
C GLY C 189 6.95 -13.02 5.44
N ARG C 190 7.95 -13.15 4.57
CA ARG C 190 9.31 -13.48 4.98
C ARG C 190 10.27 -12.30 4.92
N ILE C 191 9.81 -11.10 4.57
CA ILE C 191 10.67 -9.93 4.40
C ILE C 191 11.80 -10.28 3.44
N PRO C 192 11.54 -10.38 2.14
CA PRO C 192 12.58 -10.82 1.21
C PRO C 192 13.69 -9.78 1.08
N GLU C 193 14.87 -10.28 0.74
CA GLU C 193 16.02 -9.41 0.50
C GLU C 193 16.09 -8.97 -0.96
N ASP C 209 10.08 -10.48 15.34
CA ASP C 209 9.21 -11.64 15.23
C ASP C 209 9.08 -12.08 13.77
N ASP C 210 9.46 -13.32 13.50
CA ASP C 210 9.31 -13.91 12.16
C ASP C 210 7.96 -14.60 12.09
N VAL C 211 6.94 -13.81 11.76
CA VAL C 211 5.57 -14.29 11.64
C VAL C 211 5.29 -14.60 10.18
N LEU C 212 4.84 -15.82 9.91
CA LEU C 212 4.57 -16.29 8.56
C LEU C 212 3.16 -16.85 8.50
N ARG C 213 2.68 -17.07 7.29
CA ARG C 213 1.40 -17.72 7.06
C ARG C 213 1.56 -18.88 6.10
N SER C 214 0.81 -19.95 6.34
CA SER C 214 0.86 -21.12 5.49
C SER C 214 -0.55 -21.55 5.13
N PRO C 215 -0.80 -21.95 3.87
CA PRO C 215 -2.14 -22.42 3.50
C PRO C 215 -2.37 -23.90 3.75
N LYS C 216 -1.39 -24.61 4.30
CA LYS C 216 -1.51 -26.05 4.52
C LYS C 216 -1.69 -26.39 6.00
N LEU C 217 -2.06 -25.40 6.81
CA LEU C 217 -2.31 -25.64 8.22
C LEU C 217 -3.66 -26.34 8.38
N PRO C 218 -3.71 -27.51 9.00
CA PRO C 218 -4.95 -28.26 9.06
C PRO C 218 -5.94 -27.66 10.04
N VAL C 219 -7.18 -28.10 9.94
CA VAL C 219 -8.23 -27.76 10.88
C VAL C 219 -8.30 -28.89 11.90
N LEU C 220 -8.22 -28.55 13.19
CA LEU C 220 -8.21 -29.56 14.23
C LEU C 220 -9.65 -29.81 14.68
N THR C 221 -10.20 -30.96 14.28
CA THR C 221 -11.58 -31.26 14.58
C THR C 221 -11.79 -31.39 16.09
N LYS C 222 -13.00 -31.06 16.51
CA LYS C 222 -13.33 -31.08 17.94
C LYS C 222 -13.29 -32.51 18.46
N SER C 223 -13.09 -32.63 19.77
CA SER C 223 -13.10 -33.91 20.45
C SER C 223 -14.37 -34.02 21.29
N THR C 224 -15.07 -35.14 21.13
CA THR C 224 -16.37 -35.33 21.76
C THR C 224 -16.30 -36.03 23.10
N ALA C 225 -15.10 -36.36 23.58
CA ALA C 225 -14.97 -37.02 24.86
C ALA C 225 -15.35 -36.07 26.00
N THR C 226 -16.21 -36.54 26.90
CA THR C 226 -16.67 -35.70 28.00
C THR C 226 -16.25 -36.24 29.36
N GLY C 227 -16.64 -37.47 29.67
CA GLY C 227 -16.39 -38.04 30.98
C GLY C 227 -15.13 -38.87 31.05
N ILE C 228 -13.97 -38.23 30.95
CA ILE C 228 -12.69 -38.92 30.94
C ILE C 228 -11.95 -38.58 32.23
N THR C 229 -11.50 -39.61 32.95
CA THR C 229 -10.73 -39.43 34.16
C THR C 229 -9.59 -40.44 34.16
N VAL C 230 -8.52 -40.10 34.88
CA VAL C 230 -7.36 -40.98 34.97
C VAL C 230 -7.78 -42.25 35.71
N SER C 231 -7.33 -43.40 35.19
CA SER C 231 -7.77 -44.67 35.75
C SER C 231 -7.16 -44.93 37.12
N GLY C 232 -5.86 -44.69 37.28
CA GLY C 232 -5.19 -44.93 38.54
C GLY C 232 -4.00 -44.02 38.70
N ALA C 233 -3.35 -44.13 39.85
CA ALA C 233 -2.18 -43.30 40.12
C ALA C 233 -1.02 -43.77 39.25
N GLN C 234 -0.60 -42.91 38.32
CA GLN C 234 0.44 -43.25 37.36
C GLN C 234 1.55 -42.22 37.42
N SER C 235 2.79 -42.68 37.49
CA SER C 235 3.97 -41.82 37.49
C SER C 235 4.91 -42.29 36.39
N PHE C 236 5.40 -41.34 35.60
CA PHE C 236 6.28 -41.63 34.48
C PHE C 236 7.67 -41.10 34.77
N LYS C 237 8.68 -41.87 34.37
CA LYS C 237 10.07 -41.52 34.60
C LYS C 237 10.85 -41.64 33.31
N PRO C 238 11.85 -40.77 33.10
CA PRO C 238 12.66 -40.87 31.89
C PRO C 238 13.57 -42.09 31.96
N VAL C 239 13.43 -42.97 30.97
CA VAL C 239 14.19 -44.21 30.89
C VAL C 239 15.16 -44.09 29.74
N ALA C 240 16.43 -44.33 30.01
CA ALA C 240 17.47 -44.17 28.99
C ALA C 240 17.49 -45.30 27.98
N TRP C 241 17.25 -46.54 28.40
CA TRP C 241 17.40 -47.69 27.53
C TRP C 241 16.52 -48.84 28.03
N GLN C 242 16.34 -49.84 27.18
CA GLN C 242 15.62 -51.05 27.55
C GLN C 242 16.19 -52.22 26.76
N LEU C 243 15.91 -53.43 27.24
CA LEU C 243 16.35 -54.64 26.57
C LEU C 243 15.30 -55.08 25.56
N ASP C 244 15.73 -55.31 24.32
CA ASP C 244 14.82 -55.82 23.32
C ASP C 244 14.75 -57.35 23.41
N ASN C 245 14.10 -57.96 22.43
CA ASN C 245 13.88 -59.41 22.47
C ASN C 245 15.18 -60.17 22.26
N ASP C 246 16.09 -59.62 21.45
CA ASP C 246 17.37 -60.28 21.23
C ASP C 246 18.28 -60.20 22.44
N GLY C 247 17.96 -59.36 23.43
CA GLY C 247 18.78 -59.19 24.60
C GLY C 247 19.68 -57.98 24.58
N ASN C 248 19.79 -57.29 23.45
CA ASN C 248 20.61 -56.10 23.36
C ASN C 248 19.87 -54.90 23.95
N LYS C 249 20.63 -53.85 24.23
CA LYS C 249 20.05 -52.64 24.79
C LYS C 249 19.66 -51.68 23.68
N VAL C 250 18.42 -51.19 23.75
CA VAL C 250 17.89 -50.25 22.77
C VAL C 250 17.36 -49.04 23.52
N ASN C 251 17.61 -47.86 22.98
CA ASN C 251 17.14 -46.63 23.61
C ASN C 251 15.61 -46.59 23.63
N VAL C 252 15.08 -45.82 24.57
CA VAL C 252 13.65 -45.63 24.72
C VAL C 252 13.30 -44.21 24.31
N ASP C 253 12.34 -44.07 23.41
CA ASP C 253 11.85 -42.76 23.02
C ASP C 253 11.08 -42.14 24.17
N ASN C 254 11.69 -41.13 24.81
CA ASN C 254 11.14 -40.54 26.02
C ASN C 254 10.20 -39.37 25.74
N ARG C 255 9.62 -39.33 24.55
CA ARG C 255 8.62 -38.31 24.28
C ARG C 255 7.24 -38.74 24.75
N PHE C 256 6.80 -39.92 24.33
CA PHE C 256 5.43 -40.35 24.53
C PHE C 256 5.29 -41.19 25.80
N ALA C 257 4.21 -40.96 26.52
CA ALA C 257 3.89 -41.73 27.72
C ALA C 257 2.49 -42.31 27.59
N THR C 258 2.35 -43.60 27.89
CA THR C 258 1.06 -44.27 27.80
C THR C 258 0.29 -44.10 29.10
N VAL C 259 -0.88 -43.49 29.01
CA VAL C 259 -1.70 -43.17 30.17
C VAL C 259 -2.94 -44.05 30.13
N THR C 260 -3.23 -44.71 31.25
CA THR C 260 -4.46 -45.47 31.39
C THR C 260 -5.58 -44.55 31.85
N LEU C 261 -6.68 -44.54 31.10
CA LEU C 261 -7.81 -43.67 31.38
C LEU C 261 -9.04 -44.53 31.65
N SER C 262 -10.09 -43.88 32.16
CA SER C 262 -11.35 -44.59 32.38
C SER C 262 -11.93 -45.07 31.05
N ALA C 263 -11.94 -44.19 30.05
CA ALA C 263 -12.41 -44.54 28.72
C ALA C 263 -11.77 -43.58 27.72
N THR C 264 -11.58 -44.06 26.49
CA THR C 264 -10.96 -43.27 25.44
C THR C 264 -11.90 -43.05 24.27
N THR C 265 -13.20 -43.16 24.52
CA THR C 265 -14.17 -42.94 23.45
C THR C 265 -14.18 -41.46 23.06
N GLY C 266 -14.19 -41.20 21.75
CA GLY C 266 -14.15 -39.86 21.25
C GLY C 266 -12.78 -39.23 21.22
N MET C 267 -11.72 -39.99 21.50
CA MET C 267 -10.36 -39.50 21.50
C MET C 267 -9.65 -39.99 20.24
N LYS C 268 -8.96 -39.08 19.57
CA LYS C 268 -8.27 -39.39 18.33
C LYS C 268 -6.89 -38.75 18.38
N ARG C 269 -6.02 -39.22 17.50
CA ARG C 269 -4.70 -38.61 17.38
C ARG C 269 -4.83 -37.13 17.06
N GLY C 270 -4.12 -36.30 17.81
CA GLY C 270 -4.16 -34.86 17.63
C GLY C 270 -5.01 -34.13 18.65
N ASP C 271 -5.81 -34.85 19.44
CA ASP C 271 -6.60 -34.20 20.48
C ASP C 271 -5.69 -33.64 21.55
N LYS C 272 -5.97 -32.41 21.96
CA LYS C 272 -5.21 -31.73 22.99
C LYS C 272 -5.93 -31.88 24.32
N ILE C 273 -5.24 -32.45 25.32
CA ILE C 273 -5.85 -32.71 26.61
C ILE C 273 -5.03 -32.03 27.69
N SER C 274 -5.68 -31.85 28.85
CA SER C 274 -5.03 -31.32 30.03
C SER C 274 -5.58 -32.06 31.23
N PHE C 275 -4.84 -31.99 32.35
CA PHE C 275 -5.24 -32.68 33.57
C PHE C 275 -5.53 -31.64 34.64
N ALA C 276 -6.38 -32.02 35.60
CA ALA C 276 -6.97 -31.03 36.50
C ALA C 276 -5.93 -30.31 37.34
N GLY C 277 -5.09 -31.06 38.05
CA GLY C 277 -4.17 -30.43 38.98
C GLY C 277 -2.81 -30.16 38.38
N VAL C 278 -2.46 -30.90 37.34
CA VAL C 278 -1.11 -30.90 36.77
C VAL C 278 -0.82 -29.54 36.12
N LYS C 279 0.36 -28.98 36.40
CA LYS C 279 0.76 -27.68 35.91
C LYS C 279 2.14 -27.76 35.25
N PHE C 280 2.42 -26.82 34.35
CA PHE C 280 3.76 -26.67 33.82
C PHE C 280 4.76 -26.30 34.90
N LEU C 281 6.03 -26.55 34.56
CA LEU C 281 7.18 -26.08 35.30
C LEU C 281 8.10 -25.35 34.33
N GLY C 282 8.80 -24.34 34.83
CA GLY C 282 9.91 -23.80 34.07
C GLY C 282 10.94 -24.89 33.83
N GLN C 283 11.27 -25.11 32.56
CA GLN C 283 12.05 -26.29 32.21
C GLN C 283 13.44 -26.26 32.86
N MET C 284 14.04 -25.07 32.92
CA MET C 284 15.38 -24.97 33.51
C MET C 284 15.32 -24.67 35.00
N ALA C 285 14.41 -23.79 35.41
CA ALA C 285 14.35 -23.32 36.79
C ALA C 285 13.43 -24.15 37.69
N LYS C 286 12.54 -24.96 37.11
CA LYS C 286 11.64 -25.83 37.88
C LYS C 286 10.76 -25.02 38.84
N ASN C 287 10.23 -23.90 38.37
CA ASN C 287 9.27 -23.12 39.14
C ASN C 287 7.88 -23.31 38.52
N VAL C 288 6.86 -23.41 39.39
CA VAL C 288 5.52 -23.71 38.91
C VAL C 288 4.95 -22.53 38.14
N LEU C 289 4.43 -22.79 36.95
CA LEU C 289 3.77 -21.79 36.14
C LEU C 289 2.28 -21.80 36.41
N ALA C 290 1.62 -20.71 36.00
CA ALA C 290 0.17 -20.63 36.16
C ALA C 290 -0.55 -21.55 35.19
N GLN C 291 -0.02 -21.73 33.99
CA GLN C 291 -0.73 -22.46 32.95
C GLN C 291 -0.78 -23.96 33.27
N ASP C 292 -1.95 -24.55 33.08
CA ASP C 292 -2.11 -25.99 33.25
C ASP C 292 -1.29 -26.73 32.21
N ALA C 293 -0.86 -27.93 32.58
CA ALA C 293 -0.09 -28.73 31.65
C ALA C 293 -0.97 -29.24 30.52
N THR C 294 -0.54 -28.98 29.28
CA THR C 294 -1.31 -29.33 28.09
C THR C 294 -0.57 -30.41 27.32
N PHE C 295 -1.29 -31.47 26.98
CA PHE C 295 -0.72 -32.63 26.33
C PHE C 295 -1.48 -32.91 25.05
N SER C 296 -0.85 -33.64 24.14
CA SER C 296 -1.46 -34.03 22.88
C SER C 296 -1.36 -35.53 22.72
N VAL C 297 -2.49 -36.18 22.46
CA VAL C 297 -2.52 -37.62 22.28
C VAL C 297 -2.08 -37.95 20.85
N VAL C 298 -1.14 -38.88 20.72
CA VAL C 298 -0.58 -39.20 19.40
C VAL C 298 -1.13 -40.53 18.92
N ARG C 299 -1.62 -41.36 19.84
CA ARG C 299 -2.16 -42.64 19.46
C ARG C 299 -3.14 -43.10 20.53
N VAL C 300 -4.22 -43.73 20.10
CA VAL C 300 -5.17 -44.38 20.99
C VAL C 300 -4.95 -45.88 20.88
N VAL C 301 -4.38 -46.46 21.92
CA VAL C 301 -3.96 -47.86 21.88
C VAL C 301 -5.17 -48.76 22.06
N ASP C 302 -5.87 -48.61 23.18
CA ASP C 302 -7.02 -49.43 23.53
C ASP C 302 -8.20 -48.54 23.88
N GLY C 303 -9.24 -49.14 24.45
CA GLY C 303 -10.37 -48.37 24.92
C GLY C 303 -10.12 -47.61 26.21
N THR C 304 -9.03 -47.93 26.91
CA THR C 304 -8.69 -47.27 28.16
C THR C 304 -7.28 -46.71 28.18
N HIS C 305 -6.55 -46.77 27.06
CA HIS C 305 -5.17 -46.33 27.01
C HIS C 305 -5.00 -45.31 25.90
N VAL C 306 -4.23 -44.25 26.18
CA VAL C 306 -3.84 -43.27 25.18
C VAL C 306 -2.34 -43.03 25.32
N GLU C 307 -1.78 -42.31 24.36
CA GLU C 307 -0.37 -41.99 24.34
C GLU C 307 -0.20 -40.49 24.11
N ILE C 308 0.28 -39.78 25.12
CA ILE C 308 0.38 -38.33 25.10
C ILE C 308 1.80 -37.92 24.77
N THR C 309 1.94 -36.86 23.98
CA THR C 309 3.22 -36.61 23.31
C THR C 309 4.31 -36.02 24.20
N PRO C 310 4.05 -35.21 25.24
CA PRO C 310 5.11 -34.96 26.22
C PRO C 310 4.94 -35.87 27.43
N LYS C 311 6.02 -36.42 27.95
CA LYS C 311 5.90 -37.33 29.08
C LYS C 311 5.83 -36.53 30.37
N PRO C 312 4.78 -36.70 31.16
CA PRO C 312 4.64 -35.91 32.40
C PRO C 312 5.55 -36.47 33.48
N VAL C 313 6.65 -35.78 33.74
CA VAL C 313 7.59 -36.13 34.81
C VAL C 313 7.40 -35.12 35.94
N ALA C 314 7.04 -35.61 37.11
CA ALA C 314 6.60 -34.77 38.21
C ALA C 314 7.77 -34.39 39.10
N LEU C 315 7.81 -33.11 39.50
CA LEU C 315 8.81 -32.67 40.46
C LEU C 315 8.62 -33.34 41.82
N ASP C 316 7.37 -33.43 42.28
CA ASP C 316 7.12 -33.90 43.63
C ASP C 316 7.28 -35.42 43.76
N ASP C 317 7.42 -36.12 42.63
CA ASP C 317 7.59 -37.56 42.67
C ASP C 317 8.86 -37.94 43.42
N VAL C 318 8.70 -38.68 44.52
CA VAL C 318 9.86 -39.04 45.35
C VAL C 318 10.60 -40.24 44.78
N SER C 319 9.96 -41.04 43.93
CA SER C 319 10.61 -42.21 43.37
C SER C 319 11.69 -41.86 42.35
N LEU C 320 11.79 -40.59 41.95
CA LEU C 320 12.75 -40.20 40.93
C LEU C 320 14.11 -39.89 41.55
N SER C 321 15.16 -40.42 40.94
CA SER C 321 16.51 -40.02 41.29
C SER C 321 16.77 -38.60 40.81
N PRO C 322 17.71 -37.89 41.42
CA PRO C 322 17.94 -36.49 41.01
C PRO C 322 18.24 -36.34 39.53
N GLU C 323 18.98 -37.29 38.96
CA GLU C 323 19.22 -37.27 37.51
C GLU C 323 17.92 -37.38 36.75
N GLN C 324 16.99 -38.21 37.22
CA GLN C 324 15.69 -38.32 36.58
C GLN C 324 14.84 -37.10 36.87
N ARG C 325 14.93 -36.55 38.07
CA ARG C 325 14.14 -35.38 38.41
C ARG C 325 14.59 -34.13 37.68
N ALA C 326 15.81 -34.14 37.13
CA ALA C 326 16.26 -33.00 36.33
C ALA C 326 15.45 -32.82 35.06
N TYR C 327 14.69 -33.83 34.64
CA TYR C 327 13.86 -33.74 33.45
C TYR C 327 12.40 -33.46 33.76
N ALA C 328 12.08 -33.13 35.01
CA ALA C 328 10.69 -32.92 35.39
C ALA C 328 10.11 -31.70 34.66
N ASN C 329 8.89 -31.85 34.16
CA ASN C 329 8.22 -30.77 33.44
C ASN C 329 6.81 -30.49 33.91
N VAL C 330 6.32 -31.19 34.94
CA VAL C 330 4.99 -30.93 35.48
C VAL C 330 5.07 -30.78 37.00
N ASN C 331 4.02 -30.16 37.55
CA ASN C 331 3.98 -29.90 38.99
C ASN C 331 3.82 -31.19 39.79
N THR C 332 2.90 -32.05 39.38
CA THR C 332 2.59 -33.26 40.14
C THR C 332 2.29 -34.40 39.19
N SER C 333 2.22 -35.60 39.75
CA SER C 333 1.91 -36.80 38.98
C SER C 333 0.40 -36.84 38.70
N LEU C 334 -0.06 -37.92 38.10
CA LEU C 334 -1.47 -38.11 37.78
C LEU C 334 -2.14 -38.89 38.91
N ALA C 335 -3.20 -38.34 39.49
CA ALA C 335 -3.83 -38.92 40.66
C ALA C 335 -4.72 -40.10 40.28
N ASP C 336 -5.40 -40.65 41.29
CA ASP C 336 -6.20 -41.84 41.09
C ASP C 336 -7.37 -41.55 40.16
N ALA C 337 -8.09 -40.44 40.40
CA ALA C 337 -9.23 -40.06 39.57
C ALA C 337 -9.12 -38.55 39.33
N MET C 338 -8.42 -38.18 38.27
CA MET C 338 -8.14 -36.80 37.93
C MET C 338 -8.85 -36.45 36.62
N ALA C 339 -9.55 -35.33 36.62
CA ALA C 339 -10.32 -34.94 35.44
C ALA C 339 -9.39 -34.61 34.28
N VAL C 340 -9.76 -35.09 33.09
CA VAL C 340 -8.99 -34.87 31.87
C VAL C 340 -9.73 -33.82 31.06
N ASN C 341 -9.27 -32.59 31.12
CA ASN C 341 -9.88 -31.52 30.34
C ASN C 341 -9.53 -31.67 28.88
N ILE C 342 -10.48 -31.33 28.01
CA ILE C 342 -10.29 -31.35 26.56
C ILE C 342 -10.22 -29.92 26.08
N LEU C 343 -9.11 -29.55 25.46
CA LEU C 343 -8.89 -28.16 25.08
C LEU C 343 -9.55 -27.83 23.75
N ASN C 344 -9.52 -28.76 22.78
CA ASN C 344 -10.11 -28.51 21.47
C ASN C 344 -11.59 -28.87 21.50
N VAL C 345 -12.35 -28.02 22.18
CA VAL C 345 -13.79 -28.24 22.29
C VAL C 345 -14.50 -27.93 20.98
N LYS C 346 -14.00 -26.96 20.22
CA LYS C 346 -14.65 -26.49 19.02
C LYS C 346 -13.71 -26.61 17.83
N ASP C 347 -14.30 -26.74 16.64
CA ASP C 347 -13.50 -26.84 15.43
C ASP C 347 -12.85 -25.50 15.13
N ALA C 348 -11.54 -25.52 14.92
CA ALA C 348 -10.79 -24.31 14.59
C ALA C 348 -9.60 -24.69 13.74
N ARG C 349 -9.27 -23.83 12.78
CA ARG C 349 -8.15 -24.09 11.90
C ARG C 349 -6.87 -23.65 12.58
N THR C 350 -5.91 -24.58 12.68
CA THR C 350 -4.82 -24.44 13.64
C THR C 350 -3.83 -23.36 13.23
N ASN C 351 -3.28 -22.69 14.25
CA ASN C 351 -2.10 -21.85 14.13
C ASN C 351 -1.01 -22.51 14.96
N VAL C 352 0.16 -22.73 14.36
CA VAL C 352 1.21 -23.47 15.03
C VAL C 352 2.41 -22.57 15.25
N PHE C 353 3.21 -22.91 16.24
CA PHE C 353 4.46 -22.22 16.53
C PHE C 353 5.40 -23.19 17.22
N TRP C 354 6.69 -23.07 16.90
CA TRP C 354 7.67 -23.95 17.51
C TRP C 354 8.99 -23.21 17.65
N ALA C 355 9.87 -23.75 18.49
CA ALA C 355 11.10 -23.08 18.87
C ALA C 355 12.30 -23.96 18.54
N ASP C 356 13.24 -23.41 17.77
CA ASP C 356 14.57 -24.00 17.57
C ASP C 356 14.44 -25.39 16.94
N ASP C 357 14.86 -26.46 17.62
CA ASP C 357 14.92 -27.80 17.05
C ASP C 357 13.63 -28.58 17.26
N ALA C 358 12.50 -27.89 17.45
CA ALA C 358 11.26 -28.59 17.72
C ALA C 358 10.91 -29.54 16.60
N ILE C 359 11.25 -29.21 15.36
CA ILE C 359 11.06 -30.10 14.22
C ILE C 359 12.37 -30.20 13.47
N ARG C 360 12.76 -31.43 13.15
CA ARG C 360 13.97 -31.71 12.40
C ARG C 360 13.62 -32.47 11.15
N ILE C 361 14.25 -32.11 10.03
CA ILE C 361 14.08 -32.82 8.76
C ILE C 361 15.34 -33.63 8.51
N VAL C 362 15.19 -34.95 8.48
CA VAL C 362 16.31 -35.87 8.36
C VAL C 362 16.30 -36.44 6.95
N SER C 363 17.42 -36.31 6.24
CA SER C 363 17.49 -36.80 4.88
C SER C 363 18.94 -37.11 4.52
N GLN C 364 19.14 -38.18 3.76
CA GLN C 364 20.43 -38.56 3.23
C GLN C 364 20.29 -38.90 1.76
N PRO C 365 21.37 -38.82 0.99
CA PRO C 365 21.27 -39.05 -0.45
C PRO C 365 20.73 -40.44 -0.76
N ILE C 366 19.90 -40.51 -1.78
CA ILE C 366 19.31 -41.79 -2.19
C ILE C 366 20.39 -42.65 -2.83
N PRO C 367 20.58 -43.89 -2.38
CA PRO C 367 21.59 -44.76 -3.00
C PRO C 367 21.28 -44.99 -4.46
N ALA C 368 22.26 -44.72 -5.32
CA ALA C 368 22.06 -44.87 -6.75
C ALA C 368 23.37 -45.30 -7.40
N ASN C 369 23.23 -45.97 -8.53
CA ASN C 369 24.36 -46.38 -9.36
C ASN C 369 24.19 -45.71 -10.72
N HIS C 370 24.79 -44.53 -10.85
CA HIS C 370 24.58 -43.72 -12.04
C HIS C 370 25.30 -44.32 -13.24
N GLU C 371 24.74 -44.07 -14.43
CA GLU C 371 25.31 -44.48 -15.73
C GLU C 371 25.82 -45.92 -15.71
N LEU C 372 25.14 -46.77 -14.94
CA LEU C 372 25.51 -48.18 -14.86
C LEU C 372 24.61 -49.08 -15.67
N PHE C 373 23.32 -48.78 -15.76
CA PHE C 373 22.38 -49.56 -16.55
C PHE C 373 21.89 -48.71 -17.72
N ALA C 374 22.08 -49.21 -18.94
CA ALA C 374 21.65 -48.47 -20.11
C ALA C 374 20.13 -48.43 -20.19
N GLY C 375 19.62 -47.27 -20.60
CA GLY C 375 18.20 -47.03 -20.71
C GLY C 375 17.64 -46.11 -19.64
N MET C 376 18.16 -46.20 -18.41
CA MET C 376 17.69 -45.38 -17.31
C MET C 376 18.80 -44.39 -16.93
N LYS C 377 18.47 -43.11 -16.95
CA LYS C 377 19.42 -42.04 -16.66
C LYS C 377 19.03 -41.40 -15.33
N THR C 378 19.68 -41.81 -14.25
CA THR C 378 19.38 -41.29 -12.93
C THR C 378 20.37 -40.19 -12.56
N THR C 379 19.84 -39.06 -12.14
CA THR C 379 20.65 -37.94 -11.66
C THR C 379 20.27 -37.65 -10.21
N SER C 380 21.27 -37.58 -9.35
CA SER C 380 21.05 -37.32 -7.94
C SER C 380 21.31 -35.86 -7.63
N PHE C 381 20.31 -35.20 -7.06
CA PHE C 381 20.41 -33.79 -6.70
C PHE C 381 20.09 -33.61 -5.22
N SER C 382 20.25 -32.38 -4.75
CA SER C 382 20.00 -32.03 -3.37
C SER C 382 19.49 -30.60 -3.30
N ILE C 383 18.54 -30.36 -2.40
CA ILE C 383 17.99 -29.02 -2.18
C ILE C 383 18.61 -28.47 -0.90
N PRO C 384 19.52 -27.50 -0.99
CA PRO C 384 20.22 -27.06 0.23
C PRO C 384 19.36 -26.23 1.16
N ASP C 385 18.49 -25.38 0.62
CA ASP C 385 17.67 -24.54 1.48
C ASP C 385 16.75 -25.36 2.37
N VAL C 386 16.15 -26.42 1.82
CA VAL C 386 15.25 -27.26 2.60
C VAL C 386 15.98 -28.39 3.29
N GLY C 387 17.05 -28.91 2.72
CA GLY C 387 17.74 -30.04 3.30
C GLY C 387 17.24 -31.39 2.83
N LEU C 388 16.59 -31.44 1.68
CA LEU C 388 16.11 -32.70 1.10
C LEU C 388 17.10 -33.21 0.07
N ASN C 389 17.25 -34.52 0.03
CA ASN C 389 18.05 -35.20 -0.97
C ASN C 389 17.14 -36.02 -1.86
N GLY C 390 17.38 -35.97 -3.17
CA GLY C 390 16.49 -36.61 -4.11
C GLY C 390 17.25 -37.21 -5.28
N ILE C 391 16.49 -37.81 -6.18
CA ILE C 391 17.01 -38.38 -7.41
C ILE C 391 16.02 -38.11 -8.52
N PHE C 392 16.53 -37.86 -9.72
CA PHE C 392 15.70 -37.58 -10.89
C PHE C 392 16.08 -38.58 -11.97
N ALA C 393 15.10 -39.35 -12.43
CA ALA C 393 15.37 -40.44 -13.36
C ALA C 393 14.39 -40.38 -14.52
N THR C 394 14.88 -40.79 -15.70
CA THR C 394 14.08 -40.87 -16.91
C THR C 394 14.32 -42.20 -17.59
N GLN C 395 13.36 -42.73 -18.32
CA GLN C 395 13.55 -43.99 -19.03
C GLN C 395 12.50 -43.94 -20.07
N GLY C 396 12.59 -44.73 -21.11
CA GLY C 396 11.65 -44.65 -22.17
C GLY C 396 10.79 -45.86 -22.13
N ASP C 397 9.49 -45.73 -22.33
CA ASP C 397 8.61 -46.85 -22.26
C ASP C 397 7.85 -47.00 -23.56
N ILE C 398 7.71 -48.21 -24.10
CA ILE C 398 6.94 -48.34 -25.30
C ILE C 398 5.57 -48.75 -24.96
N SER C 399 5.24 -48.93 -23.71
CA SER C 399 3.88 -49.24 -23.43
C SER C 399 3.11 -47.97 -23.34
N THR C 400 3.77 -46.84 -23.34
CA THR C 400 3.15 -45.52 -23.37
C THR C 400 3.66 -44.63 -24.49
N LEU C 401 4.65 -45.09 -25.27
CA LEU C 401 5.24 -44.30 -26.35
C LEU C 401 5.72 -42.95 -25.85
N SER C 402 6.22 -42.92 -24.63
CA SER C 402 6.64 -41.68 -24.01
C SER C 402 7.70 -41.99 -22.97
N GLY C 403 8.46 -40.96 -22.60
CA GLY C 403 9.52 -41.14 -21.63
C GLY C 403 9.04 -41.02 -20.21
N LEU C 404 9.10 -42.12 -19.46
CA LEU C 404 8.77 -42.04 -18.04
C LEU C 404 9.79 -41.18 -17.33
N CYS C 405 9.31 -40.37 -16.39
CA CYS C 405 10.16 -39.51 -15.58
C CYS C 405 9.79 -39.68 -14.11
N ARG C 406 10.78 -39.81 -13.26
CA ARG C 406 10.57 -40.02 -11.83
C ARG C 406 11.41 -39.06 -11.02
N ILE C 407 10.78 -38.37 -10.07
CA ILE C 407 11.47 -37.53 -9.10
C ILE C 407 11.17 -38.07 -7.73
N ALA C 408 12.23 -38.34 -6.95
CA ALA C 408 12.09 -38.89 -5.62
C ALA C 408 12.67 -37.90 -4.62
N LEU C 409 12.07 -37.85 -3.44
CA LEU C 409 12.61 -37.09 -2.32
C LEU C 409 12.57 -37.98 -1.08
N TRP C 410 13.73 -38.24 -0.51
CA TRP C 410 13.83 -39.15 0.63
C TRP C 410 14.13 -38.31 1.87
N TYR C 411 13.14 -38.20 2.75
CA TYR C 411 13.28 -37.35 3.92
C TYR C 411 12.38 -37.90 5.02
N GLY C 412 12.73 -37.60 6.26
CA GLY C 412 11.91 -37.96 7.39
C GLY C 412 11.77 -36.81 8.33
N VAL C 413 10.54 -36.37 8.57
CA VAL C 413 10.27 -35.26 9.48
C VAL C 413 10.08 -35.82 10.87
N ASN C 414 10.83 -35.30 11.83
CA ASN C 414 10.77 -35.74 13.21
C ASN C 414 10.43 -34.56 14.09
N ALA C 415 9.50 -34.78 15.03
CA ALA C 415 9.08 -33.73 15.96
C ALA C 415 9.84 -33.91 17.27
N THR C 416 11.13 -33.56 17.24
CA THR C 416 11.94 -33.64 18.44
C THR C 416 11.52 -32.57 19.43
N ARG C 417 11.42 -32.94 20.70
CA ARG C 417 10.84 -32.07 21.71
C ARG C 417 9.46 -31.61 21.29
N PRO C 418 8.43 -32.46 21.37
CA PRO C 418 7.07 -31.98 21.14
C PRO C 418 6.61 -30.98 22.16
N GLU C 419 7.27 -30.91 23.32
CA GLU C 419 6.91 -29.90 24.31
C GLU C 419 7.17 -28.50 23.81
N ALA C 420 8.06 -28.34 22.83
CA ALA C 420 8.39 -27.03 22.27
C ALA C 420 7.54 -26.65 21.09
N ILE C 421 6.70 -27.55 20.57
CA ILE C 421 5.80 -27.26 19.46
C ILE C 421 4.47 -26.84 20.04
N GLY C 422 3.92 -25.75 19.53
CA GLY C 422 2.69 -25.19 20.05
C GLY C 422 1.60 -25.16 19.00
N VAL C 423 0.35 -25.25 19.48
CA VAL C 423 -0.82 -25.13 18.62
C VAL C 423 -1.73 -24.06 19.22
N GLY C 424 -2.05 -23.04 18.43
CA GLY C 424 -2.95 -21.99 18.86
C GLY C 424 -4.35 -22.25 18.33
N LEU C 425 -5.32 -22.29 19.23
CA LEU C 425 -6.69 -22.65 18.90
C LEU C 425 -7.63 -21.50 19.21
N PRO C 426 -7.96 -20.65 18.24
CA PRO C 426 -8.85 -19.52 18.52
C PRO C 426 -10.31 -19.93 18.50
N GLY C 427 -11.12 -19.15 19.20
CA GLY C 427 -12.56 -19.35 19.20
C GLY C 427 -13.04 -20.65 19.82
N GLN C 428 -12.48 -21.04 20.96
CA GLN C 428 -12.93 -22.23 21.68
C GLN C 428 -14.00 -21.85 22.69
N THR C 429 -15.16 -21.47 22.16
CA THR C 429 -16.24 -20.94 22.99
C THR C 429 -16.78 -22.00 23.94
N ALA C 430 -16.89 -23.24 23.48
CA ALA C 430 -17.47 -24.34 24.26
C ALA C 430 -18.90 -24.01 24.69
N ALA D 2 10.37 53.99 -24.07
CA ALA D 2 11.75 53.55 -24.15
C ALA D 2 11.84 52.20 -24.88
N LEU D 3 10.82 51.89 -25.65
CA LEU D 3 10.80 50.69 -26.48
C LEU D 3 10.83 51.07 -27.95
N ASN D 4 11.59 50.30 -28.73
CA ASN D 4 11.62 50.46 -30.16
C ASN D 4 10.53 49.61 -30.81
N GLU D 5 10.37 49.77 -32.13
CA GLU D 5 9.30 49.08 -32.84
C GLU D 5 9.45 47.56 -32.74
N GLY D 6 10.68 47.07 -32.87
CA GLY D 6 10.89 45.63 -32.81
C GLY D 6 10.46 45.04 -31.48
N GLN D 7 10.83 45.69 -30.38
CA GLN D 7 10.40 45.21 -29.07
C GLN D 7 8.89 45.28 -28.94
N ILE D 8 8.30 46.37 -29.43
CA ILE D 8 6.84 46.53 -29.37
C ILE D 8 6.15 45.36 -30.03
N VAL D 9 6.67 44.92 -31.18
CA VAL D 9 6.06 43.77 -31.85
C VAL D 9 6.33 42.49 -31.09
N THR D 10 7.59 42.25 -30.74
CA THR D 10 8.00 40.93 -30.26
C THR D 10 7.42 40.63 -28.88
N LEU D 11 7.57 41.55 -27.94
CA LEU D 11 7.06 41.32 -26.60
C LEU D 11 5.55 41.14 -26.62
N ALA D 12 4.86 41.94 -27.43
CA ALA D 12 3.41 41.84 -27.50
C ALA D 12 2.97 40.49 -28.04
N VAL D 13 3.57 40.05 -29.15
CA VAL D 13 3.16 38.77 -29.73
C VAL D 13 3.45 37.64 -28.77
N ASP D 14 4.62 37.66 -28.13
CA ASP D 14 4.98 36.60 -27.19
C ASP D 14 4.00 36.55 -26.02
N GLU D 15 3.71 37.71 -25.42
CA GLU D 15 2.81 37.72 -24.26
C GLU D 15 1.41 37.28 -24.66
N ILE D 16 0.96 37.70 -25.84
CA ILE D 16 -0.35 37.25 -26.33
C ILE D 16 -0.39 35.74 -26.40
N ILE D 17 0.62 35.14 -27.02
CA ILE D 17 0.60 33.68 -27.21
C ILE D 17 0.63 32.97 -25.86
N GLU D 18 1.54 33.38 -24.98
CA GLU D 18 1.64 32.70 -23.69
C GLU D 18 0.35 32.81 -22.89
N THR D 19 -0.20 34.02 -22.80
CA THR D 19 -1.41 34.20 -21.99
C THR D 19 -2.59 33.42 -22.56
N ILE D 20 -2.83 33.55 -23.87
CA ILE D 20 -3.99 32.90 -24.46
C ILE D 20 -3.86 31.38 -24.37
N SER D 21 -2.64 30.86 -24.55
CA SER D 21 -2.45 29.42 -24.38
C SER D 21 -2.66 29.00 -22.94
N ALA D 22 -2.29 29.85 -21.98
CA ALA D 22 -2.35 29.45 -20.58
C ALA D 22 -3.77 29.44 -20.05
N ILE D 23 -4.62 30.38 -20.49
CA ILE D 23 -5.89 30.57 -19.80
C ILE D 23 -7.10 30.22 -20.66
N THR D 24 -6.95 29.25 -21.57
CA THR D 24 -8.06 28.76 -22.37
C THR D 24 -8.12 27.24 -22.23
N PRO D 25 -8.79 26.73 -21.19
CA PRO D 25 -8.94 25.28 -21.06
C PRO D 25 -10.04 24.69 -21.93
N MET D 26 -11.11 25.44 -22.19
CA MET D 26 -12.21 24.92 -22.99
C MET D 26 -11.88 24.90 -24.47
N ALA D 27 -11.11 25.89 -24.94
CA ALA D 27 -10.75 25.92 -26.34
C ALA D 27 -9.72 24.87 -26.71
N GLN D 28 -8.97 24.35 -25.73
CA GLN D 28 -8.02 23.28 -25.99
C GLN D 28 -8.65 21.90 -25.94
N LYS D 29 -9.87 21.78 -25.41
CA LYS D 29 -10.61 20.53 -25.43
C LYS D 29 -11.40 20.35 -26.72
N ALA D 30 -11.40 21.35 -27.60
CA ALA D 30 -12.10 21.30 -28.87
C ALA D 30 -11.11 20.91 -29.96
N LYS D 31 -11.44 19.90 -30.75
CA LYS D 31 -10.56 19.45 -31.81
C LYS D 31 -10.36 20.55 -32.85
N LYS D 32 -9.14 20.65 -33.36
CA LYS D 32 -8.78 21.67 -34.32
C LYS D 32 -8.92 21.13 -35.72
N TYR D 33 -9.62 21.87 -36.57
CA TYR D 33 -9.80 21.50 -37.96
C TYR D 33 -9.02 22.47 -38.84
N THR D 34 -8.30 21.94 -39.81
CA THR D 34 -7.49 22.79 -40.67
C THR D 34 -8.28 23.17 -41.92
N PRO D 35 -8.42 24.47 -42.22
CA PRO D 35 -9.11 24.87 -43.44
C PRO D 35 -8.38 24.37 -44.66
N PRO D 36 -9.08 24.15 -45.77
CA PRO D 36 -8.44 23.53 -46.94
C PRO D 36 -7.22 24.27 -47.46
N ALA D 37 -7.25 25.61 -47.44
CA ALA D 37 -6.15 26.38 -48.01
C ALA D 37 -6.11 27.75 -47.34
N ALA D 38 -4.98 28.43 -47.52
CA ALA D 38 -4.79 29.77 -46.97
C ALA D 38 -5.09 30.78 -48.06
N SER D 39 -6.38 31.08 -48.23
CA SER D 39 -6.81 32.07 -49.19
C SER D 39 -6.60 33.47 -48.63
N MET D 40 -6.68 34.46 -49.53
CA MET D 40 -6.54 35.87 -49.17
C MET D 40 -7.87 36.59 -49.12
N GLN D 41 -8.97 35.85 -48.98
CA GLN D 41 -10.30 36.44 -49.04
C GLN D 41 -10.81 36.70 -47.63
N ARG D 42 -11.35 37.90 -47.43
CA ARG D 42 -11.78 38.32 -46.10
C ARG D 42 -13.03 37.57 -45.65
N SER D 43 -13.88 37.16 -46.59
CA SER D 43 -15.08 36.37 -46.29
C SER D 43 -14.74 34.90 -46.49
N SER D 44 -14.64 34.17 -45.39
CA SER D 44 -14.24 32.77 -45.46
C SER D 44 -15.31 31.90 -46.08
N ASN D 45 -14.87 30.88 -46.81
CA ASN D 45 -15.78 29.92 -47.40
C ASN D 45 -16.49 29.13 -46.31
N THR D 46 -17.70 28.66 -46.63
CA THR D 46 -18.41 27.77 -45.72
C THR D 46 -17.75 26.41 -45.73
N ILE D 47 -16.95 26.13 -44.71
CA ILE D 47 -16.13 24.92 -44.69
C ILE D 47 -17.03 23.74 -44.38
N TRP D 48 -17.29 22.91 -45.39
CA TRP D 48 -18.09 21.70 -45.22
C TRP D 48 -17.17 20.58 -44.79
N MET D 49 -17.07 20.36 -43.48
CA MET D 49 -16.16 19.37 -42.95
C MET D 49 -16.90 18.09 -42.57
N PRO D 50 -16.36 16.94 -42.93
CA PRO D 50 -17.09 15.67 -42.75
C PRO D 50 -17.15 15.26 -41.29
N VAL D 51 -18.21 14.52 -40.96
CA VAL D 51 -18.35 13.88 -39.67
C VAL D 51 -18.54 12.39 -39.89
N GLU D 52 -17.75 11.58 -39.21
CA GLU D 52 -17.76 10.13 -39.38
C GLU D 52 -18.49 9.49 -38.21
N GLN D 53 -19.63 8.87 -38.49
CA GLN D 53 -20.33 8.13 -37.46
C GLN D 53 -19.52 6.90 -37.07
N GLU D 54 -19.51 6.58 -35.78
CA GLU D 54 -18.78 5.41 -35.32
C GLU D 54 -19.37 4.15 -35.89
N SER D 55 -18.56 3.38 -36.60
CA SER D 55 -19.01 2.14 -37.19
C SER D 55 -18.45 0.95 -36.41
N PRO D 56 -19.31 0.01 -36.03
CA PRO D 56 -18.83 -1.17 -35.30
C PRO D 56 -17.92 -2.01 -36.18
N THR D 57 -16.95 -2.65 -35.53
CA THR D 57 -16.00 -3.46 -36.26
C THR D 57 -16.69 -4.66 -36.89
N GLN D 58 -16.18 -5.05 -38.05
CA GLN D 58 -16.70 -6.20 -38.78
C GLN D 58 -15.89 -7.43 -38.39
N GLU D 59 -16.59 -8.52 -38.12
CA GLU D 59 -15.98 -9.79 -37.78
C GLU D 59 -16.23 -10.79 -38.90
N GLY D 60 -15.16 -11.36 -39.42
CA GLY D 60 -15.27 -12.37 -40.45
C GLY D 60 -14.14 -12.22 -41.45
N TRP D 61 -13.97 -13.28 -42.24
CA TRP D 61 -12.98 -13.27 -43.30
C TRP D 61 -13.44 -12.57 -44.56
N ASP D 62 -14.74 -12.60 -44.84
CA ASP D 62 -15.30 -12.03 -46.06
C ASP D 62 -16.09 -10.77 -45.72
N LEU D 63 -15.66 -9.65 -46.30
CA LEU D 63 -16.33 -8.35 -46.16
C LEU D 63 -16.49 -7.81 -47.57
N THR D 64 -17.63 -8.10 -48.20
CA THR D 64 -17.78 -7.80 -49.62
C THR D 64 -17.90 -6.30 -49.85
N ASP D 65 -18.90 -5.67 -49.26
CA ASP D 65 -19.21 -4.26 -49.51
C ASP D 65 -19.32 -3.47 -48.21
N LYS D 66 -18.35 -3.65 -47.31
CA LYS D 66 -18.36 -2.94 -46.04
C LYS D 66 -17.57 -1.64 -46.06
N ALA D 67 -16.88 -1.33 -47.15
CA ALA D 67 -16.14 -0.09 -47.24
C ALA D 67 -16.84 0.96 -48.10
N THR D 68 -17.48 0.53 -49.19
CA THR D 68 -18.13 1.44 -50.12
C THR D 68 -19.61 1.56 -49.80
N GLY D 69 -20.24 2.58 -50.37
CA GLY D 69 -21.66 2.80 -50.22
C GLY D 69 -22.08 3.46 -48.93
N LEU D 70 -21.15 3.87 -48.09
CA LEU D 70 -21.49 4.50 -46.83
C LEU D 70 -22.14 5.87 -47.06
N LEU D 71 -23.08 6.21 -46.17
CA LEU D 71 -23.68 7.54 -46.17
C LEU D 71 -22.76 8.48 -45.40
N GLU D 72 -22.24 9.49 -46.07
CA GLU D 72 -21.29 10.43 -45.49
C GLU D 72 -21.97 11.80 -45.41
N LEU D 73 -22.19 12.27 -44.19
CA LEU D 73 -22.78 13.58 -43.95
C LEU D 73 -21.70 14.57 -43.53
N ASN D 74 -21.93 15.83 -43.83
CA ASN D 74 -20.99 16.91 -43.52
C ASN D 74 -21.70 17.97 -42.71
N VAL D 75 -20.91 18.79 -42.03
CA VAL D 75 -21.40 19.92 -41.25
C VAL D 75 -20.70 21.18 -41.73
N ALA D 76 -21.42 22.29 -41.73
CA ALA D 76 -20.91 23.55 -42.25
C ALA D 76 -20.48 24.46 -41.11
N VAL D 77 -19.22 24.89 -41.13
CA VAL D 77 -18.70 25.83 -40.16
C VAL D 77 -18.31 27.11 -40.89
N ASN D 78 -18.83 28.23 -40.41
CA ASN D 78 -18.57 29.53 -41.01
C ASN D 78 -17.70 30.33 -40.05
N MET D 79 -16.49 30.63 -40.48
CA MET D 79 -15.66 31.57 -39.73
C MET D 79 -16.21 32.96 -39.92
N GLY D 80 -16.59 33.61 -38.84
CA GLY D 80 -17.28 34.87 -38.97
C GLY D 80 -16.32 36.03 -39.11
N GLU D 81 -16.45 37.00 -38.24
CA GLU D 81 -15.55 38.13 -38.27
C GLU D 81 -14.64 38.12 -37.05
N PRO D 82 -13.40 38.57 -37.18
CA PRO D 82 -12.42 38.37 -36.11
C PRO D 82 -12.78 39.12 -34.84
N ASP D 83 -12.37 38.53 -33.72
CA ASP D 83 -12.51 39.15 -32.42
C ASP D 83 -11.27 40.00 -32.15
N ASN D 84 -11.48 41.29 -31.89
CA ASN D 84 -10.39 42.25 -31.81
C ASN D 84 -10.21 42.73 -30.39
N ASP D 85 -9.10 43.44 -30.17
CA ASP D 85 -8.91 44.25 -28.97
C ASP D 85 -8.20 45.52 -29.42
N PHE D 86 -8.97 46.55 -29.74
CA PHE D 86 -8.49 47.75 -30.38
C PHE D 86 -8.43 48.86 -29.33
N PHE D 87 -7.22 49.22 -28.91
CA PHE D 87 -7.03 50.13 -27.80
C PHE D 87 -5.91 51.11 -28.14
N GLN D 88 -5.57 51.97 -27.18
CA GLN D 88 -4.50 52.93 -27.33
C GLN D 88 -3.35 52.55 -26.40
N LEU D 89 -2.13 52.74 -26.89
CA LEU D 89 -0.92 52.45 -26.12
C LEU D 89 -0.44 53.72 -25.45
N ARG D 90 -0.66 53.82 -24.15
CA ARG D 90 -0.21 54.99 -23.41
C ARG D 90 1.31 54.98 -23.29
N ALA D 91 1.89 56.18 -23.20
CA ALA D 91 3.33 56.28 -23.01
C ALA D 91 3.79 55.64 -21.71
N ASP D 92 2.88 55.48 -20.75
CA ASP D 92 3.22 54.75 -19.53
C ASP D 92 3.50 53.28 -19.84
N ASP D 93 2.74 52.69 -20.76
CA ASP D 93 2.90 51.28 -21.06
C ASP D 93 4.25 50.99 -21.71
N LEU D 94 4.70 51.88 -22.59
CA LEU D 94 5.95 51.69 -23.32
C LEU D 94 7.16 52.17 -22.53
N ARG D 95 7.04 52.31 -21.21
CA ARG D 95 8.19 52.70 -20.40
C ARG D 95 9.28 51.63 -20.42
N ASP D 96 8.90 50.39 -20.16
CA ASP D 96 9.84 49.28 -20.11
C ASP D 96 9.11 48.01 -20.51
N GLU D 97 9.81 46.88 -20.37
CA GLU D 97 9.24 45.60 -20.79
C GLU D 97 8.10 45.18 -19.88
N THR D 98 8.19 45.49 -18.58
CA THR D 98 7.20 45.00 -17.64
C THR D 98 5.84 45.64 -17.86
N ALA D 99 5.80 46.97 -18.00
CA ALA D 99 4.52 47.65 -18.21
C ALA D 99 3.87 47.25 -19.52
N TYR D 100 4.66 47.16 -20.59
CA TYR D 100 4.13 46.74 -21.87
C TYR D 100 3.60 45.31 -21.80
N ARG D 101 4.34 44.43 -21.13
CA ARG D 101 3.88 43.05 -21.01
C ARG D 101 2.59 42.97 -20.21
N ARG D 102 2.43 43.82 -19.18
CA ARG D 102 1.18 43.82 -18.43
C ARG D 102 0.02 44.30 -19.29
N ARG D 103 0.22 45.36 -20.08
CA ARG D 103 -0.86 45.85 -20.93
C ARG D 103 -1.26 44.79 -21.96
N ILE D 104 -0.27 44.18 -22.60
CA ILE D 104 -0.57 43.15 -23.60
C ILE D 104 -1.17 41.93 -22.94
N GLN D 105 -0.82 41.64 -21.69
CA GLN D 105 -1.42 40.53 -20.97
C GLN D 105 -2.88 40.80 -20.69
N SER D 106 -3.24 42.03 -20.34
CA SER D 106 -4.65 42.36 -20.17
C SER D 106 -5.39 42.19 -21.49
N ALA D 107 -4.78 42.64 -22.59
CA ALA D 107 -5.41 42.47 -23.90
C ALA D 107 -5.62 40.99 -24.23
N ALA D 108 -4.61 40.17 -23.98
CA ALA D 108 -4.72 38.75 -24.25
C ALA D 108 -5.74 38.07 -23.34
N ARG D 109 -5.88 38.55 -22.10
CA ARG D 109 -6.93 38.03 -21.23
C ARG D 109 -8.30 38.35 -21.78
N LYS D 110 -8.48 39.55 -22.33
CA LYS D 110 -9.75 39.88 -22.97
C LYS D 110 -10.03 38.95 -24.13
N LEU D 111 -9.03 38.71 -24.98
CA LEU D 111 -9.23 37.84 -26.13
C LEU D 111 -9.55 36.41 -25.70
N ALA D 112 -8.84 35.90 -24.68
CA ALA D 112 -9.12 34.56 -24.18
C ALA D 112 -10.50 34.48 -23.57
N ASN D 113 -10.93 35.54 -22.89
CA ASN D 113 -12.30 35.61 -22.39
C ASN D 113 -13.28 35.45 -23.54
N ASN D 114 -13.06 36.17 -24.64
CA ASN D 114 -13.99 36.07 -25.77
C ASN D 114 -14.01 34.66 -26.34
N VAL D 115 -12.84 34.03 -26.49
CA VAL D 115 -12.79 32.68 -27.05
C VAL D 115 -13.53 31.69 -26.15
N GLU D 116 -13.21 31.71 -24.86
CA GLU D 116 -13.84 30.78 -23.92
C GLU D 116 -15.34 31.02 -23.83
N LEU D 117 -15.77 32.29 -23.86
CA LEU D 117 -17.19 32.59 -23.83
C LEU D 117 -17.88 32.05 -25.06
N LYS D 118 -17.26 32.18 -26.23
CA LYS D 118 -17.86 31.64 -27.44
C LYS D 118 -18.03 30.13 -27.33
N VAL D 119 -16.98 29.43 -26.87
CA VAL D 119 -17.07 27.97 -26.76
C VAL D 119 -18.13 27.58 -25.73
N ALA D 120 -18.14 28.24 -24.58
CA ALA D 120 -19.07 27.89 -23.51
C ALA D 120 -20.51 28.17 -23.93
N ASN D 121 -20.76 29.32 -24.54
CA ASN D 121 -22.11 29.63 -24.98
C ASN D 121 -22.58 28.68 -26.07
N MET D 122 -21.69 28.31 -26.99
CA MET D 122 -22.07 27.35 -28.01
C MET D 122 -22.41 26.01 -27.39
N ALA D 123 -21.61 25.54 -26.42
CA ALA D 123 -21.88 24.26 -25.79
C ALA D 123 -23.17 24.29 -24.98
N ALA D 124 -23.44 25.41 -24.29
CA ALA D 124 -24.64 25.47 -23.45
C ALA D 124 -25.91 25.64 -24.27
N GLU D 125 -25.87 26.47 -25.32
CA GLU D 125 -27.06 26.75 -26.11
C GLU D 125 -27.28 25.76 -27.23
N MET D 126 -26.30 24.91 -27.55
CA MET D 126 -26.48 23.90 -28.59
C MET D 126 -26.24 22.50 -28.05
N GLY D 127 -26.14 22.35 -26.73
CA GLY D 127 -25.99 21.04 -26.12
C GLY D 127 -27.35 20.40 -25.94
N SER D 128 -27.47 19.15 -26.40
CA SER D 128 -28.75 18.47 -26.43
C SER D 128 -28.91 17.41 -25.36
N LEU D 129 -27.83 16.80 -24.89
CA LEU D 129 -27.91 15.78 -23.85
C LEU D 129 -28.14 16.48 -22.51
N VAL D 130 -29.39 16.83 -22.27
CA VAL D 130 -29.77 17.59 -21.08
C VAL D 130 -30.09 16.63 -19.95
N ILE D 131 -29.47 16.84 -18.80
CA ILE D 131 -29.80 16.10 -17.58
C ILE D 131 -30.09 17.13 -16.48
N THR D 132 -31.24 16.97 -15.83
CA THR D 132 -31.69 17.92 -14.82
C THR D 132 -32.01 17.18 -13.53
N SER D 133 -32.13 17.94 -12.45
CA SER D 133 -32.45 17.38 -11.15
C SER D 133 -33.11 18.45 -10.27
N PRO D 134 -34.13 18.08 -9.50
CA PRO D 134 -34.78 19.08 -8.63
C PRO D 134 -33.85 19.69 -7.60
N ASP D 135 -32.88 18.93 -7.10
CA ASP D 135 -31.95 19.43 -6.09
C ASP D 135 -30.68 19.92 -6.78
N ALA D 136 -29.71 20.36 -5.99
CA ALA D 136 -28.47 20.91 -6.50
C ALA D 136 -27.35 19.88 -6.36
N ILE D 137 -26.21 20.19 -6.96
CA ILE D 137 -25.08 19.27 -6.97
C ILE D 137 -24.43 19.23 -5.60
N GLY D 138 -24.12 18.03 -5.13
CA GLY D 138 -23.50 17.89 -3.83
C GLY D 138 -22.91 16.50 -3.68
N THR D 139 -22.12 16.34 -2.62
CA THR D 139 -21.47 15.06 -2.35
C THR D 139 -22.44 14.05 -1.74
N ASN D 140 -23.45 14.52 -1.02
CA ASN D 140 -24.35 13.63 -0.30
C ASN D 140 -25.06 12.68 -1.25
N THR D 141 -25.19 11.42 -0.82
CA THR D 141 -25.89 10.43 -1.61
C THR D 141 -27.37 10.78 -1.75
N ALA D 142 -27.99 11.26 -0.69
CA ALA D 142 -29.39 11.65 -0.68
C ALA D 142 -29.50 13.15 -0.44
N ASP D 143 -30.44 13.78 -1.14
CA ASP D 143 -30.79 15.21 -1.19
C ASP D 143 -29.81 16.01 -2.04
N ALA D 144 -28.86 15.36 -2.71
CA ALA D 144 -27.91 16.04 -3.58
C ALA D 144 -27.79 15.29 -4.89
N TRP D 145 -27.38 16.00 -5.93
CA TRP D 145 -27.31 15.46 -7.28
C TRP D 145 -25.87 15.08 -7.63
N ASN D 146 -25.72 13.93 -8.29
CA ASN D 146 -24.43 13.45 -8.77
C ASN D 146 -24.39 13.70 -10.27
N PHE D 147 -23.92 14.88 -10.65
CA PHE D 147 -23.96 15.26 -12.06
C PHE D 147 -23.07 14.38 -12.91
N VAL D 148 -21.87 14.06 -12.42
CA VAL D 148 -20.94 13.26 -13.21
C VAL D 148 -21.51 11.87 -13.45
N ALA D 149 -22.07 11.24 -12.42
CA ALA D 149 -22.61 9.90 -12.58
C ALA D 149 -23.76 9.87 -13.57
N ASP D 150 -24.66 10.87 -13.49
CA ASP D 150 -25.76 10.94 -14.45
C ASP D 150 -25.25 11.14 -15.87
N ALA D 151 -24.25 12.00 -16.04
CA ALA D 151 -23.70 12.24 -17.38
C ALA D 151 -23.05 10.97 -17.93
N GLU D 152 -22.28 10.26 -17.11
CA GLU D 152 -21.69 9.01 -17.57
C GLU D 152 -22.77 8.00 -17.94
N GLU D 153 -23.83 7.90 -17.14
CA GLU D 153 -24.89 6.95 -17.44
C GLU D 153 -25.59 7.30 -18.75
N ILE D 154 -25.87 8.59 -18.98
CA ILE D 154 -26.59 8.97 -20.19
C ILE D 154 -25.70 8.84 -21.42
N MET D 155 -24.40 9.10 -21.31
CA MET D 155 -23.54 8.95 -22.46
C MET D 155 -23.20 7.49 -22.74
N PHE D 156 -23.18 6.64 -21.72
CA PHE D 156 -22.97 5.22 -21.96
C PHE D 156 -24.21 4.56 -22.53
N SER D 157 -25.40 4.96 -22.07
CA SER D 157 -26.62 4.38 -22.58
C SER D 157 -26.81 4.71 -24.06
N ARG D 158 -26.50 5.95 -24.45
CA ARG D 158 -26.64 6.36 -25.84
C ARG D 158 -25.45 5.93 -26.71
N GLU D 159 -24.35 5.51 -26.09
CA GLU D 159 -23.19 4.98 -26.81
C GLU D 159 -22.64 6.02 -27.79
N LEU D 160 -22.30 7.20 -27.27
CA LEU D 160 -21.75 8.26 -28.08
C LEU D 160 -20.28 8.56 -27.79
N ASN D 161 -19.76 8.14 -26.64
CA ASN D 161 -18.39 8.51 -26.29
C ASN D 161 -17.35 7.84 -27.17
N ARG D 162 -17.75 6.85 -27.97
CA ARG D 162 -16.84 6.11 -28.85
C ARG D 162 -15.76 5.39 -28.05
N ASP D 163 -16.12 4.90 -26.87
CA ASP D 163 -15.19 4.19 -25.99
C ASP D 163 -13.97 5.05 -25.67
N MET D 164 -14.19 6.34 -25.48
CA MET D 164 -13.14 7.29 -25.16
C MET D 164 -13.62 8.19 -24.03
N GLY D 165 -12.73 9.08 -23.59
CA GLY D 165 -13.04 9.92 -22.45
C GLY D 165 -14.06 11.00 -22.79
N THR D 166 -14.68 11.52 -21.74
CA THR D 166 -15.61 12.63 -21.83
C THR D 166 -15.07 13.81 -21.05
N SER D 167 -15.26 15.01 -21.58
CA SER D 167 -14.76 16.24 -20.96
C SER D 167 -15.88 16.87 -20.15
N TYR D 168 -15.66 17.03 -18.84
CA TYR D 168 -16.66 17.63 -17.96
C TYR D 168 -16.17 19.00 -17.53
N PHE D 169 -17.03 20.01 -17.67
CA PHE D 169 -16.70 21.37 -17.27
C PHE D 169 -17.73 21.85 -16.27
N PHE D 170 -17.27 22.15 -15.06
CA PHE D 170 -18.12 22.67 -14.01
C PHE D 170 -17.92 24.17 -13.89
N ASN D 171 -18.97 24.85 -13.46
CA ASN D 171 -18.76 26.17 -12.90
C ASN D 171 -18.08 26.00 -11.54
N PRO D 172 -17.32 27.00 -11.09
CA PRO D 172 -16.46 26.76 -9.91
C PRO D 172 -17.22 26.33 -8.67
N GLN D 173 -18.43 26.85 -8.47
CA GLN D 173 -19.16 26.54 -7.24
C GLN D 173 -19.61 25.08 -7.22
N ASP D 174 -20.18 24.60 -8.33
CA ASP D 174 -20.60 23.20 -8.36
C ASP D 174 -19.40 22.27 -8.42
N TYR D 175 -18.26 22.75 -8.93
CA TYR D 175 -17.03 21.98 -8.83
C TYR D 175 -16.62 21.80 -7.38
N LYS D 176 -16.72 22.86 -6.58
CA LYS D 176 -16.41 22.75 -5.16
C LYS D 176 -17.42 21.87 -4.44
N LYS D 177 -18.71 22.04 -4.76
CA LYS D 177 -19.76 21.29 -4.06
C LYS D 177 -19.73 19.81 -4.42
N ALA D 178 -19.32 19.47 -5.64
CA ALA D 178 -19.23 18.07 -6.02
C ALA D 178 -18.11 17.33 -5.31
N GLY D 179 -17.22 18.04 -4.63
CA GLY D 179 -16.16 17.40 -3.89
C GLY D 179 -14.95 17.11 -4.75
N TYR D 180 -14.43 18.13 -5.42
CA TYR D 180 -13.27 18.01 -6.29
C TYR D 180 -12.15 18.90 -5.76
N ASP D 181 -10.97 18.31 -5.58
CA ASP D 181 -9.83 19.01 -5.01
C ASP D 181 -8.94 19.56 -6.11
N LEU D 182 -8.19 20.61 -5.75
CA LEU D 182 -7.26 21.25 -6.66
C LEU D 182 -5.81 20.95 -6.29
N THR D 183 -5.57 19.88 -5.56
CA THR D 183 -4.23 19.50 -5.13
C THR D 183 -3.50 18.86 -6.31
N LYS D 184 -2.27 19.33 -6.54
CA LYS D 184 -1.44 18.86 -7.65
C LYS D 184 -2.13 19.06 -8.99
N ARG D 185 -2.94 20.12 -9.08
CA ARG D 185 -3.62 20.48 -10.30
C ARG D 185 -3.53 21.99 -10.48
N ASP D 186 -3.62 22.45 -11.72
CA ASP D 186 -3.57 23.87 -11.98
C ASP D 186 -4.92 24.49 -11.63
N ILE D 187 -5.12 25.76 -11.99
CA ILE D 187 -6.28 26.48 -11.50
C ILE D 187 -7.58 25.94 -12.08
N PHE D 188 -7.52 25.20 -13.19
CA PHE D 188 -8.73 24.70 -13.83
C PHE D 188 -9.00 23.22 -13.54
N GLY D 189 -8.19 22.58 -12.71
CA GLY D 189 -8.35 21.17 -12.45
C GLY D 189 -7.60 20.24 -13.40
N ARG D 190 -6.82 20.77 -14.32
CA ARG D 190 -6.05 19.94 -15.23
C ARG D 190 -4.81 19.37 -14.55
N ILE D 191 -4.27 18.32 -15.13
CA ILE D 191 -2.97 17.81 -14.69
C ILE D 191 -1.88 18.77 -15.17
N PRO D 192 -0.92 19.16 -14.32
CA PRO D 192 0.08 20.16 -14.75
C PRO D 192 0.89 19.72 -15.95
N GLU D 193 1.13 18.42 -16.13
CA GLU D 193 1.86 17.95 -17.30
C GLU D 193 0.93 17.30 -18.31
N ILE D 201 -0.72 9.10 -26.87
CA ILE D 201 -1.90 8.53 -26.24
C ILE D 201 -2.21 9.26 -24.93
N GLN D 202 -3.20 10.14 -24.98
CA GLN D 202 -3.58 10.92 -23.83
C GLN D 202 -4.56 10.11 -22.98
N ARG D 203 -5.00 10.67 -21.85
CA ARG D 203 -5.96 9.98 -20.99
C ARG D 203 -7.30 9.78 -21.69
N GLN D 204 -7.70 10.71 -22.56
CA GLN D 204 -8.97 10.58 -23.26
C GLN D 204 -8.98 9.35 -24.17
N VAL D 205 -7.88 9.10 -24.87
CA VAL D 205 -7.80 7.97 -25.79
C VAL D 205 -7.95 6.66 -25.03
N ALA D 206 -7.33 6.58 -23.85
CA ALA D 206 -7.45 5.37 -23.04
C ALA D 206 -8.85 5.16 -22.48
N GLY D 207 -9.71 6.16 -22.51
CA GLY D 207 -11.06 6.05 -22.01
C GLY D 207 -11.32 6.66 -20.66
N PHE D 208 -10.45 7.54 -20.19
CA PHE D 208 -10.59 8.13 -18.86
C PHE D 208 -11.15 9.54 -18.97
N ASP D 209 -12.16 9.83 -18.17
CA ASP D 209 -12.81 11.13 -18.18
C ASP D 209 -11.93 12.18 -17.53
N ASP D 210 -12.10 13.43 -17.96
CA ASP D 210 -11.36 14.55 -17.40
C ASP D 210 -12.36 15.58 -16.90
N VAL D 211 -12.30 15.89 -15.61
CA VAL D 211 -13.22 16.81 -14.97
C VAL D 211 -12.48 18.12 -14.71
N LEU D 212 -13.02 19.22 -15.23
CA LEU D 212 -12.41 20.53 -15.13
C LEU D 212 -13.45 21.52 -14.63
N ARG D 213 -12.98 22.71 -14.27
CA ARG D 213 -13.86 23.80 -13.89
C ARG D 213 -13.51 25.04 -14.70
N SER D 214 -14.53 25.81 -15.07
CA SER D 214 -14.33 27.00 -15.87
C SER D 214 -15.33 28.06 -15.44
N PRO D 215 -14.88 29.30 -15.22
CA PRO D 215 -15.80 30.35 -14.77
C PRO D 215 -16.60 31.00 -15.87
N LYS D 216 -16.42 30.59 -17.12
CA LYS D 216 -17.11 31.20 -18.25
C LYS D 216 -18.43 30.51 -18.56
N LEU D 217 -18.81 29.49 -17.80
CA LEU D 217 -20.03 28.76 -18.09
C LEU D 217 -21.24 29.64 -17.83
N PRO D 218 -22.12 29.82 -18.81
CA PRO D 218 -23.19 30.82 -18.68
C PRO D 218 -24.33 30.30 -17.81
N VAL D 219 -25.30 31.18 -17.56
CA VAL D 219 -26.50 30.86 -16.82
C VAL D 219 -27.62 30.68 -17.83
N LEU D 220 -28.18 29.48 -17.89
CA LEU D 220 -29.22 29.17 -18.86
C LEU D 220 -30.56 29.60 -18.29
N THR D 221 -31.09 30.72 -18.77
CA THR D 221 -32.28 31.31 -18.20
C THR D 221 -33.50 30.42 -18.44
N LYS D 222 -34.49 30.59 -17.57
CA LYS D 222 -35.71 29.81 -17.65
C LYS D 222 -36.47 30.15 -18.92
N SER D 223 -37.23 29.17 -19.41
CA SER D 223 -38.06 29.33 -20.60
C SER D 223 -39.51 29.39 -20.17
N THR D 224 -40.18 30.50 -20.48
CA THR D 224 -41.56 30.72 -20.09
C THR D 224 -42.53 30.27 -21.19
N ALA D 225 -42.40 29.02 -21.61
CA ALA D 225 -43.27 28.44 -22.64
C ALA D 225 -44.15 27.38 -21.98
N THR D 226 -45.46 27.52 -22.17
CA THR D 226 -46.43 26.58 -21.60
C THR D 226 -47.42 26.17 -22.68
N GLY D 227 -47.82 24.90 -22.63
CA GLY D 227 -48.83 24.40 -23.54
C GLY D 227 -48.43 24.44 -25.00
N ILE D 228 -47.20 24.06 -25.32
CA ILE D 228 -46.71 24.01 -26.69
C ILE D 228 -46.88 22.58 -27.18
N THR D 229 -47.52 22.42 -28.33
CA THR D 229 -47.76 21.11 -28.91
C THR D 229 -47.32 21.10 -30.37
N VAL D 230 -46.91 19.93 -30.83
CA VAL D 230 -46.52 19.77 -32.22
C VAL D 230 -47.75 20.00 -33.10
N SER D 231 -47.53 20.57 -34.29
CA SER D 231 -48.60 20.85 -35.25
C SER D 231 -48.37 20.00 -36.49
N GLY D 232 -49.06 18.86 -36.56
CA GLY D 232 -48.96 17.97 -37.68
C GLY D 232 -47.88 16.92 -37.53
N ALA D 233 -47.98 15.87 -38.32
CA ALA D 233 -47.04 14.77 -38.27
C ALA D 233 -45.80 15.13 -39.08
N GLN D 234 -44.64 15.10 -38.43
CA GLN D 234 -43.39 15.52 -39.04
C GLN D 234 -42.34 14.44 -38.87
N SER D 235 -41.68 14.08 -39.97
CA SER D 235 -40.60 13.12 -39.96
C SER D 235 -39.42 13.69 -40.71
N PHE D 236 -38.22 13.32 -40.26
CA PHE D 236 -36.99 13.88 -40.80
C PHE D 236 -36.06 12.76 -41.21
N LYS D 237 -35.31 12.98 -42.29
CA LYS D 237 -34.45 11.96 -42.85
C LYS D 237 -33.05 12.53 -43.06
N PRO D 238 -32.02 11.74 -42.81
CA PRO D 238 -30.64 12.20 -43.07
C PRO D 238 -30.33 12.14 -44.55
N VAL D 239 -30.31 13.30 -45.19
CA VAL D 239 -30.00 13.44 -46.60
C VAL D 239 -28.64 14.10 -46.73
N ALA D 240 -27.83 13.61 -47.67
CA ALA D 240 -26.45 14.06 -47.79
C ALA D 240 -26.31 15.27 -48.72
N TRP D 241 -27.03 15.28 -49.84
CA TRP D 241 -26.91 16.34 -50.82
C TRP D 241 -28.29 16.87 -51.19
N GLN D 242 -28.33 18.16 -51.53
CA GLN D 242 -29.52 18.77 -52.10
C GLN D 242 -29.09 19.68 -53.24
N LEU D 243 -30.07 20.23 -53.95
CA LEU D 243 -29.81 21.07 -55.12
C LEU D 243 -30.04 22.52 -54.75
N ASP D 244 -29.04 23.36 -55.01
CA ASP D 244 -29.16 24.79 -54.76
C ASP D 244 -29.78 25.46 -55.97
N ASN D 245 -29.86 26.78 -55.93
CA ASN D 245 -30.56 27.51 -56.98
C ASN D 245 -29.79 27.46 -58.30
N ASP D 246 -28.46 27.43 -58.23
CA ASP D 246 -27.67 27.33 -59.45
C ASP D 246 -27.86 25.99 -60.13
N GLY D 247 -28.33 24.99 -59.40
CA GLY D 247 -28.48 23.65 -59.91
C GLY D 247 -27.41 22.68 -59.48
N ASN D 248 -26.37 23.15 -58.81
CA ASN D 248 -25.32 22.27 -58.32
C ASN D 248 -25.80 21.54 -57.07
N LYS D 249 -25.08 20.49 -56.70
CA LYS D 249 -25.38 19.77 -55.48
C LYS D 249 -24.61 20.36 -54.32
N VAL D 250 -25.34 20.71 -53.26
CA VAL D 250 -24.75 21.30 -52.06
C VAL D 250 -25.11 20.41 -50.88
N ASN D 251 -24.17 20.26 -49.95
CA ASN D 251 -24.41 19.41 -48.80
C ASN D 251 -25.54 19.96 -47.94
N VAL D 252 -26.08 19.10 -47.09
CA VAL D 252 -27.15 19.47 -46.15
C VAL D 252 -26.63 19.28 -44.75
N ASP D 253 -26.82 20.29 -43.90
CA ASP D 253 -26.45 20.22 -42.49
C ASP D 253 -27.51 19.42 -41.76
N ASN D 254 -27.25 18.13 -41.55
CA ASN D 254 -28.22 17.24 -40.93
C ASN D 254 -28.21 17.30 -39.42
N ARG D 255 -27.60 18.33 -38.84
CA ARG D 255 -27.65 18.54 -37.40
C ARG D 255 -28.62 19.65 -37.02
N PHE D 256 -29.69 19.83 -37.80
CA PHE D 256 -30.75 20.78 -37.49
C PHE D 256 -32.04 20.26 -38.10
N ALA D 257 -33.16 20.67 -37.53
CA ALA D 257 -34.46 20.22 -38.02
C ALA D 257 -35.51 21.26 -37.71
N THR D 258 -36.19 21.74 -38.73
CA THR D 258 -37.26 22.73 -38.57
C THR D 258 -38.53 22.01 -38.14
N VAL D 259 -39.06 22.37 -36.98
CA VAL D 259 -40.24 21.74 -36.40
C VAL D 259 -41.35 22.77 -36.33
N THR D 260 -42.53 22.40 -36.82
CA THR D 260 -43.69 23.26 -36.75
C THR D 260 -44.44 23.00 -35.45
N LEU D 261 -44.61 24.05 -34.65
CA LEU D 261 -45.29 23.94 -33.37
C LEU D 261 -46.53 24.82 -33.36
N SER D 262 -47.40 24.59 -32.37
CA SER D 262 -48.61 25.39 -32.26
C SER D 262 -48.28 26.85 -32.00
N ALA D 263 -47.33 27.11 -31.10
CA ALA D 263 -46.91 28.48 -30.79
C ALA D 263 -45.48 28.43 -30.31
N THR D 264 -44.84 29.61 -30.35
CA THR D 264 -43.44 29.76 -29.95
C THR D 264 -43.29 31.00 -29.06
N THR D 265 -44.16 31.14 -28.08
CA THR D 265 -44.17 32.34 -27.25
C THR D 265 -42.91 32.44 -26.40
N GLY D 266 -42.71 31.47 -25.51
CA GLY D 266 -41.55 31.48 -24.64
C GLY D 266 -40.31 30.85 -25.21
N MET D 267 -40.37 30.32 -26.42
CA MET D 267 -39.22 29.67 -27.01
C MET D 267 -38.15 30.71 -27.37
N LYS D 268 -36.89 30.37 -27.09
CA LYS D 268 -35.76 31.22 -27.43
C LYS D 268 -34.56 30.31 -27.62
N ARG D 269 -33.56 30.79 -28.36
CA ARG D 269 -32.39 29.98 -28.63
C ARG D 269 -31.73 29.55 -27.33
N GLY D 270 -31.42 28.25 -27.25
CA GLY D 270 -30.81 27.69 -26.07
C GLY D 270 -31.76 26.94 -25.16
N ASP D 271 -33.07 26.99 -25.42
CA ASP D 271 -34.01 26.25 -24.60
C ASP D 271 -33.92 24.76 -24.87
N LYS D 272 -34.10 23.96 -23.82
CA LYS D 272 -34.07 22.51 -23.94
C LYS D 272 -35.50 21.99 -23.91
N ILE D 273 -35.87 21.22 -24.93
CA ILE D 273 -37.23 20.70 -25.06
C ILE D 273 -37.17 19.21 -25.25
N SER D 274 -38.29 18.55 -24.93
CA SER D 274 -38.44 17.13 -25.14
C SER D 274 -39.90 16.86 -25.49
N PHE D 275 -40.13 15.73 -26.14
CA PHE D 275 -41.46 15.37 -26.62
C PHE D 275 -41.98 14.18 -25.83
N ALA D 276 -43.32 14.09 -25.75
CA ALA D 276 -43.93 13.17 -24.79
C ALA D 276 -43.58 11.72 -25.09
N GLY D 277 -43.80 11.28 -26.32
CA GLY D 277 -43.58 9.89 -26.68
C GLY D 277 -42.28 9.59 -27.37
N VAL D 278 -41.29 10.47 -27.29
CA VAL D 278 -40.07 10.38 -28.07
C VAL D 278 -38.90 10.04 -27.14
N LYS D 279 -38.16 8.99 -27.49
CA LYS D 279 -37.13 8.46 -26.60
C LYS D 279 -35.84 8.20 -27.36
N PHE D 280 -34.73 8.31 -26.64
CA PHE D 280 -33.41 8.00 -27.19
C PHE D 280 -33.29 6.54 -27.62
N LEU D 281 -32.22 6.27 -28.37
CA LEU D 281 -31.79 4.94 -28.74
C LEU D 281 -30.28 4.86 -28.61
N GLY D 282 -29.79 3.65 -28.37
CA GLY D 282 -28.36 3.41 -28.46
C GLY D 282 -27.95 3.55 -29.91
N GLN D 283 -27.01 4.45 -30.16
CA GLN D 283 -26.63 4.75 -31.55
C GLN D 283 -26.04 3.54 -32.26
N MET D 284 -25.51 2.58 -31.51
CA MET D 284 -24.92 1.40 -32.14
C MET D 284 -25.90 0.23 -32.23
N ALA D 285 -26.78 0.08 -31.24
CA ALA D 285 -27.67 -1.07 -31.17
C ALA D 285 -29.13 -0.73 -31.49
N LYS D 286 -29.50 0.55 -31.52
CA LYS D 286 -30.88 0.98 -31.77
C LYS D 286 -31.85 0.35 -30.77
N ASN D 287 -31.44 0.31 -29.51
CA ASN D 287 -32.30 -0.17 -28.43
C ASN D 287 -32.93 1.02 -27.73
N VAL D 288 -34.25 0.95 -27.53
CA VAL D 288 -34.97 2.08 -26.95
C VAL D 288 -34.54 2.29 -25.51
N LEU D 289 -34.32 3.54 -25.14
CA LEU D 289 -33.88 3.92 -23.81
C LEU D 289 -35.06 4.42 -22.98
N ALA D 290 -34.86 4.45 -21.67
CA ALA D 290 -35.90 4.97 -20.79
C ALA D 290 -36.00 6.49 -20.87
N GLN D 291 -34.87 7.17 -21.08
CA GLN D 291 -34.86 8.63 -21.04
C GLN D 291 -35.53 9.21 -22.28
N ASP D 292 -36.43 10.16 -22.05
CA ASP D 292 -37.09 10.85 -23.16
C ASP D 292 -36.07 11.62 -23.98
N ALA D 293 -36.29 11.69 -25.29
CA ALA D 293 -35.35 12.38 -26.15
C ALA D 293 -35.37 13.87 -25.87
N THR D 294 -34.19 14.44 -25.64
CA THR D 294 -34.04 15.84 -25.30
C THR D 294 -33.38 16.57 -26.46
N PHE D 295 -34.04 17.62 -26.93
CA PHE D 295 -33.55 18.43 -28.04
C PHE D 295 -33.35 19.85 -27.56
N SER D 296 -32.54 20.62 -28.30
CA SER D 296 -32.25 22.00 -27.95
C SER D 296 -32.59 22.90 -29.12
N VAL D 297 -33.44 23.89 -28.89
CA VAL D 297 -33.77 24.86 -29.94
C VAL D 297 -32.58 25.77 -30.21
N VAL D 298 -32.34 26.05 -31.48
CA VAL D 298 -31.26 26.95 -31.87
C VAL D 298 -31.74 28.19 -32.59
N ARG D 299 -32.95 28.21 -33.12
CA ARG D 299 -33.46 29.40 -33.80
C ARG D 299 -34.98 29.31 -33.84
N VAL D 300 -35.65 30.34 -33.36
CA VAL D 300 -37.09 30.46 -33.47
C VAL D 300 -37.34 31.29 -34.74
N VAL D 301 -37.40 30.60 -35.87
CA VAL D 301 -37.44 31.29 -37.15
C VAL D 301 -38.77 32.01 -37.37
N ASP D 302 -39.88 31.42 -36.93
CA ASP D 302 -41.20 31.97 -37.15
C ASP D 302 -41.97 31.84 -35.84
N GLY D 303 -43.18 32.41 -35.81
CA GLY D 303 -44.03 32.28 -34.64
C GLY D 303 -44.62 30.90 -34.44
N THR D 304 -44.45 30.00 -35.42
CA THR D 304 -44.95 28.64 -35.31
C THR D 304 -43.90 27.60 -35.70
N HIS D 305 -42.67 28.02 -36.01
CA HIS D 305 -41.62 27.12 -36.46
C HIS D 305 -40.42 27.19 -35.52
N VAL D 306 -39.81 26.04 -35.28
CA VAL D 306 -38.72 25.90 -34.34
C VAL D 306 -37.66 24.99 -34.95
N GLU D 307 -36.39 25.38 -34.80
CA GLU D 307 -35.27 24.58 -35.29
C GLU D 307 -34.55 23.97 -34.10
N ILE D 308 -34.45 22.64 -34.06
CA ILE D 308 -33.91 21.94 -32.90
C ILE D 308 -32.64 21.21 -33.31
N THR D 309 -31.62 21.26 -32.44
CA THR D 309 -30.28 20.92 -32.89
C THR D 309 -30.01 19.44 -33.12
N PRO D 310 -30.62 18.48 -32.41
CA PRO D 310 -30.49 17.09 -32.87
C PRO D 310 -31.64 16.72 -33.79
N LYS D 311 -31.36 16.18 -34.96
CA LYS D 311 -32.43 15.85 -35.88
C LYS D 311 -33.17 14.61 -35.38
N PRO D 312 -34.47 14.71 -35.14
CA PRO D 312 -35.21 13.52 -34.70
C PRO D 312 -35.40 12.55 -35.85
N VAL D 313 -34.62 11.48 -35.86
CA VAL D 313 -34.67 10.49 -36.93
C VAL D 313 -35.28 9.23 -36.35
N ALA D 314 -36.48 8.88 -36.82
CA ALA D 314 -37.28 7.82 -36.21
C ALA D 314 -36.83 6.46 -36.70
N LEU D 315 -36.67 5.52 -35.77
CA LEU D 315 -36.38 4.14 -36.14
C LEU D 315 -37.58 3.48 -36.81
N ASP D 316 -38.78 3.68 -36.26
CA ASP D 316 -39.95 2.99 -36.77
C ASP D 316 -40.35 3.46 -38.16
N ASP D 317 -39.85 4.62 -38.60
CA ASP D 317 -40.19 5.13 -39.92
C ASP D 317 -39.68 4.18 -40.99
N VAL D 318 -40.54 3.90 -41.98
CA VAL D 318 -40.20 2.96 -43.03
C VAL D 318 -39.68 3.64 -44.29
N SER D 319 -39.84 4.96 -44.41
CA SER D 319 -39.33 5.66 -45.58
C SER D 319 -37.80 5.68 -45.62
N LEU D 320 -37.14 5.47 -44.49
CA LEU D 320 -35.70 5.49 -44.45
C LEU D 320 -35.11 4.24 -45.10
N SER D 321 -34.06 4.44 -45.90
CA SER D 321 -33.25 3.35 -46.37
C SER D 321 -32.34 2.86 -45.25
N PRO D 322 -31.78 1.65 -45.36
CA PRO D 322 -30.87 1.17 -44.30
C PRO D 322 -29.70 2.11 -44.05
N GLU D 323 -29.15 2.72 -45.10
CA GLU D 323 -28.07 3.69 -44.92
C GLU D 323 -28.53 4.87 -44.07
N GLN D 324 -29.74 5.37 -44.34
CA GLN D 324 -30.30 6.44 -43.51
C GLN D 324 -30.72 5.91 -42.15
N ARG D 325 -31.21 4.67 -42.10
CA ARG D 325 -31.68 4.10 -40.84
C ARG D 325 -30.54 3.93 -39.84
N ALA D 326 -29.31 3.77 -40.31
CA ALA D 326 -28.18 3.68 -39.39
C ALA D 326 -27.99 4.96 -38.59
N TYR D 327 -28.59 6.07 -39.01
CA TYR D 327 -28.49 7.34 -38.32
C TYR D 327 -29.65 7.61 -37.37
N ALA D 328 -30.54 6.64 -37.19
CA ALA D 328 -31.71 6.86 -36.35
C ALA D 328 -31.31 7.03 -34.89
N ASN D 329 -31.97 7.96 -34.21
CA ASN D 329 -31.73 8.21 -32.80
C ASN D 329 -33.01 8.42 -32.01
N VAL D 330 -34.16 8.12 -32.61
CA VAL D 330 -35.47 8.33 -32.00
C VAL D 330 -36.36 7.14 -32.34
N ASN D 331 -37.16 6.70 -31.37
CA ASN D 331 -38.00 5.51 -31.59
C ASN D 331 -39.14 5.80 -32.55
N THR D 332 -39.82 6.93 -32.37
CA THR D 332 -40.95 7.28 -33.20
C THR D 332 -40.91 8.76 -33.58
N SER D 333 -41.37 9.07 -34.79
CA SER D 333 -41.36 10.43 -35.27
C SER D 333 -42.39 11.27 -34.53
N LEU D 334 -42.34 12.58 -34.75
CA LEU D 334 -43.26 13.50 -34.08
C LEU D 334 -44.68 13.27 -34.55
N ALA D 335 -45.61 13.12 -33.61
CA ALA D 335 -46.99 12.84 -33.94
C ALA D 335 -47.75 14.14 -34.20
N ASP D 336 -49.07 14.01 -34.37
CA ASP D 336 -49.89 15.16 -34.73
C ASP D 336 -49.90 16.22 -33.65
N ALA D 337 -50.05 15.82 -32.38
CA ALA D 337 -50.10 16.77 -31.28
C ALA D 337 -49.54 16.08 -30.03
N MET D 338 -48.25 16.31 -29.77
CA MET D 338 -47.60 15.81 -28.57
C MET D 338 -47.12 16.98 -27.74
N ALA D 339 -47.27 16.88 -26.43
CA ALA D 339 -46.85 17.95 -25.53
C ALA D 339 -45.34 18.13 -25.60
N VAL D 340 -44.91 19.38 -25.70
CA VAL D 340 -43.50 19.73 -25.72
C VAL D 340 -43.12 20.16 -24.30
N ASN D 341 -42.29 19.34 -23.65
CA ASN D 341 -41.90 19.61 -22.28
C ASN D 341 -40.68 20.52 -22.26
N ILE D 342 -40.75 21.59 -21.46
CA ILE D 342 -39.64 22.51 -21.30
C ILE D 342 -38.79 22.01 -20.15
N LEU D 343 -37.50 21.79 -20.41
CA LEU D 343 -36.62 21.24 -19.40
C LEU D 343 -35.97 22.32 -18.53
N ASN D 344 -35.61 23.46 -19.11
CA ASN D 344 -35.03 24.56 -18.33
C ASN D 344 -36.16 25.39 -17.77
N VAL D 345 -36.64 24.96 -16.59
CA VAL D 345 -37.75 25.64 -15.93
C VAL D 345 -37.31 26.71 -14.94
N LYS D 346 -36.05 26.68 -14.50
CA LYS D 346 -35.52 27.68 -13.59
C LYS D 346 -34.16 28.14 -14.07
N ASP D 347 -33.84 29.41 -13.76
CA ASP D 347 -32.51 29.93 -14.07
C ASP D 347 -31.47 29.19 -13.23
N ALA D 348 -30.50 28.59 -13.91
CA ALA D 348 -29.48 27.83 -13.21
C ALA D 348 -28.18 27.92 -13.99
N ARG D 349 -27.07 28.08 -13.27
CA ARG D 349 -25.79 28.17 -13.94
C ARG D 349 -25.40 26.81 -14.48
N THR D 350 -24.86 26.79 -15.69
CA THR D 350 -24.80 25.57 -16.49
C THR D 350 -23.50 24.81 -16.25
N ASN D 351 -23.62 23.48 -16.19
CA ASN D 351 -22.49 22.57 -16.20
C ASN D 351 -22.54 21.80 -17.52
N VAL D 352 -21.48 21.90 -18.31
CA VAL D 352 -21.49 21.32 -19.65
C VAL D 352 -20.51 20.15 -19.70
N PHE D 353 -20.73 19.28 -20.68
CA PHE D 353 -19.84 18.16 -20.95
C PHE D 353 -20.05 17.71 -22.39
N TRP D 354 -19.00 17.12 -22.97
CA TRP D 354 -19.11 16.62 -24.34
C TRP D 354 -18.07 15.56 -24.58
N ALA D 355 -18.39 14.64 -25.48
CA ALA D 355 -17.44 13.62 -25.90
C ALA D 355 -16.42 14.25 -26.84
N ASP D 356 -15.38 13.49 -27.18
CA ASP D 356 -14.35 14.01 -28.06
C ASP D 356 -14.92 14.26 -29.45
N ASP D 357 -14.43 15.31 -30.11
CA ASP D 357 -14.85 15.76 -31.43
C ASP D 357 -16.29 16.27 -31.45
N ALA D 358 -16.87 16.57 -30.29
CA ALA D 358 -18.19 17.16 -30.24
C ALA D 358 -18.17 18.67 -30.37
N ILE D 359 -16.99 19.29 -30.42
CA ILE D 359 -16.86 20.71 -30.69
C ILE D 359 -15.55 20.92 -31.43
N ARG D 360 -15.62 21.60 -32.58
CA ARG D 360 -14.45 21.83 -33.41
C ARG D 360 -14.23 23.32 -33.58
N ILE D 361 -12.98 23.74 -33.49
CA ILE D 361 -12.57 25.12 -33.70
C ILE D 361 -11.67 25.18 -34.92
N VAL D 362 -12.00 26.06 -35.85
CA VAL D 362 -11.28 26.20 -37.11
C VAL D 362 -10.72 27.62 -37.20
N SER D 363 -9.48 27.74 -37.65
CA SER D 363 -8.85 29.04 -37.75
C SER D 363 -8.03 29.11 -39.03
N GLN D 364 -8.03 30.29 -39.64
CA GLN D 364 -7.31 30.54 -40.88
C GLN D 364 -6.53 31.84 -40.73
N PRO D 365 -5.32 31.91 -41.26
CA PRO D 365 -4.52 33.13 -41.12
C PRO D 365 -5.25 34.33 -41.71
N ILE D 366 -5.16 35.45 -41.02
CA ILE D 366 -5.85 36.66 -41.46
C ILE D 366 -5.13 37.22 -42.69
N PRO D 367 -5.83 37.46 -43.80
CA PRO D 367 -5.17 38.01 -44.99
C PRO D 367 -4.67 39.42 -44.73
N ALA D 368 -3.39 39.64 -45.00
CA ALA D 368 -2.78 40.94 -44.78
C ALA D 368 -1.61 41.11 -45.73
N ASN D 369 -1.39 42.34 -46.17
CA ASN D 369 -0.26 42.71 -47.00
C ASN D 369 0.69 43.54 -46.13
N HIS D 370 1.68 42.88 -45.56
CA HIS D 370 2.58 43.53 -44.62
C HIS D 370 3.53 44.48 -45.34
N GLU D 371 3.78 45.62 -44.72
CA GLU D 371 4.73 46.65 -45.14
C GLU D 371 4.37 47.28 -46.48
N LEU D 372 3.21 46.98 -47.05
CA LEU D 372 2.86 47.60 -48.33
C LEU D 372 2.42 49.04 -48.12
N PHE D 373 1.72 49.30 -47.01
CA PHE D 373 1.40 50.66 -46.58
C PHE D 373 2.28 51.00 -45.38
N ALA D 374 3.03 52.10 -45.50
CA ALA D 374 4.03 52.43 -44.49
C ALA D 374 3.43 53.06 -43.25
N GLY D 375 2.17 53.50 -43.30
CA GLY D 375 1.58 54.15 -42.15
C GLY D 375 1.41 53.21 -40.97
N MET D 376 0.93 52.00 -41.23
CA MET D 376 0.53 51.07 -40.18
C MET D 376 1.23 49.74 -40.36
N LYS D 377 1.58 49.11 -39.25
CA LYS D 377 2.45 47.93 -39.23
C LYS D 377 1.64 46.72 -38.78
N THR D 378 1.70 45.65 -39.57
CA THR D 378 1.06 44.39 -39.22
C THR D 378 2.10 43.34 -38.95
N THR D 379 1.83 42.49 -37.95
CA THR D 379 2.63 41.32 -37.70
C THR D 379 1.71 40.14 -37.44
N SER D 380 1.74 39.16 -38.33
CA SER D 380 0.90 37.98 -38.19
C SER D 380 1.53 37.03 -37.19
N PHE D 381 0.68 36.29 -36.49
CA PHE D 381 1.13 35.28 -35.54
C PHE D 381 0.06 34.21 -35.44
N SER D 382 0.33 33.20 -34.63
CA SER D 382 -0.64 32.14 -34.41
C SER D 382 -0.40 31.50 -33.05
N ILE D 383 -1.47 31.09 -32.39
CA ILE D 383 -1.38 30.38 -31.13
C ILE D 383 -1.46 28.89 -31.43
N PRO D 384 -0.37 28.14 -31.30
CA PRO D 384 -0.40 26.74 -31.70
C PRO D 384 -1.17 25.85 -30.74
N ASP D 385 -1.08 26.11 -29.44
CA ASP D 385 -1.77 25.25 -28.47
C ASP D 385 -3.29 25.34 -28.65
N VAL D 386 -3.82 26.54 -28.86
CA VAL D 386 -5.25 26.71 -29.04
C VAL D 386 -5.67 26.53 -30.49
N GLY D 387 -4.74 26.61 -31.43
CA GLY D 387 -5.08 26.53 -32.84
C GLY D 387 -5.80 27.75 -33.37
N LEU D 388 -5.32 28.94 -33.03
CA LEU D 388 -5.87 30.20 -33.51
C LEU D 388 -4.84 30.93 -34.37
N ASN D 389 -5.35 31.73 -35.29
CA ASN D 389 -4.52 32.59 -36.13
C ASN D 389 -4.92 34.03 -35.86
N GLY D 390 -3.93 34.90 -35.71
CA GLY D 390 -4.17 36.28 -35.32
C GLY D 390 -3.33 37.24 -36.13
N ILE D 391 -3.45 38.51 -35.77
CA ILE D 391 -2.64 39.58 -36.36
C ILE D 391 -2.45 40.66 -35.30
N PHE D 392 -1.28 41.28 -35.31
CA PHE D 392 -0.96 42.36 -34.39
C PHE D 392 -0.65 43.61 -35.20
N ALA D 393 -1.40 44.67 -34.97
CA ALA D 393 -1.29 45.88 -35.78
C ALA D 393 -1.09 47.08 -34.89
N THR D 394 -0.29 48.04 -35.37
CA THR D 394 0.02 49.23 -34.62
C THR D 394 0.03 50.42 -35.57
N GLN D 395 -0.53 51.54 -35.11
CA GLN D 395 -0.56 52.75 -35.91
C GLN D 395 -0.61 53.95 -34.97
N GLY D 396 -0.14 55.09 -35.46
CA GLY D 396 -0.13 56.32 -34.69
C GLY D 396 -1.32 57.18 -35.07
N ASP D 397 -2.00 57.69 -34.04
CA ASP D 397 -3.17 58.55 -34.22
C ASP D 397 -2.86 59.94 -33.70
N ILE D 398 -3.00 60.94 -34.55
CA ILE D 398 -2.80 62.32 -34.12
C ILE D 398 -3.97 62.81 -33.27
N SER D 399 -5.14 62.21 -33.43
CA SER D 399 -6.29 62.65 -32.65
C SER D 399 -6.07 62.41 -31.16
N THR D 400 -5.54 61.26 -30.80
CA THR D 400 -5.31 60.90 -29.41
C THR D 400 -3.87 61.12 -28.95
N LEU D 401 -3.00 61.60 -29.85
CA LEU D 401 -1.59 61.83 -29.54
C LEU D 401 -0.94 60.58 -28.97
N SER D 402 -1.34 59.42 -29.49
CA SER D 402 -0.86 58.15 -28.99
C SER D 402 -0.98 57.12 -30.10
N GLY D 403 -0.30 56.00 -29.91
CA GLY D 403 -0.33 54.94 -30.90
C GLY D 403 -1.44 53.95 -30.61
N LEU D 404 -2.20 53.62 -31.66
CA LEU D 404 -3.26 52.63 -31.57
C LEU D 404 -2.68 51.25 -31.75
N CYS D 405 -3.24 50.28 -31.02
CA CYS D 405 -2.84 48.89 -31.12
C CYS D 405 -4.08 48.05 -31.32
N ARG D 406 -3.98 47.07 -32.22
CA ARG D 406 -5.10 46.16 -32.52
C ARG D 406 -4.58 44.73 -32.52
N ILE D 407 -5.26 43.86 -31.79
CA ILE D 407 -4.98 42.43 -31.78
C ILE D 407 -6.24 41.72 -32.22
N ALA D 408 -6.19 41.08 -33.38
CA ALA D 408 -7.34 40.40 -33.95
C ALA D 408 -7.12 38.90 -33.96
N LEU D 409 -8.13 38.15 -33.54
CA LEU D 409 -8.12 36.70 -33.60
C LEU D 409 -9.29 36.27 -34.45
N TRP D 410 -9.02 35.46 -35.47
CA TRP D 410 -10.06 35.09 -36.43
C TRP D 410 -10.19 33.57 -36.42
N TYR D 411 -11.29 33.09 -35.87
CA TYR D 411 -11.52 31.68 -35.63
C TYR D 411 -13.01 31.40 -35.72
N GLY D 412 -13.35 30.14 -35.91
CA GLY D 412 -14.75 29.75 -35.96
C GLY D 412 -15.00 28.50 -35.15
N VAL D 413 -15.89 28.59 -34.18
CA VAL D 413 -16.25 27.46 -33.33
C VAL D 413 -17.50 26.80 -33.91
N ASN D 414 -17.44 25.49 -34.09
CA ASN D 414 -18.57 24.72 -34.57
C ASN D 414 -18.95 23.66 -33.55
N ALA D 415 -20.23 23.59 -33.22
CA ALA D 415 -20.75 22.54 -32.36
C ALA D 415 -21.17 21.33 -33.21
N THR D 416 -20.17 20.72 -33.84
CA THR D 416 -20.43 19.50 -34.58
C THR D 416 -20.87 18.40 -33.63
N ARG D 417 -21.75 17.53 -34.10
CA ARG D 417 -22.31 16.46 -33.28
C ARG D 417 -22.97 17.02 -32.02
N PRO D 418 -24.04 17.81 -32.15
CA PRO D 418 -24.68 18.37 -30.96
C PRO D 418 -25.31 17.32 -30.07
N GLU D 419 -25.57 16.12 -30.59
CA GLU D 419 -26.12 15.05 -29.76
C GLU D 419 -25.14 14.58 -28.71
N ALA D 420 -23.84 14.82 -28.90
CA ALA D 420 -22.82 14.41 -27.96
C ALA D 420 -22.45 15.50 -26.96
N ILE D 421 -23.04 16.68 -27.07
CA ILE D 421 -22.78 17.78 -26.14
C ILE D 421 -23.87 17.74 -25.07
N GLY D 422 -23.45 17.80 -23.82
CA GLY D 422 -24.36 17.68 -22.69
C GLY D 422 -24.50 18.99 -21.94
N VAL D 423 -25.63 19.14 -21.25
CA VAL D 423 -25.88 20.30 -20.40
C VAL D 423 -26.43 19.79 -19.07
N GLY D 424 -25.81 20.24 -17.98
CA GLY D 424 -26.28 19.85 -16.67
C GLY D 424 -26.96 20.99 -15.95
N LEU D 425 -28.26 20.86 -15.68
CA LEU D 425 -29.06 21.94 -15.11
C LEU D 425 -29.58 21.52 -13.75
N PRO D 426 -28.91 21.89 -12.67
CA PRO D 426 -29.39 21.53 -11.33
C PRO D 426 -30.43 22.51 -10.84
N GLY D 427 -31.15 22.08 -9.80
CA GLY D 427 -32.14 22.94 -9.18
C GLY D 427 -33.34 23.26 -10.04
N GLN D 428 -33.81 22.28 -10.82
CA GLN D 428 -35.00 22.46 -11.65
C GLN D 428 -36.22 21.94 -10.89
N THR D 429 -36.61 22.73 -9.88
CA THR D 429 -37.69 22.31 -8.99
C THR D 429 -39.02 22.21 -9.73
N ALA D 430 -39.32 23.16 -10.60
CA ALA D 430 -40.57 23.14 -11.34
C ALA D 430 -40.56 22.05 -12.41
N ALA E 2 37.56 -34.17 16.22
CA ALA E 2 38.46 -33.55 15.26
C ALA E 2 39.15 -32.34 15.88
N LEU E 3 38.60 -31.85 16.99
CA LEU E 3 39.21 -30.72 17.67
C LEU E 3 40.48 -31.17 18.39
N ASN E 4 41.31 -30.19 18.73
CA ASN E 4 42.51 -30.42 19.53
C ASN E 4 42.37 -29.65 20.84
N GLU E 5 43.35 -29.81 21.72
CA GLU E 5 43.19 -29.30 23.08
C GLU E 5 43.06 -27.79 23.11
N GLY E 6 43.88 -27.09 22.31
CA GLY E 6 43.78 -25.65 22.27
C GLY E 6 42.42 -25.18 21.78
N GLN E 7 41.91 -25.81 20.72
CA GLN E 7 40.59 -25.46 20.22
C GLN E 7 39.52 -25.75 21.26
N ILE E 8 39.64 -26.87 21.96
CA ILE E 8 38.68 -27.19 23.02
C ILE E 8 38.63 -26.06 24.03
N VAL E 9 39.80 -25.65 24.52
CA VAL E 9 39.83 -24.63 25.57
C VAL E 9 39.28 -23.31 25.06
N THR E 10 39.76 -22.85 23.90
CA THR E 10 39.37 -21.53 23.41
C THR E 10 37.89 -21.47 23.07
N LEU E 11 37.40 -22.45 22.32
CA LEU E 11 35.99 -22.45 21.93
C LEU E 11 35.10 -22.54 23.16
N ALA E 12 35.45 -23.41 24.12
CA ALA E 12 34.61 -23.55 25.31
C ALA E 12 34.57 -22.26 26.12
N VAL E 13 35.73 -21.64 26.35
CA VAL E 13 35.75 -20.44 27.15
C VAL E 13 34.99 -19.31 26.45
N ASP E 14 35.19 -19.17 25.14
CA ASP E 14 34.49 -18.13 24.41
C ASP E 14 32.97 -18.32 24.46
N GLU E 15 32.51 -19.56 24.23
CA GLU E 15 31.07 -19.79 24.26
C GLU E 15 30.49 -19.57 25.65
N ILE E 16 31.20 -20.01 26.69
CA ILE E 16 30.72 -19.78 28.05
C ILE E 16 30.58 -18.29 28.31
N ILE E 17 31.62 -17.51 27.98
CA ILE E 17 31.58 -16.08 28.27
C ILE E 17 30.44 -15.42 27.52
N GLU E 18 30.31 -15.72 26.22
CA GLU E 18 29.27 -15.08 25.43
C GLU E 18 27.88 -15.42 25.94
N THR E 19 27.62 -16.70 26.20
CA THR E 19 26.29 -17.12 26.62
C THR E 19 25.94 -16.53 27.99
N ILE E 20 26.83 -16.66 28.96
CA ILE E 20 26.52 -16.20 30.30
C ILE E 20 26.38 -14.69 30.33
N SER E 21 27.16 -13.97 29.52
CA SER E 21 26.97 -12.53 29.39
C SER E 21 25.60 -12.23 28.80
N ALA E 22 25.15 -13.04 27.83
CA ALA E 22 23.93 -12.72 27.12
C ALA E 22 22.68 -12.98 27.94
N ILE E 23 22.64 -14.07 28.71
CA ILE E 23 21.36 -14.56 29.20
C ILE E 23 21.16 -14.35 30.70
N THR E 24 21.80 -13.34 31.27
CA THR E 24 21.64 -13.00 32.70
C THR E 24 21.26 -11.54 32.83
N PRO E 25 19.96 -11.24 32.86
CA PRO E 25 19.54 -9.84 33.05
C PRO E 25 19.63 -9.35 34.48
N MET E 26 19.27 -10.18 35.46
CA MET E 26 19.33 -9.72 36.85
C MET E 26 20.76 -9.69 37.37
N ALA E 27 21.57 -10.68 37.03
CA ALA E 27 22.96 -10.67 37.49
C ALA E 27 23.71 -9.47 36.98
N GLN E 28 23.23 -8.86 35.88
CA GLN E 28 23.84 -7.64 35.37
C GLN E 28 23.24 -6.37 35.97
N LYS E 29 22.11 -6.48 36.67
CA LYS E 29 21.51 -5.35 37.36
C LYS E 29 21.95 -5.24 38.81
N ALA E 30 22.81 -6.14 39.27
CA ALA E 30 23.37 -6.08 40.61
C ALA E 30 24.76 -5.46 40.54
N LYS E 31 25.09 -4.65 41.54
CA LYS E 31 26.39 -4.01 41.58
C LYS E 31 27.50 -5.04 41.71
N LYS E 32 28.61 -4.79 41.01
CA LYS E 32 29.78 -5.66 41.09
C LYS E 32 30.72 -5.11 42.15
N TYR E 33 30.96 -5.88 43.20
CA TYR E 33 31.87 -5.48 44.26
C TYR E 33 33.18 -6.24 44.12
N THR E 34 34.28 -5.49 44.07
CA THR E 34 35.59 -6.10 43.94
C THR E 34 36.07 -6.60 45.31
N PRO E 35 36.44 -7.87 45.43
CA PRO E 35 36.94 -8.36 46.72
C PRO E 35 38.21 -7.64 47.11
N PRO E 36 38.49 -7.50 48.40
CA PRO E 36 39.63 -6.68 48.82
C PRO E 36 40.97 -7.16 48.27
N ALA E 37 41.17 -8.47 48.16
CA ALA E 37 42.44 -8.99 47.68
C ALA E 37 42.22 -10.38 47.12
N ALA E 38 43.22 -10.85 46.37
CA ALA E 38 43.19 -12.19 45.79
C ALA E 38 44.10 -13.11 46.60
N SER E 39 43.53 -14.21 47.09
CA SER E 39 44.26 -15.17 47.89
C SER E 39 44.03 -16.57 47.34
N MET E 40 45.04 -17.42 47.49
CA MET E 40 44.95 -18.80 47.03
C MET E 40 44.34 -19.70 48.09
N GLN E 41 43.16 -19.32 48.59
CA GLN E 41 42.49 -20.06 49.64
C GLN E 41 41.09 -20.44 49.18
N ARG E 42 40.75 -21.72 49.37
CA ARG E 42 39.43 -22.20 49.00
C ARG E 42 38.34 -21.72 49.94
N SER E 43 38.69 -21.21 51.11
CA SER E 43 37.73 -20.70 52.08
C SER E 43 37.80 -19.17 52.05
N SER E 44 36.93 -18.55 51.26
CA SER E 44 36.96 -17.11 51.09
C SER E 44 36.57 -16.40 52.37
N ASN E 45 37.28 -15.32 52.68
CA ASN E 45 37.03 -14.57 53.89
C ASN E 45 35.63 -13.94 53.86
N THR E 46 35.06 -13.75 55.04
CA THR E 46 33.79 -13.04 55.13
C THR E 46 34.00 -11.57 54.81
N ILE E 47 33.72 -11.18 53.57
CA ILE E 47 34.00 -9.82 53.11
C ILE E 47 32.99 -8.88 53.73
N TRP E 48 33.48 -7.88 54.47
CA TRP E 48 32.62 -6.90 55.12
C TRP E 48 32.53 -5.68 54.20
N MET E 49 31.40 -5.54 53.53
CA MET E 49 31.20 -4.44 52.60
C MET E 49 30.60 -3.25 53.33
N PRO E 50 31.19 -2.05 53.20
CA PRO E 50 30.59 -0.87 53.79
C PRO E 50 29.34 -0.46 53.03
N VAL E 51 28.31 -0.06 53.75
CA VAL E 51 27.09 0.50 53.17
C VAL E 51 26.94 1.91 53.69
N GLU E 52 26.76 2.86 52.79
CA GLU E 52 26.68 4.27 53.15
C GLU E 52 25.25 4.77 52.98
N GLN E 53 24.78 5.50 53.99
CA GLN E 53 23.47 6.14 53.91
C GLN E 53 23.56 7.37 53.01
N GLU E 54 22.49 7.62 52.26
CA GLU E 54 22.45 8.81 51.43
C GLU E 54 22.46 10.05 52.30
N SER E 55 23.32 11.01 51.94
CA SER E 55 23.51 12.19 52.74
C SER E 55 23.02 13.43 51.99
N PRO E 56 22.07 14.17 52.56
CA PRO E 56 21.59 15.39 51.90
C PRO E 56 22.69 16.42 51.79
N THR E 57 22.61 17.21 50.72
CA THR E 57 23.60 18.24 50.47
C THR E 57 23.37 19.45 51.37
N GLN E 58 24.44 19.93 51.98
CA GLN E 58 24.38 21.10 52.83
C GLN E 58 24.40 22.36 51.98
N GLU E 59 23.79 23.43 52.51
CA GLU E 59 23.58 24.65 51.74
C GLU E 59 24.55 25.77 52.08
N GLY E 60 24.84 25.97 53.36
CA GLY E 60 25.54 27.19 53.77
C GLY E 60 26.97 27.26 53.29
N TRP E 61 27.55 28.46 53.47
CA TRP E 61 28.98 28.62 53.27
C TRP E 61 29.79 27.87 54.32
N ASP E 62 29.32 27.89 55.56
CA ASP E 62 30.03 27.33 56.70
C ASP E 62 29.44 25.98 57.07
N LEU E 63 30.28 24.94 57.09
CA LEU E 63 29.84 23.57 57.33
C LEU E 63 30.73 22.88 58.35
N THR E 64 30.96 23.54 59.48
CA THR E 64 31.86 22.98 60.49
C THR E 64 31.31 21.67 61.05
N ASP E 65 32.14 20.62 61.01
CA ASP E 65 31.81 19.30 61.53
C ASP E 65 30.53 18.75 60.91
N LYS E 66 30.53 18.64 59.58
CA LYS E 66 29.40 18.07 58.84
C LYS E 66 29.81 16.85 58.03
N ALA E 67 30.98 16.30 58.28
CA ALA E 67 31.43 15.10 57.60
C ALA E 67 31.92 14.02 58.56
N THR E 68 32.59 14.41 59.65
CA THR E 68 33.25 13.43 60.51
C THR E 68 32.24 12.55 61.25
N GLY E 69 31.11 13.11 61.66
CA GLY E 69 30.17 12.34 62.46
C GLY E 69 29.27 11.45 61.65
N LEU E 70 29.59 10.16 61.62
CA LEU E 70 28.81 9.16 60.90
C LEU E 70 28.94 7.84 61.64
N LEU E 71 28.12 6.87 61.25
CA LEU E 71 28.14 5.57 61.91
C LEU E 71 28.90 4.50 61.12
N GLU E 72 28.83 4.52 59.79
CA GLU E 72 29.62 3.65 58.93
C GLU E 72 29.41 2.17 59.27
N LEU E 73 28.20 1.70 59.00
CA LEU E 73 27.90 0.29 59.18
C LEU E 73 28.44 -0.54 58.03
N ASN E 74 28.61 -1.83 58.28
CA ASN E 74 29.14 -2.78 57.30
C ASN E 74 28.17 -3.94 57.14
N VAL E 75 28.32 -4.63 56.01
CA VAL E 75 27.51 -5.81 55.70
C VAL E 75 28.45 -6.91 55.19
N ALA E 76 28.09 -8.16 55.46
CA ALA E 76 28.97 -9.29 55.22
C ALA E 76 28.46 -10.15 54.08
N VAL E 77 29.37 -10.54 53.19
CA VAL E 77 29.07 -11.47 52.11
C VAL E 77 30.04 -12.64 52.18
N ASN E 78 29.51 -13.85 52.11
CA ASN E 78 30.31 -15.07 52.10
C ASN E 78 30.26 -15.66 50.70
N MET E 79 31.43 -15.89 50.11
CA MET E 79 31.46 -16.38 48.74
C MET E 79 30.92 -17.80 48.65
N GLY E 80 31.27 -18.65 49.60
CA GLY E 80 30.72 -20.00 49.60
C GLY E 80 31.50 -20.90 48.66
N GLU E 81 30.78 -21.83 48.03
CA GLU E 81 31.42 -22.83 47.19
C GLU E 81 31.03 -22.64 45.73
N PRO E 82 31.87 -23.03 44.78
CA PRO E 82 31.62 -22.73 43.38
C PRO E 82 30.38 -23.41 42.84
N ASP E 83 29.73 -22.72 41.91
CA ASP E 83 28.71 -23.32 41.06
C ASP E 83 29.40 -24.11 39.97
N ASN E 84 29.07 -25.39 39.86
CA ASN E 84 29.83 -26.29 38.99
C ASN E 84 28.97 -26.77 37.83
N ASP E 85 29.63 -27.40 36.87
CA ASP E 85 28.98 -28.13 35.78
C ASP E 85 29.92 -29.25 35.34
N PHE E 86 29.71 -30.43 35.90
CA PHE E 86 30.60 -31.57 35.72
C PHE E 86 29.92 -32.59 34.82
N PHE E 87 30.41 -32.72 33.59
CA PHE E 87 29.78 -33.60 32.61
C PHE E 87 30.86 -34.33 31.82
N GLN E 88 30.41 -35.30 31.01
CA GLN E 88 31.29 -36.04 30.13
C GLN E 88 31.21 -35.47 28.72
N LEU E 89 32.36 -35.37 28.06
CA LEU E 89 32.43 -34.86 26.70
C LEU E 89 32.41 -36.05 25.74
N ARG E 90 31.29 -36.22 25.04
CA ARG E 90 31.17 -37.32 24.09
C ARG E 90 31.97 -37.03 22.83
N ALA E 91 32.30 -38.09 22.10
CA ALA E 91 32.99 -37.91 20.82
C ALA E 91 32.11 -37.22 19.80
N ASP E 92 30.79 -37.28 19.99
CA ASP E 92 29.88 -36.56 19.10
C ASP E 92 30.08 -35.06 19.22
N ASP E 93 30.25 -34.55 20.44
CA ASP E 93 30.40 -33.12 20.65
C ASP E 93 31.70 -32.60 20.05
N LEU E 94 32.79 -33.36 20.21
CA LEU E 94 34.09 -32.97 19.72
C LEU E 94 34.27 -33.21 18.23
N ARG E 95 33.19 -33.54 17.52
CA ARG E 95 33.30 -33.83 16.10
C ARG E 95 33.71 -32.59 15.30
N ASP E 96 33.14 -31.44 15.64
CA ASP E 96 33.49 -30.20 14.96
C ASP E 96 33.22 -29.03 15.89
N GLU E 97 33.41 -27.82 15.37
CA GLU E 97 33.21 -26.62 16.18
C GLU E 97 31.76 -26.45 16.59
N THR E 98 30.83 -26.75 15.69
CA THR E 98 29.42 -26.43 15.94
C THR E 98 28.85 -27.30 17.07
N ALA E 99 29.10 -28.61 17.02
CA ALA E 99 28.59 -29.49 18.06
C ALA E 99 29.20 -29.17 19.42
N TYR E 100 30.51 -28.91 19.43
CA TYR E 100 31.17 -28.54 20.69
C TYR E 100 30.60 -27.24 21.24
N ARG E 101 30.37 -26.27 20.37
CA ARG E 101 29.78 -25.01 20.82
C ARG E 101 28.38 -25.21 21.35
N ARG E 102 27.61 -26.11 20.75
CA ARG E 102 26.28 -26.41 21.27
C ARG E 102 26.35 -27.01 22.67
N ARG E 103 27.26 -27.99 22.87
CA ARG E 103 27.37 -28.61 24.18
C ARG E 103 27.81 -27.61 25.24
N ILE E 104 28.82 -26.80 24.92
CA ILE E 104 29.30 -25.79 25.86
C ILE E 104 28.22 -24.73 26.10
N GLN E 105 27.42 -24.42 25.09
CA GLN E 105 26.34 -23.47 25.27
C GLN E 105 25.29 -24.00 26.22
N SER E 106 24.97 -25.29 26.12
CA SER E 106 24.04 -25.89 27.07
C SER E 106 24.58 -25.84 28.49
N ALA E 107 25.87 -26.16 28.66
CA ALA E 107 26.48 -26.08 29.98
C ALA E 107 26.45 -24.66 30.53
N ALA E 108 26.79 -23.68 29.69
CA ALA E 108 26.77 -22.29 30.11
C ALA E 108 25.36 -21.83 30.45
N ARG E 109 24.36 -22.33 29.72
CA ARG E 109 22.98 -21.99 30.04
C ARG E 109 22.58 -22.54 31.40
N LYS E 110 23.03 -23.75 31.74
CA LYS E 110 22.77 -24.26 33.07
C LYS E 110 23.43 -23.40 34.15
N LEU E 111 24.69 -23.00 33.92
CA LEU E 111 25.37 -22.17 34.91
C LEU E 111 24.68 -20.82 35.08
N ALA E 112 24.28 -20.19 33.98
CA ALA E 112 23.58 -18.92 34.06
C ALA E 112 22.22 -19.08 34.71
N ASN E 113 21.56 -20.20 34.47
CA ASN E 113 20.34 -20.52 35.21
C ASN E 113 20.61 -20.49 36.71
N ASN E 114 21.67 -21.15 37.16
CA ASN E 114 21.95 -21.15 38.59
C ASN E 114 22.22 -19.74 39.12
N VAL E 115 22.99 -18.95 38.37
CA VAL E 115 23.31 -17.60 38.82
C VAL E 115 22.05 -16.76 38.97
N GLU E 116 21.23 -16.75 37.91
CA GLU E 116 20.07 -15.88 37.88
C GLU E 116 19.00 -16.38 38.85
N LEU E 117 18.91 -17.70 39.05
CA LEU E 117 18.02 -18.23 40.07
C LEU E 117 18.45 -17.82 41.47
N LYS E 118 19.76 -17.83 41.74
CA LYS E 118 20.23 -17.39 43.04
C LYS E 118 19.87 -15.94 43.28
N VAL E 119 20.08 -15.09 42.28
CA VAL E 119 19.74 -13.67 42.42
C VAL E 119 18.25 -13.48 42.65
N ALA E 120 17.43 -14.17 41.86
CA ALA E 120 15.99 -14.01 41.97
C ALA E 120 15.47 -14.52 43.31
N ASN E 121 15.94 -15.67 43.75
CA ASN E 121 15.49 -16.23 45.03
C ASN E 121 15.90 -15.35 46.18
N MET E 122 17.11 -14.79 46.16
CA MET E 122 17.51 -13.88 47.23
C MET E 122 16.68 -12.60 47.20
N ALA E 123 16.39 -12.08 46.00
CA ALA E 123 15.57 -10.87 45.92
C ALA E 123 14.17 -11.12 46.45
N ALA E 124 13.59 -12.28 46.15
CA ALA E 124 12.23 -12.58 46.59
C ALA E 124 12.17 -12.93 48.07
N GLU E 125 13.20 -13.58 48.61
CA GLU E 125 13.18 -14.04 49.99
C GLU E 125 13.81 -13.05 50.96
N MET E 126 14.44 -11.99 50.47
CA MET E 126 14.98 -10.93 51.31
C MET E 126 14.34 -9.58 51.03
N GLY E 127 13.56 -9.47 49.96
CA GLY E 127 12.90 -8.20 49.65
C GLY E 127 11.91 -7.84 50.74
N SER E 128 11.96 -6.60 51.18
CA SER E 128 11.14 -6.14 52.30
C SER E 128 10.44 -4.82 52.02
N LEU E 129 9.96 -4.63 50.79
CA LEU E 129 9.04 -3.54 50.45
C LEU E 129 7.79 -4.18 49.84
N VAL E 130 7.26 -5.17 50.54
CA VAL E 130 6.14 -5.95 50.03
C VAL E 130 4.97 -5.03 49.75
N ILE E 131 4.52 -5.00 48.49
CA ILE E 131 3.32 -4.30 48.10
C ILE E 131 2.31 -5.34 47.64
N THR E 132 1.12 -5.31 48.21
CA THR E 132 0.15 -6.38 48.09
C THR E 132 -1.15 -5.84 47.53
N SER E 133 -1.84 -6.68 46.75
CA SER E 133 -3.14 -6.31 46.20
C SER E 133 -3.95 -7.58 45.99
N PRO E 134 -5.25 -7.54 46.25
CA PRO E 134 -6.10 -8.71 46.00
C PRO E 134 -6.49 -8.94 44.55
N ASP E 135 -5.85 -8.24 43.62
CA ASP E 135 -6.20 -8.31 42.21
C ASP E 135 -4.97 -8.62 41.37
N ALA E 136 -5.19 -9.31 40.25
CA ALA E 136 -4.09 -9.64 39.37
C ALA E 136 -3.60 -8.39 38.64
N ILE E 137 -2.34 -8.44 38.22
CA ILE E 137 -1.74 -7.30 37.53
C ILE E 137 -2.37 -7.15 36.15
N GLY E 138 -2.69 -5.91 35.79
CA GLY E 138 -3.29 -5.66 34.50
C GLY E 138 -3.27 -4.19 34.15
N THR E 139 -4.05 -3.84 33.13
CA THR E 139 -4.06 -2.49 32.60
C THR E 139 -5.33 -1.69 32.91
N ASN E 140 -6.45 -2.36 33.15
CA ASN E 140 -7.71 -1.66 33.43
C ASN E 140 -7.76 -1.29 34.91
N THR E 141 -7.98 0.01 35.18
CA THR E 141 -7.93 0.49 36.56
C THR E 141 -9.14 0.05 37.37
N ALA E 142 -10.18 -0.45 36.73
CA ALA E 142 -11.40 -0.82 37.45
C ALA E 142 -11.14 -1.96 38.43
N ASP E 143 -10.43 -2.99 37.99
CA ASP E 143 -10.15 -4.14 38.82
C ASP E 143 -8.67 -4.47 38.92
N ALA E 144 -7.93 -4.35 37.84
CA ALA E 144 -6.53 -4.78 37.83
C ALA E 144 -5.66 -3.85 38.65
N TRP E 145 -4.47 -4.36 39.00
CA TRP E 145 -3.55 -3.67 39.90
C TRP E 145 -2.35 -3.15 39.12
N ASN E 146 -1.98 -1.90 39.37
CA ASN E 146 -0.82 -1.28 38.72
C ASN E 146 0.38 -1.49 39.62
N PHE E 147 1.21 -2.48 39.28
CA PHE E 147 2.34 -2.81 40.14
C PHE E 147 3.45 -1.78 40.02
N VAL E 148 3.70 -1.28 38.79
CA VAL E 148 4.79 -0.32 38.60
C VAL E 148 4.50 0.98 39.33
N ALA E 149 3.26 1.49 39.22
CA ALA E 149 2.91 2.74 39.88
C ALA E 149 2.96 2.60 41.40
N ASP E 150 2.44 1.50 41.94
CA ASP E 150 2.48 1.29 43.37
C ASP E 150 3.92 1.18 43.88
N ALA E 151 4.77 0.46 43.14
CA ALA E 151 6.16 0.36 43.50
C ALA E 151 6.84 1.73 43.43
N GLU E 152 6.51 2.53 42.43
CA GLU E 152 7.08 3.86 42.32
C GLU E 152 6.69 4.72 43.50
N GLU E 153 5.43 4.67 43.91
CA GLU E 153 5.00 5.54 45.01
C GLU E 153 5.56 5.07 46.34
N ILE E 154 5.71 3.76 46.53
CA ILE E 154 6.31 3.32 47.80
C ILE E 154 7.80 3.61 47.83
N MET E 155 8.48 3.51 46.68
CA MET E 155 9.91 3.84 46.66
C MET E 155 10.15 5.34 46.66
N PHE E 156 9.14 6.14 46.37
CA PHE E 156 9.26 7.59 46.50
C PHE E 156 8.89 8.07 47.89
N SER E 157 7.88 7.48 48.51
CA SER E 157 7.53 7.83 49.88
C SER E 157 8.68 7.49 50.83
N ARG E 158 9.19 6.27 50.74
CA ARG E 158 10.41 5.90 51.43
C ARG E 158 11.59 6.41 50.62
N GLU E 159 12.32 7.40 51.14
CA GLU E 159 13.33 8.09 50.35
C GLU E 159 14.57 7.21 50.17
N LEU E 160 14.33 6.05 49.54
CA LEU E 160 15.37 5.09 49.21
C LEU E 160 15.73 5.11 47.74
N ASN E 161 15.04 5.91 46.94
CA ASN E 161 15.20 5.83 45.49
C ASN E 161 16.54 6.39 45.04
N ARG E 162 17.11 7.30 45.82
CA ARG E 162 18.31 8.06 45.47
C ARG E 162 18.09 8.98 44.27
N ASP E 163 16.83 9.32 43.97
CA ASP E 163 16.50 10.15 42.82
C ASP E 163 17.10 9.59 41.53
N MET E 164 17.03 8.28 41.38
CA MET E 164 17.54 7.61 40.18
C MET E 164 16.60 6.46 39.84
N GLY E 165 17.00 5.65 38.88
CA GLY E 165 16.11 4.63 38.36
C GLY E 165 15.91 3.47 39.32
N THR E 166 14.84 2.72 39.08
CA THR E 166 14.51 1.53 39.83
C THR E 166 14.35 0.36 38.87
N SER E 167 14.99 -0.76 39.16
CA SER E 167 14.96 -1.91 38.28
C SER E 167 13.76 -2.79 38.64
N TYR E 168 12.90 -3.04 37.66
CA TYR E 168 11.69 -3.84 37.84
C TYR E 168 11.84 -5.15 37.08
N PHE E 169 11.48 -6.26 37.71
CA PHE E 169 11.53 -7.56 37.06
C PHE E 169 10.17 -8.24 37.22
N PHE E 170 9.52 -8.48 36.10
CA PHE E 170 8.21 -9.13 36.07
C PHE E 170 8.37 -10.60 35.71
N ASN E 171 7.52 -11.43 36.30
CA ASN E 171 7.42 -12.75 35.71
C ASN E 171 6.73 -12.62 34.36
N PRO E 172 7.05 -13.51 33.41
CA PRO E 172 6.61 -13.26 32.03
C PRO E 172 5.10 -13.10 31.86
N GLN E 173 4.30 -13.86 32.61
CA GLN E 173 2.85 -13.74 32.49
C GLN E 173 2.38 -12.37 32.95
N ASP E 174 2.90 -11.89 34.07
CA ASP E 174 2.49 -10.58 34.57
C ASP E 174 3.05 -9.46 33.70
N TYR E 175 4.22 -9.67 33.10
CA TYR E 175 4.73 -8.71 32.12
C TYR E 175 3.80 -8.61 30.93
N LYS E 176 3.28 -9.76 30.46
CA LYS E 176 2.29 -9.71 29.38
C LYS E 176 1.02 -9.01 29.83
N LYS E 177 0.55 -9.30 31.04
CA LYS E 177 -0.70 -8.73 31.53
C LYS E 177 -0.60 -7.21 31.68
N ALA E 178 0.54 -6.71 32.16
CA ALA E 178 0.71 -5.27 32.36
C ALA E 178 0.80 -4.50 31.05
N GLY E 179 0.65 -5.15 29.91
CA GLY E 179 0.70 -4.45 28.64
C GLY E 179 2.05 -3.88 28.27
N TYR E 180 3.12 -4.63 28.47
CA TYR E 180 4.46 -4.23 28.05
C TYR E 180 4.81 -5.00 26.78
N ASP E 181 5.16 -4.27 25.73
CA ASP E 181 5.48 -4.88 24.45
C ASP E 181 6.98 -5.11 24.31
N LEU E 182 7.33 -6.00 23.39
CA LEU E 182 8.72 -6.36 23.13
C LEU E 182 9.15 -5.94 21.73
N THR E 183 8.64 -4.82 21.25
CA THR E 183 9.04 -4.31 19.95
C THR E 183 10.35 -3.53 20.08
N LYS E 184 11.31 -3.88 19.23
CA LYS E 184 12.65 -3.27 19.27
C LYS E 184 13.31 -3.47 20.62
N ARG E 185 13.09 -4.64 21.21
CA ARG E 185 13.66 -4.98 22.51
C ARG E 185 14.10 -6.44 22.45
N ASP E 186 15.09 -6.78 23.27
CA ASP E 186 15.50 -8.18 23.28
C ASP E 186 14.48 -9.01 24.06
N ILE E 187 14.81 -10.27 24.28
CA ILE E 187 13.88 -11.24 24.82
C ILE E 187 13.49 -10.87 26.24
N PHE E 188 14.36 -10.16 26.96
CA PHE E 188 14.12 -9.80 28.35
C PHE E 188 13.47 -8.43 28.51
N GLY E 189 13.37 -7.65 27.45
CA GLY E 189 12.79 -6.32 27.52
C GLY E 189 13.79 -5.19 27.61
N ARG E 190 15.09 -5.48 27.49
CA ARG E 190 16.08 -4.41 27.51
C ARG E 190 16.15 -3.71 26.16
N ILE E 191 16.70 -2.50 26.17
CA ILE E 191 16.98 -1.77 24.94
C ILE E 191 18.35 -2.21 24.42
N PRO E 192 18.44 -2.71 23.19
CA PRO E 192 19.75 -3.19 22.71
C PRO E 192 20.83 -2.11 22.69
N GLU E 193 20.47 -0.87 22.40
CA GLU E 193 21.42 0.24 22.32
C GLU E 193 22.56 -0.05 21.36
N ILE E 201 25.94 8.01 29.48
CA ILE E 201 25.72 7.69 30.89
C ILE E 201 24.62 6.63 31.00
N GLN E 202 24.61 5.93 32.13
CA GLN E 202 23.61 4.89 32.34
C GLN E 202 22.22 5.51 32.45
N ARG E 203 21.22 4.75 31.98
CA ARG E 203 19.84 5.21 32.10
C ARG E 203 19.40 5.30 33.56
N GLN E 204 19.92 4.40 34.40
CA GLN E 204 19.55 4.41 35.81
C GLN E 204 20.02 5.68 36.48
N VAL E 205 21.24 6.14 36.16
CA VAL E 205 21.78 7.35 36.76
C VAL E 205 20.93 8.56 36.39
N ALA E 206 20.53 8.65 35.12
CA ALA E 206 19.72 9.77 34.69
C ALA E 206 18.35 9.79 35.38
N GLY E 207 17.91 8.65 35.89
CA GLY E 207 16.64 8.58 36.59
C GLY E 207 15.54 7.83 35.87
N PHE E 208 15.86 7.07 34.83
CA PHE E 208 14.85 6.36 34.05
C PHE E 208 14.71 4.93 34.55
N ASP E 209 13.49 4.56 34.92
CA ASP E 209 13.24 3.21 35.40
C ASP E 209 13.39 2.21 34.25
N ASP E 210 13.83 1.01 34.59
CA ASP E 210 14.01 -0.07 33.62
C ASP E 210 13.09 -1.22 34.01
N VAL E 211 12.15 -1.54 33.13
CA VAL E 211 11.16 -2.59 33.38
C VAL E 211 11.54 -3.79 32.53
N LEU E 212 11.75 -4.93 33.19
CA LEU E 212 12.26 -6.12 32.54
C LEU E 212 11.40 -7.31 32.95
N ARG E 213 11.62 -8.44 32.29
CA ARG E 213 10.95 -9.69 32.64
C ARG E 213 11.97 -10.81 32.70
N SER E 214 11.77 -11.72 33.65
CA SER E 214 12.68 -12.83 33.83
C SER E 214 11.89 -14.06 34.25
N PRO E 215 12.12 -15.21 33.62
CA PRO E 215 11.35 -16.41 33.96
C PRO E 215 11.80 -17.11 35.24
N LYS E 216 12.87 -16.66 35.87
CA LYS E 216 13.40 -17.30 37.06
C LYS E 216 12.77 -16.79 38.35
N LEU E 217 11.79 -15.91 38.25
CA LEU E 217 11.15 -15.36 39.45
C LEU E 217 10.37 -16.45 40.16
N PRO E 218 10.59 -16.68 41.44
CA PRO E 218 10.00 -17.83 42.12
C PRO E 218 8.57 -17.57 42.55
N VAL E 219 7.94 -18.62 43.05
CA VAL E 219 6.58 -18.56 43.59
C VAL E 219 6.68 -18.52 45.11
N LEU E 220 6.14 -17.47 45.71
CA LEU E 220 6.21 -17.29 47.15
C LEU E 220 5.12 -18.12 47.81
N THR E 221 5.50 -19.19 48.48
CA THR E 221 4.55 -20.10 49.09
C THR E 221 3.78 -19.40 50.20
N LYS E 222 2.50 -19.75 50.34
CA LYS E 222 1.67 -19.14 51.36
C LYS E 222 2.17 -19.50 52.76
N SER E 223 1.72 -18.72 53.74
CA SER E 223 2.09 -18.93 55.13
C SER E 223 0.86 -19.37 55.92
N THR E 224 1.02 -20.39 56.75
CA THR E 224 -0.06 -20.93 57.56
C THR E 224 -0.09 -20.34 58.96
N ALA E 225 0.78 -19.37 59.24
CA ALA E 225 0.84 -18.79 60.58
C ALA E 225 -0.44 -18.02 60.89
N THR E 226 -0.98 -18.25 62.09
CA THR E 226 -2.18 -17.57 62.54
C THR E 226 -2.01 -17.13 63.99
N GLY E 227 -2.36 -15.88 64.27
CA GLY E 227 -2.38 -15.40 65.63
C GLY E 227 -1.03 -15.23 66.29
N ILE E 228 0.03 -15.03 65.51
CA ILE E 228 1.35 -14.82 66.10
C ILE E 228 1.44 -13.45 66.73
N THR E 229 1.94 -13.39 67.96
CA THR E 229 2.11 -12.14 68.68
C THR E 229 3.52 -12.09 69.24
N VAL E 230 4.04 -10.87 69.40
CA VAL E 230 5.38 -10.70 69.95
C VAL E 230 5.36 -10.98 71.44
N SER E 231 6.55 -11.22 72.00
CA SER E 231 6.70 -11.50 73.43
C SER E 231 7.64 -10.46 74.02
N GLY E 232 7.08 -9.52 74.76
CA GLY E 232 7.86 -8.48 75.40
C GLY E 232 8.14 -7.31 74.47
N ALA E 233 8.45 -6.18 75.08
CA ALA E 233 8.78 -4.98 74.32
C ALA E 233 10.24 -5.05 73.89
N GLN E 234 10.48 -5.01 72.58
CA GLN E 234 11.81 -5.19 72.02
C GLN E 234 12.18 -3.98 71.18
N SER E 235 13.37 -3.44 71.42
CA SER E 235 13.90 -2.33 70.66
C SER E 235 15.27 -2.70 70.13
N PHE E 236 15.53 -2.31 68.88
CA PHE E 236 16.79 -2.65 68.22
C PHE E 236 17.53 -1.37 67.88
N LYS E 237 18.85 -1.41 68.08
CA LYS E 237 19.72 -0.28 67.85
C LYS E 237 20.80 -0.64 66.86
N PRO E 238 21.14 0.26 65.94
CA PRO E 238 22.22 -0.01 64.98
C PRO E 238 23.58 0.08 65.65
N VAL E 239 24.21 -1.07 65.88
CA VAL E 239 25.52 -1.15 66.49
C VAL E 239 26.53 -1.46 65.39
N ALA E 240 27.70 -0.82 65.47
CA ALA E 240 28.71 -0.98 64.44
C ALA E 240 29.78 -2.01 64.78
N TRP E 241 29.90 -2.39 66.05
CA TRP E 241 30.94 -3.32 66.47
C TRP E 241 30.39 -4.28 67.51
N GLN E 242 31.10 -5.40 67.67
CA GLN E 242 30.74 -6.43 68.63
C GLN E 242 32.00 -7.15 69.05
N LEU E 243 31.98 -7.71 70.25
CA LEU E 243 33.10 -8.50 70.75
C LEU E 243 32.88 -9.97 70.45
N ASP E 244 33.80 -10.59 69.72
CA ASP E 244 33.71 -12.00 69.44
C ASP E 244 34.27 -12.79 70.63
N ASN E 245 34.43 -14.10 70.46
CA ASN E 245 34.91 -14.93 71.55
C ASN E 245 36.40 -14.74 71.82
N ASP E 246 37.17 -14.34 70.81
CA ASP E 246 38.59 -14.07 71.04
C ASP E 246 38.81 -12.79 71.80
N GLY E 247 37.76 -11.99 71.99
CA GLY E 247 37.88 -10.68 72.59
C GLY E 247 38.14 -9.58 71.59
N ASN E 248 38.33 -9.92 70.31
CA ASN E 248 38.54 -8.93 69.28
C ASN E 248 37.22 -8.23 68.98
N LYS E 249 37.28 -7.20 68.14
CA LYS E 249 36.12 -6.39 67.81
C LYS E 249 35.72 -6.69 66.37
N VAL E 250 34.48 -7.14 66.19
CA VAL E 250 33.98 -7.60 64.90
C VAL E 250 32.76 -6.79 64.52
N ASN E 251 32.57 -6.59 63.22
CA ASN E 251 31.41 -5.84 62.75
C ASN E 251 30.13 -6.61 63.03
N VAL E 252 29.02 -5.88 63.02
CA VAL E 252 27.69 -6.46 63.18
C VAL E 252 26.91 -6.24 61.89
N ASP E 253 26.32 -7.31 61.37
CA ASP E 253 25.44 -7.21 60.22
C ASP E 253 24.13 -6.61 60.68
N ASN E 254 23.97 -5.30 60.50
CA ASN E 254 22.83 -4.57 61.03
C ASN E 254 21.55 -4.79 60.24
N ARG E 255 21.60 -5.57 59.15
CA ARG E 255 20.38 -5.87 58.41
C ARG E 255 19.41 -6.65 59.29
N PHE E 256 19.88 -7.75 59.88
CA PHE E 256 18.99 -8.71 60.51
C PHE E 256 18.77 -8.35 61.99
N ALA E 257 17.57 -8.63 62.47
CA ALA E 257 17.22 -8.39 63.86
C ALA E 257 16.39 -9.55 64.38
N THR E 258 16.83 -10.13 65.50
CA THR E 258 16.14 -11.29 66.08
C THR E 258 14.96 -10.82 66.91
N VAL E 259 13.76 -11.29 66.56
CA VAL E 259 12.53 -10.90 67.23
C VAL E 259 11.94 -12.13 67.91
N THR E 260 11.55 -11.97 69.17
CA THR E 260 10.94 -13.06 69.93
C THR E 260 9.43 -12.99 69.77
N LEU E 261 8.84 -14.08 69.29
CA LEU E 261 7.40 -14.16 69.07
C LEU E 261 6.80 -15.23 69.96
N SER E 262 5.46 -15.24 70.05
CA SER E 262 4.78 -16.25 70.84
C SER E 262 5.03 -17.65 70.29
N ALA E 263 4.96 -17.80 68.97
CA ALA E 263 5.26 -19.06 68.31
C ALA E 263 5.68 -18.78 66.88
N THR E 264 6.36 -19.74 66.28
CA THR E 264 6.84 -19.62 64.91
C THR E 264 6.28 -20.71 64.01
N THR E 265 5.12 -21.25 64.35
CA THR E 265 4.52 -22.30 63.53
C THR E 265 4.10 -21.73 62.19
N GLY E 266 4.45 -22.44 61.11
CA GLY E 266 4.10 -22.00 59.78
C GLY E 266 4.90 -20.83 59.25
N MET E 267 6.10 -20.60 59.79
CA MET E 267 6.95 -19.50 59.36
C MET E 267 8.20 -20.07 58.70
N LYS E 268 8.58 -19.49 57.57
CA LYS E 268 9.72 -19.97 56.79
C LYS E 268 10.49 -18.76 56.26
N ARG E 269 11.55 -19.05 55.51
CA ARG E 269 12.43 -18.00 55.01
C ARG E 269 11.73 -17.03 54.06
N GLY E 270 10.73 -17.49 53.33
CA GLY E 270 10.14 -16.62 52.34
C GLY E 270 9.04 -15.70 52.82
N ASP E 271 8.68 -15.75 54.09
CA ASP E 271 7.46 -15.10 54.54
C ASP E 271 7.66 -13.60 54.76
N LYS E 272 6.59 -12.84 54.57
CA LYS E 272 6.57 -11.40 54.79
C LYS E 272 5.61 -11.10 55.93
N ILE E 273 6.05 -10.26 56.87
CA ILE E 273 5.25 -9.91 58.04
C ILE E 273 5.24 -8.38 58.17
N SER E 274 4.24 -7.90 58.90
CA SER E 274 4.07 -6.45 59.09
C SER E 274 3.38 -6.23 60.42
N PHE E 275 4.13 -5.76 61.41
CA PHE E 275 3.58 -5.60 62.76
C PHE E 275 2.53 -4.49 62.78
N ALA E 276 1.45 -4.74 63.51
CA ALA E 276 0.35 -3.79 63.54
C ALA E 276 0.71 -2.55 64.35
N GLY E 277 0.25 -1.39 63.88
CA GLY E 277 0.58 -0.14 64.54
C GLY E 277 2.00 0.34 64.28
N VAL E 278 2.63 -0.18 63.23
CA VAL E 278 4.01 0.15 62.90
C VAL E 278 4.04 0.71 61.49
N LYS E 279 4.66 1.88 61.32
CA LYS E 279 4.65 2.57 60.04
C LYS E 279 6.08 2.88 59.60
N PHE E 280 6.24 3.03 58.29
CA PHE E 280 7.53 3.38 57.72
C PHE E 280 7.80 4.87 57.92
N LEU E 281 9.01 5.29 57.55
CA LEU E 281 9.36 6.69 57.48
C LEU E 281 10.19 6.95 56.24
N GLY E 282 10.15 8.19 55.76
CA GLY E 282 11.11 8.63 54.78
C GLY E 282 12.50 8.55 55.38
N GLN E 283 13.43 7.92 54.65
CA GLN E 283 14.75 7.70 55.22
C GLN E 283 15.50 9.01 55.45
N MET E 284 15.12 10.09 54.78
CA MET E 284 15.82 11.35 54.91
C MET E 284 15.13 12.30 55.89
N ALA E 285 13.84 12.55 55.69
CA ALA E 285 13.10 13.49 56.51
C ALA E 285 12.48 12.86 57.76
N LYS E 286 12.45 11.53 57.83
CA LYS E 286 11.84 10.81 58.95
C LYS E 286 10.42 11.28 59.22
N ASN E 287 9.62 11.35 58.16
CA ASN E 287 8.20 11.64 58.26
C ASN E 287 7.42 10.34 58.25
N VAL E 288 6.51 10.18 59.21
CA VAL E 288 5.75 8.94 59.31
C VAL E 288 4.86 8.78 58.09
N LEU E 289 4.93 7.60 57.47
CA LEU E 289 4.14 7.29 56.30
C LEU E 289 2.89 6.50 56.68
N ALA E 290 1.94 6.46 55.75
CA ALA E 290 0.71 5.70 55.99
C ALA E 290 0.94 4.21 55.87
N GLN E 291 1.88 3.78 55.02
CA GLN E 291 2.09 2.37 54.78
C GLN E 291 2.72 1.70 56.00
N ASP E 292 2.17 0.54 56.37
CA ASP E 292 2.73 -0.22 57.48
C ASP E 292 4.10 -0.77 57.10
N ALA E 293 4.99 -0.82 58.08
CA ALA E 293 6.32 -1.36 57.83
C ALA E 293 6.22 -2.86 57.58
N THR E 294 6.86 -3.30 56.51
CA THR E 294 6.86 -4.69 56.10
C THR E 294 8.26 -5.27 56.25
N PHE E 295 8.35 -6.43 56.90
CA PHE E 295 9.60 -7.12 57.14
C PHE E 295 9.52 -8.52 56.59
N SER E 296 10.67 -9.11 56.30
CA SER E 296 10.75 -10.48 55.81
C SER E 296 11.53 -11.32 56.79
N VAL E 297 10.90 -12.36 57.30
CA VAL E 297 11.59 -13.35 58.13
C VAL E 297 12.60 -14.10 57.26
N VAL E 298 13.84 -14.17 57.71
CA VAL E 298 14.87 -14.84 56.93
C VAL E 298 15.29 -16.17 57.53
N ARG E 299 15.20 -16.33 58.85
CA ARG E 299 15.57 -17.58 59.48
C ARG E 299 14.75 -17.76 60.73
N VAL E 300 14.18 -18.95 60.90
CA VAL E 300 13.42 -19.31 62.08
C VAL E 300 14.40 -19.97 63.04
N VAL E 301 14.93 -19.18 63.98
CA VAL E 301 16.00 -19.67 64.86
C VAL E 301 15.47 -20.77 65.76
N ASP E 302 14.32 -20.53 66.39
CA ASP E 302 13.78 -21.46 67.37
C ASP E 302 12.26 -21.44 67.22
N GLY E 303 11.57 -22.19 68.07
CA GLY E 303 10.12 -22.18 68.04
C GLY E 303 9.49 -20.86 68.43
N THR E 304 10.26 -19.96 69.05
CA THR E 304 9.72 -18.67 69.46
C THR E 304 10.61 -17.50 69.02
N HIS E 305 11.55 -17.71 68.09
CA HIS E 305 12.47 -16.67 67.68
C HIS E 305 12.46 -16.54 66.16
N VAL E 306 12.61 -15.31 65.68
CA VAL E 306 12.53 -15.00 64.26
C VAL E 306 13.54 -13.91 63.94
N GLU E 307 14.21 -14.02 62.79
CA GLU E 307 15.10 -12.98 62.28
C GLU E 307 14.45 -12.33 61.08
N ILE E 308 14.32 -11.00 61.11
CA ILE E 308 13.66 -10.26 60.05
C ILE E 308 14.68 -9.37 59.36
N THR E 309 14.60 -9.31 58.02
CA THR E 309 15.72 -8.78 57.25
C THR E 309 15.92 -7.27 57.34
N PRO E 310 14.89 -6.41 57.51
CA PRO E 310 15.20 -5.03 57.89
C PRO E 310 15.15 -4.83 59.39
N LYS E 311 16.18 -4.24 59.98
CA LYS E 311 16.16 -4.03 61.42
C LYS E 311 15.21 -2.89 61.77
N PRO E 312 14.18 -3.14 62.57
CA PRO E 312 13.26 -2.06 62.93
C PRO E 312 13.85 -1.13 63.99
N VAL E 313 14.24 0.06 63.58
CA VAL E 313 14.84 1.04 64.49
C VAL E 313 13.81 2.12 64.73
N ALA E 314 13.30 2.20 65.95
CA ALA E 314 12.23 3.12 66.29
C ALA E 314 12.73 4.56 66.31
N LEU E 315 11.91 5.49 65.80
CA LEU E 315 12.25 6.90 65.89
C LEU E 315 12.09 7.43 67.31
N ASP E 316 11.13 6.90 68.06
CA ASP E 316 10.83 7.41 69.40
C ASP E 316 11.74 6.84 70.47
N ASP E 317 12.66 5.94 70.12
CA ASP E 317 13.59 5.39 71.10
C ASP E 317 14.49 6.50 71.62
N VAL E 318 14.33 6.83 72.91
CA VAL E 318 15.19 7.84 73.51
C VAL E 318 16.61 7.33 73.71
N SER E 319 16.81 6.02 73.76
CA SER E 319 18.15 5.46 73.94
C SER E 319 19.03 5.69 72.72
N LEU E 320 18.45 6.01 71.58
CA LEU E 320 19.23 6.20 70.36
C LEU E 320 20.01 7.50 70.41
N SER E 321 21.29 7.43 70.05
CA SER E 321 22.08 8.61 69.81
C SER E 321 21.75 9.18 68.44
N PRO E 322 22.06 10.46 68.19
CA PRO E 322 21.72 11.05 66.88
C PRO E 322 22.30 10.30 65.70
N GLU E 323 23.53 9.82 65.79
CA GLU E 323 24.09 9.01 64.71
C GLU E 323 23.30 7.71 64.55
N GLN E 324 22.90 7.09 65.66
CA GLN E 324 22.04 5.93 65.58
C GLN E 324 20.65 6.29 65.08
N ARG E 325 20.13 7.45 65.49
CA ARG E 325 18.81 7.87 65.06
C ARG E 325 18.75 8.17 63.57
N ALA E 326 19.88 8.48 62.94
CA ALA E 326 19.87 8.65 61.49
C ALA E 326 19.49 7.36 60.79
N TYR E 327 19.72 6.21 61.43
CA TYR E 327 19.35 4.91 60.88
C TYR E 327 17.98 4.45 61.38
N ALA E 328 16.97 5.28 61.22
CA ALA E 328 15.63 4.98 61.72
C ALA E 328 14.69 4.75 60.55
N ASN E 329 14.01 3.60 60.54
CA ASN E 329 13.05 3.28 59.49
C ASN E 329 11.68 2.89 60.02
N VAL E 330 11.48 2.90 61.33
CA VAL E 330 10.21 2.54 61.94
C VAL E 330 9.88 3.56 63.02
N ASN E 331 8.60 3.94 63.10
CA ASN E 331 8.21 5.02 64.01
C ASN E 331 8.21 4.56 65.47
N THR E 332 7.75 3.36 65.74
CA THR E 332 7.64 2.86 67.11
C THR E 332 8.25 1.48 67.22
N SER E 333 8.80 1.19 68.39
CA SER E 333 9.40 -0.11 68.65
C SER E 333 8.30 -1.16 68.85
N LEU E 334 8.71 -2.43 68.78
CA LEU E 334 7.78 -3.53 68.90
C LEU E 334 7.39 -3.69 70.37
N ALA E 335 6.32 -3.00 70.76
CA ALA E 335 5.73 -3.19 72.07
C ALA E 335 5.07 -4.56 72.16
N ASP E 336 4.70 -4.95 73.38
CA ASP E 336 4.19 -6.29 73.61
C ASP E 336 2.84 -6.50 72.92
N ALA E 337 2.57 -7.75 72.57
CA ALA E 337 1.28 -8.22 72.08
C ALA E 337 0.86 -7.56 70.77
N MET E 338 1.83 -7.20 69.92
CA MET E 338 1.50 -6.79 68.57
C MET E 338 1.33 -8.01 67.67
N ALA E 339 0.35 -7.93 66.77
CA ALA E 339 0.13 -8.99 65.80
C ALA E 339 1.13 -8.86 64.65
N VAL E 340 1.38 -9.98 63.97
CA VAL E 340 2.39 -10.00 62.92
C VAL E 340 1.81 -9.68 61.54
N ASN E 341 0.53 -10.00 61.31
CA ASN E 341 -0.16 -9.65 60.07
C ASN E 341 0.57 -10.24 58.85
N ILE E 342 0.54 -11.57 58.79
CA ILE E 342 1.11 -12.28 57.65
C ILE E 342 0.57 -11.70 56.35
N LEU E 343 1.47 -11.43 55.41
CA LEU E 343 1.10 -10.75 54.17
C LEU E 343 0.99 -11.66 52.97
N ASN E 344 1.84 -12.70 52.85
CA ASN E 344 1.75 -13.63 51.73
C ASN E 344 0.72 -14.71 52.06
N VAL E 345 -0.55 -14.32 51.98
CA VAL E 345 -1.64 -15.22 52.33
C VAL E 345 -1.82 -16.32 51.29
N LYS E 346 -1.62 -15.99 50.01
CA LYS E 346 -1.85 -16.94 48.93
C LYS E 346 -0.58 -17.19 48.15
N ASP E 347 -0.55 -18.33 47.46
CA ASP E 347 0.54 -18.63 46.54
C ASP E 347 0.48 -17.69 45.34
N ALA E 348 1.60 -17.05 45.04
CA ALA E 348 1.64 -16.12 43.92
C ALA E 348 3.08 -16.01 43.42
N ARG E 349 3.22 -15.90 42.10
CA ARG E 349 4.54 -15.71 41.51
C ARG E 349 4.99 -14.28 41.76
N THR E 350 6.22 -14.13 42.23
CA THR E 350 6.69 -12.84 42.71
C THR E 350 7.13 -11.94 41.57
N ASN E 351 6.92 -10.64 41.76
CA ASN E 351 7.49 -9.60 40.92
C ASN E 351 8.39 -8.76 41.82
N VAL E 352 9.66 -8.65 41.46
CA VAL E 352 10.63 -8.02 42.34
C VAL E 352 11.14 -6.74 41.70
N PHE E 353 11.59 -5.83 42.55
CA PHE E 353 12.19 -4.58 42.13
C PHE E 353 13.12 -4.10 43.23
N TRP E 354 14.19 -3.40 42.84
CA TRP E 354 15.14 -2.94 43.83
C TRP E 354 15.82 -1.66 43.35
N ALA E 355 16.49 -1.00 44.29
CA ALA E 355 17.15 0.27 44.02
C ALA E 355 18.46 0.05 43.28
N ASP E 356 19.31 1.08 43.25
CA ASP E 356 20.57 0.97 42.53
C ASP E 356 21.50 -0.05 43.18
N ASP E 357 21.68 0.05 44.50
CA ASP E 357 22.71 -0.74 45.17
C ASP E 357 22.09 -1.68 46.19
N ALA E 358 21.00 -2.34 45.81
CA ALA E 358 20.30 -3.23 46.72
C ALA E 358 20.72 -4.68 46.59
N ILE E 359 21.47 -5.04 45.56
CA ILE E 359 22.04 -6.38 45.43
C ILE E 359 23.44 -6.24 44.87
N ARG E 360 24.40 -6.92 45.47
CA ARG E 360 25.79 -6.87 45.04
C ARG E 360 26.31 -8.28 44.80
N ILE E 361 27.15 -8.42 43.78
CA ILE E 361 27.75 -9.71 43.42
C ILE E 361 29.25 -9.60 43.62
N VAL E 362 29.81 -10.55 44.38
CA VAL E 362 31.23 -10.60 44.67
C VAL E 362 31.79 -11.88 44.07
N SER E 363 32.84 -11.76 43.27
CA SER E 363 33.47 -12.91 42.65
C SER E 363 34.97 -12.69 42.59
N GLN E 364 35.73 -13.73 42.89
CA GLN E 364 37.18 -13.66 42.88
C GLN E 364 37.72 -14.89 42.16
N PRO E 365 38.92 -14.80 41.60
CA PRO E 365 39.44 -15.91 40.78
C PRO E 365 39.57 -17.19 41.57
N ILE E 366 39.29 -18.30 40.90
CA ILE E 366 39.40 -19.61 41.54
C ILE E 366 40.88 -19.97 41.66
N PRO E 367 41.37 -20.27 42.87
CA PRO E 367 42.79 -20.64 43.02
C PRO E 367 43.08 -21.96 42.33
N ALA E 368 44.10 -21.97 41.48
CA ALA E 368 44.47 -23.18 40.77
C ALA E 368 45.94 -23.11 40.41
N ASN E 369 46.51 -24.28 40.13
CA ASN E 369 47.90 -24.42 39.69
C ASN E 369 47.87 -25.06 38.31
N HIS E 370 47.85 -24.24 37.27
CA HIS E 370 47.78 -24.76 35.92
C HIS E 370 49.10 -25.42 35.54
N GLU E 371 49.00 -26.49 34.76
CA GLU E 371 50.13 -27.24 34.21
C GLU E 371 51.00 -27.89 35.28
N LEU E 372 50.56 -27.89 36.54
CA LEU E 372 51.33 -28.58 37.58
C LEU E 372 51.13 -30.08 37.52
N PHE E 373 49.93 -30.53 37.15
CA PHE E 373 49.61 -31.94 37.03
C PHE E 373 49.25 -32.24 35.59
N ALA E 374 49.88 -33.27 35.03
CA ALA E 374 49.79 -33.51 33.59
C ALA E 374 48.40 -33.96 33.17
N GLY E 375 47.72 -34.73 34.01
CA GLY E 375 46.44 -35.30 33.62
C GLY E 375 45.37 -34.24 33.40
N MET E 376 45.31 -33.25 34.28
CA MET E 376 44.23 -32.27 34.31
C MET E 376 44.68 -30.96 33.69
N LYS E 377 43.87 -30.41 32.82
CA LYS E 377 44.15 -29.15 32.14
C LYS E 377 43.11 -28.13 32.55
N THR E 378 43.50 -27.17 33.38
CA THR E 378 42.59 -26.13 33.85
C THR E 378 42.92 -24.81 33.17
N THR E 379 41.89 -24.07 32.79
CA THR E 379 42.03 -22.77 32.14
C THR E 379 41.14 -21.77 32.84
N SER E 380 41.74 -20.84 33.57
CA SER E 380 40.97 -19.80 34.23
C SER E 380 40.36 -18.85 33.22
N PHE E 381 39.20 -18.30 33.56
CA PHE E 381 38.55 -17.32 32.71
C PHE E 381 37.65 -16.45 33.58
N SER E 382 37.22 -15.33 33.01
CA SER E 382 36.33 -14.42 33.70
C SER E 382 35.30 -13.88 32.73
N ILE E 383 34.17 -13.44 33.27
CA ILE E 383 33.06 -12.92 32.49
C ILE E 383 32.87 -11.47 32.87
N PRO E 384 33.47 -10.53 32.11
CA PRO E 384 33.45 -9.12 32.53
C PRO E 384 32.07 -8.51 32.61
N ASP E 385 31.16 -8.90 31.72
CA ASP E 385 29.83 -8.28 31.70
C ASP E 385 29.08 -8.55 33.00
N VAL E 386 29.13 -9.79 33.48
CA VAL E 386 28.46 -10.14 34.73
C VAL E 386 29.35 -9.93 35.95
N GLY E 387 30.66 -10.08 35.79
CA GLY E 387 31.57 -9.95 36.91
C GLY E 387 31.91 -11.25 37.61
N LEU E 388 31.67 -12.38 36.97
CA LEU E 388 31.96 -13.68 37.56
C LEU E 388 33.34 -14.17 37.13
N ASN E 389 34.03 -14.82 38.06
CA ASN E 389 35.29 -15.47 37.79
C ASN E 389 35.07 -16.98 37.83
N GLY E 390 35.57 -17.69 36.82
CA GLY E 390 35.36 -19.11 36.72
C GLY E 390 36.64 -19.85 36.37
N ILE E 391 36.50 -21.15 36.15
CA ILE E 391 37.59 -22.01 35.71
C ILE E 391 37.00 -23.06 34.79
N PHE E 392 37.81 -23.52 33.84
CA PHE E 392 37.41 -24.54 32.87
C PHE E 392 38.45 -25.64 32.89
N ALA E 393 38.04 -26.87 33.19
CA ALA E 393 38.97 -27.98 33.32
C ALA E 393 38.47 -29.19 32.56
N THR E 394 39.39 -29.95 31.99
CA THR E 394 39.07 -31.18 31.29
C THR E 394 40.04 -32.27 31.70
N GLN E 395 39.55 -33.51 31.71
CA GLN E 395 40.36 -34.66 32.08
C GLN E 395 39.82 -35.88 31.35
N GLY E 396 40.68 -36.89 31.19
CA GLY E 396 40.32 -38.13 30.56
C GLY E 396 40.07 -39.21 31.61
N ASP E 397 38.92 -39.88 31.48
CA ASP E 397 38.52 -40.93 32.41
C ASP E 397 38.42 -42.24 31.65
N ILE E 398 39.12 -43.27 32.13
CA ILE E 398 39.09 -44.56 31.47
C ILE E 398 37.82 -45.34 31.81
N SER E 399 37.16 -45.02 32.91
CA SER E 399 35.95 -45.73 33.27
C SER E 399 34.88 -45.56 32.22
N THR E 400 34.70 -44.33 31.72
CA THR E 400 33.70 -44.04 30.71
C THR E 400 34.29 -43.93 29.30
N LEU E 401 35.60 -44.13 29.15
CA LEU E 401 36.27 -44.01 27.85
C LEU E 401 35.96 -42.69 27.17
N SER E 402 35.83 -41.63 27.97
CA SER E 402 35.49 -40.32 27.44
C SER E 402 36.09 -39.27 28.36
N GLY E 403 36.23 -38.06 27.81
CA GLY E 403 36.84 -36.97 28.55
C GLY E 403 35.82 -36.27 29.41
N LEU E 404 36.21 -35.99 30.64
CA LEU E 404 35.39 -35.26 31.60
C LEU E 404 35.64 -33.77 31.42
N CYS E 405 34.59 -32.97 31.51
CA CYS E 405 34.70 -31.52 31.42
C CYS E 405 33.99 -30.90 32.61
N ARG E 406 34.61 -29.89 33.21
CA ARG E 406 34.09 -29.24 34.41
C ARG E 406 34.21 -27.74 34.26
N ILE E 407 33.10 -27.03 34.46
CA ILE E 407 33.06 -25.57 34.41
C ILE E 407 32.57 -25.09 35.77
N ALA E 408 33.43 -24.41 36.52
CA ALA E 408 33.09 -23.90 37.82
C ALA E 408 33.04 -22.38 37.78
N LEU E 409 32.05 -21.81 38.45
CA LEU E 409 31.93 -20.36 38.59
C LEU E 409 31.89 -20.02 40.07
N TRP E 410 32.80 -19.16 40.51
CA TRP E 410 32.89 -18.75 41.91
C TRP E 410 32.36 -17.34 42.03
N TYR E 411 31.27 -17.19 42.76
CA TYR E 411 30.63 -15.90 42.95
C TYR E 411 29.80 -15.97 44.22
N GLY E 412 29.58 -14.81 44.82
CA GLY E 412 28.72 -14.73 45.98
C GLY E 412 27.87 -13.49 45.91
N VAL E 413 26.56 -13.68 45.91
CA VAL E 413 25.61 -12.57 45.79
C VAL E 413 25.16 -12.19 47.19
N ASN E 414 25.01 -10.89 47.41
CA ASN E 414 24.62 -10.35 48.70
C ASN E 414 23.48 -9.36 48.51
N ALA E 415 22.49 -9.42 49.41
CA ALA E 415 21.37 -8.49 49.38
C ALA E 415 21.61 -7.36 50.39
N THR E 416 22.59 -6.52 50.06
CA THR E 416 22.81 -5.32 50.85
C THR E 416 21.60 -4.41 50.72
N ARG E 417 21.26 -3.73 51.81
CA ARG E 417 20.05 -2.90 51.82
C ARG E 417 18.83 -3.73 51.43
N PRO E 418 18.39 -4.68 52.26
CA PRO E 418 17.14 -5.38 51.95
C PRO E 418 15.91 -4.50 52.10
N GLU E 419 16.02 -3.34 52.74
CA GLU E 419 14.87 -2.44 52.81
C GLU E 419 14.61 -1.75 51.49
N ALA E 420 15.52 -1.84 50.53
CA ALA E 420 15.36 -1.25 49.22
C ALA E 420 14.92 -2.26 48.16
N ILE E 421 14.74 -3.52 48.54
CA ILE E 421 14.27 -4.55 47.61
C ILE E 421 12.79 -4.78 47.86
N GLY E 422 12.00 -4.77 46.81
CA GLY E 422 10.56 -4.90 46.92
C GLY E 422 10.08 -6.19 46.29
N VAL E 423 8.97 -6.71 46.80
CA VAL E 423 8.32 -7.91 46.29
C VAL E 423 6.87 -7.58 45.99
N GLY E 424 6.43 -7.86 44.76
CA GLY E 424 5.06 -7.62 44.37
C GLY E 424 4.26 -8.90 44.38
N LEU E 425 3.20 -8.92 45.18
CA LEU E 425 2.40 -10.12 45.38
C LEU E 425 0.96 -9.86 44.96
N PRO E 426 0.60 -10.11 43.71
CA PRO E 426 -0.78 -9.89 43.29
C PRO E 426 -1.65 -11.09 43.63
N GLY E 427 -2.95 -10.83 43.72
CA GLY E 427 -3.90 -11.89 43.98
C GLY E 427 -3.90 -12.41 45.39
N GLN E 428 -3.41 -11.65 46.36
CA GLN E 428 -3.47 -12.03 47.77
C GLN E 428 -4.82 -11.59 48.32
N THR E 429 -5.84 -12.38 48.00
CA THR E 429 -7.21 -12.04 48.38
C THR E 429 -7.77 -12.88 49.51
N ALA E 430 -7.19 -14.05 49.78
CA ALA E 430 -7.69 -14.91 50.86
C ALA E 430 -7.09 -14.48 52.19
N ALA F 2 47.50 5.20 45.05
CA ALA F 2 48.44 5.36 43.95
C ALA F 2 48.33 6.75 43.35
N LEU F 3 47.18 7.39 43.53
CA LEU F 3 46.96 8.71 42.98
C LEU F 3 47.81 9.74 43.69
N ASN F 4 48.33 10.70 42.92
CA ASN F 4 49.04 11.82 43.49
C ASN F 4 48.09 13.03 43.57
N GLU F 5 48.61 14.15 44.07
CA GLU F 5 47.75 15.31 44.32
C GLU F 5 47.17 15.86 43.02
N GLY F 6 48.00 15.94 41.98
CA GLY F 6 47.52 16.46 40.71
C GLY F 6 46.38 15.64 40.13
N GLN F 7 46.50 14.32 40.18
CA GLN F 7 45.39 13.48 39.75
C GLN F 7 44.17 13.67 40.63
N ILE F 8 44.36 13.80 41.93
CA ILE F 8 43.23 14.00 42.84
C ILE F 8 42.43 15.22 42.44
N VAL F 9 43.12 16.30 42.05
CA VAL F 9 42.41 17.48 41.57
C VAL F 9 41.77 17.22 40.20
N THR F 10 42.58 16.74 39.24
CA THR F 10 42.17 16.76 37.85
C THR F 10 41.05 15.77 37.57
N LEU F 11 41.20 14.52 38.03
CA LEU F 11 40.18 13.52 37.78
C LEU F 11 38.85 13.93 38.41
N ALA F 12 38.91 14.49 39.62
CA ALA F 12 37.69 14.91 40.30
C ALA F 12 36.99 16.02 39.53
N VAL F 13 37.75 17.04 39.11
CA VAL F 13 37.12 18.15 38.39
C VAL F 13 36.53 17.66 37.07
N ASP F 14 37.28 16.81 36.37
CA ASP F 14 36.81 16.27 35.10
C ASP F 14 35.52 15.49 35.29
N GLU F 15 35.48 14.61 36.27
CA GLU F 15 34.29 13.80 36.51
C GLU F 15 33.10 14.66 36.90
N ILE F 16 33.33 15.66 37.75
CA ILE F 16 32.25 16.57 38.11
C ILE F 16 31.66 17.21 36.87
N ILE F 17 32.53 17.75 36.01
CA ILE F 17 32.05 18.45 34.82
C ILE F 17 31.26 17.52 33.93
N GLU F 18 31.81 16.33 33.64
CA GLU F 18 31.11 15.41 32.73
C GLU F 18 29.78 14.96 33.29
N THR F 19 29.73 14.56 34.56
CA THR F 19 28.48 14.00 35.07
C THR F 19 27.42 15.09 35.27
N ILE F 20 27.83 16.31 35.65
CA ILE F 20 26.85 17.39 35.76
C ILE F 20 26.33 17.78 34.38
N SER F 21 27.21 17.76 33.38
CA SER F 21 26.76 18.05 32.01
C SER F 21 25.80 16.96 31.52
N ALA F 22 26.03 15.71 31.89
CA ALA F 22 25.19 14.63 31.39
C ALA F 22 23.83 14.61 32.08
N ILE F 23 23.80 14.72 33.41
CA ILE F 23 22.57 14.48 34.14
C ILE F 23 21.55 15.59 33.96
N THR F 24 21.95 16.77 33.47
CA THR F 24 21.07 17.92 33.42
C THR F 24 20.68 18.25 31.99
N PRO F 25 19.51 17.84 31.51
CA PRO F 25 19.09 18.26 30.17
C PRO F 25 18.28 19.55 30.16
N MET F 26 17.71 19.93 31.30
CA MET F 26 16.92 21.15 31.39
C MET F 26 17.73 22.38 31.75
N ALA F 27 18.73 22.24 32.61
CA ALA F 27 19.58 23.37 32.94
C ALA F 27 20.41 23.83 31.76
N GLN F 28 20.59 22.99 30.75
CA GLN F 28 21.34 23.38 29.57
C GLN F 28 20.51 24.15 28.56
N LYS F 29 19.17 24.12 28.69
CA LYS F 29 18.29 24.92 27.84
C LYS F 29 18.00 26.29 28.42
N ALA F 30 18.11 26.45 29.73
CA ALA F 30 17.92 27.76 30.33
C ALA F 30 19.08 28.68 29.98
N LYS F 31 18.77 29.96 29.74
CA LYS F 31 19.79 30.92 29.37
C LYS F 31 20.78 31.11 30.51
N LYS F 32 22.06 31.16 30.16
CA LYS F 32 23.12 31.39 31.13
C LYS F 32 23.35 32.89 31.24
N TYR F 33 23.22 33.43 32.45
CA TYR F 33 23.38 34.86 32.69
C TYR F 33 24.51 35.06 33.69
N THR F 34 25.62 35.60 33.23
CA THR F 34 26.72 35.96 34.12
C THR F 34 26.57 37.40 34.56
N PRO F 35 26.50 37.66 35.87
CA PRO F 35 26.33 39.04 36.34
C PRO F 35 27.50 39.90 35.93
N PRO F 36 27.24 41.09 35.37
CA PRO F 36 28.36 41.97 34.99
C PRO F 36 29.15 42.50 36.17
N ALA F 37 28.61 42.41 37.39
CA ALA F 37 29.30 42.96 38.55
C ALA F 37 30.63 42.27 38.79
N ALA F 38 30.66 40.94 38.69
CA ALA F 38 31.86 40.15 38.96
C ALA F 38 32.44 40.48 40.34
N SER F 39 31.57 40.47 41.34
CA SER F 39 31.97 40.85 42.69
C SER F 39 32.95 39.85 43.27
N MET F 40 33.93 40.35 44.01
CA MET F 40 34.93 39.53 44.68
C MET F 40 34.51 39.16 46.09
N GLN F 41 33.40 39.71 46.57
CA GLN F 41 32.89 39.43 47.91
C GLN F 41 32.00 38.19 47.88
N ARG F 42 31.92 37.53 49.02
CA ARG F 42 31.06 36.34 49.19
C ARG F 42 29.69 36.72 49.74
N SER F 43 29.07 37.72 49.13
CA SER F 43 27.78 38.24 49.57
C SER F 43 26.76 38.03 48.46
N SER F 44 25.58 37.53 48.84
CA SER F 44 24.52 37.29 47.88
C SER F 44 23.80 38.60 47.58
N ASN F 45 24.05 39.16 46.40
CA ASN F 45 23.43 40.41 46.00
C ASN F 45 22.19 40.12 45.16
N THR F 46 21.15 40.92 45.35
CA THR F 46 19.93 40.78 44.58
C THR F 46 20.16 41.40 43.21
N ILE F 47 20.60 40.59 42.26
CA ILE F 47 20.94 41.07 40.93
C ILE F 47 19.65 41.47 40.21
N TRP F 48 19.62 42.68 39.68
CA TRP F 48 18.45 43.22 38.99
C TRP F 48 18.71 43.17 37.50
N MET F 49 18.08 42.24 36.81
CA MET F 49 18.21 42.15 35.36
C MET F 49 17.09 42.94 34.69
N PRO F 50 17.39 43.82 33.75
CA PRO F 50 16.32 44.49 33.02
C PRO F 50 15.54 43.53 32.15
N VAL F 51 14.28 43.88 31.88
CA VAL F 51 13.45 43.14 30.96
C VAL F 51 13.30 43.96 29.68
N GLU F 52 12.76 43.33 28.65
CA GLU F 52 12.59 44.00 27.37
C GLU F 52 11.66 45.20 27.52
N GLN F 53 12.00 46.30 26.84
CA GLN F 53 11.28 47.54 27.01
C GLN F 53 10.13 47.63 26.01
N GLU F 54 8.93 47.86 26.53
CA GLU F 54 7.73 48.01 25.71
C GLU F 54 7.31 49.46 25.72
N SER F 55 7.08 50.02 24.54
CA SER F 55 6.79 51.43 24.42
C SER F 55 5.51 51.64 23.62
N PRO F 56 4.79 52.73 23.88
CA PRO F 56 3.56 52.99 23.13
C PRO F 56 3.85 53.32 21.68
N THR F 57 2.82 53.17 20.85
CA THR F 57 2.96 53.52 19.44
C THR F 57 3.17 55.02 19.30
N GLN F 58 4.24 55.39 18.62
CA GLN F 58 4.58 56.78 18.37
C GLN F 58 4.44 57.06 16.88
N GLU F 59 3.60 58.04 16.55
CA GLU F 59 3.25 58.32 15.16
C GLU F 59 3.39 59.80 14.91
N GLY F 60 3.88 60.17 13.73
CA GLY F 60 3.92 61.54 13.30
C GLY F 60 5.34 62.03 13.10
N TRP F 61 5.43 63.17 12.41
CA TRP F 61 6.72 63.81 12.20
C TRP F 61 7.25 64.40 13.49
N ASP F 62 6.41 65.12 14.22
CA ASP F 62 6.82 65.81 15.44
C ASP F 62 6.50 64.95 16.65
N LEU F 63 7.52 64.67 17.46
CA LEU F 63 7.37 63.82 18.64
C LEU F 63 7.71 64.54 19.93
N THR F 64 7.52 65.87 19.98
CA THR F 64 7.75 66.58 21.23
C THR F 64 6.76 66.14 22.30
N ASP F 65 5.47 66.02 21.93
CA ASP F 65 4.48 65.55 22.88
C ASP F 65 4.65 64.07 23.19
N LYS F 66 4.96 63.26 22.17
CA LYS F 66 5.23 61.84 22.37
C LYS F 66 6.67 61.69 22.85
N ALA F 67 6.90 62.13 24.08
CA ALA F 67 8.25 62.21 24.61
C ALA F 67 8.88 60.83 24.72
N THR F 68 10.21 60.81 24.68
CA THR F 68 10.95 59.56 24.74
C THR F 68 10.85 58.89 26.10
N GLY F 69 10.42 59.60 27.14
CA GLY F 69 10.35 59.04 28.47
C GLY F 69 9.43 57.84 28.56
N LEU F 70 9.97 56.68 28.91
CA LEU F 70 9.20 55.44 28.97
C LEU F 70 9.61 54.66 30.21
N LEU F 71 8.81 53.64 30.50
CA LEU F 71 8.96 52.86 31.73
C LEU F 71 10.00 51.76 31.55
N GLU F 72 10.84 51.57 32.56
CA GLU F 72 11.85 50.52 32.57
C GLU F 72 11.67 49.66 33.82
N LEU F 73 11.60 48.35 33.63
CA LEU F 73 11.34 47.42 34.72
C LEU F 73 12.48 46.42 34.83
N ASN F 74 12.65 45.87 36.04
CA ASN F 74 13.72 44.94 36.33
C ASN F 74 13.17 43.76 37.11
N VAL F 75 13.90 42.65 37.06
CA VAL F 75 13.57 41.45 37.82
C VAL F 75 14.78 41.05 38.64
N ALA F 76 14.53 40.33 39.74
CA ALA F 76 15.53 40.08 40.76
C ALA F 76 15.85 38.60 40.85
N VAL F 77 17.14 38.29 41.04
CA VAL F 77 17.59 36.93 41.28
C VAL F 77 18.50 36.95 42.49
N ASN F 78 18.43 35.88 43.30
CA ASN F 78 19.27 35.73 44.47
C ASN F 78 20.07 34.44 44.34
N MET F 79 21.39 34.55 44.47
CA MET F 79 22.25 33.38 44.57
C MET F 79 22.48 33.15 46.06
N GLY F 80 21.64 32.32 46.66
CA GLY F 80 21.63 32.22 48.11
C GLY F 80 22.93 31.75 48.72
N GLU F 81 23.26 30.47 48.54
CA GLU F 81 24.44 29.88 49.15
C GLU F 81 24.90 28.71 48.31
N PRO F 82 26.19 28.39 48.31
CA PRO F 82 26.69 27.33 47.44
C PRO F 82 26.19 25.96 47.89
N ASP F 83 25.58 25.23 46.97
CA ASP F 83 25.15 23.86 47.24
C ASP F 83 26.39 22.98 47.40
N ASN F 84 26.74 22.66 48.63
CA ASN F 84 27.96 21.92 48.93
C ASN F 84 27.69 20.43 49.01
N ASP F 85 28.79 19.66 49.00
CA ASP F 85 28.75 18.25 49.36
C ASP F 85 30.07 17.94 50.05
N PHE F 86 30.05 18.04 51.38
CA PHE F 86 31.25 17.97 52.21
C PHE F 86 31.33 16.57 52.81
N PHE F 87 32.25 15.76 52.29
CA PHE F 87 32.34 14.35 52.66
C PHE F 87 33.80 14.01 52.97
N GLN F 88 34.06 12.72 53.16
CA GLN F 88 35.39 12.22 53.48
C GLN F 88 35.91 11.35 52.34
N LEU F 89 37.20 11.45 52.08
CA LEU F 89 37.87 10.64 51.05
C LEU F 89 38.56 9.48 51.76
N ARG F 90 37.88 8.34 51.86
CA ARG F 90 38.45 7.20 52.52
C ARG F 90 39.56 6.59 51.69
N ALA F 91 40.35 5.71 52.34
CA ALA F 91 41.49 5.11 51.66
C ALA F 91 41.06 4.21 50.52
N ASP F 92 39.89 3.58 50.63
CA ASP F 92 39.40 2.75 49.54
C ASP F 92 39.11 3.56 48.29
N ASP F 93 38.61 4.79 48.47
CA ASP F 93 38.26 5.62 47.33
C ASP F 93 39.47 6.00 46.51
N LEU F 94 40.62 6.19 47.16
CA LEU F 94 41.84 6.60 46.49
C LEU F 94 42.70 5.44 46.03
N ARG F 95 42.21 4.21 46.10
CA ARG F 95 43.03 3.06 45.72
C ARG F 95 43.45 3.13 44.26
N ASP F 96 42.53 3.52 43.38
CA ASP F 96 42.85 3.66 41.97
C ASP F 96 41.96 4.75 41.37
N GLU F 97 42.17 5.00 40.08
CA GLU F 97 41.41 6.05 39.40
C GLU F 97 39.92 5.72 39.35
N THR F 98 39.58 4.44 39.15
CA THR F 98 38.18 4.07 38.97
C THR F 98 37.36 4.35 40.21
N ALA F 99 37.88 3.98 41.39
CA ALA F 99 37.14 4.22 42.62
C ALA F 99 36.98 5.72 42.89
N TYR F 100 38.03 6.49 42.58
CA TYR F 100 37.96 7.93 42.78
C TYR F 100 36.91 8.56 41.87
N ARG F 101 36.89 8.15 40.59
CA ARG F 101 35.80 8.56 39.71
C ARG F 101 34.45 8.18 40.28
N ARG F 102 34.33 6.98 40.86
CA ARG F 102 33.03 6.55 41.36
C ARG F 102 32.57 7.44 42.52
N ARG F 103 33.47 7.75 43.44
CA ARG F 103 33.10 8.61 44.58
C ARG F 103 32.75 10.02 44.11
N ILE F 104 33.58 10.60 43.25
CA ILE F 104 33.32 11.96 42.79
C ILE F 104 32.04 12.02 41.96
N GLN F 105 31.78 10.97 41.16
CA GLN F 105 30.54 10.91 40.41
C GLN F 105 29.34 10.79 41.33
N SER F 106 29.47 10.04 42.43
CA SER F 106 28.37 9.96 43.39
C SER F 106 28.06 11.33 43.99
N ALA F 107 29.09 12.10 44.31
CA ALA F 107 28.87 13.44 44.87
C ALA F 107 28.25 14.38 43.83
N ALA F 108 28.84 14.44 42.65
CA ALA F 108 28.35 15.38 41.65
C ALA F 108 27.00 14.95 41.09
N ARG F 109 26.62 13.68 41.21
CA ARG F 109 25.27 13.27 40.86
C ARG F 109 24.25 13.90 41.80
N LYS F 110 24.54 13.95 43.10
CA LYS F 110 23.66 14.64 44.02
C LYS F 110 23.56 16.12 43.67
N LEU F 111 24.71 16.74 43.36
CA LEU F 111 24.68 18.16 42.99
C LEU F 111 23.83 18.40 41.74
N ALA F 112 24.02 17.57 40.72
CA ALA F 112 23.28 17.73 39.47
C ALA F 112 21.80 17.47 39.66
N ASN F 113 21.45 16.49 40.49
CA ASN F 113 20.03 16.24 40.77
C ASN F 113 19.41 17.43 41.50
N ASN F 114 20.16 18.05 42.41
CA ASN F 114 19.65 19.25 43.07
C ASN F 114 19.37 20.36 42.05
N VAL F 115 20.30 20.57 41.12
CA VAL F 115 20.12 21.59 40.09
C VAL F 115 18.87 21.28 39.26
N GLU F 116 18.73 20.04 38.82
CA GLU F 116 17.62 19.66 37.96
C GLU F 116 16.29 19.77 38.67
N LEU F 117 16.21 19.31 39.92
CA LEU F 117 14.99 19.46 40.70
C LEU F 117 14.62 20.93 40.83
N LYS F 118 15.61 21.78 41.10
CA LYS F 118 15.31 23.20 41.25
C LYS F 118 14.74 23.79 39.98
N VAL F 119 15.36 23.50 38.83
CA VAL F 119 14.87 24.06 37.57
C VAL F 119 13.49 23.52 37.23
N ALA F 120 13.29 22.21 37.38
CA ALA F 120 12.00 21.61 37.03
C ALA F 120 10.89 22.13 37.93
N ASN F 121 11.14 22.21 39.23
CA ASN F 121 10.12 22.69 40.16
C ASN F 121 9.82 24.17 39.90
N MET F 122 10.85 24.97 39.60
CA MET F 122 10.60 26.37 39.28
C MET F 122 9.73 26.50 38.04
N ALA F 123 10.03 25.73 36.99
CA ALA F 123 9.23 25.81 35.78
C ALA F 123 7.80 25.35 36.01
N ALA F 124 7.62 24.31 36.82
CA ALA F 124 6.28 23.76 37.02
C ALA F 124 5.44 24.64 37.93
N GLU F 125 6.06 25.24 38.96
CA GLU F 125 5.33 26.04 39.93
C GLU F 125 5.25 27.52 39.55
N MET F 126 5.96 27.95 38.52
CA MET F 126 5.96 29.35 38.12
C MET F 126 5.54 29.55 36.67
N GLY F 127 5.18 28.48 35.96
CA GLY F 127 4.73 28.62 34.59
C GLY F 127 3.33 29.18 34.55
N SER F 128 3.09 30.11 33.64
CA SER F 128 1.80 30.77 33.52
C SER F 128 0.99 30.36 32.31
N LEU F 129 1.64 29.92 31.23
CA LEU F 129 0.92 29.48 30.03
C LEU F 129 0.42 28.06 30.24
N VAL F 130 -0.58 27.94 31.09
CA VAL F 130 -1.17 26.64 31.41
C VAL F 130 -2.15 26.26 30.32
N ILE F 131 -1.91 25.12 29.68
CA ILE F 131 -2.81 24.57 28.67
C ILE F 131 -3.27 23.21 29.16
N THR F 132 -4.58 23.03 29.21
CA THR F 132 -5.18 21.81 29.76
C THR F 132 -6.11 21.19 28.72
N SER F 133 -6.31 19.89 28.85
CA SER F 133 -7.18 19.16 27.96
C SER F 133 -7.73 17.96 28.72
N PRO F 134 -9.04 17.73 28.65
CA PRO F 134 -9.59 16.54 29.33
C PRO F 134 -9.03 15.24 28.81
N ASP F 135 -8.59 15.20 27.56
CA ASP F 135 -8.04 13.98 26.97
C ASP F 135 -6.60 13.80 27.42
N ALA F 136 -5.98 12.70 27.03
CA ALA F 136 -4.59 12.43 27.33
C ALA F 136 -3.75 12.63 26.08
N ILE F 137 -2.44 12.75 26.27
CA ILE F 137 -1.55 13.05 25.16
C ILE F 137 -1.46 11.82 24.27
N GLY F 138 -1.74 11.99 22.98
CA GLY F 138 -1.68 10.89 22.04
C GLY F 138 -1.10 11.35 20.72
N THR F 139 -0.54 10.39 19.99
CA THR F 139 0.17 10.73 18.75
C THR F 139 -0.79 11.23 17.68
N ASN F 140 -1.88 10.50 17.42
CA ASN F 140 -2.89 10.95 16.47
C ASN F 140 -4.16 10.16 16.75
N THR F 141 -5.17 10.84 17.29
CA THR F 141 -6.47 10.21 17.53
C THR F 141 -7.49 11.32 17.71
N ALA F 142 -8.76 10.96 17.54
CA ALA F 142 -9.83 11.92 17.78
C ALA F 142 -9.84 12.38 19.24
N ASP F 143 -9.74 11.43 20.17
CA ASP F 143 -9.70 11.74 21.59
C ASP F 143 -8.26 11.72 22.11
N ALA F 144 -7.45 12.63 21.58
CA ALA F 144 -6.06 12.78 21.98
C ALA F 144 -5.70 14.25 21.96
N TRP F 145 -4.65 14.58 22.72
CA TRP F 145 -4.22 15.97 22.88
C TRP F 145 -2.83 16.14 22.29
N ASN F 146 -2.69 17.13 21.41
CA ASN F 146 -1.38 17.47 20.82
C ASN F 146 -0.78 18.60 21.65
N PHE F 147 0.01 18.22 22.66
CA PHE F 147 0.54 19.21 23.58
C PHE F 147 1.48 20.18 22.88
N VAL F 148 2.33 19.66 21.98
CA VAL F 148 3.28 20.52 21.29
C VAL F 148 2.57 21.54 20.41
N ALA F 149 1.55 21.10 19.68
CA ALA F 149 0.83 22.00 18.79
C ALA F 149 0.13 23.10 19.58
N ASP F 150 -0.54 22.74 20.67
CA ASP F 150 -1.21 23.75 21.49
C ASP F 150 -0.22 24.72 22.10
N ALA F 151 0.91 24.21 22.60
CA ALA F 151 1.91 25.08 23.19
C ALA F 151 2.47 26.05 22.16
N GLU F 152 2.78 25.55 20.97
CA GLU F 152 3.29 26.42 19.92
C GLU F 152 2.25 27.46 19.52
N GLU F 153 0.99 27.07 19.42
CA GLU F 153 -0.04 28.02 19.03
C GLU F 153 -0.21 29.11 20.08
N ILE F 154 -0.21 28.75 21.36
CA ILE F 154 -0.40 29.79 22.37
C ILE F 154 0.85 30.63 22.55
N MET F 155 2.02 30.08 22.23
CA MET F 155 3.23 30.90 22.28
C MET F 155 3.25 31.90 21.12
N PHE F 156 2.81 31.46 19.94
CA PHE F 156 2.80 32.35 18.79
C PHE F 156 1.70 33.39 18.88
N SER F 157 0.51 32.98 19.35
CA SER F 157 -0.61 33.92 19.45
C SER F 157 -0.28 35.06 20.39
N ARG F 158 0.35 34.75 21.52
CA ARG F 158 0.68 35.74 22.52
C ARG F 158 1.95 36.53 22.19
N GLU F 159 2.68 36.13 21.15
CA GLU F 159 3.85 36.86 20.67
C GLU F 159 4.97 36.91 21.71
N LEU F 160 5.01 35.91 22.61
CA LEU F 160 6.06 35.90 23.61
C LEU F 160 7.40 35.43 23.06
N ASN F 161 7.40 34.46 22.15
CA ASN F 161 8.64 34.03 21.54
C ASN F 161 9.22 35.15 20.69
N ARG F 162 10.53 35.33 20.74
CA ARG F 162 11.20 36.35 19.97
C ARG F 162 11.70 35.82 18.63
N ASP F 163 11.00 34.83 18.08
CA ASP F 163 11.20 34.23 16.76
C ASP F 163 12.44 33.34 16.67
N MET F 164 13.01 32.91 17.80
CA MET F 164 14.04 31.88 17.77
C MET F 164 13.58 30.56 18.37
N GLY F 165 12.28 30.38 18.57
CA GLY F 165 11.76 29.07 18.91
C GLY F 165 11.72 28.82 20.40
N THR F 166 10.92 27.82 20.78
CA THR F 166 10.71 27.44 22.16
C THR F 166 11.08 25.98 22.36
N SER F 167 11.40 25.63 23.61
CA SER F 167 11.82 24.30 23.97
C SER F 167 10.79 23.64 24.85
N TYR F 168 10.39 22.42 24.48
CA TYR F 168 9.35 21.67 25.17
C TYR F 168 9.98 20.52 25.94
N PHE F 169 9.47 20.25 27.14
CA PHE F 169 9.95 19.16 27.98
C PHE F 169 8.79 18.29 28.38
N PHE F 170 8.96 16.98 28.19
CA PHE F 170 7.94 15.99 28.50
C PHE F 170 8.37 15.16 29.70
N ASN F 171 7.42 14.73 30.49
CA ASN F 171 7.76 13.60 31.33
C ASN F 171 7.87 12.35 30.45
N PRO F 172 8.62 11.35 30.88
CA PRO F 172 8.84 10.18 29.99
C PRO F 172 7.56 9.48 29.57
N GLN F 173 6.55 9.43 30.44
CA GLN F 173 5.31 8.75 30.09
C GLN F 173 4.63 9.43 28.91
N ASP F 174 4.42 10.75 29.00
CA ASP F 174 3.76 11.45 27.91
C ASP F 174 4.68 11.59 26.72
N TYR F 175 6.00 11.54 26.92
CA TYR F 175 6.92 11.52 25.80
C TYR F 175 6.73 10.25 24.97
N LYS F 176 6.56 9.11 25.64
CA LYS F 176 6.29 7.88 24.90
C LYS F 176 4.90 7.92 24.28
N LYS F 177 3.91 8.45 25.01
CA LYS F 177 2.55 8.51 24.48
C LYS F 177 2.48 9.37 23.22
N ALA F 178 3.17 10.50 23.21
CA ALA F 178 3.10 11.42 22.09
C ALA F 178 3.67 10.83 20.81
N GLY F 179 4.44 9.75 20.91
CA GLY F 179 4.96 9.07 19.74
C GLY F 179 6.37 9.46 19.34
N TYR F 180 7.04 10.30 20.13
CA TYR F 180 8.41 10.67 19.80
C TYR F 180 9.33 9.48 19.99
N ASP F 181 10.13 9.19 18.97
CA ASP F 181 11.01 8.05 18.99
C ASP F 181 12.33 8.40 19.68
N LEU F 182 12.93 7.39 20.31
CA LEU F 182 14.18 7.56 21.01
C LEU F 182 15.39 7.17 20.17
N THR F 183 15.19 6.32 19.16
CA THR F 183 16.30 5.89 18.33
C THR F 183 16.87 7.06 17.54
N LYS F 184 18.16 6.96 17.21
CA LYS F 184 18.94 8.00 16.54
C LYS F 184 19.10 9.21 17.45
N ARG F 185 18.61 9.10 18.68
CA ARG F 185 18.69 10.15 19.68
C ARG F 185 19.25 9.56 20.96
N ASP F 186 20.01 10.36 21.70
CA ASP F 186 20.58 9.90 22.95
C ASP F 186 19.48 9.85 24.01
N ILE F 187 19.88 9.57 25.25
CA ILE F 187 18.92 9.66 26.35
C ILE F 187 18.46 11.11 26.47
N PHE F 188 17.24 11.29 26.96
CA PHE F 188 16.50 12.55 27.05
C PHE F 188 15.95 13.01 25.71
N GLY F 189 16.28 12.34 24.60
CA GLY F 189 15.79 12.74 23.30
C GLY F 189 16.60 13.79 22.58
N ARG F 190 17.76 14.18 23.11
CA ARG F 190 18.58 15.18 22.45
C ARG F 190 19.23 14.58 21.20
N ILE F 191 19.76 15.45 20.35
CA ILE F 191 20.47 15.06 19.13
C ILE F 191 21.96 15.12 19.42
N PRO F 192 22.69 14.00 19.38
CA PRO F 192 24.12 13.99 19.67
C PRO F 192 24.98 14.33 18.46
N ASP F 210 12.85 21.97 19.81
CA ASP F 210 13.52 20.79 20.35
C ASP F 210 12.69 20.16 21.46
N VAL F 211 12.29 18.92 21.27
CA VAL F 211 11.44 18.20 22.22
C VAL F 211 12.32 17.22 22.98
N LEU F 212 12.30 17.33 24.30
CA LEU F 212 13.09 16.47 25.19
C LEU F 212 12.17 15.87 26.23
N ARG F 213 12.71 14.90 26.96
CA ARG F 213 12.03 14.30 28.10
C ARG F 213 12.94 14.32 29.31
N SER F 214 12.39 14.64 30.47
CA SER F 214 13.18 14.68 31.68
C SER F 214 12.42 13.96 32.80
N PRO F 215 13.07 13.03 33.51
CA PRO F 215 12.40 12.34 34.61
C PRO F 215 12.22 13.17 35.86
N LYS F 216 12.78 14.38 35.90
CA LYS F 216 12.72 15.22 37.08
C LYS F 216 11.48 16.09 37.12
N LEU F 217 10.61 15.99 36.13
CA LEU F 217 9.41 16.83 36.08
C LEU F 217 8.46 16.41 37.19
N PRO F 218 8.00 17.34 38.02
CA PRO F 218 7.22 16.97 39.21
C PRO F 218 5.77 16.67 38.86
N VAL F 219 5.02 16.31 39.89
CA VAL F 219 3.60 16.04 39.79
C VAL F 219 2.86 17.21 40.43
N LEU F 220 1.97 17.85 39.66
CA LEU F 220 1.21 18.98 40.17
C LEU F 220 -0.09 18.45 40.77
N THR F 221 -0.19 18.52 42.09
CA THR F 221 -1.35 17.98 42.80
C THR F 221 -2.57 18.84 42.55
N LYS F 222 -3.74 18.22 42.66
CA LYS F 222 -5.00 18.94 42.46
C LYS F 222 -5.19 19.97 43.55
N SER F 223 -5.94 21.02 43.22
CA SER F 223 -6.28 22.07 44.18
C SER F 223 -7.70 21.85 44.66
N THR F 224 -7.86 21.74 45.98
CA THR F 224 -9.15 21.46 46.58
C THR F 224 -10.03 22.70 46.69
N ALA F 225 -9.50 23.87 46.36
CA ALA F 225 -10.25 25.11 46.50
C ALA F 225 -11.41 25.16 45.52
N THR F 226 -12.58 25.57 46.00
CA THR F 226 -13.75 25.76 45.16
C THR F 226 -14.47 27.04 45.58
N GLY F 227 -15.10 27.68 44.60
CA GLY F 227 -15.96 28.81 44.88
C GLY F 227 -15.27 30.09 45.28
N ILE F 228 -14.00 30.27 44.91
CA ILE F 228 -13.30 31.50 45.25
C ILE F 228 -13.70 32.61 44.30
N THR F 229 -13.83 33.82 44.83
CA THR F 229 -14.16 34.99 44.03
C THR F 229 -13.23 36.13 44.42
N VAL F 230 -13.05 37.05 43.48
CA VAL F 230 -12.21 38.22 43.70
C VAL F 230 -12.96 39.21 44.59
N SER F 231 -12.29 39.71 45.62
CA SER F 231 -12.92 40.61 46.59
C SER F 231 -12.60 42.05 46.20
N GLY F 232 -13.56 42.73 45.60
CA GLY F 232 -13.40 44.11 45.21
C GLY F 232 -12.67 44.26 43.90
N ALA F 233 -12.82 45.45 43.30
CA ALA F 233 -12.17 45.76 42.03
C ALA F 233 -10.70 46.07 42.30
N GLN F 234 -9.82 45.43 41.52
CA GLN F 234 -8.39 45.52 41.73
C GLN F 234 -7.70 45.81 40.40
N SER F 235 -6.86 46.82 40.38
CA SER F 235 -6.11 47.19 39.19
C SER F 235 -4.61 47.20 39.51
N PHE F 236 -3.83 46.58 38.64
CA PHE F 236 -2.40 46.42 38.85
C PHE F 236 -1.64 47.24 37.83
N LYS F 237 -0.65 47.99 38.30
CA LYS F 237 0.13 48.91 37.50
C LYS F 237 1.59 48.51 37.53
N PRO F 238 2.26 48.43 36.38
CA PRO F 238 3.71 48.16 36.38
C PRO F 238 4.46 49.38 36.90
N VAL F 239 5.05 49.24 38.08
CA VAL F 239 5.78 50.32 38.73
C VAL F 239 7.27 50.04 38.59
N ALA F 240 8.06 51.11 38.47
CA ALA F 240 9.47 50.97 38.20
C ALA F 240 10.31 50.99 39.47
N TRP F 241 9.89 51.71 40.50
CA TRP F 241 10.68 51.83 41.71
C TRP F 241 9.76 52.11 42.90
N GLN F 242 10.30 51.91 44.09
CA GLN F 242 9.59 52.21 45.33
C GLN F 242 10.60 52.58 46.41
N LEU F 243 10.10 53.22 47.45
CA LEU F 243 10.95 53.64 48.57
C LEU F 243 11.08 52.50 49.58
N ASP F 244 12.31 52.25 50.01
CA ASP F 244 12.55 51.25 51.03
C ASP F 244 12.61 51.93 52.39
N ASN F 245 13.03 51.20 53.42
CA ASN F 245 13.01 51.73 54.78
C ASN F 245 14.12 52.77 55.00
N ASP F 246 15.24 52.64 54.30
CA ASP F 246 16.30 53.64 54.42
C ASP F 246 15.88 54.95 53.76
N GLY F 247 15.04 54.88 52.73
CA GLY F 247 14.61 56.05 52.00
C GLY F 247 15.06 56.10 50.56
N ASN F 248 15.87 55.15 50.09
CA ASN F 248 16.36 55.14 48.73
C ASN F 248 15.40 54.36 47.83
N LYS F 249 15.30 54.81 46.58
CA LYS F 249 14.44 54.14 45.62
C LYS F 249 15.02 52.77 45.30
N VAL F 250 14.16 51.75 45.34
CA VAL F 250 14.54 50.39 45.03
C VAL F 250 13.61 49.86 43.95
N ASN F 251 14.17 49.08 43.03
CA ASN F 251 13.36 48.53 41.94
C ASN F 251 12.31 47.59 42.48
N VAL F 252 11.20 47.48 41.75
CA VAL F 252 10.08 46.61 42.11
C VAL F 252 10.04 45.46 41.12
N ASP F 253 10.01 44.24 41.65
CA ASP F 253 9.89 43.04 40.82
C ASP F 253 8.44 42.96 40.33
N ASN F 254 8.23 43.28 39.06
CA ASN F 254 6.91 43.26 38.46
C ASN F 254 6.51 41.89 37.97
N ARG F 255 7.18 40.86 38.45
CA ARG F 255 6.88 39.49 38.10
C ARG F 255 5.77 38.89 38.96
N PHE F 256 5.23 39.66 39.91
CA PHE F 256 4.22 39.15 40.83
C PHE F 256 3.19 40.22 41.12
N ALA F 257 2.00 39.78 41.48
CA ALA F 257 0.91 40.66 41.88
C ALA F 257 0.13 40.01 43.01
N THR F 258 -0.27 40.83 43.99
CA THR F 258 -1.01 40.35 45.14
C THR F 258 -2.49 40.59 44.94
N VAL F 259 -3.27 39.52 44.95
CA VAL F 259 -4.71 39.56 44.68
C VAL F 259 -5.44 39.19 45.96
N THR F 260 -6.40 40.01 46.35
CA THR F 260 -7.23 39.74 47.51
C THR F 260 -8.44 38.93 47.08
N LEU F 261 -8.61 37.74 47.65
CA LEU F 261 -9.69 36.85 47.28
C LEU F 261 -10.63 36.68 48.47
N SER F 262 -11.77 36.03 48.20
CA SER F 262 -12.71 35.73 49.26
C SER F 262 -12.10 34.79 50.29
N ALA F 263 -11.40 33.76 49.83
CA ALA F 263 -10.74 32.82 50.72
C ALA F 263 -9.70 32.06 49.94
N THR F 264 -8.53 31.86 50.55
CA THR F 264 -7.43 31.14 49.91
C THR F 264 -7.26 29.73 50.45
N THR F 265 -8.30 29.18 51.08
CA THR F 265 -8.23 27.82 51.59
C THR F 265 -8.04 26.84 50.44
N GLY F 266 -7.10 25.92 50.60
CA GLY F 266 -6.78 24.97 49.56
C GLY F 266 -5.80 25.47 48.53
N MET F 267 -5.36 26.72 48.61
CA MET F 267 -4.39 27.24 47.67
C MET F 267 -2.98 26.81 48.05
N LYS F 268 -2.15 26.58 47.05
CA LYS F 268 -0.77 26.14 47.25
C LYS F 268 0.08 26.74 46.14
N ARG F 269 1.39 26.69 46.34
CA ARG F 269 2.31 27.37 45.43
C ARG F 269 2.21 26.86 43.99
N GLY F 270 1.79 25.62 43.78
CA GLY F 270 1.72 25.14 42.42
C GLY F 270 0.43 25.42 41.68
N ASP F 271 -0.53 26.07 42.31
CA ASP F 271 -1.87 26.17 41.72
C ASP F 271 -1.89 27.10 40.53
N LYS F 272 -2.71 26.75 39.54
CA LYS F 272 -2.92 27.55 38.35
C LYS F 272 -4.36 28.02 38.34
N ILE F 273 -4.56 29.34 38.22
CA ILE F 273 -5.89 29.93 38.27
C ILE F 273 -6.09 30.78 37.02
N SER F 274 -7.36 31.06 36.73
CA SER F 274 -7.71 31.88 35.57
C SER F 274 -9.05 32.52 35.84
N PHE F 275 -9.08 33.84 35.95
CA PHE F 275 -10.30 34.55 36.29
C PHE F 275 -11.27 34.55 35.12
N ALA F 276 -12.56 34.44 35.43
CA ALA F 276 -13.58 34.39 34.39
C ALA F 276 -13.76 35.76 33.76
N GLY F 277 -13.93 35.80 32.45
CA GLY F 277 -14.08 37.04 31.73
C GLY F 277 -12.80 37.78 31.48
N VAL F 278 -11.66 37.18 31.81
CA VAL F 278 -10.35 37.81 31.71
C VAL F 278 -9.53 37.01 30.71
N LYS F 279 -9.03 37.69 29.67
CA LYS F 279 -8.43 37.01 28.53
C LYS F 279 -7.08 37.64 28.19
N PHE F 280 -6.21 36.82 27.60
CA PHE F 280 -4.92 37.30 27.11
C PHE F 280 -5.06 38.35 26.03
N LEU F 281 -3.95 39.03 25.78
CA LEU F 281 -3.76 39.92 24.66
C LEU F 281 -2.47 39.52 23.94
N GLY F 282 -2.43 39.79 22.63
CA GLY F 282 -1.15 39.70 21.95
C GLY F 282 -0.20 40.70 22.58
N GLN F 283 0.99 40.26 22.97
CA GLN F 283 1.88 41.12 23.74
C GLN F 283 2.27 42.36 22.95
N MET F 284 2.55 42.20 21.66
CA MET F 284 2.95 43.35 20.85
C MET F 284 1.73 44.04 20.24
N ALA F 285 0.82 43.26 19.64
CA ALA F 285 -0.30 43.83 18.91
C ALA F 285 -1.46 44.26 19.80
N LYS F 286 -1.51 43.78 21.04
CA LYS F 286 -2.58 44.12 21.98
C LYS F 286 -3.96 43.79 21.44
N ASN F 287 -4.12 42.66 20.79
CA ASN F 287 -5.43 42.19 20.35
C ASN F 287 -5.88 41.04 21.23
N VAL F 288 -7.18 41.01 21.54
CA VAL F 288 -7.70 40.03 22.49
C VAL F 288 -7.58 38.63 21.90
N LEU F 289 -7.09 37.70 22.71
CA LEU F 289 -6.94 36.31 22.32
C LEU F 289 -8.16 35.51 22.77
N ALA F 290 -8.33 34.33 22.18
CA ALA F 290 -9.42 33.46 22.59
C ALA F 290 -9.21 32.91 24.00
N GLN F 291 -7.97 32.55 24.33
CA GLN F 291 -7.69 31.85 25.57
C GLN F 291 -7.88 32.76 26.79
N ASP F 292 -8.49 32.21 27.84
CA ASP F 292 -8.66 32.96 29.07
C ASP F 292 -7.32 33.18 29.75
N ALA F 293 -7.19 34.32 30.41
CA ALA F 293 -5.91 34.67 31.02
C ALA F 293 -5.59 33.73 32.16
N THR F 294 -4.40 33.16 32.12
CA THR F 294 -3.97 32.15 33.07
C THR F 294 -2.86 32.68 33.95
N PHE F 295 -2.98 32.45 35.26
CA PHE F 295 -2.00 32.89 36.22
C PHE F 295 -1.64 31.73 37.13
N SER F 296 -0.47 31.82 37.74
CA SER F 296 0.01 30.84 38.71
C SER F 296 0.29 31.56 40.01
N VAL F 297 -0.27 31.05 41.11
CA VAL F 297 -0.02 31.63 42.42
C VAL F 297 1.35 31.18 42.89
N VAL F 298 2.09 32.07 43.56
CA VAL F 298 3.42 31.74 44.03
C VAL F 298 3.54 31.77 45.55
N ARG F 299 2.65 32.47 46.25
CA ARG F 299 2.71 32.51 47.71
C ARG F 299 1.34 32.88 48.24
N VAL F 300 0.84 32.09 49.19
CA VAL F 300 -0.40 32.41 49.90
C VAL F 300 0.02 33.19 51.13
N VAL F 301 0.11 34.52 50.97
CA VAL F 301 0.66 35.36 52.01
C VAL F 301 -0.30 35.50 53.19
N ASP F 302 -1.60 35.36 52.94
CA ASP F 302 -2.60 35.61 53.97
C ASP F 302 -3.80 34.72 53.69
N GLY F 303 -4.79 34.77 54.58
CA GLY F 303 -6.01 34.03 54.36
C GLY F 303 -6.80 34.51 53.16
N THR F 304 -6.78 35.82 52.89
CA THR F 304 -7.48 36.39 51.75
C THR F 304 -6.57 36.79 50.61
N HIS F 305 -5.30 37.07 50.87
CA HIS F 305 -4.38 37.59 49.87
C HIS F 305 -3.55 36.46 49.29
N VAL F 306 -3.45 36.42 47.97
CA VAL F 306 -2.61 35.46 47.27
C VAL F 306 -1.76 36.21 46.26
N GLU F 307 -0.62 35.63 45.89
CA GLU F 307 0.33 36.26 44.99
C GLU F 307 0.37 35.47 43.68
N ILE F 308 -0.30 35.98 42.66
CA ILE F 308 -0.34 35.34 41.34
C ILE F 308 0.85 35.84 40.53
N THR F 309 1.37 34.99 39.64
CA THR F 309 2.65 35.33 39.04
C THR F 309 2.53 36.49 38.05
N PRO F 310 1.95 36.32 36.87
CA PRO F 310 2.04 37.40 35.88
C PRO F 310 1.08 38.52 36.23
N LYS F 311 1.62 39.70 36.43
CA LYS F 311 0.81 40.83 36.88
C LYS F 311 -0.26 41.14 35.84
N PRO F 312 -1.54 41.09 36.19
CA PRO F 312 -2.59 41.40 35.21
C PRO F 312 -2.70 42.88 34.99
N VAL F 313 -2.22 43.35 33.85
CA VAL F 313 -2.29 44.76 33.47
C VAL F 313 -3.36 44.88 32.39
N ALA F 314 -4.43 45.61 32.70
CA ALA F 314 -5.58 45.68 31.82
C ALA F 314 -5.35 46.69 30.70
N LEU F 315 -5.77 46.31 29.50
CA LEU F 315 -5.73 47.25 28.38
C LEU F 315 -6.67 48.42 28.61
N ASP F 316 -7.88 48.16 29.10
CA ASP F 316 -8.87 49.22 29.32
C ASP F 316 -8.87 49.73 30.75
N ASP F 317 -7.70 50.19 31.22
CA ASP F 317 -7.60 50.90 32.48
C ASP F 317 -7.40 52.38 32.18
N VAL F 318 -8.31 53.22 32.68
CA VAL F 318 -8.18 54.65 32.49
C VAL F 318 -7.03 55.20 33.33
N SER F 319 -6.75 54.57 34.47
CA SER F 319 -5.70 55.07 35.35
C SER F 319 -4.32 54.88 34.75
N LEU F 320 -4.14 53.87 33.90
CA LEU F 320 -2.82 53.60 33.34
C LEU F 320 -2.43 54.66 32.32
N SER F 321 -1.22 55.17 32.48
CA SER F 321 -0.63 56.04 31.47
C SER F 321 -0.20 55.21 30.27
N PRO F 322 -0.07 55.83 29.09
CA PRO F 322 0.30 55.04 27.90
C PRO F 322 1.59 54.27 28.07
N GLU F 323 2.58 54.84 28.76
CA GLU F 323 3.81 54.11 29.04
C GLU F 323 3.53 52.88 29.87
N GLN F 324 2.63 52.99 30.85
CA GLN F 324 2.24 51.82 31.63
C GLN F 324 1.34 50.90 30.84
N ARG F 325 0.45 51.46 30.03
CA ARG F 325 -0.48 50.64 29.25
C ARG F 325 0.24 49.82 28.19
N ALA F 326 1.45 50.22 27.80
CA ALA F 326 2.21 49.44 26.82
C ALA F 326 2.56 48.06 27.34
N TYR F 327 2.52 47.85 28.65
CA TYR F 327 2.85 46.57 29.26
C TYR F 327 1.65 45.68 29.50
N ALA F 328 0.49 46.05 28.94
CA ALA F 328 -0.73 45.29 29.18
C ALA F 328 -0.64 43.89 28.61
N ASN F 329 -1.19 42.92 29.33
CA ASN F 329 -1.25 41.54 28.87
C ASN F 329 -2.62 40.92 29.12
N VAL F 330 -3.61 41.72 29.51
CA VAL F 330 -4.94 41.25 29.87
C VAL F 330 -5.96 42.24 29.32
N ASN F 331 -7.06 41.72 28.78
CA ASN F 331 -8.04 42.60 28.16
C ASN F 331 -8.76 43.48 29.18
N THR F 332 -9.15 42.91 30.31
CA THR F 332 -9.91 43.66 31.32
C THR F 332 -9.38 43.38 32.71
N SER F 333 -9.46 44.38 33.58
CA SER F 333 -8.96 44.26 34.93
C SER F 333 -9.89 43.40 35.79
N LEU F 334 -9.37 42.97 36.93
CA LEU F 334 -10.15 42.17 37.86
C LEU F 334 -11.29 42.99 38.43
N ALA F 335 -12.48 42.41 38.45
CA ALA F 335 -13.68 43.05 38.97
C ALA F 335 -14.10 42.40 40.27
N ASP F 336 -15.06 43.04 40.95
CA ASP F 336 -15.58 42.50 42.19
C ASP F 336 -16.40 41.25 41.90
N ALA F 337 -16.30 40.27 42.81
CA ALA F 337 -17.07 39.02 42.72
C ALA F 337 -16.87 38.34 41.37
N MET F 338 -15.63 38.35 40.89
CA MET F 338 -15.28 37.67 39.66
C MET F 338 -14.87 36.23 39.98
N ALA F 339 -15.46 35.28 39.27
CA ALA F 339 -15.20 33.88 39.54
C ALA F 339 -13.76 33.53 39.22
N VAL F 340 -13.12 32.78 40.10
CA VAL F 340 -11.77 32.28 39.91
C VAL F 340 -11.86 30.80 39.58
N ASN F 341 -11.28 30.41 38.45
CA ASN F 341 -11.32 29.03 37.99
C ASN F 341 -9.98 28.37 38.25
N ILE F 342 -10.00 27.27 38.98
CA ILE F 342 -8.79 26.49 39.22
C ILE F 342 -8.62 25.49 38.09
N LEU F 343 -7.45 25.50 37.47
CA LEU F 343 -7.23 24.72 36.26
C LEU F 343 -6.62 23.35 36.52
N ASN F 344 -5.82 23.19 37.57
CA ASN F 344 -5.26 21.87 37.92
C ASN F 344 -6.24 21.14 38.83
N VAL F 345 -7.31 20.63 38.20
CA VAL F 345 -8.37 19.96 38.94
C VAL F 345 -8.03 18.51 39.24
N LYS F 346 -7.07 17.92 38.56
CA LYS F 346 -6.70 16.52 38.75
C LYS F 346 -5.19 16.40 38.81
N ASP F 347 -4.72 15.45 39.61
CA ASP F 347 -3.28 15.19 39.69
C ASP F 347 -2.77 14.68 38.36
N ALA F 348 -1.69 15.29 37.87
CA ALA F 348 -1.08 14.87 36.61
C ALA F 348 0.35 15.38 36.58
N ARG F 349 1.27 14.54 36.15
CA ARG F 349 2.66 14.95 36.01
C ARG F 349 2.78 15.98 34.90
N THR F 350 3.47 17.07 35.19
CA THR F 350 3.44 18.24 34.32
C THR F 350 4.34 18.07 33.11
N ASN F 351 3.98 18.78 32.04
CA ASN F 351 4.82 18.96 30.87
C ASN F 351 5.07 20.45 30.74
N VAL F 352 6.34 20.84 30.61
CA VAL F 352 6.69 22.26 30.64
C VAL F 352 7.35 22.66 29.34
N PHE F 353 7.30 23.96 29.05
CA PHE F 353 7.92 24.54 27.87
C PHE F 353 8.18 26.02 28.16
N TRP F 354 9.16 26.60 27.47
CA TRP F 354 9.45 28.00 27.68
C TRP F 354 10.21 28.56 26.49
N ALA F 355 10.26 29.89 26.41
CA ALA F 355 10.96 30.59 25.35
C ALA F 355 12.45 30.64 25.65
N ASP F 356 13.18 31.49 24.94
CA ASP F 356 14.63 31.53 25.11
C ASP F 356 15.04 32.03 26.49
N ASP F 357 14.49 33.17 26.92
CA ASP F 357 14.91 33.81 28.16
C ASP F 357 13.96 33.56 29.32
N ALA F 358 13.00 32.65 29.16
CA ALA F 358 12.02 32.46 30.21
C ALA F 358 12.61 31.89 31.49
N ILE F 359 13.77 31.25 31.43
CA ILE F 359 14.47 30.79 32.62
C ILE F 359 15.95 31.11 32.46
N ARG F 360 16.52 31.77 33.46
CA ARG F 360 17.92 32.16 33.45
C ARG F 360 18.63 31.54 34.65
N ILE F 361 19.78 30.94 34.40
CA ILE F 361 20.62 30.38 35.46
C ILE F 361 21.78 31.33 35.68
N VAL F 362 21.79 31.99 36.83
CA VAL F 362 22.77 33.03 37.14
C VAL F 362 23.83 32.41 38.03
N SER F 363 25.06 32.36 37.55
CA SER F 363 26.16 31.81 38.32
C SER F 363 27.35 32.74 38.25
N GLN F 364 28.08 32.82 39.36
CA GLN F 364 29.24 33.68 39.49
C GLN F 364 30.36 32.85 40.10
N PRO F 365 31.61 33.06 39.66
CA PRO F 365 32.72 32.30 40.22
C PRO F 365 32.81 32.47 41.73
N ILE F 366 33.06 31.37 42.43
CA ILE F 366 33.12 31.43 43.89
C ILE F 366 34.38 32.17 44.31
N PRO F 367 34.27 33.23 45.10
CA PRO F 367 35.44 34.04 45.42
C PRO F 367 36.37 33.33 46.40
N ALA F 368 37.51 32.87 45.92
CA ALA F 368 38.49 32.24 46.77
C ALA F 368 39.85 32.29 46.09
N ASN F 369 40.89 32.43 46.89
CA ASN F 369 42.27 32.45 46.41
C ASN F 369 43.01 31.22 46.92
N HIS F 370 43.86 30.65 46.07
CA HIS F 370 44.35 29.30 46.26
C HIS F 370 45.78 29.20 46.77
N GLU F 371 46.59 30.22 46.55
CA GLU F 371 48.00 30.12 46.90
C GLU F 371 48.29 30.50 48.35
N LEU F 372 47.29 30.96 49.10
CA LEU F 372 47.57 31.51 50.42
C LEU F 372 47.77 30.41 51.47
N PHE F 373 46.78 29.55 51.64
CA PHE F 373 46.78 28.56 52.71
C PHE F 373 47.27 27.23 52.18
N ALA F 374 48.36 26.73 52.76
CA ALA F 374 48.96 25.49 52.28
C ALA F 374 48.18 24.27 52.72
N GLY F 375 47.51 24.35 53.87
CA GLY F 375 46.78 23.20 54.38
C GLY F 375 45.63 22.79 53.47
N MET F 376 44.88 23.76 52.97
CA MET F 376 43.70 23.51 52.17
C MET F 376 43.97 23.89 50.72
N LYS F 377 43.67 22.97 49.80
CA LYS F 377 43.95 23.15 48.38
C LYS F 377 42.63 23.28 47.63
N THR F 378 42.37 24.47 47.12
CA THR F 378 41.12 24.77 46.42
C THR F 378 41.39 24.91 44.92
N THR F 379 40.45 24.40 44.12
CA THR F 379 40.52 24.53 42.67
C THR F 379 39.17 24.98 42.16
N SER F 380 39.15 26.00 41.31
CA SER F 380 37.93 26.56 40.77
C SER F 380 37.68 25.95 39.39
N PHE F 381 36.45 25.47 39.17
CA PHE F 381 36.08 24.88 37.89
C PHE F 381 34.76 25.49 37.42
N SER F 382 34.56 25.45 36.11
CA SER F 382 33.36 25.97 35.48
C SER F 382 32.75 24.91 34.59
N ILE F 383 31.43 24.94 34.45
CA ILE F 383 30.72 24.01 33.58
C ILE F 383 30.04 24.82 32.48
N PRO F 384 30.71 25.07 31.36
CA PRO F 384 30.12 25.94 30.33
C PRO F 384 28.83 25.42 29.74
N ASP F 385 28.66 24.09 29.64
CA ASP F 385 27.45 23.56 29.05
C ASP F 385 26.22 23.94 29.87
N VAL F 386 26.34 23.89 31.19
CA VAL F 386 25.23 24.28 32.06
C VAL F 386 25.34 25.72 32.53
N GLY F 387 26.56 26.25 32.65
CA GLY F 387 26.75 27.60 33.16
C GLY F 387 26.77 27.68 34.66
N LEU F 388 27.44 26.73 35.32
CA LEU F 388 27.60 26.74 36.76
C LEU F 388 29.06 26.97 37.12
N ASN F 389 29.29 27.72 38.19
CA ASN F 389 30.62 27.95 38.71
C ASN F 389 30.72 27.30 40.09
N GLY F 390 31.80 26.56 40.32
CA GLY F 390 31.98 25.86 41.57
C GLY F 390 33.43 25.91 42.02
N ILE F 391 33.68 25.26 43.14
CA ILE F 391 35.02 25.13 43.69
C ILE F 391 35.20 23.68 44.13
N PHE F 392 36.46 23.26 44.26
CA PHE F 392 36.79 21.92 44.68
C PHE F 392 37.93 21.99 45.68
N ALA F 393 37.69 21.57 46.91
CA ALA F 393 38.67 21.72 47.97
C ALA F 393 38.92 20.37 48.64
N THR F 394 40.18 20.11 48.96
CA THR F 394 40.57 18.91 49.70
C THR F 394 41.49 19.30 50.84
N GLN F 395 41.34 18.63 51.97
CA GLN F 395 42.12 18.94 53.15
C GLN F 395 42.34 17.66 53.95
N GLY F 396 43.55 17.51 54.48
CA GLY F 396 43.83 16.37 55.33
C GLY F 396 43.18 16.49 56.69
N ASP F 397 42.98 15.35 57.34
CA ASP F 397 42.31 15.28 58.63
C ASP F 397 42.96 14.18 59.46
N ILE F 398 43.70 14.57 60.49
CA ILE F 398 44.36 13.58 61.33
C ILE F 398 43.36 12.80 62.18
N SER F 399 42.17 13.35 62.41
CA SER F 399 41.20 12.65 63.23
C SER F 399 40.77 11.34 62.58
N THR F 400 40.54 11.35 61.27
CA THR F 400 40.12 10.18 60.53
C THR F 400 41.23 9.56 59.69
N LEU F 401 42.44 10.12 59.76
CA LEU F 401 43.59 9.63 58.98
C LEU F 401 43.27 9.57 57.49
N SER F 402 42.56 10.58 57.00
CA SER F 402 42.23 10.67 55.59
C SER F 402 41.94 12.12 55.25
N GLY F 403 41.55 12.37 54.02
CA GLY F 403 41.30 13.70 53.53
C GLY F 403 39.82 14.04 53.51
N LEU F 404 39.52 15.33 53.64
CA LEU F 404 38.17 15.84 53.52
C LEU F 404 38.02 16.51 52.16
N CYS F 405 36.94 16.19 51.45
CA CYS F 405 36.69 16.75 50.13
C CYS F 405 35.40 17.54 50.15
N ARG F 406 35.41 18.71 49.51
CA ARG F 406 34.24 19.56 49.45
C ARG F 406 34.05 20.06 48.02
N ILE F 407 32.84 19.89 47.49
CA ILE F 407 32.49 20.39 46.16
C ILE F 407 31.37 21.38 46.33
N ALA F 408 31.56 22.59 45.81
CA ALA F 408 30.58 23.66 45.91
C ALA F 408 30.03 23.99 44.54
N LEU F 409 28.84 24.59 44.53
CA LEU F 409 28.22 25.02 43.28
C LEU F 409 27.39 26.27 43.60
N TRP F 410 27.93 27.44 43.28
CA TRP F 410 27.24 28.70 43.51
C TRP F 410 26.48 29.07 42.25
N TYR F 411 25.16 29.02 42.32
CA TYR F 411 24.32 29.33 41.18
C TYR F 411 22.97 29.79 41.68
N GLY F 412 22.23 30.42 40.79
CA GLY F 412 20.87 30.84 41.10
C GLY F 412 20.04 30.81 39.84
N VAL F 413 18.85 30.24 39.96
CA VAL F 413 17.93 30.10 38.83
C VAL F 413 16.82 31.10 39.01
N ASN F 414 16.46 31.78 37.92
CA ASN F 414 15.41 32.78 37.92
C ASN F 414 14.42 32.48 36.80
N ALA F 415 13.13 32.51 37.13
CA ALA F 415 12.09 32.36 36.13
C ALA F 415 11.66 33.74 35.64
N THR F 416 12.62 34.43 35.03
CA THR F 416 12.32 35.73 34.43
C THR F 416 11.37 35.55 33.26
N ARG F 417 10.44 36.50 33.11
CA ARG F 417 9.31 36.34 32.20
C ARG F 417 8.57 35.05 32.50
N PRO F 418 7.86 34.95 33.62
CA PRO F 418 7.09 33.75 33.88
C PRO F 418 5.92 33.56 32.96
N GLU F 419 5.47 34.62 32.27
CA GLU F 419 4.40 34.47 31.29
C GLU F 419 4.83 33.63 30.11
N ALA F 420 6.13 33.49 29.88
CA ALA F 420 6.65 32.68 28.78
C ALA F 420 6.89 31.24 29.16
N ILE F 421 6.75 30.87 30.43
CA ILE F 421 6.85 29.49 30.85
C ILE F 421 5.46 28.89 30.88
N GLY F 422 5.31 27.71 30.30
CA GLY F 422 4.02 27.06 30.19
C GLY F 422 4.02 25.72 30.88
N VAL F 423 2.83 25.29 31.29
CA VAL F 423 2.62 23.99 31.92
C VAL F 423 1.53 23.25 31.16
N GLY F 424 1.83 22.05 30.71
CA GLY F 424 0.87 21.23 30.00
C GLY F 424 0.28 20.18 30.93
N LEU F 425 -1.01 20.30 31.19
CA LEU F 425 -1.70 19.44 32.14
C LEU F 425 -2.72 18.58 31.41
N PRO F 426 -2.42 17.31 31.16
CA PRO F 426 -3.37 16.45 30.45
C PRO F 426 -4.33 15.75 31.39
N GLY F 427 -5.46 15.35 30.83
CA GLY F 427 -6.44 14.57 31.58
C GLY F 427 -7.07 15.29 32.74
N GLN F 428 -7.47 16.55 32.56
CA GLN F 428 -8.12 17.31 33.62
C GLN F 428 -9.63 17.10 33.60
N THR F 429 -10.02 15.82 33.68
CA THR F 429 -11.43 15.46 33.57
C THR F 429 -12.25 16.04 34.72
N ALA F 430 -11.73 15.95 35.93
CA ALA F 430 -12.47 16.42 37.10
C ALA F 430 -12.64 17.94 37.08
N ALA G 2 31.41 51.37 24.85
CA ALA G 2 32.51 50.76 24.13
C ALA G 2 32.18 50.64 22.65
N LEU G 3 31.42 51.60 22.14
CA LEU G 3 31.04 51.64 20.74
C LEU G 3 31.31 53.04 20.20
N ASN G 4 31.62 53.11 18.91
CA ASN G 4 31.90 54.37 18.25
C ASN G 4 30.75 54.73 17.34
N GLU G 5 30.70 56.00 16.95
CA GLU G 5 29.53 56.55 16.25
C GLU G 5 29.20 55.78 14.98
N GLY G 6 30.20 55.58 14.11
CA GLY G 6 29.96 54.85 12.88
C GLY G 6 29.53 53.43 13.13
N GLN G 7 30.15 52.78 14.13
CA GLN G 7 29.76 51.42 14.46
C GLN G 7 28.33 51.37 14.96
N ILE G 8 27.93 52.36 15.76
CA ILE G 8 26.54 52.46 16.20
C ILE G 8 25.61 52.52 15.00
N VAL G 9 25.90 53.42 14.05
CA VAL G 9 25.00 53.61 12.91
C VAL G 9 24.91 52.34 12.08
N THR G 10 26.07 51.75 11.75
CA THR G 10 26.06 50.58 10.86
C THR G 10 25.37 49.39 11.52
N LEU G 11 25.70 49.09 12.78
CA LEU G 11 25.08 47.96 13.45
C LEU G 11 23.58 48.16 13.57
N ALA G 12 23.15 49.37 13.93
CA ALA G 12 21.71 49.62 14.10
C ALA G 12 20.97 49.47 12.77
N VAL G 13 21.51 50.05 11.70
CA VAL G 13 20.83 49.99 10.42
C VAL G 13 20.75 48.55 9.93
N ASP G 14 21.86 47.81 10.07
CA ASP G 14 21.87 46.43 9.61
C ASP G 14 20.87 45.59 10.39
N GLU G 15 20.81 45.77 11.71
CA GLU G 15 19.86 44.99 12.51
C GLU G 15 18.43 45.35 12.17
N ILE G 16 18.15 46.63 11.94
CA ILE G 16 16.80 47.04 11.54
C ILE G 16 16.40 46.35 10.26
N ILE G 17 17.28 46.40 9.25
CA ILE G 17 16.94 45.81 7.95
C ILE G 17 16.70 44.32 8.10
N GLU G 18 17.60 43.62 8.78
CA GLU G 18 17.45 42.17 8.93
C GLU G 18 16.15 41.82 9.64
N THR G 19 15.89 42.45 10.79
CA THR G 19 14.72 42.07 11.58
C THR G 19 13.43 42.40 10.85
N ILE G 20 13.31 43.62 10.32
CA ILE G 20 12.06 44.01 9.69
C ILE G 20 11.82 43.19 8.42
N SER G 21 12.88 42.82 7.69
CA SER G 21 12.68 41.93 6.57
C SER G 21 12.27 40.53 7.02
N ALA G 22 12.76 40.09 8.19
CA ALA G 22 12.50 38.73 8.63
C ALA G 22 11.07 38.55 9.17
N ILE G 23 10.53 39.56 9.86
CA ILE G 23 9.31 39.31 10.63
C ILE G 23 8.13 40.10 10.09
N THR G 24 8.10 40.34 8.78
CA THR G 24 6.96 40.98 8.12
C THR G 24 6.50 40.11 6.96
N PRO G 25 5.75 39.05 7.23
CA PRO G 25 5.22 38.24 6.13
C PRO G 25 4.09 38.90 5.39
N MET G 26 3.19 39.59 6.09
CA MET G 26 2.06 40.24 5.42
C MET G 26 2.53 41.40 4.56
N ALA G 27 3.45 42.22 5.08
CA ALA G 27 3.90 43.39 4.35
C ALA G 27 4.70 43.04 3.10
N GLN G 28 5.21 41.82 3.02
CA GLN G 28 5.96 41.41 1.83
C GLN G 28 5.08 40.80 0.75
N LYS G 29 3.81 40.52 1.04
CA LYS G 29 2.87 40.08 0.03
C LYS G 29 2.17 41.24 -0.66
N ALA G 30 2.36 42.47 -0.18
CA ALA G 30 1.79 43.65 -0.81
C ALA G 30 2.77 44.22 -1.81
N LYS G 31 2.28 44.53 -3.00
CA LYS G 31 3.14 45.03 -4.05
C LYS G 31 3.78 46.35 -3.64
N LYS G 32 5.01 46.56 -4.06
CA LYS G 32 5.74 47.77 -3.78
C LYS G 32 5.56 48.75 -4.92
N TYR G 33 5.14 49.96 -4.60
CA TYR G 33 4.97 51.02 -5.57
C TYR G 33 5.87 52.18 -5.21
N THR G 34 6.58 52.72 -6.19
CA THR G 34 7.48 53.84 -5.97
C THR G 34 7.00 55.04 -6.77
N PRO G 35 6.78 56.19 -6.15
CA PRO G 35 6.37 57.38 -6.89
C PRO G 35 7.42 57.75 -7.92
N PRO G 36 7.00 58.18 -9.12
CA PRO G 36 7.99 58.44 -10.18
C PRO G 36 9.01 59.52 -9.83
N ALA G 37 8.61 60.55 -9.08
CA ALA G 37 9.49 61.67 -8.77
C ALA G 37 9.61 61.81 -7.26
N ALA G 38 10.85 61.91 -6.79
CA ALA G 38 11.09 62.15 -5.38
C ALA G 38 11.03 63.65 -5.10
N SER G 39 10.46 64.00 -3.94
CA SER G 39 10.31 65.39 -3.55
C SER G 39 10.81 65.56 -2.13
N MET G 40 11.18 66.80 -1.81
CA MET G 40 11.74 67.13 -0.50
C MET G 40 10.66 67.57 0.49
N GLN G 41 9.39 67.53 0.08
CA GLN G 41 8.30 67.99 0.92
C GLN G 41 7.77 66.85 1.78
N ARG G 42 7.54 67.14 3.06
CA ARG G 42 6.98 66.14 3.96
C ARG G 42 5.52 65.83 3.63
N SER G 43 4.80 66.78 3.03
CA SER G 43 3.42 66.57 2.60
C SER G 43 3.45 65.98 1.20
N SER G 44 3.49 64.66 1.11
CA SER G 44 3.62 63.99 -0.17
C SER G 44 2.37 64.21 -1.02
N ASN G 45 2.56 64.19 -2.33
CA ASN G 45 1.45 64.37 -3.26
C ASN G 45 0.51 63.17 -3.18
N THR G 46 -0.68 63.34 -3.77
CA THR G 46 -1.65 62.27 -3.86
C THR G 46 -1.36 61.48 -5.13
N ILE G 47 -0.72 60.34 -4.99
CA ILE G 47 -0.33 59.54 -6.15
C ILE G 47 -1.56 58.84 -6.70
N TRP G 48 -1.83 59.05 -7.98
CA TRP G 48 -2.94 58.42 -8.68
C TRP G 48 -2.38 57.26 -9.49
N MET G 49 -2.74 56.04 -9.11
CA MET G 49 -2.27 54.89 -9.85
C MET G 49 -3.35 54.43 -10.81
N PRO G 50 -3.02 54.11 -12.05
CA PRO G 50 -4.01 53.53 -12.95
C PRO G 50 -4.43 52.14 -12.50
N VAL G 51 -5.66 51.78 -12.83
CA VAL G 51 -6.18 50.46 -12.58
C VAL G 51 -6.25 49.70 -13.90
N GLU G 52 -6.50 48.39 -13.81
CA GLU G 52 -6.60 47.58 -15.01
C GLU G 52 -7.75 48.07 -15.88
N GLN G 53 -7.49 48.19 -17.19
CA GLN G 53 -8.47 48.74 -18.11
C GLN G 53 -9.41 47.64 -18.60
N GLU G 54 -10.71 47.85 -18.42
CA GLU G 54 -11.72 46.93 -18.92
C GLU G 54 -12.48 47.61 -20.04
N SER G 55 -12.65 46.90 -21.15
CA SER G 55 -13.20 47.46 -22.38
C SER G 55 -14.34 46.60 -22.88
N PRO G 56 -15.28 47.20 -23.62
CA PRO G 56 -16.37 46.40 -24.18
C PRO G 56 -15.85 45.47 -25.27
N THR G 57 -16.63 44.42 -25.52
CA THR G 57 -16.27 43.49 -26.59
C THR G 57 -16.30 44.19 -27.93
N GLN G 58 -15.28 43.94 -28.74
CA GLN G 58 -15.12 44.55 -30.06
C GLN G 58 -14.93 43.43 -31.07
N GLU G 59 -15.86 43.31 -32.00
CA GLU G 59 -15.87 42.20 -32.95
C GLU G 59 -16.08 42.71 -34.36
N GLY G 60 -15.50 42.00 -35.32
CA GLY G 60 -15.66 42.32 -36.71
C GLY G 60 -14.54 43.20 -37.24
N TRP G 61 -14.40 43.20 -38.56
CA TRP G 61 -13.55 44.18 -39.20
C TRP G 61 -14.18 45.56 -39.07
N ASP G 62 -13.44 46.58 -39.50
CA ASP G 62 -13.95 47.95 -39.58
C ASP G 62 -14.39 48.47 -38.21
N LEU G 63 -13.42 48.61 -37.32
CA LEU G 63 -13.63 49.27 -36.03
C LEU G 63 -13.22 50.73 -36.16
N THR G 64 -14.10 51.51 -36.80
CA THR G 64 -13.75 52.88 -37.17
C THR G 64 -13.50 53.76 -35.95
N ASP G 65 -14.38 53.67 -34.94
CA ASP G 65 -14.31 54.59 -33.82
C ASP G 65 -14.43 53.89 -32.47
N LYS G 66 -14.04 52.63 -32.38
CA LYS G 66 -14.19 51.88 -31.15
C LYS G 66 -12.95 51.91 -30.26
N ALA G 67 -11.89 52.59 -30.68
CA ALA G 67 -10.73 52.73 -29.81
C ALA G 67 -10.99 53.74 -28.69
N THR G 68 -11.64 54.85 -29.03
CA THR G 68 -11.88 55.92 -28.08
C THR G 68 -13.10 55.62 -27.21
N GLY G 69 -13.25 56.40 -26.15
CA GLY G 69 -14.36 56.27 -25.22
C GLY G 69 -14.04 55.51 -23.96
N LEU G 70 -12.87 54.86 -23.89
CA LEU G 70 -12.54 54.08 -22.71
C LEU G 70 -12.31 54.98 -21.51
N LEU G 71 -12.40 54.40 -20.31
CA LEU G 71 -12.47 55.19 -19.10
C LEU G 71 -11.09 55.49 -18.52
N GLU G 72 -10.29 54.45 -18.28
CA GLU G 72 -8.97 54.59 -17.66
C GLU G 72 -9.08 55.26 -16.28
N LEU G 73 -9.69 54.51 -15.37
CA LEU G 73 -9.87 54.96 -14.00
C LEU G 73 -8.55 54.93 -13.23
N ASN G 74 -8.55 55.59 -12.07
CA ASN G 74 -7.37 55.69 -11.23
C ASN G 74 -7.76 55.55 -9.77
N VAL G 75 -6.78 55.31 -8.91
CA VAL G 75 -6.97 55.19 -7.47
C VAL G 75 -5.92 56.04 -6.77
N ALA G 76 -6.34 56.80 -5.76
CA ALA G 76 -5.46 57.75 -5.09
C ALA G 76 -4.77 57.10 -3.91
N VAL G 77 -3.53 57.52 -3.66
CA VAL G 77 -2.76 57.06 -2.52
C VAL G 77 -2.15 58.26 -1.82
N ASN G 78 -2.26 58.28 -0.49
CA ASN G 78 -1.70 59.36 0.33
C ASN G 78 -0.86 58.72 1.42
N MET G 79 0.46 58.87 1.32
CA MET G 79 1.32 58.43 2.42
C MET G 79 1.06 59.30 3.64
N GLY G 80 0.92 58.64 4.79
CA GLY G 80 0.55 59.37 5.99
C GLY G 80 1.73 59.96 6.71
N GLU G 81 1.80 59.71 8.01
CA GLU G 81 2.89 60.17 8.84
C GLU G 81 3.83 59.02 9.16
N PRO G 82 5.14 59.27 9.20
CA PRO G 82 6.09 58.18 9.41
C PRO G 82 5.91 57.50 10.76
N ASP G 83 6.02 56.18 10.75
CA ASP G 83 6.02 55.42 12.00
C ASP G 83 7.38 55.53 12.66
N ASN G 84 7.38 55.91 13.94
CA ASN G 84 8.61 56.23 14.64
C ASN G 84 8.83 55.26 15.79
N ASP G 85 10.08 55.18 16.24
CA ASP G 85 10.42 54.53 17.50
C ASP G 85 11.47 55.41 18.18
N PHE G 86 10.99 56.33 19.00
CA PHE G 86 11.83 57.37 19.61
C PHE G 86 12.09 56.98 21.05
N PHE G 87 13.27 56.41 21.30
CA PHE G 87 13.63 55.86 22.60
C PHE G 87 14.97 56.41 23.04
N GLN G 88 15.32 56.14 24.30
CA GLN G 88 16.58 56.57 24.89
C GLN G 88 17.58 55.42 24.81
N LEU G 89 18.80 55.72 24.38
CA LEU G 89 19.83 54.72 24.17
C LEU G 89 20.67 54.61 25.44
N ARG G 90 20.52 53.52 26.16
CA ARG G 90 21.15 53.35 27.47
C ARG G 90 22.62 53.00 27.33
N ALA G 91 23.40 53.38 28.34
CA ALA G 91 24.82 53.07 28.35
C ALA G 91 25.05 51.57 28.44
N ASP G 92 24.12 50.84 29.04
CA ASP G 92 24.21 49.38 29.06
C ASP G 92 24.08 48.81 27.66
N ASP G 93 23.21 49.39 26.84
CA ASP G 93 23.01 48.91 25.47
C ASP G 93 24.23 49.10 24.60
N LEU G 94 25.09 50.07 24.91
CA LEU G 94 26.27 50.35 24.11
C LEU G 94 27.50 49.63 24.62
N ARG G 95 27.34 48.59 25.44
CA ARG G 95 28.48 47.87 25.97
C ARG G 95 29.26 47.17 24.86
N ASP G 96 28.56 46.54 23.93
CA ASP G 96 29.20 45.74 22.90
C ASP G 96 28.24 45.61 21.73
N GLU G 97 28.62 44.77 20.75
CA GLU G 97 27.78 44.57 19.59
C GLU G 97 26.49 43.85 19.96
N THR G 98 26.57 42.89 20.88
CA THR G 98 25.40 42.06 21.19
C THR G 98 24.29 42.86 21.85
N ALA G 99 24.62 43.66 22.87
CA ALA G 99 23.59 44.42 23.58
C ALA G 99 22.94 45.45 22.65
N TYR G 100 23.76 46.16 21.89
CA TYR G 100 23.21 47.15 20.96
C TYR G 100 22.35 46.50 19.90
N ARG G 101 22.79 45.35 19.38
CA ARG G 101 22.00 44.65 18.38
C ARG G 101 20.68 44.17 18.97
N ARG G 102 20.69 43.74 20.23
CA ARG G 102 19.44 43.33 20.85
C ARG G 102 18.48 44.49 21.02
N ARG G 103 18.98 45.65 21.46
CA ARG G 103 18.11 46.81 21.61
C ARG G 103 17.54 47.26 20.27
N ILE G 104 18.37 47.33 19.24
CA ILE G 104 17.89 47.73 17.93
C ILE G 104 16.94 46.67 17.36
N GLN G 105 17.16 45.40 17.73
CA GLN G 105 16.25 44.35 17.31
C GLN G 105 14.88 44.53 17.92
N SER G 106 14.83 44.90 19.20
CA SER G 106 13.53 45.18 19.83
C SER G 106 12.85 46.37 19.17
N ALA G 107 13.62 47.43 18.87
CA ALA G 107 13.04 48.58 18.18
C ALA G 107 12.48 48.20 16.81
N ALA G 108 13.24 47.44 16.03
CA ALA G 108 12.77 46.98 14.73
C ALA G 108 11.57 46.07 14.86
N ARG G 109 11.50 45.27 15.93
CA ARG G 109 10.35 44.43 16.15
C ARG G 109 9.10 45.26 16.39
N LYS G 110 9.22 46.35 17.14
CA LYS G 110 8.08 47.26 17.31
C LYS G 110 7.65 47.87 15.98
N LEU G 111 8.62 48.32 15.17
CA LEU G 111 8.26 48.92 13.89
C LEU G 111 7.58 47.91 12.97
N ALA G 112 8.08 46.67 12.94
CA ALA G 112 7.45 45.63 12.14
C ALA G 112 6.05 45.31 12.65
N ASN G 113 5.87 45.34 13.97
CA ASN G 113 4.53 45.21 14.53
C ASN G 113 3.60 46.25 13.95
N ASN G 114 4.04 47.52 13.93
CA ASN G 114 3.17 48.57 13.41
C ASN G 114 2.85 48.34 11.93
N VAL G 115 3.85 47.96 11.14
CA VAL G 115 3.60 47.76 9.71
C VAL G 115 2.61 46.63 9.48
N GLU G 116 2.82 45.50 10.15
CA GLU G 116 1.91 44.36 9.98
C GLU G 116 0.51 44.68 10.48
N LEU G 117 0.41 45.39 11.60
CA LEU G 117 -0.90 45.79 12.09
C LEU G 117 -1.61 46.68 11.08
N LYS G 118 -0.90 47.62 10.47
CA LYS G 118 -1.54 48.52 9.53
C LYS G 118 -2.01 47.76 8.29
N VAL G 119 -1.20 46.82 7.79
CA VAL G 119 -1.60 46.04 6.63
C VAL G 119 -2.80 45.16 6.98
N ALA G 120 -2.76 44.49 8.14
CA ALA G 120 -3.85 43.61 8.53
C ALA G 120 -5.14 44.38 8.73
N ASN G 121 -5.07 45.53 9.37
CA ASN G 121 -6.27 46.35 9.57
C ASN G 121 -6.82 46.87 8.26
N MET G 122 -5.95 47.27 7.33
CA MET G 122 -6.42 47.69 6.02
C MET G 122 -7.14 46.55 5.32
N ALA G 123 -6.57 45.36 5.34
CA ALA G 123 -7.19 44.23 4.67
C ALA G 123 -8.52 43.84 5.31
N ALA G 124 -8.59 43.87 6.65
CA ALA G 124 -9.80 43.42 7.33
C ALA G 124 -10.91 44.47 7.27
N GLU G 125 -10.55 45.76 7.24
CA GLU G 125 -11.54 46.82 7.23
C GLU G 125 -11.92 47.28 5.83
N MET G 126 -11.15 46.92 4.81
CA MET G 126 -11.53 47.22 3.43
C MET G 126 -11.71 45.95 2.59
N GLY G 127 -11.71 44.79 3.23
CA GLY G 127 -11.93 43.56 2.50
C GLY G 127 -13.37 43.39 2.12
N SER G 128 -13.63 43.29 0.82
CA SER G 128 -15.00 43.19 0.33
C SER G 128 -15.47 41.76 0.15
N LEU G 129 -14.59 40.86 -0.27
CA LEU G 129 -14.98 39.47 -0.53
C LEU G 129 -15.16 38.76 0.81
N VAL G 130 -16.28 39.07 1.46
CA VAL G 130 -16.58 38.51 2.77
C VAL G 130 -17.23 37.15 2.58
N ILE G 131 -16.64 36.12 3.20
CA ILE G 131 -17.22 34.79 3.20
C ILE G 131 -17.39 34.35 4.65
N THR G 132 -18.58 33.88 4.99
CA THR G 132 -18.93 33.51 6.35
C THR G 132 -19.55 32.12 6.36
N SER G 133 -19.60 31.53 7.55
CA SER G 133 -20.22 30.22 7.72
C SER G 133 -20.58 30.03 9.17
N PRO G 134 -21.73 29.44 9.49
CA PRO G 134 -22.08 29.22 10.90
C PRO G 134 -21.13 28.31 11.64
N ASP G 135 -20.40 27.45 10.94
CA ASP G 135 -19.49 26.52 11.60
C ASP G 135 -18.17 27.24 11.90
N ALA G 136 -17.21 26.50 12.44
CA ALA G 136 -15.88 27.00 12.70
C ALA G 136 -14.90 26.31 11.77
N ILE G 137 -13.72 26.93 11.60
CA ILE G 137 -12.74 26.38 10.68
C ILE G 137 -12.22 25.05 11.22
N GLY G 138 -12.32 24.01 10.40
CA GLY G 138 -11.95 22.68 10.82
C GLY G 138 -11.41 21.85 9.68
N THR G 139 -11.10 20.58 9.96
CA THR G 139 -10.47 19.71 8.99
C THR G 139 -11.36 18.59 8.46
N ASN G 140 -12.58 18.46 8.97
CA ASN G 140 -13.51 17.46 8.46
C ASN G 140 -14.64 18.14 7.69
N THR G 141 -15.25 17.39 6.78
CA THR G 141 -16.28 17.98 5.93
C THR G 141 -17.55 18.30 6.70
N ALA G 142 -17.92 17.47 7.66
CA ALA G 142 -19.16 17.64 8.40
C ALA G 142 -18.96 18.66 9.52
N ASP G 143 -19.78 19.72 9.49
CA ASP G 143 -19.80 20.75 10.54
C ASP G 143 -18.46 21.44 10.72
N ALA G 144 -17.76 21.74 9.63
CA ALA G 144 -16.56 22.56 9.67
C ALA G 144 -16.43 23.34 8.38
N TRP G 145 -15.66 24.42 8.43
CA TRP G 145 -15.54 25.36 7.33
C TRP G 145 -14.18 25.21 6.68
N ASN G 146 -14.16 25.15 5.35
CA ASN G 146 -12.93 25.12 4.58
C ASN G 146 -12.68 26.53 4.05
N PHE G 147 -11.96 27.32 4.84
CA PHE G 147 -11.76 28.72 4.49
C PHE G 147 -10.97 28.87 3.19
N VAL G 148 -9.91 28.08 3.03
CA VAL G 148 -9.08 28.22 1.84
C VAL G 148 -9.86 27.84 0.59
N ALA G 149 -10.62 26.75 0.66
CA ALA G 149 -11.38 26.30 -0.52
C ALA G 149 -12.42 27.33 -0.92
N ASP G 150 -13.19 27.85 0.04
CA ASP G 150 -14.21 28.84 -0.27
C ASP G 150 -13.59 30.13 -0.79
N ALA G 151 -12.49 30.57 -0.18
CA ALA G 151 -11.83 31.79 -0.64
C ALA G 151 -11.31 31.65 -2.06
N GLU G 152 -10.67 30.51 -2.35
CA GLU G 152 -10.17 30.29 -3.69
C GLU G 152 -11.31 30.20 -4.70
N GLU G 153 -12.40 29.54 -4.33
CA GLU G 153 -13.54 29.44 -5.23
C GLU G 153 -14.17 30.80 -5.52
N ILE G 154 -14.30 31.64 -4.49
CA ILE G 154 -14.94 32.93 -4.71
C ILE G 154 -14.02 33.88 -5.46
N MET G 155 -12.70 33.73 -5.31
CA MET G 155 -11.80 34.54 -6.11
C MET G 155 -11.75 34.06 -7.55
N PHE G 156 -11.86 32.75 -7.77
CA PHE G 156 -11.83 32.22 -9.12
C PHE G 156 -13.13 32.54 -9.86
N SER G 157 -14.27 32.46 -9.18
CA SER G 157 -15.55 32.73 -9.82
C SER G 157 -15.64 34.20 -10.26
N ARG G 158 -15.18 35.11 -9.41
CA ARG G 158 -15.22 36.53 -9.74
C ARG G 158 -14.25 36.90 -10.85
N GLU G 159 -13.31 36.01 -11.20
CA GLU G 159 -12.27 36.29 -12.18
C GLU G 159 -11.45 37.50 -11.77
N LEU G 160 -11.20 37.62 -10.47
CA LEU G 160 -10.38 38.69 -9.94
C LEU G 160 -8.93 38.29 -9.74
N ASN G 161 -8.60 37.01 -9.86
CA ASN G 161 -7.22 36.56 -9.71
C ASN G 161 -6.54 36.49 -11.07
N ARG G 162 -5.81 37.55 -11.40
CA ARG G 162 -4.85 37.47 -12.48
C ARG G 162 -3.80 36.44 -12.08
N ASP G 163 -3.53 35.49 -12.98
CA ASP G 163 -2.87 34.24 -12.60
C ASP G 163 -1.41 34.52 -12.25
N MET G 164 -1.21 35.08 -11.06
CA MET G 164 0.13 35.19 -10.51
C MET G 164 0.20 34.84 -9.03
N GLY G 165 -0.92 34.77 -8.32
CA GLY G 165 -0.93 34.28 -6.96
C GLY G 165 -2.00 34.86 -6.05
N THR G 166 -2.44 34.05 -5.08
CA THR G 166 -3.40 34.45 -4.06
C THR G 166 -2.81 34.16 -2.69
N SER G 167 -3.01 35.08 -1.75
CA SER G 167 -2.42 34.97 -0.43
C SER G 167 -3.51 34.79 0.61
N TYR G 168 -3.39 33.76 1.45
CA TYR G 168 -4.33 33.49 2.52
C TYR G 168 -3.62 33.62 3.85
N PHE G 169 -4.22 34.35 4.79
CA PHE G 169 -3.64 34.56 6.10
C PHE G 169 -4.61 34.12 7.18
N PHE G 170 -4.11 33.26 8.07
CA PHE G 170 -4.91 32.71 9.15
C PHE G 170 -4.45 33.32 10.46
N ASN G 171 -5.39 33.55 11.37
CA ASN G 171 -4.98 33.76 12.74
C ASN G 171 -4.49 32.42 13.29
N PRO G 172 -3.52 32.45 14.21
CA PRO G 172 -2.89 31.18 14.63
C PRO G 172 -3.87 30.14 15.16
N GLN G 173 -4.93 30.57 15.84
CA GLN G 173 -5.94 29.62 16.31
C GLN G 173 -6.59 28.89 15.13
N ASP G 174 -7.09 29.64 14.15
CA ASP G 174 -7.74 29.02 13.01
C ASP G 174 -6.74 28.28 12.12
N TYR G 175 -5.48 28.71 12.14
CA TYR G 175 -4.45 27.96 11.43
C TYR G 175 -4.26 26.59 12.06
N LYS G 176 -4.23 26.52 13.39
CA LYS G 176 -4.13 25.22 14.05
C LYS G 176 -5.39 24.38 13.82
N LYS G 177 -6.56 25.01 13.86
CA LYS G 177 -7.79 24.26 13.66
C LYS G 177 -7.93 23.76 12.24
N ALA G 178 -7.40 24.49 11.25
CA ALA G 178 -7.47 24.06 9.86
C ALA G 178 -6.63 22.83 9.60
N GLY G 179 -5.70 22.50 10.48
CA GLY G 179 -4.93 21.28 10.36
C GLY G 179 -3.69 21.41 9.51
N TYR G 180 -2.95 22.50 9.69
CA TYR G 180 -1.72 22.73 8.94
C TYR G 180 -0.54 22.39 9.84
N ASP G 181 0.33 21.51 9.37
CA ASP G 181 1.47 21.06 10.15
C ASP G 181 2.62 22.05 10.01
N LEU G 182 3.16 22.49 11.14
CA LEU G 182 4.25 23.45 11.14
C LEU G 182 5.62 22.81 10.99
N THR G 183 5.70 21.49 11.04
CA THR G 183 6.98 20.82 10.85
C THR G 183 7.47 21.04 9.41
N LYS G 184 8.77 21.26 9.28
CA LYS G 184 9.39 21.57 7.98
C LYS G 184 8.79 22.84 7.38
N ARG G 185 8.38 23.77 8.22
CA ARG G 185 7.81 25.03 7.78
C ARG G 185 8.40 26.17 8.61
N ASP G 186 8.26 27.38 8.09
CA ASP G 186 8.71 28.57 8.79
C ASP G 186 7.83 28.80 10.02
N ILE G 187 8.14 29.86 10.77
CA ILE G 187 7.30 30.19 11.92
C ILE G 187 5.92 30.66 11.46
N PHE G 188 5.84 31.32 10.32
CA PHE G 188 4.58 31.81 9.79
C PHE G 188 3.90 30.84 8.82
N GLY G 189 4.53 29.71 8.54
CA GLY G 189 3.99 28.78 7.57
C GLY G 189 4.61 28.83 6.20
N ARG G 190 5.65 29.63 6.01
CA ARG G 190 6.37 29.60 4.74
C ARG G 190 7.13 28.28 4.61
N ILE G 191 7.46 27.95 3.36
CA ILE G 191 8.18 26.70 3.07
C ILE G 191 9.67 26.84 3.38
N PRO G 192 10.35 27.92 2.95
CA PRO G 192 11.76 27.97 3.33
C PRO G 192 11.98 28.21 4.81
N ASP G 210 -0.72 30.27 -1.27
CA ASP G 210 0.35 30.37 -0.28
C ASP G 210 -0.25 30.72 1.07
N VAL G 211 -0.55 29.70 1.87
CA VAL G 211 -1.27 29.86 3.13
C VAL G 211 -0.26 30.15 4.23
N LEU G 212 -0.48 31.24 4.96
CA LEU G 212 0.37 31.67 6.06
C LEU G 212 -0.49 31.91 7.28
N ARG G 213 0.17 32.12 8.42
CA ARG G 213 -0.49 32.52 9.66
C ARG G 213 0.20 33.76 10.22
N SER G 214 -0.61 34.70 10.70
CA SER G 214 -0.09 35.95 11.24
C SER G 214 -0.83 36.26 12.53
N PRO G 215 -0.11 36.58 13.61
CA PRO G 215 -0.78 36.91 14.87
C PRO G 215 -1.32 38.33 14.95
N LYS G 216 -1.23 39.11 13.87
CA LYS G 216 -1.64 40.49 13.85
C LYS G 216 -3.04 40.68 13.28
N LEU G 217 -3.74 39.60 12.99
CA LEU G 217 -5.06 39.71 12.38
C LEU G 217 -6.08 40.22 13.39
N PRO G 218 -6.80 41.29 13.09
CA PRO G 218 -7.66 41.91 14.10
C PRO G 218 -8.93 41.11 14.34
N VAL G 219 -9.62 41.48 15.42
CA VAL G 219 -10.92 40.92 15.77
C VAL G 219 -11.98 41.85 15.22
N LEU G 220 -12.80 41.35 14.30
CA LEU G 220 -13.85 42.16 13.70
C LEU G 220 -15.11 42.06 14.55
N THR G 221 -15.36 43.09 15.36
CA THR G 221 -16.50 43.07 16.27
C THR G 221 -17.81 43.08 15.49
N LYS G 222 -18.82 42.46 16.08
CA LYS G 222 -20.11 42.34 15.42
C LYS G 222 -20.78 43.71 15.31
N SER G 223 -21.72 43.80 14.37
CA SER G 223 -22.43 45.04 14.10
C SER G 223 -23.81 44.97 14.74
N THR G 224 -24.12 45.96 15.57
CA THR G 224 -25.42 46.03 16.25
C THR G 224 -26.43 46.82 15.43
N ALA G 225 -26.56 46.48 14.16
CA ALA G 225 -27.46 47.17 13.25
C ALA G 225 -28.42 46.17 12.64
N THR G 226 -29.72 46.45 12.78
CA THR G 226 -30.75 45.57 12.23
C THR G 226 -31.80 46.42 11.55
N GLY G 227 -32.48 45.81 10.58
CA GLY G 227 -33.60 46.49 9.92
C GLY G 227 -33.21 47.74 9.15
N ILE G 228 -32.13 47.67 8.40
CA ILE G 228 -31.67 48.79 7.58
C ILE G 228 -32.08 48.51 6.14
N THR G 229 -32.65 49.52 5.49
CA THR G 229 -33.08 49.40 4.11
C THR G 229 -32.55 50.58 3.31
N VAL G 230 -32.39 50.37 2.01
CA VAL G 230 -31.96 51.45 1.14
C VAL G 230 -33.04 52.53 1.12
N SER G 231 -32.64 53.76 0.82
CA SER G 231 -33.56 54.88 0.76
C SER G 231 -33.55 55.42 -0.67
N GLY G 232 -34.46 54.91 -1.49
CA GLY G 232 -34.56 55.34 -2.87
C GLY G 232 -33.64 54.56 -3.78
N ALA G 233 -34.01 54.51 -5.05
CA ALA G 233 -33.23 53.78 -6.04
C ALA G 233 -31.98 54.59 -6.38
N GLN G 234 -30.82 53.99 -6.18
CA GLN G 234 -29.54 54.65 -6.43
C GLN G 234 -28.71 53.81 -7.38
N SER G 235 -28.10 54.45 -8.36
CA SER G 235 -27.23 53.78 -9.31
C SER G 235 -25.91 54.52 -9.38
N PHE G 236 -24.83 53.76 -9.45
CA PHE G 236 -23.48 54.31 -9.44
C PHE G 236 -22.79 54.05 -10.77
N LYS G 237 -22.11 55.06 -11.28
CA LYS G 237 -21.45 55.03 -12.56
C LYS G 237 -19.95 55.19 -12.38
N PRO G 238 -19.14 54.46 -13.13
CA PRO G 238 -17.69 54.67 -13.09
C PRO G 238 -17.33 55.96 -13.81
N VAL G 239 -16.98 56.98 -13.04
CA VAL G 239 -16.65 58.30 -13.58
C VAL G 239 -15.14 58.43 -13.61
N ALA G 240 -14.61 58.91 -14.74
CA ALA G 240 -13.18 58.97 -14.94
C ALA G 240 -12.54 60.19 -14.31
N TRP G 241 -13.24 61.32 -14.30
CA TRP G 241 -12.68 62.57 -13.79
C TRP G 241 -13.82 63.47 -13.36
N GLN G 242 -13.46 64.55 -12.67
CA GLN G 242 -14.41 65.57 -12.25
C GLN G 242 -13.67 66.89 -12.16
N LEU G 243 -14.42 67.99 -12.20
CA LEU G 243 -13.85 69.31 -12.10
C LEU G 243 -13.76 69.74 -10.64
N ASP G 244 -12.57 70.15 -10.22
CA ASP G 244 -12.40 70.65 -8.87
C ASP G 244 -12.84 72.12 -8.82
N ASN G 245 -12.64 72.76 -7.67
CA ASN G 245 -13.10 74.13 -7.51
C ASN G 245 -12.30 75.12 -8.33
N ASP G 246 -11.11 74.74 -8.80
CA ASP G 246 -10.32 75.60 -9.66
C ASP G 246 -10.67 75.46 -11.13
N GLY G 247 -11.52 74.50 -11.49
CA GLY G 247 -11.87 74.27 -12.87
C GLY G 247 -11.03 73.25 -13.60
N ASN G 248 -9.96 72.76 -12.99
CA ASN G 248 -9.12 71.76 -13.62
C ASN G 248 -9.67 70.36 -13.36
N LYS G 249 -9.51 69.49 -14.36
CA LYS G 249 -10.03 68.13 -14.24
C LYS G 249 -9.18 67.32 -13.28
N VAL G 250 -9.82 66.64 -12.34
CA VAL G 250 -9.14 65.81 -11.36
C VAL G 250 -9.78 64.42 -11.38
N ASN G 251 -8.95 63.40 -11.23
CA ASN G 251 -9.43 62.04 -11.25
C ASN G 251 -10.32 61.76 -10.04
N VAL G 252 -11.24 60.81 -10.21
CA VAL G 252 -12.16 60.40 -9.15
C VAL G 252 -11.76 59.01 -8.70
N ASP G 253 -11.62 58.84 -7.38
CA ASP G 253 -11.38 57.54 -6.80
C ASP G 253 -12.64 56.72 -6.93
N ASN G 254 -12.66 55.79 -7.89
CA ASN G 254 -13.86 55.04 -8.24
C ASN G 254 -14.04 53.80 -7.39
N ARG G 255 -13.18 53.56 -6.40
CA ARG G 255 -13.42 52.48 -5.47
C ARG G 255 -14.68 52.73 -4.66
N PHE G 256 -14.82 53.92 -4.11
CA PHE G 256 -15.73 54.16 -2.99
C PHE G 256 -17.06 54.72 -3.49
N ALA G 257 -18.16 54.22 -2.93
CA ALA G 257 -19.49 54.63 -3.32
C ALA G 257 -20.28 55.07 -2.09
N THR G 258 -20.84 56.27 -2.17
CA THR G 258 -21.64 56.83 -1.07
C THR G 258 -23.10 56.48 -1.30
N VAL G 259 -23.63 55.55 -0.52
CA VAL G 259 -25.00 55.10 -0.67
C VAL G 259 -25.83 55.59 0.51
N THR G 260 -27.02 56.08 0.22
CA THR G 260 -27.93 56.58 1.25
C THR G 260 -28.81 55.46 1.77
N LEU G 261 -28.95 55.38 3.09
CA LEU G 261 -29.77 54.36 3.71
C LEU G 261 -30.79 55.01 4.64
N SER G 262 -31.73 54.19 5.13
CA SER G 262 -32.73 54.71 6.05
C SER G 262 -32.09 55.20 7.34
N ALA G 263 -31.18 54.43 7.91
CA ALA G 263 -30.48 54.82 9.12
C ALA G 263 -29.19 54.03 9.24
N THR G 264 -28.13 54.69 9.68
CA THR G 264 -26.81 54.07 9.80
C THR G 264 -26.42 53.81 11.25
N THR G 265 -27.40 53.66 12.14
CA THR G 265 -27.09 53.37 13.53
C THR G 265 -26.49 51.98 13.66
N GLY G 266 -25.43 51.88 14.46
CA GLY G 266 -24.76 50.61 14.66
C GLY G 266 -23.80 50.20 13.58
N MET G 267 -23.52 51.07 12.61
CA MET G 267 -22.56 50.79 11.57
C MET G 267 -21.23 51.45 11.89
N LYS G 268 -20.14 50.82 11.44
CA LYS G 268 -18.81 51.32 11.70
C LYS G 268 -17.93 50.97 10.50
N ARG G 269 -16.64 51.25 10.64
CA ARG G 269 -15.71 51.05 9.54
C ARG G 269 -15.42 49.57 9.25
N GLY G 270 -15.54 48.69 10.23
CA GLY G 270 -15.27 47.31 9.91
C GLY G 270 -16.43 46.53 9.33
N ASP G 271 -17.60 47.15 9.17
CA ASP G 271 -18.82 46.41 8.94
C ASP G 271 -18.91 45.90 7.51
N LYS G 272 -19.49 44.72 7.35
CA LYS G 272 -19.70 44.11 6.05
C LYS G 272 -21.20 44.03 5.78
N ILE G 273 -21.61 44.45 4.58
CA ILE G 273 -23.01 44.44 4.19
C ILE G 273 -23.15 43.77 2.83
N SER G 274 -24.35 43.29 2.54
CA SER G 274 -24.63 42.63 1.28
C SER G 274 -26.12 42.74 0.99
N PHE G 275 -26.48 43.55 0.00
CA PHE G 275 -27.88 43.87 -0.24
C PHE G 275 -28.65 42.65 -0.71
N ALA G 276 -29.98 42.73 -0.57
CA ALA G 276 -30.82 41.54 -0.68
C ALA G 276 -30.81 40.95 -2.09
N GLY G 277 -31.23 41.74 -3.07
CA GLY G 277 -31.36 41.26 -4.43
C GLY G 277 -30.14 41.44 -5.31
N VAL G 278 -28.98 41.73 -4.71
CA VAL G 278 -27.78 42.11 -5.43
C VAL G 278 -26.80 40.95 -5.42
N LYS G 279 -26.30 40.58 -6.59
CA LYS G 279 -25.40 39.44 -6.73
C LYS G 279 -24.17 39.82 -7.53
N PHE G 280 -23.10 39.07 -7.33
CA PHE G 280 -21.86 39.30 -8.05
C PHE G 280 -22.01 38.99 -9.53
N LEU G 281 -21.03 39.47 -10.29
CA LEU G 281 -20.83 39.12 -11.68
C LEU G 281 -19.37 38.71 -11.86
N GLY G 282 -19.15 37.77 -12.77
CA GLY G 282 -17.79 37.49 -13.18
C GLY G 282 -17.21 38.75 -13.79
N GLN G 283 -16.13 39.26 -13.22
CA GLN G 283 -15.62 40.57 -13.64
C GLN G 283 -15.26 40.57 -15.12
N MET G 284 -14.72 39.46 -15.61
CA MET G 284 -14.28 39.41 -17.00
C MET G 284 -15.38 38.88 -17.91
N ALA G 285 -16.24 38.01 -17.39
CA ALA G 285 -17.23 37.34 -18.22
C ALA G 285 -18.63 37.93 -18.11
N LYS G 286 -18.93 38.64 -17.02
CA LYS G 286 -20.24 39.24 -16.78
C LYS G 286 -21.35 38.19 -16.75
N ASN G 287 -21.10 37.08 -16.05
CA ASN G 287 -22.13 36.07 -15.81
C ASN G 287 -22.47 36.05 -14.33
N VAL G 288 -23.76 36.05 -14.02
CA VAL G 288 -24.23 36.22 -12.65
C VAL G 288 -23.79 35.03 -11.81
N LEU G 289 -23.22 35.32 -10.64
CA LEU G 289 -22.82 34.29 -9.68
C LEU G 289 -23.98 34.02 -8.72
N ALA G 290 -23.86 32.92 -7.98
CA ALA G 290 -24.84 32.63 -6.96
C ALA G 290 -24.62 33.47 -5.71
N GLN G 291 -23.37 33.79 -5.41
CA GLN G 291 -23.05 34.48 -4.15
C GLN G 291 -23.51 35.92 -4.19
N ASP G 292 -24.19 36.34 -3.12
CA ASP G 292 -24.66 37.71 -2.99
C ASP G 292 -23.48 38.66 -2.93
N ALA G 293 -23.63 39.82 -3.57
CA ALA G 293 -22.55 40.80 -3.59
C ALA G 293 -22.34 41.35 -2.19
N THR G 294 -21.12 41.19 -1.69
CA THR G 294 -20.76 41.60 -0.34
C THR G 294 -19.93 42.87 -0.41
N PHE G 295 -20.30 43.84 0.40
CA PHE G 295 -19.62 45.14 0.44
C PHE G 295 -19.11 45.38 1.85
N SER G 296 -18.26 46.38 1.98
CA SER G 296 -17.73 46.79 3.27
C SER G 296 -17.87 48.28 3.43
N VAL G 297 -18.27 48.69 4.63
CA VAL G 297 -18.46 50.10 4.97
C VAL G 297 -17.09 50.66 5.33
N VAL G 298 -16.72 51.81 4.77
CA VAL G 298 -15.46 52.43 5.15
C VAL G 298 -15.68 53.65 6.04
N ARG G 299 -16.64 54.51 5.68
CA ARG G 299 -16.90 55.69 6.47
C ARG G 299 -18.41 55.89 6.61
N VAL G 300 -18.84 56.18 7.82
CA VAL G 300 -20.22 56.53 8.11
C VAL G 300 -20.27 58.06 8.11
N VAL G 301 -20.50 58.64 6.92
CA VAL G 301 -20.36 60.08 6.77
C VAL G 301 -21.49 60.82 7.45
N ASP G 302 -22.68 60.22 7.52
CA ASP G 302 -23.84 60.89 8.08
C ASP G 302 -24.69 59.84 8.80
N GLY G 303 -25.84 60.28 9.32
CA GLY G 303 -26.77 59.35 9.93
C GLY G 303 -27.58 58.53 8.96
N THR G 304 -27.63 58.95 7.69
CA THR G 304 -28.32 58.21 6.65
C THR G 304 -27.44 57.89 5.45
N HIS G 305 -26.24 58.45 5.38
CA HIS G 305 -25.34 58.24 4.25
C HIS G 305 -24.13 57.44 4.73
N VAL G 306 -23.76 56.42 3.96
CA VAL G 306 -22.61 55.59 4.28
C VAL G 306 -21.82 55.38 3.00
N GLU G 307 -20.54 55.05 3.14
CA GLU G 307 -19.66 54.87 1.99
C GLU G 307 -19.13 53.44 1.99
N ILE G 308 -19.37 52.72 0.89
CA ILE G 308 -19.08 51.30 0.80
C ILE G 308 -17.98 51.08 -0.23
N THR G 309 -17.03 50.19 0.11
CA THR G 309 -15.74 50.23 -0.57
C THR G 309 -15.69 49.64 -1.98
N PRO G 310 -16.48 48.62 -2.36
CA PRO G 310 -16.59 48.33 -3.80
C PRO G 310 -17.78 49.05 -4.41
N LYS G 311 -17.58 49.81 -5.47
CA LYS G 311 -18.68 50.59 -6.01
C LYS G 311 -19.66 49.66 -6.72
N PRO G 312 -20.93 49.65 -6.33
CA PRO G 312 -21.88 48.78 -7.00
C PRO G 312 -22.33 49.36 -8.34
N VAL G 313 -21.80 48.83 -9.43
CA VAL G 313 -22.17 49.23 -10.77
C VAL G 313 -22.82 48.04 -11.46
N ALA G 314 -24.01 48.25 -12.00
CA ALA G 314 -24.90 47.16 -12.37
C ALA G 314 -24.88 46.91 -13.86
N LEU G 315 -24.93 45.62 -14.23
CA LEU G 315 -24.95 45.25 -15.65
C LEU G 315 -26.22 45.73 -16.33
N ASP G 316 -27.36 45.63 -15.64
CA ASP G 316 -28.64 45.93 -16.27
C ASP G 316 -29.00 47.41 -16.25
N ASP G 317 -28.16 48.26 -15.67
CA ASP G 317 -28.43 49.69 -15.65
C ASP G 317 -28.36 50.25 -17.07
N VAL G 318 -29.48 50.77 -17.55
CA VAL G 318 -29.56 51.22 -18.93
C VAL G 318 -28.85 52.55 -19.14
N SER G 319 -28.59 53.30 -18.08
CA SER G 319 -27.95 54.60 -18.23
C SER G 319 -26.46 54.49 -18.52
N LEU G 320 -25.89 53.30 -18.39
CA LEU G 320 -24.45 53.13 -18.58
C LEU G 320 -24.10 52.96 -20.04
N SER G 321 -23.09 53.70 -20.49
CA SER G 321 -22.53 53.49 -21.81
C SER G 321 -21.73 52.18 -21.83
N PRO G 322 -21.53 51.60 -23.02
CA PRO G 322 -20.81 50.32 -23.06
C PRO G 322 -19.43 50.38 -22.43
N GLU G 323 -18.71 51.49 -22.61
CA GLU G 323 -17.42 51.65 -21.94
C GLU G 323 -17.59 51.71 -20.43
N GLN G 324 -18.63 52.40 -19.96
CA GLN G 324 -18.93 52.39 -18.53
C GLN G 324 -19.40 51.03 -18.07
N ARG G 325 -20.20 50.35 -18.88
CA ARG G 325 -20.74 49.06 -18.49
C ARG G 325 -19.67 47.98 -18.44
N ALA G 326 -18.55 48.16 -19.15
CA ALA G 326 -17.48 47.16 -19.08
C ALA G 326 -16.99 46.98 -17.65
N TYR G 327 -17.05 48.03 -16.83
CA TYR G 327 -16.84 47.92 -15.39
C TYR G 327 -18.18 47.61 -14.75
N ALA G 328 -18.45 46.34 -14.48
CA ALA G 328 -19.72 45.94 -13.89
C ALA G 328 -19.50 44.71 -13.03
N ASN G 329 -19.91 44.79 -11.77
CA ASN G 329 -19.69 43.72 -10.81
C ASN G 329 -20.92 43.44 -9.96
N VAL G 330 -22.10 43.81 -10.42
CA VAL G 330 -23.34 43.72 -9.66
C VAL G 330 -24.45 43.22 -10.56
N ASN G 331 -25.33 42.37 -10.02
CA ASN G 331 -26.46 41.87 -10.76
C ASN G 331 -27.39 42.99 -11.20
N THR G 332 -27.80 43.83 -10.25
CA THR G 332 -28.73 44.91 -10.54
C THR G 332 -28.50 46.07 -9.59
N SER G 333 -28.92 47.25 -10.01
CA SER G 333 -28.73 48.44 -9.21
C SER G 333 -29.62 48.40 -7.97
N LEU G 334 -29.27 49.23 -6.99
CA LEU G 334 -29.97 49.26 -5.71
C LEU G 334 -31.38 49.84 -5.89
N ALA G 335 -32.36 49.14 -5.35
CA ALA G 335 -33.76 49.49 -5.52
C ALA G 335 -34.21 50.40 -4.38
N ASP G 336 -35.52 50.56 -4.21
CA ASP G 336 -36.02 51.55 -3.26
C ASP G 336 -35.77 51.12 -1.82
N ALA G 337 -36.10 49.88 -1.47
CA ALA G 337 -36.12 49.48 -0.07
C ALA G 337 -35.66 48.04 0.13
N MET G 338 -34.65 47.61 -0.61
CA MET G 338 -34.15 46.28 -0.32
C MET G 338 -33.32 46.31 0.96
N ALA G 339 -33.29 45.16 1.63
CA ALA G 339 -32.62 45.03 2.91
C ALA G 339 -31.10 45.09 2.76
N VAL G 340 -30.42 45.24 3.89
CA VAL G 340 -28.98 45.44 3.88
C VAL G 340 -28.23 44.16 4.25
N ASN G 341 -28.76 43.36 5.17
CA ASN G 341 -28.22 42.02 5.47
C ASN G 341 -26.78 42.12 5.98
N ILE G 342 -26.65 42.72 7.16
CA ILE G 342 -25.35 42.74 7.84
C ILE G 342 -24.80 41.34 7.95
N LEU G 343 -23.50 41.19 7.65
CA LEU G 343 -22.87 39.87 7.57
C LEU G 343 -22.09 39.48 8.82
N ASN G 344 -21.37 40.42 9.44
CA ASN G 344 -20.63 40.09 10.67
C ASN G 344 -21.59 40.17 11.85
N VAL G 345 -22.33 39.08 12.05
CA VAL G 345 -23.33 39.05 13.11
C VAL G 345 -22.70 38.75 14.46
N LYS G 346 -21.54 38.10 14.49
CA LYS G 346 -20.89 37.69 15.73
C LYS G 346 -19.42 38.08 15.68
N ASP G 347 -18.86 38.40 16.85
CA ASP G 347 -17.44 38.73 16.93
C ASP G 347 -16.59 37.53 16.56
N ALA G 348 -15.59 37.77 15.73
CA ALA G 348 -14.70 36.70 15.30
C ALA G 348 -13.40 37.30 14.81
N ARG G 349 -12.32 36.53 14.97
CA ARG G 349 -11.02 36.97 14.47
C ARG G 349 -10.97 36.77 12.96
N THR G 350 -10.55 37.81 12.25
CA THR G 350 -10.58 37.79 10.80
C THR G 350 -9.53 36.84 10.24
N ASN G 351 -9.86 36.24 9.10
CA ASN G 351 -8.92 35.48 8.28
C ASN G 351 -8.92 36.15 6.92
N VAL G 352 -7.92 36.98 6.65
CA VAL G 352 -7.92 37.80 5.45
C VAL G 352 -7.21 37.06 4.32
N PHE G 353 -7.62 37.36 3.10
CA PHE G 353 -7.02 36.82 1.90
C PHE G 353 -7.23 37.83 0.78
N TRP G 354 -6.27 37.91 -0.13
CA TRP G 354 -6.41 38.86 -1.23
C TRP G 354 -5.63 38.38 -2.44
N ALA G 355 -6.16 38.68 -3.62
CA ALA G 355 -5.43 38.41 -4.84
C ALA G 355 -4.23 39.35 -4.94
N ASP G 356 -3.25 38.96 -5.74
CA ASP G 356 -2.03 39.73 -5.82
C ASP G 356 -2.31 41.10 -6.45
N ASP G 357 -1.56 42.11 -6.00
CA ASP G 357 -1.71 43.50 -6.39
C ASP G 357 -2.99 44.15 -5.88
N ALA G 358 -3.68 43.51 -4.93
CA ALA G 358 -4.81 44.17 -4.30
C ALA G 358 -4.36 45.25 -3.32
N ILE G 359 -3.29 44.97 -2.58
CA ILE G 359 -2.73 45.91 -1.62
C ILE G 359 -1.35 46.34 -2.10
N ARG G 360 -1.11 47.64 -2.10
CA ARG G 360 0.17 48.19 -2.50
C ARG G 360 0.76 49.01 -1.36
N ILE G 361 2.07 48.88 -1.18
CA ILE G 361 2.80 49.67 -0.20
C ILE G 361 3.68 50.66 -0.97
N VAL G 362 3.47 51.94 -0.71
CA VAL G 362 4.20 53.01 -1.38
C VAL G 362 5.05 53.72 -0.34
N SER G 363 6.32 53.91 -0.65
CA SER G 363 7.23 54.56 0.29
C SER G 363 8.20 55.46 -0.47
N GLN G 364 8.62 56.52 0.21
CA GLN G 364 9.58 57.48 -0.32
C GLN G 364 10.68 57.68 0.69
N PRO G 365 11.90 57.98 0.24
CA PRO G 365 12.95 58.33 1.20
C PRO G 365 12.57 59.55 2.00
N ILE G 366 12.84 59.50 3.30
CA ILE G 366 12.44 60.63 4.15
C ILE G 366 13.34 61.81 3.84
N PRO G 367 12.79 62.98 3.52
CA PRO G 367 13.65 64.14 3.24
C PRO G 367 14.48 64.50 4.46
N ALA G 368 15.76 64.79 4.23
CA ALA G 368 16.67 65.11 5.31
C ALA G 368 17.86 65.89 4.77
N ASN G 369 18.57 66.54 5.68
CA ASN G 369 19.80 67.26 5.37
C ASN G 369 20.87 66.74 6.33
N HIS G 370 21.59 65.70 5.91
CA HIS G 370 22.61 65.10 6.75
C HIS G 370 23.84 66.00 6.82
N GLU G 371 24.52 65.93 7.98
CA GLU G 371 25.72 66.70 8.30
C GLU G 371 25.48 68.20 8.31
N LEU G 372 24.25 68.67 8.09
CA LEU G 372 23.99 70.09 8.14
C LEU G 372 23.90 70.63 9.55
N PHE G 373 23.40 69.84 10.49
CA PHE G 373 23.30 70.24 11.89
C PHE G 373 24.18 69.31 12.73
N ALA G 374 25.00 69.90 13.60
CA ALA G 374 26.00 69.12 14.32
C ALA G 374 25.37 68.31 15.44
N GLY G 375 24.33 68.83 16.09
CA GLY G 375 23.76 68.15 17.23
C GLY G 375 23.15 66.81 16.88
N MET G 376 22.42 66.76 15.77
CA MET G 376 21.67 65.58 15.36
C MET G 376 22.40 64.88 14.24
N LYS G 377 22.59 63.57 14.38
CA LYS G 377 23.23 62.74 13.35
C LYS G 377 22.18 61.82 12.76
N THR G 378 21.94 61.95 11.45
CA THR G 378 20.91 61.18 10.77
C THR G 378 21.55 60.31 9.69
N THR G 379 20.95 59.15 9.46
CA THR G 379 21.40 58.23 8.43
C THR G 379 20.21 57.59 7.76
N SER G 380 20.06 57.82 6.46
CA SER G 380 18.95 57.28 5.70
C SER G 380 19.23 55.84 5.32
N PHE G 381 18.20 55.01 5.37
CA PHE G 381 18.34 53.61 5.01
C PHE G 381 17.05 53.12 4.37
N SER G 382 17.15 52.00 3.67
CA SER G 382 16.01 51.41 2.98
C SER G 382 15.94 49.92 3.29
N ILE G 383 14.72 49.39 3.29
CA ILE G 383 14.51 47.95 3.46
C ILE G 383 13.98 47.39 2.15
N PRO G 384 14.83 46.89 1.27
CA PRO G 384 14.35 46.47 -0.06
C PRO G 384 13.36 45.32 -0.03
N ASP G 385 13.50 44.40 0.92
CA ASP G 385 12.60 43.26 0.96
C ASP G 385 11.16 43.68 1.24
N VAL G 386 10.97 44.59 2.19
CA VAL G 386 9.63 45.08 2.48
C VAL G 386 9.24 46.25 1.57
N GLY G 387 10.22 47.02 1.11
CA GLY G 387 9.93 48.18 0.30
C GLY G 387 9.66 49.44 1.08
N LEU G 388 10.21 49.58 2.28
CA LEU G 388 10.04 50.76 3.11
C LEU G 388 11.32 51.56 3.14
N ASN G 389 11.18 52.88 3.08
CA ASN G 389 12.28 53.81 3.24
C ASN G 389 12.18 54.46 4.62
N GLY G 390 13.27 54.44 5.36
CA GLY G 390 13.29 54.98 6.70
C GLY G 390 14.43 55.96 6.91
N ILE G 391 14.64 56.31 8.18
CA ILE G 391 15.74 57.17 8.59
C ILE G 391 16.14 56.78 10.00
N PHE G 392 17.43 56.90 10.31
CA PHE G 392 17.97 56.57 11.62
C PHE G 392 18.66 57.80 12.18
N ALA G 393 18.24 58.25 13.36
CA ALA G 393 18.76 59.47 13.95
C ALA G 393 19.23 59.21 15.37
N THR G 394 20.21 59.99 15.81
CA THR G 394 20.78 59.84 17.14
C THR G 394 21.22 61.20 17.65
N GLN G 395 20.74 61.57 18.83
CA GLN G 395 21.07 62.85 19.44
C GLN G 395 21.34 62.62 20.92
N GLY G 396 22.13 63.52 21.51
CA GLY G 396 22.44 63.45 22.92
C GLY G 396 21.56 64.42 23.70
N ASP G 397 20.87 63.90 24.71
CA ASP G 397 19.99 64.70 25.56
C ASP G 397 20.60 64.75 26.95
N ILE G 398 20.81 65.97 27.46
CA ILE G 398 21.37 66.12 28.80
C ILE G 398 20.32 65.90 29.88
N SER G 399 19.04 66.09 29.56
CA SER G 399 17.99 65.90 30.55
C SER G 399 17.94 64.46 31.03
N THR G 400 18.00 63.51 30.10
CA THR G 400 18.05 62.10 30.45
C THR G 400 19.47 61.60 30.67
N LEU G 401 20.47 62.46 30.48
CA LEU G 401 21.88 62.11 30.67
C LEU G 401 22.26 60.88 29.86
N SER G 402 21.73 60.80 28.64
CA SER G 402 21.99 59.69 27.74
C SER G 402 21.76 60.19 26.32
N GLY G 403 21.70 59.27 25.38
CA GLY G 403 21.51 59.59 23.97
C GLY G 403 20.14 59.12 23.50
N LEU G 404 19.48 59.95 22.71
CA LEU G 404 18.20 59.61 22.12
C LEU G 404 18.42 58.96 20.77
N CYS G 405 17.60 57.96 20.46
CA CYS G 405 17.65 57.27 19.17
C CYS G 405 16.26 57.29 18.57
N ARG G 406 16.17 57.53 17.26
CA ARG G 406 14.91 57.58 16.55
C ARG G 406 15.01 56.81 15.25
N ILE G 407 14.06 55.91 15.01
CA ILE G 407 13.94 55.19 13.76
C ILE G 407 12.56 55.48 13.21
N ALA G 408 12.51 56.18 12.07
CA ALA G 408 11.25 56.56 11.45
C ALA G 408 11.13 55.88 10.10
N LEU G 409 10.03 55.17 9.88
CA LEU G 409 9.74 54.51 8.62
C LEU G 409 8.59 55.21 7.94
N TRP G 410 8.77 55.60 6.68
CA TRP G 410 7.76 56.31 5.93
C TRP G 410 7.19 55.38 4.87
N TYR G 411 5.89 55.14 4.93
CA TYR G 411 5.22 54.26 3.99
C TYR G 411 3.74 54.57 4.01
N GLY G 412 3.03 54.01 3.04
CA GLY G 412 1.59 54.13 3.04
C GLY G 412 0.96 52.91 2.41
N VAL G 413 0.07 52.25 3.14
CA VAL G 413 -0.58 51.03 2.67
C VAL G 413 -1.88 51.42 2.00
N ASN G 414 -2.08 50.95 0.78
CA ASN G 414 -3.24 51.30 -0.02
C ASN G 414 -3.95 50.04 -0.47
N ALA G 415 -5.26 49.97 -0.24
CA ALA G 415 -6.08 48.88 -0.73
C ALA G 415 -6.47 49.22 -2.15
N THR G 416 -5.60 48.87 -3.10
CA THR G 416 -5.81 49.28 -4.49
C THR G 416 -7.08 48.67 -5.07
N ARG G 417 -7.33 47.39 -4.80
CA ARG G 417 -8.51 46.69 -5.30
C ARG G 417 -9.24 46.11 -4.11
N PRO G 418 -10.14 46.88 -3.49
CA PRO G 418 -10.93 46.34 -2.39
C PRO G 418 -11.80 45.17 -2.79
N GLU G 419 -12.22 45.09 -4.05
CA GLU G 419 -13.01 43.94 -4.47
C GLU G 419 -12.18 42.66 -4.46
N ALA G 420 -10.86 42.78 -4.56
CA ALA G 420 -9.98 41.63 -4.57
C ALA G 420 -9.48 41.23 -3.19
N ILE G 421 -9.77 42.01 -2.16
CA ILE G 421 -9.38 41.70 -0.80
C ILE G 421 -10.57 41.06 -0.10
N GLY G 422 -10.33 39.95 0.57
CA GLY G 422 -11.39 39.19 1.22
C GLY G 422 -11.12 39.05 2.70
N VAL G 423 -12.19 38.79 3.46
CA VAL G 423 -12.11 38.53 4.88
C VAL G 423 -12.96 37.30 5.20
N GLY G 424 -12.41 36.40 5.99
CA GLY G 424 -13.10 35.16 6.32
C GLY G 424 -13.57 35.13 7.76
N LEU G 425 -14.88 35.16 7.97
CA LEU G 425 -15.45 35.23 9.30
C LEU G 425 -16.17 33.92 9.63
N PRO G 426 -15.59 33.06 10.45
CA PRO G 426 -16.29 31.83 10.85
C PRO G 426 -17.16 32.04 12.07
N GLY G 427 -18.06 31.09 12.28
CA GLY G 427 -18.92 31.12 13.45
C GLY G 427 -19.94 32.23 13.46
N GLN G 428 -20.33 32.73 12.29
CA GLN G 428 -21.31 33.82 12.20
C GLN G 428 -22.71 33.22 12.31
N THR G 429 -23.07 32.83 13.52
CA THR G 429 -24.38 32.25 13.78
C THR G 429 -25.27 33.09 14.68
N ALA G 430 -24.70 34.01 15.45
CA ALA G 430 -25.48 34.84 16.37
C ALA G 430 -26.40 35.78 15.59
N ALA H 271 50.65 2.37 20.31
CA ALA H 271 49.71 2.96 19.39
C ALA H 271 49.50 4.44 19.68
N ASN H 272 48.75 5.11 18.82
CA ASN H 272 48.46 6.53 19.03
C ASN H 272 47.67 6.74 20.32
N LYS H 273 46.67 5.90 20.57
CA LYS H 273 45.82 6.07 21.74
C LYS H 273 46.62 5.90 23.03
N ASP H 274 47.58 4.96 23.03
CA ASP H 274 48.46 4.81 24.19
C ASP H 274 49.26 6.08 24.44
N ALA H 275 49.78 6.69 23.37
CA ALA H 275 50.52 7.93 23.52
C ALA H 275 49.62 9.03 24.08
N ILE H 276 48.42 9.19 23.53
CA ILE H 276 47.49 10.22 24.01
C ILE H 276 47.18 10.01 25.48
N ARG H 277 46.97 8.75 25.88
CA ARG H 277 46.80 8.45 27.30
C ARG H 277 48.02 8.87 28.09
N LYS H 278 49.22 8.69 27.51
CA LYS H 278 50.43 9.08 28.21
C LYS H 278 50.45 10.58 28.50
N GLN H 279 50.19 11.42 27.49
CA GLN H 279 50.29 12.85 27.79
C GLN H 279 49.09 13.35 28.59
N MET H 280 47.93 12.70 28.49
CA MET H 280 46.83 13.14 29.37
C MET H 280 47.13 12.77 30.81
N ASP H 281 47.76 11.61 31.03
CA ASP H 281 48.18 11.25 32.39
C ASP H 281 49.23 12.23 32.90
N ALA H 282 50.16 12.64 32.04
CA ALA H 282 51.15 13.64 32.44
C ALA H 282 50.49 14.96 32.81
N ALA H 283 49.51 15.40 32.00
CA ALA H 283 48.80 16.64 32.30
C ALA H 283 48.02 16.55 33.60
N ALA H 284 47.40 15.39 33.85
CA ALA H 284 46.68 15.19 35.10
C ALA H 284 47.65 15.24 36.28
N SER H 285 48.82 14.64 36.13
CA SER H 285 49.83 14.71 37.19
C SER H 285 50.28 16.14 37.42
N LYS H 286 50.40 16.94 36.36
CA LYS H 286 50.70 18.36 36.53
C LYS H 286 49.56 19.09 37.23
N GLY H 287 48.32 18.67 36.98
CA GLY H 287 47.16 19.30 37.57
C GLY H 287 46.38 20.21 36.65
N ASP H 288 46.68 20.23 35.36
CA ASP H 288 45.96 21.07 34.40
C ASP H 288 44.71 20.33 33.97
N VAL H 289 43.55 20.81 34.44
CA VAL H 289 42.30 20.14 34.12
C VAL H 289 41.93 20.34 32.65
N GLU H 290 42.10 21.57 32.15
CA GLU H 290 41.65 21.88 30.80
C GLU H 290 42.41 21.07 29.75
N THR H 291 43.72 20.97 29.91
CA THR H 291 44.51 20.17 28.98
C THR H 291 44.14 18.70 29.07
N TYR H 292 43.91 18.20 30.28
CA TYR H 292 43.48 16.80 30.43
C TYR H 292 42.16 16.55 29.71
N ARG H 293 41.20 17.46 29.87
CA ARG H 293 39.91 17.31 29.19
C ARG H 293 40.08 17.39 27.68
N LYS H 294 40.92 18.31 27.19
CA LYS H 294 41.13 18.44 25.75
C LYS H 294 41.74 17.16 25.17
N LEU H 295 42.75 16.61 25.85
CA LEU H 295 43.36 15.39 25.36
C LEU H 295 42.42 14.19 25.49
N LYS H 296 41.57 14.16 26.51
CA LYS H 296 40.58 13.09 26.60
C LYS H 296 39.58 13.18 25.45
N ALA H 297 39.15 14.39 25.12
CA ALA H 297 38.25 14.58 23.98
C ALA H 297 38.92 14.17 22.67
N LYS H 298 40.21 14.48 22.53
CA LYS H 298 40.96 14.03 21.37
C LYS H 298 41.01 12.51 21.30
N LEU H 299 41.19 11.86 22.46
CA LEU H 299 41.22 10.40 22.50
C LEU H 299 39.87 9.83 22.08
N LYS H 300 38.77 10.45 22.51
CA LYS H 300 37.44 9.99 22.16
C LYS H 300 37.15 10.24 20.68
N ALA I 271 41.19 -11.91 1.12
CA ALA I 271 40.33 -10.88 1.70
C ALA I 271 40.63 -10.69 3.18
N ASN I 272 40.13 -9.60 3.74
CA ASN I 272 40.34 -9.34 5.16
C ASN I 272 39.63 -10.38 6.02
N LYS I 273 38.42 -10.78 5.62
CA LYS I 273 37.67 -11.76 6.41
C LYS I 273 38.42 -13.09 6.47
N ASP I 274 38.97 -13.53 5.34
CA ASP I 274 39.71 -14.79 5.33
C ASP I 274 40.94 -14.72 6.23
N ALA I 275 41.68 -13.62 6.18
CA ALA I 275 42.86 -13.47 7.01
C ALA I 275 42.49 -13.46 8.49
N ILE I 276 41.43 -12.74 8.85
CA ILE I 276 41.00 -12.70 10.24
C ILE I 276 40.54 -14.07 10.71
N ARG I 277 39.80 -14.80 9.87
CA ARG I 277 39.37 -16.14 10.26
C ARG I 277 40.56 -17.09 10.41
N LYS I 278 41.56 -16.96 9.53
CA LYS I 278 42.76 -17.77 9.66
C LYS I 278 43.49 -17.46 10.96
N GLN I 279 43.57 -16.18 11.32
CA GLN I 279 44.21 -15.81 12.58
C GLN I 279 43.42 -16.33 13.77
N MET I 280 42.09 -16.29 13.69
CA MET I 280 41.27 -16.87 14.76
C MET I 280 41.54 -18.36 14.91
N ASP I 281 41.60 -19.07 13.78
CA ASP I 281 41.85 -20.51 13.84
C ASP I 281 43.22 -20.81 14.43
N ALA I 282 44.24 -20.04 14.03
CA ALA I 282 45.57 -20.25 14.57
C ALA I 282 45.62 -19.97 16.07
N ALA I 283 44.96 -18.89 16.50
CA ALA I 283 44.94 -18.57 17.93
C ALA I 283 44.19 -19.63 18.72
N ALA I 284 43.08 -20.12 18.19
CA ALA I 284 42.33 -21.17 18.87
C ALA I 284 43.15 -22.44 18.97
N SER I 285 43.84 -22.83 17.88
CA SER I 285 44.68 -24.01 17.93
C SER I 285 45.81 -23.84 18.93
N LYS I 286 46.40 -22.65 19.01
CA LYS I 286 47.45 -22.40 19.99
C LYS I 286 46.91 -22.50 21.41
N GLY I 287 45.72 -21.97 21.65
CA GLY I 287 45.14 -21.97 22.98
C GLY I 287 44.99 -20.60 23.61
N ASP I 288 45.29 -19.53 22.87
CA ASP I 288 45.20 -18.17 23.41
C ASP I 288 43.75 -17.71 23.31
N VAL I 289 43.06 -17.67 24.45
CA VAL I 289 41.66 -17.27 24.46
C VAL I 289 41.52 -15.78 24.18
N GLU I 290 42.38 -14.96 24.78
CA GLU I 290 42.26 -13.52 24.65
C GLU I 290 42.42 -13.08 23.20
N THR I 291 43.42 -13.62 22.51
CA THR I 291 43.63 -13.28 21.11
C THR I 291 42.45 -13.73 20.26
N TYR I 292 41.91 -14.92 20.55
CA TYR I 292 40.75 -15.41 19.81
C TYR I 292 39.57 -14.49 19.99
N ARG I 293 39.32 -14.02 21.22
CA ARG I 293 38.18 -13.16 21.47
C ARG I 293 38.37 -11.80 20.81
N LYS I 294 39.59 -11.25 20.86
CA LYS I 294 39.85 -9.97 20.20
C LYS I 294 39.66 -10.09 18.69
N LEU I 295 40.15 -11.17 18.08
CA LEU I 295 39.99 -11.35 16.65
C LEU I 295 38.53 -11.58 16.28
N LYS I 296 37.78 -12.26 17.14
CA LYS I 296 36.35 -12.44 16.90
C LYS I 296 35.62 -11.11 16.96
N ALA I 297 36.00 -10.25 17.91
CA ALA I 297 35.40 -8.92 17.98
C ALA I 297 35.74 -8.10 16.74
N LYS I 298 36.99 -8.19 16.26
CA LYS I 298 37.38 -7.48 15.05
C LYS I 298 36.59 -7.99 13.85
N LEU I 299 36.39 -9.30 13.75
CA LEU I 299 35.65 -9.87 12.62
C LEU I 299 34.20 -9.40 12.61
N LYS I 300 33.57 -9.33 13.78
CA LYS I 300 32.20 -8.86 13.87
C LYS I 300 32.12 -7.34 13.89
N ALA J 271 24.76 -7.35 -23.84
CA ALA J 271 26.10 -7.24 -23.27
C ALA J 271 26.64 -8.61 -22.90
N ASN J 272 27.30 -8.70 -21.74
CA ASN J 272 27.84 -9.97 -21.29
C ASN J 272 26.74 -10.95 -20.88
N LYS J 273 25.52 -10.46 -20.70
CA LYS J 273 24.41 -11.35 -20.34
C LYS J 273 24.15 -12.37 -21.44
N ASP J 274 24.22 -11.95 -22.70
CA ASP J 274 24.03 -12.87 -23.81
C ASP J 274 25.17 -13.88 -23.94
N ALA J 275 26.37 -13.53 -23.53
CA ALA J 275 27.48 -14.49 -23.53
C ALA J 275 27.36 -15.49 -22.39
N ILE J 276 27.00 -15.03 -21.20
CA ILE J 276 26.78 -15.97 -20.10
C ILE J 276 25.55 -16.83 -20.36
N ARG J 277 24.60 -16.35 -21.16
CA ARG J 277 23.47 -17.21 -21.54
C ARG J 277 23.93 -18.33 -22.47
N LYS J 278 24.83 -18.03 -23.40
CA LYS J 278 25.42 -19.07 -24.22
C LYS J 278 26.23 -20.06 -23.38
N GLN J 279 26.96 -19.57 -22.39
CA GLN J 279 27.66 -20.47 -21.48
C GLN J 279 26.68 -21.35 -20.70
N MET J 280 25.56 -20.78 -20.26
CA MET J 280 24.52 -21.55 -19.58
C MET J 280 23.98 -22.65 -20.50
N ASP J 281 23.71 -22.31 -21.75
CA ASP J 281 23.19 -23.30 -22.69
C ASP J 281 24.20 -24.41 -22.94
N ALA J 282 25.49 -24.04 -23.08
CA ALA J 282 26.52 -25.05 -23.26
C ALA J 282 26.61 -25.97 -22.04
N ALA J 283 26.57 -25.40 -20.84
CA ALA J 283 26.61 -26.21 -19.63
C ALA J 283 25.41 -27.13 -19.52
N ALA J 284 24.21 -26.62 -19.87
CA ALA J 284 23.02 -27.44 -19.83
C ALA J 284 23.10 -28.59 -20.82
N SER J 285 23.57 -28.31 -22.04
CA SER J 285 23.70 -29.36 -23.04
C SER J 285 24.72 -30.40 -22.62
N LYS J 286 25.81 -29.97 -21.97
CA LYS J 286 26.79 -30.92 -21.47
C LYS J 286 26.18 -31.82 -20.40
N GLY J 287 25.38 -31.26 -19.51
CA GLY J 287 24.77 -32.00 -18.44
C GLY J 287 25.24 -31.66 -17.04
N ASP J 288 25.93 -30.54 -16.86
CA ASP J 288 26.46 -30.14 -15.55
C ASP J 288 25.45 -29.19 -14.90
N VAL J 289 24.74 -29.69 -13.91
CA VAL J 289 23.72 -28.87 -13.23
C VAL J 289 24.38 -27.79 -12.39
N GLU J 290 25.49 -28.11 -11.72
CA GLU J 290 26.09 -27.16 -10.79
C GLU J 290 26.59 -25.92 -11.52
N THR J 291 27.31 -26.10 -12.64
CA THR J 291 27.78 -24.97 -13.40
C THR J 291 26.63 -24.17 -14.00
N TYR J 292 25.59 -24.85 -14.46
CA TYR J 292 24.41 -24.16 -14.98
C TYR J 292 23.78 -23.28 -13.91
N ARG J 293 23.64 -23.81 -12.69
CA ARG J 293 23.04 -23.03 -11.62
C ARG J 293 23.93 -21.86 -11.20
N LYS J 294 25.24 -22.08 -11.14
CA LYS J 294 26.15 -20.97 -10.81
C LYS J 294 26.05 -19.86 -11.85
N LEU J 295 26.03 -20.24 -13.13
CA LEU J 295 25.96 -19.24 -14.18
C LEU J 295 24.60 -18.55 -14.20
N LYS J 296 23.54 -19.27 -13.84
CA LYS J 296 22.23 -18.64 -13.74
C LYS J 296 22.17 -17.64 -12.61
N ALA J 297 22.79 -17.97 -11.47
CA ALA J 297 22.90 -17.02 -10.37
C ALA J 297 23.72 -15.81 -10.79
N LYS J 298 24.79 -16.03 -11.55
CA LYS J 298 25.59 -14.92 -12.05
C LYS J 298 24.78 -14.02 -12.98
N LEU J 299 23.94 -14.61 -13.83
CA LEU J 299 23.16 -13.82 -14.77
C LEU J 299 22.17 -12.91 -14.05
N LYS J 300 21.53 -13.41 -13.01
CA LYS J 300 20.51 -12.65 -12.30
C LYS J 300 21.15 -11.58 -11.40
N ALA K 271 28.34 34.22 -18.38
CA ALA K 271 27.33 33.20 -18.09
C ALA K 271 26.57 32.83 -19.36
N ASN K 272 26.24 31.55 -19.49
CA ASN K 272 25.48 31.09 -20.65
C ASN K 272 24.09 31.73 -20.69
N LYS K 273 23.42 31.81 -19.53
CA LYS K 273 22.10 32.41 -19.49
C LYS K 273 22.15 33.89 -19.83
N ASP K 274 23.21 34.58 -19.42
CA ASP K 274 23.36 35.98 -19.79
C ASP K 274 23.51 36.15 -21.29
N ALA K 275 24.27 35.25 -21.94
CA ALA K 275 24.38 35.30 -23.39
C ALA K 275 23.03 35.00 -24.05
N ILE K 276 22.28 34.06 -23.48
CA ILE K 276 20.94 33.77 -24.00
C ILE K 276 20.06 35.01 -23.91
N ARG K 277 20.11 35.72 -22.78
CA ARG K 277 19.29 36.92 -22.62
C ARG K 277 19.75 38.03 -23.56
N LYS K 278 21.05 38.14 -23.79
CA LYS K 278 21.54 39.12 -24.76
C LYS K 278 21.04 38.81 -26.16
N GLN K 279 21.04 37.53 -26.54
CA GLN K 279 20.49 37.15 -27.84
C GLN K 279 18.99 37.41 -27.89
N MET K 280 18.29 37.20 -26.77
CA MET K 280 16.87 37.55 -26.70
C MET K 280 16.65 39.03 -26.96
N ASP K 281 17.45 39.88 -26.32
CA ASP K 281 17.32 41.32 -26.52
C ASP K 281 17.63 41.72 -27.96
N ALA K 282 18.65 41.11 -28.56
CA ALA K 282 18.98 41.41 -29.95
C ALA K 282 17.85 40.99 -30.88
N ALA K 283 17.28 39.80 -30.65
CA ALA K 283 16.18 39.34 -31.49
C ALA K 283 14.94 40.21 -31.32
N ALA K 284 14.65 40.60 -30.08
CA ALA K 284 13.50 41.47 -29.84
C ALA K 284 13.68 42.82 -30.52
N SER K 285 14.88 43.40 -30.42
CA SER K 285 15.14 44.66 -31.10
C SER K 285 15.02 44.50 -32.61
N LYS K 286 15.47 43.36 -33.15
CA LYS K 286 15.30 43.08 -34.56
C LYS K 286 13.83 42.93 -34.93
N GLY K 287 13.05 42.30 -34.06
CA GLY K 287 11.64 42.08 -34.32
C GLY K 287 11.26 40.68 -34.72
N ASP K 288 12.19 39.73 -34.64
CA ASP K 288 11.92 38.34 -35.03
C ASP K 288 11.29 37.63 -33.85
N VAL K 289 10.01 37.29 -33.99
CA VAL K 289 9.29 36.66 -32.89
C VAL K 289 9.76 35.24 -32.65
N GLU K 290 9.97 34.48 -33.73
CA GLU K 290 10.27 33.06 -33.59
C GLU K 290 11.59 32.83 -32.86
N THR K 291 12.64 33.57 -33.24
CA THR K 291 13.91 33.44 -32.56
C THR K 291 13.82 33.87 -31.11
N TYR K 292 13.06 34.93 -30.83
CA TYR K 292 12.88 35.37 -29.45
C TYR K 292 12.20 34.28 -28.62
N ARG K 293 11.17 33.64 -29.17
CA ARG K 293 10.49 32.57 -28.45
C ARG K 293 11.41 31.37 -28.23
N LYS K 294 12.19 31.02 -29.25
CA LYS K 294 13.12 29.90 -29.10
C LYS K 294 14.17 30.20 -28.02
N LEU K 295 14.71 31.41 -28.00
CA LEU K 295 15.68 31.77 -26.98
C LEU K 295 15.05 31.84 -25.59
N LYS K 296 13.79 32.29 -25.52
CA LYS K 296 13.09 32.28 -24.24
C LYS K 296 12.90 30.87 -23.72
N ALA K 297 12.55 29.93 -24.61
CA ALA K 297 12.44 28.53 -24.21
C ALA K 297 13.78 27.98 -23.77
N LYS K 298 14.86 28.32 -24.48
CA LYS K 298 16.19 27.87 -24.10
C LYS K 298 16.59 28.40 -22.72
N LEU K 299 16.25 29.66 -22.43
CA LEU K 299 16.59 30.24 -21.14
C LEU K 299 15.91 29.51 -19.99
N LYS K 300 14.64 29.15 -20.17
CA LYS K 300 13.89 28.46 -19.12
C LYS K 300 13.78 26.97 -19.42
N ALA L 271 21.64 16.97 -35.33
CA ALA L 271 22.88 16.22 -35.52
C ALA L 271 22.59 14.72 -35.55
N ASN L 272 22.79 14.07 -34.40
CA ASN L 272 22.51 12.63 -34.32
C ASN L 272 21.04 12.35 -34.55
N LYS L 273 20.16 13.18 -33.99
CA LYS L 273 18.73 13.01 -34.22
C LYS L 273 18.37 13.14 -35.68
N ASP L 274 18.99 14.10 -36.38
CA ASP L 274 18.73 14.27 -37.80
C ASP L 274 19.20 13.06 -38.60
N ALA L 275 20.36 12.51 -38.27
CA ALA L 275 20.85 11.33 -38.97
C ALA L 275 19.94 10.13 -38.74
N ILE L 276 19.49 9.95 -37.50
CA ILE L 276 18.57 8.84 -37.20
C ILE L 276 17.26 9.04 -37.94
N ARG L 277 16.77 10.29 -38.02
CA ARG L 277 15.54 10.57 -38.74
C ARG L 277 15.68 10.26 -40.22
N LYS L 278 16.81 10.64 -40.83
CA LYS L 278 17.04 10.31 -42.23
C LYS L 278 17.08 8.80 -42.44
N GLN L 279 17.76 8.08 -41.53
CA GLN L 279 17.85 6.63 -41.67
C GLN L 279 16.49 5.96 -41.54
N MET L 280 15.67 6.41 -40.57
CA MET L 280 14.36 5.78 -40.41
C MET L 280 13.44 6.14 -41.56
N ASP L 281 13.56 7.35 -42.11
CA ASP L 281 12.80 7.69 -43.29
C ASP L 281 13.19 6.82 -44.48
N ALA L 282 14.48 6.56 -44.66
CA ALA L 282 14.91 5.65 -45.72
C ALA L 282 14.39 4.24 -45.49
N ALA L 283 14.41 3.78 -44.24
CA ALA L 283 13.89 2.44 -43.94
C ALA L 283 12.40 2.34 -44.21
N ALA L 284 11.64 3.36 -43.83
CA ALA L 284 10.21 3.37 -44.10
C ALA L 284 9.93 3.41 -45.60
N SER L 285 10.70 4.22 -46.33
CA SER L 285 10.55 4.26 -47.78
C SER L 285 10.85 2.89 -48.40
N LYS L 286 11.83 2.17 -47.86
CA LYS L 286 12.10 0.80 -48.29
C LYS L 286 11.01 -0.17 -47.86
N GLY L 287 10.15 0.21 -46.93
CA GLY L 287 9.10 -0.68 -46.45
C GLY L 287 9.52 -1.64 -45.37
N ASP L 288 10.72 -1.51 -44.82
CA ASP L 288 11.21 -2.40 -43.78
C ASP L 288 10.72 -1.89 -42.43
N VAL L 289 9.71 -2.55 -41.89
CA VAL L 289 9.10 -2.10 -40.64
C VAL L 289 10.04 -2.33 -39.46
N GLU L 290 10.75 -3.46 -39.46
CA GLU L 290 11.57 -3.83 -38.30
C GLU L 290 12.69 -2.83 -38.06
N THR L 291 13.40 -2.43 -39.13
CA THR L 291 14.47 -1.46 -38.97
C THR L 291 13.92 -0.11 -38.54
N TYR L 292 12.78 0.28 -39.09
CA TYR L 292 12.16 1.54 -38.68
C TYR L 292 11.80 1.52 -37.19
N ARG L 293 11.26 0.40 -36.71
CA ARG L 293 10.92 0.29 -35.30
C ARG L 293 12.17 0.33 -34.42
N LYS L 294 13.23 -0.36 -34.84
CA LYS L 294 14.48 -0.33 -34.05
C LYS L 294 15.05 1.08 -33.99
N LEU L 295 15.04 1.79 -35.12
CA LEU L 295 15.58 3.14 -35.14
C LEU L 295 14.70 4.09 -34.35
N LYS L 296 13.39 3.86 -34.35
CA LYS L 296 12.49 4.66 -33.52
C LYS L 296 12.76 4.43 -32.04
N ALA L 297 13.04 3.18 -31.66
CA ALA L 297 13.42 2.90 -30.28
C ALA L 297 14.73 3.59 -29.91
N LYS L 298 15.70 3.58 -30.82
CA LYS L 298 16.96 4.26 -30.55
C LYS L 298 16.79 5.77 -30.43
N LEU L 299 15.92 6.36 -31.26
CA LEU L 299 15.74 7.81 -31.24
C LEU L 299 15.15 8.29 -29.93
N LYS L 300 14.19 7.55 -29.39
CA LYS L 300 13.57 7.92 -28.12
C LYS L 300 13.76 6.83 -27.07
N ALA M 271 42.61 33.12 8.66
CA ALA M 271 41.76 32.49 7.65
C ALA M 271 40.96 33.54 6.90
N ASN M 272 40.21 33.09 5.89
CA ASN M 272 39.38 34.01 5.12
C ASN M 272 38.28 34.62 5.97
N LYS M 273 37.67 33.81 6.85
CA LYS M 273 36.59 34.30 7.69
C LYS M 273 37.08 35.39 8.63
N ASP M 274 38.26 35.21 9.21
CA ASP M 274 38.82 36.22 10.10
C ASP M 274 39.12 37.52 9.35
N ALA M 275 39.64 37.41 8.13
CA ALA M 275 39.90 38.60 7.32
C ALA M 275 38.60 39.33 7.00
N ILE M 276 37.55 38.57 6.68
CA ILE M 276 36.25 39.19 6.40
C ILE M 276 35.72 39.88 7.64
N ARG M 277 35.88 39.26 8.81
CA ARG M 277 35.43 39.89 10.05
C ARG M 277 36.20 41.18 10.33
N LYS M 278 37.52 41.17 10.10
CA LYS M 278 38.32 42.38 10.30
C LYS M 278 37.88 43.49 9.36
N GLN M 279 37.64 43.15 8.10
CA GLN M 279 37.18 44.15 7.14
C GLN M 279 35.79 44.66 7.50
N MET M 280 34.93 43.78 8.02
CA MET M 280 33.62 44.20 8.49
C MET M 280 33.73 45.18 9.64
N ASP M 281 34.63 44.90 10.59
CA ASP M 281 34.82 45.83 11.71
C ASP M 281 35.32 47.17 11.22
N ALA M 282 36.24 47.17 10.26
CA ALA M 282 36.72 48.42 9.69
C ALA M 282 35.60 49.20 9.00
N ALA M 283 34.77 48.50 8.22
CA ALA M 283 33.66 49.15 7.54
C ALA M 283 32.65 49.71 8.54
N ALA M 284 32.36 48.96 9.61
CA ALA M 284 31.45 49.45 10.62
C ALA M 284 32.00 50.69 11.32
N SER M 285 33.29 50.67 11.65
CA SER M 285 33.90 51.83 12.30
C SER M 285 33.89 53.04 11.38
N LYS M 286 34.05 52.82 10.07
CA LYS M 286 33.97 53.93 9.12
C LYS M 286 32.58 54.57 9.14
N GLY M 287 31.54 53.76 9.21
CA GLY M 287 30.18 54.24 9.13
C GLY M 287 29.47 53.90 7.83
N ASP M 288 30.08 53.10 6.96
CA ASP M 288 29.51 52.75 5.66
C ASP M 288 28.66 51.48 5.85
N VAL M 289 27.34 51.64 5.77
CA VAL M 289 26.44 50.51 5.98
C VAL M 289 26.52 49.53 4.80
N GLU M 290 26.62 50.05 3.58
CA GLU M 290 26.55 49.20 2.40
C GLU M 290 27.68 48.18 2.38
N THR M 291 28.91 48.63 2.62
CA THR M 291 30.04 47.72 2.63
C THR M 291 29.92 46.71 3.76
N TYR M 292 29.44 47.15 4.92
CA TYR M 292 29.26 46.23 6.04
C TYR M 292 28.26 45.14 5.68
N ARG M 293 27.15 45.50 5.06
CA ARG M 293 26.14 44.52 4.70
C ARG M 293 26.65 43.57 3.63
N LYS M 294 27.39 44.08 2.63
CA LYS M 294 27.94 43.22 1.60
C LYS M 294 28.95 42.23 2.18
N LEU M 295 29.82 42.69 3.07
CA LEU M 295 30.81 41.80 3.67
C LEU M 295 30.13 40.81 4.62
N LYS M 296 29.06 41.23 5.29
CA LYS M 296 28.28 40.30 6.11
C LYS M 296 27.67 39.20 5.26
N ALA M 297 27.15 39.57 4.08
CA ALA M 297 26.62 38.56 3.17
C ALA M 297 27.71 37.62 2.69
N LYS M 298 28.89 38.15 2.40
CA LYS M 298 30.01 37.30 1.99
C LYS M 298 30.41 36.35 3.10
N LEU M 299 30.37 36.81 4.35
CA LEU M 299 30.82 35.99 5.48
C LEU M 299 29.97 34.74 5.64
N LYS M 300 28.67 34.87 5.47
CA LYS M 300 27.75 33.74 5.63
C LYS M 300 28.02 32.65 4.60
N ALA N 271 25.09 -57.15 -62.72
CA ALA N 271 23.81 -56.78 -63.31
C ALA N 271 23.16 -55.63 -62.54
N ASN N 272 22.15 -55.01 -63.16
CA ASN N 272 21.45 -53.92 -62.50
C ASN N 272 20.76 -54.40 -61.23
N LYS N 273 20.13 -55.58 -61.28
CA LYS N 273 19.40 -56.09 -60.12
C LYS N 273 20.34 -56.36 -58.95
N ASP N 274 21.52 -56.94 -59.20
CA ASP N 274 22.45 -57.23 -58.12
C ASP N 274 22.97 -55.95 -57.49
N ALA N 275 23.31 -54.94 -58.31
CA ALA N 275 23.76 -53.66 -57.78
C ALA N 275 22.65 -52.99 -56.96
N ILE N 276 21.42 -53.06 -57.45
CA ILE N 276 20.29 -52.49 -56.72
C ILE N 276 20.12 -53.19 -55.37
N ARG N 277 20.25 -54.52 -55.35
CA ARG N 277 20.12 -55.25 -54.09
C ARG N 277 21.25 -54.90 -53.13
N LYS N 278 22.48 -54.76 -53.64
CA LYS N 278 23.59 -54.38 -52.78
C LYS N 278 23.39 -52.99 -52.18
N GLN N 279 22.94 -52.04 -52.99
CA GLN N 279 22.67 -50.70 -52.47
C GLN N 279 21.50 -50.70 -51.52
N MET N 280 20.51 -51.58 -51.75
CA MET N 280 19.39 -51.74 -50.83
C MET N 280 19.86 -52.25 -49.47
N ASP N 281 20.75 -53.25 -49.47
CA ASP N 281 21.29 -53.75 -48.22
C ASP N 281 22.10 -52.66 -47.50
N ALA N 282 22.90 -51.90 -48.25
CA ALA N 282 23.68 -50.83 -47.65
C ALA N 282 22.77 -49.77 -47.03
N ALA N 283 21.68 -49.43 -47.73
CA ALA N 283 20.73 -48.46 -47.19
C ALA N 283 20.01 -48.99 -45.96
N ALA N 284 19.61 -50.27 -45.97
CA ALA N 284 18.94 -50.85 -44.81
C ALA N 284 19.86 -50.94 -43.61
N SER N 285 21.17 -51.13 -43.85
CA SER N 285 22.12 -51.16 -42.74
C SER N 285 22.14 -49.84 -41.98
N LYS N 286 22.10 -48.72 -42.70
CA LYS N 286 22.09 -47.41 -42.05
C LYS N 286 20.74 -47.07 -41.44
N GLY N 287 19.66 -47.72 -41.87
CA GLY N 287 18.34 -47.47 -41.34
C GLY N 287 17.50 -46.48 -42.12
N ASP N 288 17.91 -46.11 -43.33
CA ASP N 288 17.15 -45.16 -44.15
C ASP N 288 16.06 -45.91 -44.90
N VAL N 289 14.81 -45.49 -44.70
CA VAL N 289 13.68 -46.21 -45.30
C VAL N 289 13.30 -45.58 -46.63
N GLU N 290 13.53 -44.28 -46.80
CA GLU N 290 13.13 -43.59 -48.02
C GLU N 290 13.86 -44.14 -49.24
N THR N 291 15.19 -44.20 -49.17
CA THR N 291 15.96 -44.72 -50.30
C THR N 291 15.71 -46.22 -50.48
N TYR N 292 15.45 -46.94 -49.39
CA TYR N 292 15.08 -48.34 -49.49
C TYR N 292 13.80 -48.50 -50.31
N ARG N 293 12.78 -47.70 -50.01
CA ARG N 293 11.53 -47.78 -50.74
C ARG N 293 11.71 -47.35 -52.19
N LYS N 294 12.54 -46.34 -52.44
CA LYS N 294 12.77 -45.90 -53.81
C LYS N 294 13.46 -46.98 -54.63
N LEU N 295 14.46 -47.66 -54.06
CA LEU N 295 15.12 -48.74 -54.78
C LEU N 295 14.18 -49.93 -54.97
N LYS N 296 13.31 -50.19 -54.00
CA LYS N 296 12.31 -51.23 -54.17
C LYS N 296 11.36 -50.89 -55.32
N ALA N 297 10.96 -49.63 -55.43
CA ALA N 297 10.12 -49.20 -56.54
C ALA N 297 10.86 -49.37 -57.87
N LYS N 298 12.15 -49.01 -57.90
CA LYS N 298 12.93 -49.23 -59.11
C LYS N 298 13.02 -50.71 -59.46
N LEU N 299 13.01 -51.58 -58.45
CA LEU N 299 13.03 -53.02 -58.70
C LEU N 299 11.77 -53.46 -59.44
N LYS N 300 10.61 -52.95 -59.02
CA LYS N 300 9.35 -53.31 -59.65
C LYS N 300 9.24 -52.68 -61.03
#